data_7OTP
#
_entry.id   7OTP
#
_cell.length_a   1.00
_cell.length_b   1.00
_cell.length_c   1.00
_cell.angle_alpha   90.00
_cell.angle_beta   90.00
_cell.angle_gamma   90.00
#
_symmetry.space_group_name_H-M   'P 1'
#
loop_
_entity.id
_entity.type
_entity.pdbx_description
1 polymer 'DNA-dependent protein kinase catalytic subunit,DNA-PKcs'
2 non-polymer 'PHOSPHOTHIOPHOSPHORIC ACID-ADENYLATE ESTER'
3 non-polymer 'MAGNESIUM ION'
#
_entity_poly.entity_id   1
_entity_poly.type   'polypeptide(L)'
_entity_poly.pdbx_seq_one_letter_code
;MAGSGAGVRCSLLRLQETLSAADRCGAALAGHQLIRGLGQECVLSSSPAVLALQTSLVFSRDFGLLVFVRKSLNSIEFRE
CREEILKFLCIFLEKMGQKIAPYSVEIKNTCTSVYTKDRAAKCKIPALDLLIKLLQTFRSSRLMDEFKIGELFSKFYGEL
ALKKKIPDTVLEKVYELLGLLGEVHPSEMINNAENLFRAFLGELKTQMTSAVREPKLPVLAGCLKGLSSLLCNFTKSMEE
DPQTSREIFNFVLKAIRPQIDLKRYAVPSAGLRLFALHASQFSTCLLDNYVSLFEVLLKWCAHTNVELKKAALSALESFL
KQVSNMVAKNAEMHKNKLQYFMEQFYGIIRNVDSNNKELSIAIRGYGLFAGPCKVINAKDVDFMYVELIQRCKQMFLTQT
DTGDDRVYQMPSFLQSVASVLLYLDTVPEVYTPVLEHLVVMQIDSFPQYSPKMQLVCCRAIVKVFLALAAKGPVLRNCIS
TVVHQGLIRICSKPVVLPKGPESESEDHRASGEVRTGKWKVPTYKDYVDLFRHLLSSDQMMDSILADEAFFSVNSSSESL
NHLLYDEFVKSVLKIVEKLDLTLEIQTVGEQENGDEAPGVWMIPTSDPAANLHPAKPKDFSAFINLVEFCREILPEKQAE
FFEPWVYSFSYELILQSTRLPLISGFYKLLSITVRNAKKIKYFEGVSPKSLKHSPEDPEKYSCFALFVKFGKEVAVKMKQ
YKDELLASCLTFLLSLPHNIIELDVRAYVPALQMAFKLGLSYTPLAEVGLNALEEWSIYIDRHVMQPYYKDILPCLDGYL
KTSALSDETKNNWEVSALSRAAQKGFNKVVLKHLKKTKNLSSNEAISLEEIRIRVVQMLGSLGGQINKNLLTVTSSDEMM
KSYVAWDREKRLSFAVPFREMKPVIFLDVFLPRVTELALTASDRQTKVAACELLHSMVMFMLGKATQMPEGGQGAPPMYQ
LYKRTFPVLLRLACDVDQVTRQLYEPLVMQLIHWFTNNKKFESQDTVALLEAILDGIVDPVDSTLRDFCGRCIREFLKWS
IKQITPQQQEKSPVNTKSLFKRLYSLALHPNAFKRLGASLAFNNIYREFREEESLVEQFVFEALVIYMESLALAHADEKS
LGTIQQCCDAIDHLCRIIEKKHVSLNKAKKRRLPRGFPPSASLCLLDLVKWLLAHCGRPQTECRHKSIELFYKFVPLLPG
NRSPNLWLKDVLKEEGVSFLINTFEGGGCGQPSGILAQPTLLYLRGPFSLQATLCWLDLLLAALECYNTFIGERTVGALQ
VLGTEAQSSLLKAVAFFLESIAMHDIIAAEKCFGTGAAGNRTSPQEGERYNYSKCTVVVRIMEFTTTLLNTSPEGWKLLK
KDLCNTHLMRVLVQTLCEPASIGFNIGDVQVMAHLPDVCVNLMKALKMSPYKDILETHLREKITAQSIEELCAVNLYGPD
AQVDRSRLAAVVSACKQLHRAGLLHNILPSQSTDLHHSVGTELLSLVYKGIAPGDERQCLPSLDLSCKQLASGLLELAFA
FGGLCERLVSLLLNPAVLSTASLGSSQGSVIHFSHGEYFYSLFSETINTELLKNLDLAVLELMQSSVDNTKMVSAVLNGM
LDQSFRERANQKHQGLKLATTILQHWKKCDSWWAKDSPLETKMAVLALLAKILQIDSSVSFNTSHGSFPEVFTTYISLLA
DTKLDLHLKGQAVTLLPFFTSLTGGSLEELRRVLEQLIVAHFPMQSREFPPGTPRFNNYVDCMKKFLDALELSQSPMLLE
LMTEVLCREQQHVMEELFQSSFRRIARRGSCVTQVGLLESVYEMFRKDDPRLSFTRQSFVDRSLLTLLWHCSLDALREFF
STIVVDAIDVLKSRFTKLNESTFDTQITKKMGYYKILDVMYSRLPKDDVHAKESKINQVFHGSCITEGNELTKTLIKLCY
DAFTENMAGENQLLERRRLYHCAAYNCAISVICCVFNELKFYQGFLFSEKPEKNLLIFENLIDLKRRYNFPVEVEVPMER
KKKYIEIRKEAREAANGDSDGPSYMSSLSYLADSTLSEEMSQFDFSTGVQSYSYSSQDPRPATGRFRRREQRDPTVHDDV
LELEMDELNRHECMAPLTALVKHMHRSLGPPQGEEDSVPRDLPSWMKFLHGKLGNPIVPLNIRLFLAKLVINTEEVFRPY
AKHWLSPLLQLAASENNGGEGIHYMVVEIVATILSWTGLATPTGVPKDEVLANRLLNFLMKHVFHPKRAVFRHNLEIIKT
LVECWKDCLSIPYRLIFEKFSGKDPNSKDNSVGIQLLGIVMANDLPPYDPQCGIQSSEYFQALVNNMSFVRYKEVYAAAA
EVLGLILRYVMERKNILEESLCELVAKQLKQHQNTMEDKFIVCLNKVTKSFPPLADRFMNAVFFLLPKFHGVLKTLCLEV
VLCRVEGMTELYFQLKSKDFVQVMRHRDDERQKVCLDIIYKMMPKLKPVELRELLNPVVEFVSHPSTTCREQMYNILMWI
HDNYRDPESETDNDSQEIFKLAKDVLIQGLIDENPGLQLIIRNFWSHETRLPSNTLDRLLALNSLYSPKIEVHFLSLATN
FLLEMTSMSPDYPNPMFEHPLSECEFQEYTIDSDWRFRSTVLTPMFVETQASQGTLQTRTQEGSLSARWPVAGQIRATQQ
QHDFTLTQTADGRSSFDWLTGSSTDPLVDHTSPSSDSLLFAHKRSERLQRAPLKSVGPDFGKKRLGLPGDEVDNKVKGAA
GRTDLLRLRRRFMRDQEKLSLMYARKGVAEQKREKEIKSELKMKQDAQVVLYRSYRHGDLPDIQIKHSSLITPLQAVAQR
DPIIAKQLFSSLFSGILKEMDKFKTLSEKNNITQKLLQDFNRFLNTTFSFFPPFVSCIQDISCQHAALLSLDPAAVSAGC
LASLQQPVGIRLLEEALLRLLPAELPAKRVRGKARLPPDVLRWVELAKLYRSIGEYDVLRGIFTSEIGTKQITQSALLAE
ARSDYSEAAKQYDEALNKQDWVDGEPTEAEKDFWELASLDCYNHLAEWKSLEYCSTASIDSENPPDLNKIWSEPFYQETY
LPYMIRSKLKLLLQGEADQSLLTFIDKAMHGELQKAILELHYSQELSLLYLLQDDVDRAKYYIQNGIQSFMQNYSSIDVL
LHQSRLTKLQSVQALTEIQEFISFISKQGNLSSQVPLKRLLNTWTNRYPDAKMDPMNIWDDIITNRCFFLSKIEEKLTPL
PEDNSMNVDQDGDPSDRMEVQEQEEDISSLIRSCKFSMKMKMIDSARKQNNFSLAMKLLKELHKESKTRDDWLVSWVQSY
CRLSHCRSRSQGCSEQVLTVLKTVSLLDENNVSSYLSKNILAFRDQNILLGTTYRIIANALSSEPACLAEIEEDKARRIL
ELSGSSSEDSEKVIAGLYQRAFQHLSEAVQAAEEEAQPPSWSCGPAAGVIDAYMTLADFCDQQLRKEEENASVIDSAELQ
AYPALVVEKMLKALKLNSNEARLKFPRLLQIIERYPEETLSLMTKEISSVPCWQFISWISHMVALLDKDQAVAVQHSVEE
ITDNYPQAIVYPFIISSESYSFKDTSTGHKNKEFVARIKSKLDQGGVIQDFINALDQLSNPELLFKDWSNDVRAELAKTP
VNKKNIEKMYERMYAALGDPKAPGLGAFRRKFIQTFGKEFDKHFGKGGSKLLRMKLSDFNDITNMLLLKMNKDSKPPGNL
KECSPWMSDFKVEFLRNELEIPGQYDGRGKPLPEYHVRIAGFDERVTVMASLRRPKRIIIRGHDEREHPFLVKGGEDLRQ
DQRVEQLFQVMNGILAQDSACSQRALQLRTYSVVPMTSRLGLIEWLENTVTLKDLLLNTMSQEEKAAYLSDPRAPPCEYK
DWLTKMSGKHDVGAYMLMYKGANRTETVTSFRKRESKVPADLLKRAFVRMSTSPEAFLALRSHFASSHALICISHWILGI
GDRHLNNFMVAMETGGVIGIDFGHAFGSATQFLPVPELMPFRLTRQFINLMLPMKETGLMYSIMVHALRAFRSDPGLLTN
TMDVFVKEPSFDWKNFEQKMLKKGGSWIQEINVAEKNWYPRQKICYAKRKLAGANPAVITCDELLLGHEKAPAFRDYVAV
ARGSKDHNIRAQEPESGLSEETQVKCLMDQATDPNILGRTWEGWEPWM(UNK)(UNK)(UNK)(UNK)(UNK)(UNK)
(UNK)(UNK)(UNK)(UNK)(UNK)(UNK)(UNK)(UNK)(UNK)(UNK)(UNK)(UNK)(UNK)(UNK)
;
_entity_poly.pdbx_strand_id   A
#
loop_
_chem_comp.id
_chem_comp.type
_chem_comp.name
_chem_comp.formula
AGS non-polymer 'PHOSPHOTHIOPHOSPHORIC ACID-ADENYLATE ESTER' 'C10 H16 N5 O12 P3 S'
MG non-polymer 'MAGNESIUM ION' 'Mg 2'
#
# COMPACT_ATOMS: atom_id res chain seq x y z
N ARG A 9 -32.42 30.56 2.40
CA ARG A 9 -32.83 31.03 1.09
C ARG A 9 -32.74 32.55 0.98
N CYS A 10 -32.68 33.05 -0.25
CA CYS A 10 -32.58 34.48 -0.50
C CYS A 10 -33.92 35.19 -0.43
N SER A 11 -35.02 34.46 -0.30
CA SER A 11 -36.35 35.08 -0.29
C SER A 11 -36.71 35.59 1.09
N LEU A 12 -36.77 34.70 2.08
CA LEU A 12 -37.05 35.12 3.45
C LEU A 12 -35.97 36.05 3.98
N LEU A 13 -34.76 35.93 3.41
CA LEU A 13 -33.59 36.67 3.86
C LEU A 13 -33.86 38.16 3.97
N ARG A 14 -34.42 38.74 2.91
CA ARG A 14 -34.88 40.12 2.96
C ARG A 14 -36.39 40.25 3.04
N LEU A 15 -37.12 39.13 2.95
CA LEU A 15 -38.56 39.18 3.22
C LEU A 15 -38.84 39.58 4.67
N GLN A 16 -37.94 39.20 5.59
CA GLN A 16 -38.08 39.67 6.96
C GLN A 16 -38.02 41.20 7.04
N GLU A 17 -37.08 41.81 6.29
CA GLU A 17 -36.97 43.27 6.30
C GLU A 17 -38.13 43.92 5.56
N THR A 18 -38.62 43.31 4.49
CA THR A 18 -39.83 43.82 3.83
C THR A 18 -41.01 43.80 4.80
N LEU A 19 -41.17 42.72 5.56
CA LEU A 19 -42.18 42.67 6.60
C LEU A 19 -41.97 43.78 7.62
N SER A 20 -40.73 43.97 8.08
CA SER A 20 -40.44 44.95 9.11
C SER A 20 -40.80 46.35 8.65
N ALA A 21 -40.46 46.70 7.41
CA ALA A 21 -40.81 48.01 6.87
C ALA A 21 -42.29 48.12 6.49
N ALA A 22 -42.97 46.99 6.27
CA ALA A 22 -44.36 47.04 5.82
C ALA A 22 -45.33 47.14 6.98
N ASP A 23 -45.28 46.17 7.90
CA ASP A 23 -46.27 46.13 8.98
C ASP A 23 -46.20 47.37 9.87
N ARG A 24 -45.05 48.05 9.88
CA ARG A 24 -44.90 49.27 10.66
C ARG A 24 -45.72 50.43 10.11
N CYS A 25 -46.17 50.33 8.86
CA CYS A 25 -46.96 51.40 8.25
C CYS A 25 -48.39 51.35 8.80
N GLY A 26 -48.56 51.73 10.07
CA GLY A 26 -49.85 51.61 10.70
C GLY A 26 -50.19 50.16 10.99
N ALA A 27 -51.49 49.91 11.12
CA ALA A 27 -52.01 48.57 11.33
C ALA A 27 -52.89 48.08 10.18
N ALA A 28 -53.67 48.97 9.57
CA ALA A 28 -54.62 48.57 8.55
C ALA A 28 -53.98 48.58 7.17
N LEU A 29 -54.14 47.47 6.44
CA LEU A 29 -53.66 47.24 5.08
C LEU A 29 -52.14 47.18 5.00
N ALA A 30 -51.43 47.18 6.13
CA ALA A 30 -49.99 46.93 6.14
C ALA A 30 -49.66 45.57 6.71
N GLY A 31 -50.50 45.06 7.61
CA GLY A 31 -50.40 43.70 8.08
C GLY A 31 -51.64 42.92 7.70
N HIS A 32 -52.36 43.45 6.70
CA HIS A 32 -53.61 42.83 6.27
C HIS A 32 -53.36 41.46 5.63
N GLN A 33 -52.42 41.39 4.69
CA GLN A 33 -52.06 40.15 4.04
C GLN A 33 -50.82 39.51 4.66
N LEU A 34 -50.13 40.21 5.55
CA LEU A 34 -48.93 39.66 6.18
C LEU A 34 -49.22 38.45 7.04
N ILE A 35 -50.49 38.21 7.42
CA ILE A 35 -50.83 36.92 8.00
C ILE A 35 -50.56 35.81 6.99
N ARG A 36 -51.01 36.00 5.74
CA ARG A 36 -50.68 35.04 4.70
C ARG A 36 -49.19 35.09 4.37
N GLY A 37 -48.54 36.24 4.58
CA GLY A 37 -47.10 36.30 4.42
C GLY A 37 -46.37 35.37 5.36
N LEU A 38 -46.75 35.38 6.64
CA LEU A 38 -46.19 34.42 7.58
C LEU A 38 -46.60 33.00 7.23
N GLY A 39 -47.82 32.82 6.73
CA GLY A 39 -48.26 31.49 6.34
C GLY A 39 -47.42 30.89 5.23
N GLN A 40 -47.02 31.69 4.24
CA GLN A 40 -46.14 31.23 3.19
C GLN A 40 -44.70 31.14 3.67
N GLU A 41 -44.29 32.02 4.59
CA GLU A 41 -42.95 31.97 5.15
C GLU A 41 -42.70 30.66 5.89
N CYS A 42 -43.68 30.23 6.68
CA CYS A 42 -43.50 29.00 7.46
C CYS A 42 -43.39 27.78 6.57
N VAL A 43 -44.25 27.69 5.54
CA VAL A 43 -44.17 26.55 4.63
C VAL A 43 -42.90 26.63 3.79
N LEU A 44 -42.38 27.84 3.58
CA LEU A 44 -41.05 27.97 2.99
C LEU A 44 -39.98 27.39 3.92
N SER A 45 -40.13 27.63 5.23
CA SER A 45 -39.21 27.06 6.20
C SER A 45 -39.62 25.63 6.53
N SER A 46 -39.80 24.81 5.50
CA SER A 46 -39.98 23.36 5.64
C SER A 46 -39.17 22.71 4.52
N SER A 47 -37.89 22.47 4.82
CA SER A 47 -36.94 21.88 3.88
C SER A 47 -35.76 21.30 4.67
N PRO A 48 -35.47 20.01 4.51
CA PRO A 48 -34.46 19.36 5.35
C PRO A 48 -33.02 19.61 4.91
N ALA A 49 -32.78 20.42 3.89
CA ALA A 49 -31.43 20.64 3.39
C ALA A 49 -30.66 21.48 4.40
N VAL A 50 -29.86 20.82 5.24
CA VAL A 50 -29.13 21.53 6.28
C VAL A 50 -28.08 22.46 5.68
N LEU A 51 -27.60 22.13 4.47
CA LEU A 51 -26.55 22.95 3.85
C LEU A 51 -27.07 24.34 3.53
N ALA A 52 -28.39 24.50 3.40
CA ALA A 52 -28.96 25.81 3.11
C ALA A 52 -29.41 26.51 4.38
N LEU A 53 -30.05 25.77 5.30
CA LEU A 53 -30.67 26.38 6.47
C LEU A 53 -29.67 27.00 7.44
N GLN A 54 -28.38 26.69 7.30
CA GLN A 54 -27.39 27.26 8.21
C GLN A 54 -27.29 28.77 8.08
N THR A 55 -27.72 29.32 6.94
CA THR A 55 -27.90 30.77 6.86
C THR A 55 -29.19 31.23 7.49
N SER A 56 -30.13 30.31 7.75
CA SER A 56 -31.38 30.66 8.41
C SER A 56 -31.32 30.46 9.92
N LEU A 57 -30.29 29.80 10.44
CA LEU A 57 -30.09 29.76 11.88
C LEU A 57 -29.86 31.17 12.43
N VAL A 58 -29.02 31.96 11.75
CA VAL A 58 -28.69 33.29 12.25
C VAL A 58 -29.90 34.21 12.25
N PHE A 59 -30.91 33.93 11.43
CA PHE A 59 -32.11 34.76 11.41
C PHE A 59 -32.93 34.63 12.68
N SER A 60 -32.51 33.79 13.64
CA SER A 60 -33.17 33.77 14.94
C SER A 60 -33.06 35.12 15.64
N ARG A 61 -31.86 35.71 15.64
CA ARG A 61 -31.70 37.03 16.23
C ARG A 61 -32.28 38.12 15.36
N ASP A 62 -32.26 37.94 14.04
CA ASP A 62 -32.92 38.87 13.14
C ASP A 62 -34.43 38.89 13.33
N PHE A 63 -35.00 37.77 13.78
CA PHE A 63 -36.40 37.77 14.25
C PHE A 63 -36.56 38.55 15.54
N GLY A 64 -35.47 38.74 16.29
CA GLY A 64 -35.56 39.49 17.53
C GLY A 64 -36.01 40.93 17.30
N LEU A 65 -35.39 41.61 16.34
CA LEU A 65 -35.79 42.98 16.04
C LEU A 65 -37.20 43.02 15.47
N LEU A 66 -37.61 41.98 14.74
CA LEU A 66 -38.97 41.92 14.22
C LEU A 66 -39.99 41.82 15.34
N VAL A 67 -39.68 41.03 16.38
CA VAL A 67 -40.64 40.80 17.45
C VAL A 67 -40.58 41.86 18.55
N PHE A 68 -39.46 42.60 18.66
CA PHE A 68 -39.42 43.67 19.64
C PHE A 68 -40.38 44.79 19.27
N VAL A 69 -40.66 44.98 17.97
CA VAL A 69 -41.70 45.92 17.57
C VAL A 69 -43.07 45.40 17.97
N ARG A 70 -43.30 44.09 17.80
CA ARG A 70 -44.55 43.47 18.20
C ARG A 70 -44.74 43.44 19.71
N LYS A 71 -43.67 43.68 20.47
CA LYS A 71 -43.79 43.79 21.92
C LYS A 71 -44.89 44.77 22.31
N SER A 72 -44.93 45.92 21.64
CA SER A 72 -45.91 46.96 21.92
C SER A 72 -46.91 47.19 20.79
N LEU A 73 -46.49 47.03 19.54
CA LEU A 73 -47.38 47.25 18.41
C LEU A 73 -48.36 46.09 18.30
N ASN A 74 -49.60 46.30 18.73
CA ASN A 74 -50.57 45.23 18.80
C ASN A 74 -51.98 45.81 18.84
N SER A 75 -52.94 45.04 18.30
CA SER A 75 -54.35 45.39 18.35
C SER A 75 -55.17 44.12 18.29
N ILE A 76 -56.48 44.25 18.03
CA ILE A 76 -57.32 43.07 17.90
C ILE A 76 -56.92 42.25 16.67
N GLU A 77 -56.71 42.93 15.54
CA GLU A 77 -56.30 42.24 14.33
C GLU A 77 -54.83 41.83 14.35
N PHE A 78 -54.01 42.50 15.15
CA PHE A 78 -52.57 42.23 15.15
C PHE A 78 -52.24 40.91 15.82
N ARG A 79 -53.11 40.40 16.70
CA ARG A 79 -52.90 39.06 17.24
C ARG A 79 -53.08 37.99 16.17
N GLU A 80 -53.85 38.26 15.13
CA GLU A 80 -53.89 37.35 13.98
C GLU A 80 -52.53 37.29 13.30
N CYS A 81 -51.84 38.42 13.18
CA CYS A 81 -50.47 38.41 12.70
C CYS A 81 -49.56 37.66 13.65
N ARG A 82 -49.76 37.85 14.96
CA ARG A 82 -48.95 37.14 15.94
C ARG A 82 -49.13 35.63 15.87
N GLU A 83 -50.34 35.16 15.53
CA GLU A 83 -50.63 33.74 15.57
C GLU A 83 -49.70 32.95 14.66
N GLU A 84 -49.61 33.35 13.39
CA GLU A 84 -48.81 32.59 12.44
C GLU A 84 -47.33 32.64 12.79
N ILE A 85 -46.83 33.81 13.19
CA ILE A 85 -45.40 33.92 13.49
C ILE A 85 -45.05 33.10 14.73
N LEU A 86 -45.94 33.08 15.73
CA LEU A 86 -45.63 32.30 16.94
C LEU A 86 -45.70 30.80 16.66
N LYS A 87 -46.71 30.35 15.93
CA LYS A 87 -46.78 28.95 15.54
C LYS A 87 -45.55 28.57 14.72
N PHE A 88 -45.14 29.44 13.81
CA PHE A 88 -43.98 29.18 12.98
C PHE A 88 -42.70 29.15 13.82
N LEU A 89 -42.58 30.01 14.82
CA LEU A 89 -41.42 29.96 15.71
C LEU A 89 -41.36 28.63 16.44
N CYS A 90 -42.50 28.18 16.98
CA CYS A 90 -42.51 26.88 17.64
C CYS A 90 -42.14 25.75 16.68
N ILE A 91 -42.74 25.76 15.48
CA ILE A 91 -42.54 24.68 14.52
C ILE A 91 -41.11 24.67 14.01
N PHE A 92 -40.54 25.86 13.80
CA PHE A 92 -39.17 25.99 13.32
C PHE A 92 -38.16 25.62 14.39
N LEU A 93 -38.46 25.93 15.66
CA LEU A 93 -37.63 25.42 16.74
C LEU A 93 -37.67 23.90 16.80
N GLU A 94 -38.86 23.32 16.58
CA GLU A 94 -38.97 21.86 16.47
C GLU A 94 -38.09 21.32 15.33
N LYS A 95 -38.24 21.88 14.14
CA LYS A 95 -37.58 21.34 12.96
C LYS A 95 -36.07 21.56 12.97
N MET A 96 -35.61 22.64 13.61
CA MET A 96 -34.18 22.88 13.76
C MET A 96 -33.61 22.20 15.00
N GLY A 97 -34.47 21.70 15.89
CA GLY A 97 -34.02 21.05 17.10
C GLY A 97 -33.41 22.02 18.08
N GLN A 98 -32.16 21.78 18.44
CA GLN A 98 -31.42 22.63 19.38
C GLN A 98 -30.02 22.88 18.85
N LYS A 99 -29.94 23.26 17.57
CA LYS A 99 -28.66 23.60 16.96
C LYS A 99 -27.90 24.60 17.82
N ILE A 100 -28.49 25.79 17.99
CA ILE A 100 -27.94 26.88 18.79
C ILE A 100 -29.09 27.79 19.23
N ALA A 101 -29.12 28.15 20.51
CA ALA A 101 -30.13 29.05 21.05
C ALA A 101 -29.51 30.06 22.01
N PRO A 102 -28.75 31.02 21.49
CA PRO A 102 -28.33 32.17 22.31
C PRO A 102 -29.40 33.23 22.45
N TYR A 103 -30.56 33.01 21.84
CA TYR A 103 -31.69 33.94 21.85
C TYR A 103 -32.81 33.45 22.77
N SER A 104 -32.48 32.61 23.75
CA SER A 104 -33.50 32.06 24.63
C SER A 104 -34.22 33.15 25.40
N VAL A 105 -33.48 34.02 26.07
CA VAL A 105 -34.12 35.13 26.77
C VAL A 105 -34.66 36.15 25.78
N GLU A 106 -34.10 36.23 24.58
CA GLU A 106 -34.62 37.11 23.54
C GLU A 106 -35.98 36.65 23.02
N ILE A 107 -36.35 35.39 23.25
CA ILE A 107 -37.71 34.94 22.98
C ILE A 107 -38.51 34.98 24.27
N LYS A 108 -37.82 34.84 25.41
CA LYS A 108 -38.52 34.81 26.70
C LYS A 108 -39.15 36.15 27.03
N ASN A 109 -38.42 37.24 26.83
CA ASN A 109 -39.00 38.56 27.09
C ASN A 109 -40.20 38.82 26.18
N THR A 110 -40.07 38.46 24.90
CA THR A 110 -41.17 38.71 23.96
C THR A 110 -42.37 37.83 24.25
N CYS A 111 -42.14 36.59 24.70
CA CYS A 111 -43.26 35.73 25.04
C CYS A 111 -43.97 36.20 26.31
N THR A 112 -43.21 36.70 27.29
CA THR A 112 -43.84 37.33 28.45
C THR A 112 -44.66 38.53 28.03
N SER A 113 -44.13 39.35 27.12
CA SER A 113 -44.89 40.51 26.64
C SER A 113 -46.16 40.07 25.92
N VAL A 114 -46.07 39.00 25.11
CA VAL A 114 -47.24 38.51 24.39
C VAL A 114 -48.29 38.00 25.36
N TYR A 115 -47.88 37.26 26.39
CA TYR A 115 -48.84 36.83 27.40
C TYR A 115 -49.48 38.02 28.09
N THR A 116 -48.69 39.02 28.46
CA THR A 116 -49.25 40.20 29.10
C THR A 116 -50.19 40.96 28.18
N LYS A 117 -50.02 40.83 26.86
CA LYS A 117 -50.93 41.42 25.89
C LYS A 117 -51.97 40.44 25.39
N ASP A 118 -51.95 39.20 25.87
CA ASP A 118 -52.92 38.20 25.45
C ASP A 118 -54.21 38.32 26.23
N ALA A 127 -54.57 35.32 21.16
CA ALA A 127 -53.84 34.19 20.60
C ALA A 127 -53.38 33.23 21.69
N LEU A 128 -54.23 32.26 22.04
CA LEU A 128 -53.88 31.25 23.02
C LEU A 128 -52.77 30.32 22.55
N ASP A 129 -52.42 30.37 21.27
CA ASP A 129 -51.36 29.51 20.72
C ASP A 129 -49.98 29.82 21.27
N LEU A 130 -49.86 30.78 22.18
CA LEU A 130 -48.57 31.03 22.83
C LEU A 130 -48.17 29.85 23.73
N LEU A 131 -49.14 29.02 24.11
CA LEU A 131 -48.85 27.89 24.98
C LEU A 131 -47.85 26.93 24.35
N ILE A 132 -48.04 26.60 23.08
CA ILE A 132 -47.19 25.60 22.45
C ILE A 132 -45.77 26.15 22.25
N LYS A 133 -45.66 27.42 21.85
CA LYS A 133 -44.34 28.01 21.70
C LYS A 133 -43.63 28.12 23.03
N LEU A 134 -44.35 28.49 24.10
CA LEU A 134 -43.74 28.56 25.42
C LEU A 134 -43.18 27.21 25.83
N LEU A 135 -44.04 26.18 25.79
CA LEU A 135 -43.64 24.86 26.24
C LEU A 135 -42.49 24.32 25.42
N GLN A 136 -42.52 24.50 24.11
CA GLN A 136 -41.44 23.99 23.28
C GLN A 136 -40.14 24.78 23.48
N THR A 137 -40.23 26.09 23.70
CA THR A 137 -39.03 26.86 24.00
C THR A 137 -38.37 26.38 25.28
N PHE A 138 -39.16 26.13 26.34
CA PHE A 138 -38.55 25.59 27.55
C PHE A 138 -37.95 24.21 27.29
N ARG A 139 -38.74 23.30 26.72
CA ARG A 139 -38.29 21.92 26.55
C ARG A 139 -37.12 21.82 25.59
N SER A 140 -36.89 22.85 24.77
CA SER A 140 -35.72 22.83 23.89
C SER A 140 -34.51 23.46 24.56
N SER A 141 -34.65 24.72 24.98
CA SER A 141 -33.47 25.47 25.44
C SER A 141 -33.02 25.05 26.84
N ARG A 142 -33.96 24.75 27.73
CA ARG A 142 -33.63 24.67 29.15
C ARG A 142 -33.06 23.31 29.58
N LEU A 143 -33.25 22.25 28.79
CA LEU A 143 -32.89 20.92 29.26
C LEU A 143 -31.40 20.79 29.57
N MET A 144 -30.54 21.26 28.68
CA MET A 144 -29.12 20.91 28.73
C MET A 144 -28.21 22.03 29.18
N ASP A 145 -28.54 23.29 28.88
CA ASP A 145 -27.64 24.38 29.22
C ASP A 145 -27.69 24.75 30.70
N GLU A 146 -28.83 24.51 31.35
CA GLU A 146 -29.07 25.00 32.71
C GLU A 146 -28.73 26.48 32.80
N PHE A 147 -29.36 27.24 31.91
CA PHE A 147 -29.03 28.64 31.66
C PHE A 147 -29.67 29.50 32.76
N LYS A 148 -29.21 29.25 34.00
CA LYS A 148 -29.86 29.82 35.18
C LYS A 148 -29.74 31.33 35.19
N ILE A 149 -28.59 31.87 34.78
CA ILE A 149 -28.38 33.31 34.85
C ILE A 149 -29.32 34.06 33.92
N GLY A 150 -29.60 33.51 32.74
CA GLY A 150 -30.50 34.15 31.80
C GLY A 150 -31.94 33.67 31.85
N GLU A 151 -32.26 32.70 32.70
CA GLU A 151 -33.65 32.25 32.90
C GLU A 151 -34.04 32.57 34.34
N LEU A 152 -34.91 33.56 34.50
CA LEU A 152 -35.43 33.95 35.81
C LEU A 152 -36.90 33.58 35.91
N PHE A 153 -37.28 32.94 37.02
CA PHE A 153 -38.60 32.36 37.17
C PHE A 153 -39.47 33.05 38.21
N SER A 154 -38.94 34.04 38.93
CA SER A 154 -39.72 34.71 39.96
C SER A 154 -40.95 35.39 39.39
N LYS A 155 -40.83 35.97 38.20
CA LYS A 155 -42.00 36.53 37.55
C LYS A 155 -43.04 35.45 37.25
N PHE A 156 -42.57 34.25 36.91
CA PHE A 156 -43.49 33.14 36.65
C PHE A 156 -44.22 32.74 37.92
N TYR A 157 -43.48 32.61 39.03
CA TYR A 157 -44.11 32.31 40.31
C TYR A 157 -45.14 33.37 40.67
N GLY A 158 -44.80 34.65 40.45
CA GLY A 158 -45.72 35.71 40.78
C GLY A 158 -46.98 35.68 39.94
N GLU A 159 -46.83 35.51 38.62
CA GLU A 159 -47.99 35.52 37.75
C GLU A 159 -48.78 34.22 37.81
N LEU A 160 -48.29 33.23 38.56
CA LEU A 160 -49.15 32.10 38.93
C LEU A 160 -50.44 32.59 39.56
N ALA A 161 -50.34 33.57 40.46
CA ALA A 161 -51.53 34.09 41.14
C ALA A 161 -52.45 34.87 40.20
N LEU A 162 -51.97 35.20 39.00
CA LEU A 162 -52.77 35.90 38.01
C LEU A 162 -53.73 34.97 37.28
N LYS A 163 -53.66 33.67 37.55
CA LYS A 163 -54.44 32.67 36.84
C LYS A 163 -55.76 32.35 37.51
N LYS A 164 -56.05 32.95 38.67
CA LYS A 164 -57.17 32.54 39.50
C LYS A 164 -58.50 33.08 39.03
N LYS A 165 -58.53 34.03 38.10
CA LYS A 165 -59.80 34.63 37.72
C LYS A 165 -60.63 33.67 36.88
N ILE A 166 -61.91 34.03 36.73
CA ILE A 166 -62.84 33.18 35.96
C ILE A 166 -62.37 32.97 34.53
N PRO A 167 -61.88 33.98 33.78
CA PRO A 167 -61.43 33.73 32.41
C PRO A 167 -60.20 32.84 32.35
N ASP A 168 -59.67 32.66 31.14
CA ASP A 168 -58.63 31.66 30.86
C ASP A 168 -59.18 30.26 31.13
N THR A 169 -60.27 29.93 30.41
CA THR A 169 -60.94 28.66 30.61
C THR A 169 -60.04 27.48 30.26
N VAL A 170 -59.29 27.59 29.17
CA VAL A 170 -58.38 26.53 28.74
C VAL A 170 -56.98 27.13 28.75
N LEU A 171 -56.34 27.09 29.93
CA LEU A 171 -54.92 27.40 30.09
C LEU A 171 -54.29 26.41 31.08
N GLU A 172 -54.80 25.17 31.10
CA GLU A 172 -54.38 24.16 32.06
C GLU A 172 -52.90 23.83 31.99
N LYS A 173 -52.17 24.37 31.02
CA LYS A 173 -50.76 24.06 30.83
C LYS A 173 -49.85 25.21 31.25
N VAL A 174 -50.41 26.34 31.69
CA VAL A 174 -49.60 27.28 32.45
C VAL A 174 -49.10 26.60 33.72
N TYR A 175 -49.89 25.66 34.25
CA TYR A 175 -49.41 24.79 35.31
C TYR A 175 -48.33 23.86 34.82
N GLU A 176 -48.46 23.37 33.58
CA GLU A 176 -47.50 22.43 33.04
C GLU A 176 -46.13 23.07 32.88
N LEU A 177 -46.08 24.34 32.48
CA LEU A 177 -44.80 24.93 32.08
C LEU A 177 -43.85 25.10 33.26
N LEU A 178 -44.35 25.33 34.47
CA LEU A 178 -43.42 25.53 35.58
C LEU A 178 -43.01 24.22 36.25
N GLY A 179 -43.45 23.07 35.75
CA GLY A 179 -42.79 21.84 36.14
C GLY A 179 -41.40 21.70 35.55
N LEU A 180 -41.15 22.38 34.43
CA LEU A 180 -39.86 22.23 33.76
C LEU A 180 -38.75 22.93 34.52
N LEU A 181 -39.06 23.98 35.28
CA LEU A 181 -38.01 24.61 36.08
C LEU A 181 -37.49 23.64 37.13
N GLY A 182 -38.38 22.92 37.81
CA GLY A 182 -37.96 21.93 38.76
C GLY A 182 -37.39 20.68 38.11
N GLU A 183 -37.76 20.43 36.85
CA GLU A 183 -37.13 19.37 36.09
C GLU A 183 -35.69 19.72 35.72
N VAL A 184 -35.44 20.97 35.34
CA VAL A 184 -34.13 21.39 34.87
C VAL A 184 -33.18 21.59 36.06
N HIS A 185 -33.57 22.44 37.00
CA HIS A 185 -32.63 22.73 38.09
C HIS A 185 -33.34 23.23 39.34
N PRO A 186 -33.82 22.34 40.21
CA PRO A 186 -34.31 22.78 41.52
C PRO A 186 -33.18 23.01 42.50
N SER A 187 -32.83 24.28 42.74
CA SER A 187 -31.77 24.62 43.68
C SER A 187 -32.08 25.89 44.48
N GLU A 188 -33.27 26.47 44.31
CA GLU A 188 -33.63 27.74 44.92
C GLU A 188 -35.05 27.73 45.44
N MET A 189 -35.64 26.55 45.55
CA MET A 189 -37.09 26.37 45.53
C MET A 189 -37.48 25.86 46.91
N ILE A 190 -37.84 26.77 47.83
CA ILE A 190 -37.86 26.40 49.25
C ILE A 190 -39.26 26.10 49.76
N ASN A 191 -40.10 27.13 49.85
CA ASN A 191 -41.39 26.97 50.52
C ASN A 191 -42.52 27.08 49.51
N ASN A 192 -42.26 27.81 48.42
CA ASN A 192 -43.17 27.83 47.29
C ASN A 192 -43.44 26.41 46.80
N ALA A 193 -42.38 25.61 46.64
CA ALA A 193 -42.48 24.27 46.09
C ALA A 193 -43.44 23.39 46.85
N GLU A 194 -43.59 23.61 48.15
CA GLU A 194 -44.57 22.83 48.90
C GLU A 194 -45.92 23.54 48.97
N ASN A 195 -45.95 24.83 49.34
CA ASN A 195 -47.23 25.45 49.68
C ASN A 195 -48.04 25.77 48.44
N LEU A 196 -47.44 26.37 47.41
CA LEU A 196 -48.21 26.72 46.24
C LEU A 196 -48.70 25.47 45.52
N PHE A 197 -47.92 24.40 45.56
CA PHE A 197 -48.34 23.20 44.87
C PHE A 197 -49.23 22.29 45.70
N ARG A 198 -49.26 22.41 47.03
CA ARG A 198 -50.36 21.79 47.75
C ARG A 198 -51.64 22.61 47.58
N ALA A 199 -51.52 23.92 47.35
CA ALA A 199 -52.66 24.68 46.89
C ALA A 199 -53.14 24.18 45.54
N PHE A 200 -52.20 23.85 44.64
CA PHE A 200 -52.57 23.24 43.38
C PHE A 200 -53.23 21.88 43.59
N LEU A 201 -52.75 21.12 44.57
CA LEU A 201 -53.39 19.84 44.92
C LEU A 201 -54.81 20.05 45.38
N GLY A 202 -55.05 21.07 46.21
CA GLY A 202 -56.40 21.39 46.61
C GLY A 202 -57.26 21.82 45.44
N GLU A 203 -56.66 22.55 44.49
CA GLU A 203 -57.37 22.91 43.27
C GLU A 203 -57.79 21.67 42.49
N LEU A 204 -56.90 20.68 42.40
CA LEU A 204 -57.25 19.42 41.77
C LEU A 204 -58.35 18.71 42.54
N LYS A 205 -58.29 18.76 43.87
CA LYS A 205 -59.37 18.22 44.69
C LYS A 205 -60.70 18.85 44.32
N THR A 206 -60.72 20.17 44.20
CA THR A 206 -61.94 20.87 43.81
C THR A 206 -62.41 20.44 42.43
N GLN A 207 -61.47 20.31 41.49
CA GLN A 207 -61.84 19.94 40.13
C GLN A 207 -62.31 18.49 40.07
N MET A 208 -63.26 18.23 39.20
CA MET A 208 -63.82 16.90 39.04
C MET A 208 -63.61 16.38 37.62
N LEU A 217 -64.41 22.02 32.06
CA LEU A 217 -64.02 21.51 33.37
C LEU A 217 -62.99 20.36 33.31
N PRO A 218 -63.21 19.32 32.47
CA PRO A 218 -62.23 18.24 32.41
C PRO A 218 -61.03 18.60 31.56
N VAL A 219 -61.22 19.45 30.54
CA VAL A 219 -60.09 19.87 29.72
C VAL A 219 -59.16 20.75 30.52
N LEU A 220 -59.71 21.59 31.41
CA LEU A 220 -58.87 22.36 32.31
C LEU A 220 -58.20 21.46 33.35
N ALA A 221 -58.76 20.27 33.58
CA ALA A 221 -58.17 19.34 34.52
C ALA A 221 -57.15 18.41 33.86
N GLY A 222 -57.12 18.37 32.53
CA GLY A 222 -56.30 17.38 31.85
C GLY A 222 -54.80 17.58 32.07
N CYS A 223 -54.32 18.81 31.94
CA CYS A 223 -52.91 19.10 32.12
C CYS A 223 -52.56 19.53 33.54
N LEU A 224 -53.53 19.45 34.46
CA LEU A 224 -53.20 19.66 35.86
C LEU A 224 -52.25 18.58 36.37
N LYS A 225 -52.51 17.33 35.99
CA LYS A 225 -51.71 16.21 36.50
C LYS A 225 -50.27 16.27 35.98
N GLY A 226 -50.05 16.86 34.82
CA GLY A 226 -48.69 16.90 34.28
C GLY A 226 -47.76 17.73 35.15
N LEU A 227 -48.24 18.84 35.68
CA LEU A 227 -47.42 19.63 36.59
C LEU A 227 -47.07 18.83 37.83
N SER A 228 -48.03 18.10 38.39
CA SER A 228 -47.75 17.26 39.55
C SER A 228 -46.72 16.18 39.20
N SER A 229 -46.85 15.59 38.01
CA SER A 229 -45.93 14.55 37.58
C SER A 229 -44.50 15.08 37.50
N LEU A 230 -44.32 16.22 36.83
CA LEU A 230 -42.99 16.80 36.74
C LEU A 230 -42.54 17.44 38.05
N LEU A 231 -43.48 17.66 38.97
CA LEU A 231 -43.18 18.19 40.29
C LEU A 231 -42.63 17.13 41.22
N CYS A 232 -43.16 15.92 41.15
CA CYS A 232 -42.73 14.85 42.04
C CYS A 232 -41.33 14.39 41.77
N ASN A 233 -40.58 15.07 40.89
CA ASN A 233 -39.20 14.68 40.63
C ASN A 233 -38.37 14.71 41.91
N PHE A 234 -38.69 15.60 42.84
CA PHE A 234 -38.09 15.51 44.16
C PHE A 234 -38.91 14.56 45.02
N THR A 235 -38.23 13.90 45.95
CA THR A 235 -38.86 12.79 46.67
C THR A 235 -40.03 13.27 47.52
N LYS A 236 -41.16 12.59 47.37
CA LYS A 236 -42.35 12.85 48.19
C LYS A 236 -43.09 11.52 48.30
N SER A 237 -42.79 10.77 49.36
CA SER A 237 -43.26 9.40 49.51
C SER A 237 -44.24 9.29 50.68
N MET A 238 -44.67 8.05 50.95
CA MET A 238 -45.69 7.79 51.97
C MET A 238 -45.30 8.31 53.35
N GLU A 239 -44.05 8.68 53.58
CA GLU A 239 -43.69 9.30 54.85
C GLU A 239 -44.43 10.61 55.07
N GLU A 240 -44.95 11.22 54.00
CA GLU A 240 -45.87 12.34 54.12
C GLU A 240 -47.30 11.84 53.89
N ASP A 241 -48.26 12.62 54.38
CA ASP A 241 -49.65 12.20 54.39
C ASP A 241 -50.37 12.38 53.05
N PRO A 242 -50.25 13.55 52.36
CA PRO A 242 -51.06 13.76 51.15
C PRO A 242 -50.86 12.73 50.04
N GLN A 243 -49.89 11.83 50.20
CA GLN A 243 -49.68 10.79 49.20
C GLN A 243 -50.90 9.89 49.08
N THR A 244 -51.52 9.54 50.21
CA THR A 244 -52.72 8.71 50.16
C THR A 244 -53.82 9.40 49.37
N SER A 245 -54.03 10.70 49.60
CA SER A 245 -55.04 11.43 48.86
C SER A 245 -54.70 11.51 47.39
N ARG A 246 -53.41 11.69 47.06
CA ARG A 246 -53.00 11.70 45.67
C ARG A 246 -53.32 10.37 44.99
N GLU A 247 -53.04 9.26 45.68
CA GLU A 247 -53.37 7.95 45.16
C GLU A 247 -54.87 7.79 44.97
N ILE A 248 -55.65 8.26 45.94
CA ILE A 248 -57.11 8.15 45.86
C ILE A 248 -57.63 8.93 44.65
N PHE A 249 -57.12 10.14 44.44
CA PHE A 249 -57.58 10.95 43.31
C PHE A 249 -57.18 10.32 41.99
N ASN A 250 -55.95 9.80 41.89
CA ASN A 250 -55.55 9.12 40.67
C ASN A 250 -56.44 7.92 40.41
N PHE A 251 -56.75 7.15 41.45
CA PHE A 251 -57.62 5.99 41.29
C PHE A 251 -59.01 6.40 40.82
N VAL A 252 -59.58 7.44 41.43
CA VAL A 252 -60.94 7.84 41.09
C VAL A 252 -61.01 8.38 39.67
N LEU A 253 -59.95 9.06 39.21
CA LEU A 253 -59.94 9.48 37.81
C LEU A 253 -59.63 8.33 36.86
N LYS A 254 -59.01 7.25 37.37
CA LYS A 254 -58.87 6.06 36.53
C LYS A 254 -60.21 5.39 36.31
N ALA A 255 -60.98 5.19 37.37
CA ALA A 255 -62.28 4.52 37.28
C ALA A 255 -63.36 5.57 37.53
N ILE A 256 -63.75 6.28 36.47
CA ILE A 256 -64.82 7.27 36.56
C ILE A 256 -65.91 6.99 35.52
N ARG A 257 -65.56 7.05 34.23
CA ARG A 257 -66.51 6.77 33.16
C ARG A 257 -65.79 6.42 31.86
N PRO A 258 -64.95 5.40 31.83
CA PRO A 258 -64.10 5.18 30.64
C PRO A 258 -64.85 4.50 29.49
N GLN A 259 -65.84 3.67 29.81
CA GLN A 259 -66.52 2.86 28.82
C GLN A 259 -67.47 3.67 27.93
N ILE A 260 -67.72 4.93 28.25
CA ILE A 260 -68.79 5.70 27.62
C ILE A 260 -68.22 6.75 26.66
N ASP A 261 -67.30 7.59 27.14
CA ASP A 261 -66.84 8.73 26.36
C ASP A 261 -66.10 8.30 25.10
N LEU A 262 -65.07 7.44 25.26
CA LEU A 262 -64.20 7.01 24.18
C LEU A 262 -63.51 8.19 23.48
N LYS A 263 -63.67 9.40 23.99
CA LYS A 263 -63.06 10.58 23.37
C LYS A 263 -62.13 11.33 24.31
N ARG A 264 -62.58 11.64 25.53
CA ARG A 264 -61.74 12.38 26.47
C ARG A 264 -60.60 11.48 26.93
N TYR A 265 -59.38 11.94 26.71
CA TYR A 265 -58.18 11.22 27.15
C TYR A 265 -57.15 12.19 27.68
N ALA A 266 -57.59 13.16 28.49
CA ALA A 266 -56.68 14.13 29.07
C ALA A 266 -56.33 13.77 30.51
N VAL A 267 -57.32 13.73 31.39
CA VAL A 267 -57.10 13.28 32.77
C VAL A 267 -56.69 11.80 32.84
N PRO A 268 -57.33 10.86 32.12
CA PRO A 268 -56.92 9.46 32.33
C PRO A 268 -55.57 9.15 31.73
N SER A 269 -55.30 9.61 30.51
CA SER A 269 -53.98 9.39 29.93
C SER A 269 -52.91 10.16 30.70
N ALA A 270 -53.24 11.34 31.20
CA ALA A 270 -52.28 12.08 32.01
C ALA A 270 -51.97 11.35 33.30
N GLY A 271 -52.97 10.72 33.92
CA GLY A 271 -52.72 9.92 35.10
C GLY A 271 -51.91 8.68 34.81
N LEU A 272 -52.17 8.04 33.66
CA LEU A 272 -51.35 6.92 33.22
C LEU A 272 -49.88 7.34 33.08
N ARG A 273 -49.65 8.49 32.44
CA ARG A 273 -48.28 8.99 32.32
C ARG A 273 -47.69 9.31 33.68
N LEU A 274 -48.47 9.96 34.55
CA LEU A 274 -47.99 10.27 35.90
C LEU A 274 -47.53 9.03 36.62
N PHE A 275 -48.37 7.98 36.61
CA PHE A 275 -48.03 6.77 37.35
C PHE A 275 -46.86 6.03 36.68
N ALA A 276 -46.78 6.07 35.35
CA ALA A 276 -45.68 5.41 34.66
C ALA A 276 -44.35 6.07 34.98
N LEU A 277 -44.28 7.41 34.91
CA LEU A 277 -43.06 8.10 35.29
C LEU A 277 -42.75 7.92 36.77
N HIS A 278 -43.75 7.99 37.64
CA HIS A 278 -43.50 7.88 39.08
C HIS A 278 -44.56 7.00 39.75
N ALA A 279 -44.25 5.71 39.81
CA ALA A 279 -44.87 4.81 40.77
C ALA A 279 -43.93 4.49 41.92
N SER A 280 -42.66 4.90 41.80
CA SER A 280 -41.67 4.62 42.84
C SER A 280 -42.04 5.29 44.15
N GLN A 281 -42.49 6.55 44.09
CA GLN A 281 -42.96 7.23 45.29
C GLN A 281 -44.13 6.48 45.92
N PHE A 282 -44.93 5.80 45.11
CA PHE A 282 -46.04 4.99 45.59
C PHE A 282 -45.46 3.70 46.16
N SER A 283 -45.31 3.68 47.48
CA SER A 283 -44.61 2.58 48.14
C SER A 283 -45.56 1.53 48.69
N THR A 284 -46.66 1.95 49.32
CA THR A 284 -47.46 1.00 50.11
C THR A 284 -48.93 0.99 49.71
N CYS A 285 -49.44 2.12 49.21
CA CYS A 285 -50.88 2.23 48.95
C CYS A 285 -51.36 1.25 47.89
N LEU A 286 -50.45 0.68 47.10
CA LEU A 286 -50.85 -0.36 46.15
C LEU A 286 -51.37 -1.59 46.88
N LEU A 287 -50.92 -1.81 48.11
CA LEU A 287 -51.46 -2.89 48.92
C LEU A 287 -52.94 -2.66 49.21
N ASP A 288 -53.36 -1.40 49.29
CA ASP A 288 -54.75 -1.11 49.65
C ASP A 288 -55.70 -1.69 48.62
N ASN A 289 -55.58 -1.29 47.36
CA ASN A 289 -56.35 -1.91 46.28
C ASN A 289 -55.42 -2.14 45.09
N TYR A 290 -54.68 -3.24 45.13
CA TYR A 290 -53.94 -3.71 43.97
C TYR A 290 -54.79 -4.42 42.93
N VAL A 291 -55.85 -5.12 43.34
CA VAL A 291 -56.65 -5.87 42.38
C VAL A 291 -57.28 -4.93 41.36
N SER A 292 -57.88 -3.85 41.82
CA SER A 292 -58.51 -2.89 40.92
C SER A 292 -57.46 -2.24 40.02
N LEU A 293 -56.29 -1.90 40.58
CA LEU A 293 -55.25 -1.30 39.77
C LEU A 293 -54.80 -2.22 38.67
N PHE A 294 -54.61 -3.51 38.99
CA PHE A 294 -54.21 -4.47 37.96
C PHE A 294 -55.30 -4.60 36.90
N GLU A 295 -56.56 -4.68 37.32
CA GLU A 295 -57.64 -4.83 36.35
C GLU A 295 -57.73 -3.62 35.43
N VAL A 296 -57.62 -2.41 35.97
CA VAL A 296 -57.74 -1.23 35.13
C VAL A 296 -56.55 -1.12 34.20
N LEU A 297 -55.34 -1.45 34.68
CA LEU A 297 -54.20 -1.47 33.78
C LEU A 297 -54.40 -2.48 32.66
N LEU A 298 -55.04 -3.61 32.97
CA LEU A 298 -55.42 -4.56 31.94
C LEU A 298 -56.34 -3.90 30.91
N LYS A 299 -57.33 -3.14 31.40
CA LYS A 299 -58.28 -2.50 30.50
C LYS A 299 -57.60 -1.48 29.58
N TRP A 300 -56.76 -0.62 30.14
CA TRP A 300 -56.10 0.40 29.30
C TRP A 300 -55.07 -0.24 28.37
N CYS A 301 -54.37 -1.28 28.82
CA CYS A 301 -53.45 -1.98 27.94
C CYS A 301 -54.19 -2.65 26.79
N ALA A 302 -55.40 -3.14 27.05
CA ALA A 302 -56.23 -3.72 25.99
C ALA A 302 -56.90 -2.64 25.15
N HIS A 303 -56.87 -1.38 25.57
CA HIS A 303 -57.46 -0.31 24.78
C HIS A 303 -56.64 -0.06 23.53
N THR A 304 -57.34 0.31 22.44
CA THR A 304 -56.71 0.47 21.14
C THR A 304 -56.51 1.97 20.87
N ASN A 305 -55.34 2.48 21.24
CA ASN A 305 -55.03 3.88 21.00
C ASN A 305 -53.53 4.11 21.13
N VAL A 306 -52.94 4.76 20.13
CA VAL A 306 -51.60 5.29 20.28
C VAL A 306 -51.61 6.31 21.42
N GLU A 307 -50.48 6.40 22.13
CA GLU A 307 -50.29 7.27 23.29
C GLU A 307 -51.12 6.83 24.49
N LEU A 308 -51.94 5.80 24.35
CA LEU A 308 -52.65 5.19 25.47
C LEU A 308 -52.26 3.74 25.66
N LYS A 309 -52.02 3.00 24.57
CA LYS A 309 -51.35 1.72 24.68
C LYS A 309 -49.99 1.87 25.36
N LYS A 310 -49.22 2.86 24.91
CA LYS A 310 -47.86 3.05 25.41
C LYS A 310 -47.89 3.49 26.88
N ALA A 311 -48.72 4.47 27.21
CA ALA A 311 -48.85 4.88 28.60
C ALA A 311 -49.33 3.73 29.47
N ALA A 312 -50.30 2.96 28.98
CA ALA A 312 -50.83 1.85 29.77
C ALA A 312 -49.76 0.80 30.04
N LEU A 313 -49.00 0.44 29.00
CA LEU A 313 -47.97 -0.59 29.20
C LEU A 313 -46.86 -0.08 30.10
N SER A 314 -46.49 1.20 29.98
CA SER A 314 -45.43 1.72 30.85
C SER A 314 -45.88 1.79 32.30
N ALA A 315 -47.14 2.19 32.53
CA ALA A 315 -47.66 2.20 33.89
C ALA A 315 -47.77 0.78 34.45
N LEU A 316 -48.16 -0.16 33.62
CA LEU A 316 -48.22 -1.56 34.05
C LEU A 316 -46.84 -2.07 34.41
N GLU A 317 -45.82 -1.71 33.63
CA GLU A 317 -44.45 -2.08 33.95
C GLU A 317 -44.03 -1.47 35.28
N SER A 318 -44.38 -0.21 35.51
CA SER A 318 -44.05 0.45 36.76
C SER A 318 -44.70 -0.28 37.95
N PHE A 319 -45.99 -0.56 37.83
CA PHE A 319 -46.70 -1.32 38.86
C PHE A 319 -46.04 -2.67 39.11
N LEU A 320 -45.73 -3.39 38.04
CA LEU A 320 -45.19 -4.72 38.19
C LEU A 320 -43.81 -4.70 38.84
N LYS A 321 -42.96 -3.75 38.44
CA LYS A 321 -41.66 -3.61 39.07
C LYS A 321 -41.80 -3.30 40.57
N GLN A 322 -42.69 -2.36 40.89
CA GLN A 322 -42.85 -1.97 42.29
C GLN A 322 -43.37 -3.13 43.14
N VAL A 323 -44.37 -3.84 42.64
CA VAL A 323 -44.91 -4.96 43.40
C VAL A 323 -43.88 -6.08 43.50
N SER A 324 -43.08 -6.28 42.45
CA SER A 324 -42.00 -7.25 42.50
C SER A 324 -41.03 -6.92 43.63
N ASN A 325 -40.55 -5.68 43.68
CA ASN A 325 -39.58 -5.28 44.69
C ASN A 325 -40.18 -5.43 46.09
N MET A 326 -41.41 -4.93 46.28
CA MET A 326 -41.96 -4.95 47.63
C MET A 326 -42.35 -6.35 48.08
N VAL A 327 -42.68 -7.25 47.16
CA VAL A 327 -42.87 -8.64 47.54
C VAL A 327 -41.51 -9.27 47.85
N ALA A 328 -40.46 -8.85 47.15
CA ALA A 328 -39.13 -9.31 47.49
C ALA A 328 -38.69 -8.85 48.86
N LYS A 329 -39.27 -7.76 49.37
CA LYS A 329 -38.99 -7.37 50.75
C LYS A 329 -39.40 -8.48 51.72
N ASN A 330 -40.60 -9.03 51.55
CA ASN A 330 -41.03 -10.21 52.29
C ASN A 330 -42.25 -10.81 51.60
N ALA A 331 -42.30 -12.14 51.55
CA ALA A 331 -43.32 -12.85 50.79
C ALA A 331 -44.15 -13.84 51.61
N GLU A 332 -43.73 -14.14 52.83
CA GLU A 332 -44.48 -15.09 53.65
C GLU A 332 -45.90 -14.60 53.89
N MET A 333 -46.06 -13.31 54.18
CA MET A 333 -47.35 -12.64 54.08
C MET A 333 -47.46 -11.99 52.70
N HIS A 334 -48.65 -11.49 52.39
CA HIS A 334 -49.06 -11.12 51.04
C HIS A 334 -49.11 -12.33 50.12
N LYS A 335 -49.20 -13.52 50.71
CA LYS A 335 -49.31 -14.74 49.93
C LYS A 335 -50.51 -14.69 49.00
N ASN A 336 -51.63 -14.13 49.48
CA ASN A 336 -52.83 -14.05 48.67
C ASN A 336 -52.60 -13.25 47.40
N LYS A 337 -51.99 -12.06 47.53
CA LYS A 337 -51.82 -11.22 46.35
C LYS A 337 -50.76 -11.78 45.41
N LEU A 338 -49.67 -12.34 45.95
CA LEU A 338 -48.68 -12.93 45.06
C LEU A 338 -49.26 -14.10 44.30
N GLN A 339 -50.04 -14.96 44.98
CA GLN A 339 -50.69 -16.06 44.29
C GLN A 339 -51.75 -15.57 43.32
N TYR A 340 -52.40 -14.45 43.61
CA TYR A 340 -53.34 -13.86 42.67
C TYR A 340 -52.65 -13.50 41.37
N PHE A 341 -51.52 -12.79 41.46
CA PHE A 341 -50.78 -12.49 40.25
C PHE A 341 -50.23 -13.75 39.59
N MET A 342 -49.87 -14.76 40.39
CA MET A 342 -49.44 -16.03 39.82
C MET A 342 -50.52 -16.62 38.94
N GLU A 343 -51.73 -16.75 39.47
CA GLU A 343 -52.82 -17.35 38.68
C GLU A 343 -53.16 -16.50 37.47
N GLN A 344 -53.10 -15.17 37.61
CA GLN A 344 -53.34 -14.32 36.44
C GLN A 344 -52.32 -14.59 35.35
N PHE A 345 -51.05 -14.68 35.73
CA PHE A 345 -50.02 -14.93 34.72
C PHE A 345 -50.16 -16.31 34.11
N TYR A 346 -50.46 -17.32 34.93
CA TYR A 346 -50.66 -18.65 34.40
C TYR A 346 -51.79 -18.66 33.38
N GLY A 347 -52.91 -18.00 33.69
CA GLY A 347 -53.99 -17.94 32.73
C GLY A 347 -53.60 -17.24 31.45
N ILE A 348 -52.98 -16.06 31.59
CA ILE A 348 -52.70 -15.22 30.43
C ILE A 348 -51.59 -15.79 29.57
N ILE A 349 -50.80 -16.73 30.09
CA ILE A 349 -49.80 -17.40 29.28
C ILE A 349 -50.23 -18.79 28.82
N ARG A 350 -51.18 -19.43 29.51
CA ARG A 350 -51.67 -20.74 29.09
C ARG A 350 -52.72 -20.62 28.00
N ASN A 351 -53.55 -19.58 28.04
CA ASN A 351 -54.56 -19.43 27.01
C ASN A 351 -53.91 -19.13 25.67
N VAL A 352 -54.49 -19.69 24.61
CA VAL A 352 -54.03 -19.40 23.25
C VAL A 352 -54.76 -18.15 22.81
N ASP A 353 -54.24 -17.00 23.24
CA ASP A 353 -54.90 -15.73 23.01
C ASP A 353 -54.75 -15.29 21.57
N SER A 354 -55.48 -14.23 21.23
CA SER A 354 -55.39 -13.57 19.93
C SER A 354 -54.49 -12.33 19.97
N ASN A 355 -53.46 -12.36 20.81
CA ASN A 355 -52.66 -11.16 21.06
C ASN A 355 -51.24 -11.57 21.43
N ASN A 356 -50.37 -10.58 21.45
CA ASN A 356 -48.97 -10.71 21.80
C ASN A 356 -48.55 -9.76 22.89
N LYS A 357 -49.14 -8.56 22.93
CA LYS A 357 -48.75 -7.57 23.92
C LYS A 357 -48.99 -8.07 25.34
N GLU A 358 -50.13 -8.70 25.58
CA GLU A 358 -50.38 -9.31 26.89
C GLU A 358 -49.50 -10.52 27.14
N LEU A 359 -49.06 -11.22 26.10
CA LEU A 359 -48.06 -12.26 26.30
C LEU A 359 -46.77 -11.65 26.83
N SER A 360 -46.39 -10.49 26.31
CA SER A 360 -45.23 -9.79 26.87
C SER A 360 -45.45 -9.43 28.32
N ILE A 361 -46.67 -9.06 28.69
CA ILE A 361 -46.98 -8.76 30.09
C ILE A 361 -46.77 -9.99 30.94
N ALA A 362 -47.27 -11.14 30.46
CA ALA A 362 -47.08 -12.38 31.20
C ALA A 362 -45.60 -12.70 31.36
N ILE A 363 -44.83 -12.51 30.29
CA ILE A 363 -43.41 -12.84 30.31
C ILE A 363 -42.68 -11.96 31.32
N ARG A 364 -42.97 -10.65 31.30
CA ARG A 364 -42.34 -9.74 32.24
C ARG A 364 -42.74 -10.07 33.68
N GLY A 365 -44.02 -10.38 33.91
CA GLY A 365 -44.43 -10.75 35.26
C GLY A 365 -43.74 -12.01 35.75
N TYR A 366 -43.62 -12.99 34.86
CA TYR A 366 -42.87 -14.20 35.18
C TYR A 366 -41.45 -13.85 35.61
N GLY A 367 -40.76 -13.06 34.79
CA GLY A 367 -39.39 -12.70 35.11
C GLY A 367 -39.27 -11.92 36.40
N LEU A 368 -40.25 -11.07 36.70
CA LEU A 368 -40.18 -10.27 37.91
C LEU A 368 -40.41 -11.11 39.16
N PHE A 369 -41.40 -11.99 39.14
CA PHE A 369 -41.70 -12.77 40.34
C PHE A 369 -41.08 -14.17 40.31
N ALA A 370 -40.07 -14.35 39.46
CA ALA A 370 -39.27 -15.58 39.50
C ALA A 370 -38.74 -15.87 40.90
N GLY A 371 -38.11 -14.90 41.54
CA GLY A 371 -37.47 -15.09 42.83
C GLY A 371 -38.43 -15.40 43.96
N PRO A 372 -39.31 -14.44 44.28
CA PRO A 372 -40.26 -14.67 45.37
C PRO A 372 -41.10 -15.93 45.21
N CYS A 373 -41.47 -16.28 43.99
CA CYS A 373 -42.22 -17.51 43.80
C CYS A 373 -41.40 -18.72 44.24
N LYS A 374 -40.11 -18.75 43.90
CA LYS A 374 -39.26 -19.85 44.36
C LYS A 374 -39.12 -19.85 45.87
N VAL A 375 -38.88 -18.68 46.46
CA VAL A 375 -38.61 -18.66 47.89
C VAL A 375 -39.87 -19.03 48.67
N ILE A 376 -41.04 -18.84 48.08
CA ILE A 376 -42.28 -19.18 48.78
C ILE A 376 -42.81 -20.58 48.45
N ASN A 377 -42.43 -21.16 47.31
CA ASN A 377 -43.05 -22.39 46.84
C ASN A 377 -41.98 -23.41 46.50
N ALA A 378 -42.43 -24.61 46.12
CA ALA A 378 -41.57 -25.69 45.68
C ALA A 378 -41.17 -25.47 44.22
N LYS A 379 -40.66 -26.51 43.57
CA LYS A 379 -40.09 -26.35 42.24
C LYS A 379 -41.18 -26.12 41.19
N ASP A 380 -41.88 -24.99 41.30
CA ASP A 380 -42.71 -24.48 40.22
C ASP A 380 -41.89 -23.62 39.26
N VAL A 381 -40.68 -23.24 39.66
CA VAL A 381 -39.80 -22.51 38.76
C VAL A 381 -39.43 -23.37 37.57
N ASP A 382 -39.29 -24.68 37.77
CA ASP A 382 -39.05 -25.59 36.67
C ASP A 382 -40.20 -25.53 35.67
N PHE A 383 -41.44 -25.57 36.17
CA PHE A 383 -42.61 -25.48 35.33
C PHE A 383 -42.62 -24.17 34.57
N MET A 384 -42.33 -23.06 35.26
CA MET A 384 -42.36 -21.76 34.60
C MET A 384 -41.31 -21.68 33.50
N TYR A 385 -40.11 -22.19 33.77
CA TYR A 385 -39.07 -22.20 32.77
C TYR A 385 -39.48 -23.02 31.55
N VAL A 386 -40.08 -24.18 31.77
CA VAL A 386 -40.53 -25.01 30.65
C VAL A 386 -41.56 -24.25 29.82
N GLU A 387 -42.54 -23.65 30.50
CA GLU A 387 -43.60 -22.91 29.83
C GLU A 387 -43.01 -21.82 28.94
N LEU A 388 -42.31 -20.87 29.55
CA LEU A 388 -41.86 -19.71 28.81
C LEU A 388 -40.57 -19.97 28.03
N ILE A 389 -40.10 -21.20 27.97
CA ILE A 389 -39.04 -21.46 27.00
C ILE A 389 -39.64 -22.17 25.79
N GLN A 390 -40.70 -22.95 25.99
CA GLN A 390 -41.46 -23.40 24.83
C GLN A 390 -42.05 -22.21 24.08
N ARG A 391 -42.58 -21.24 24.84
CA ARG A 391 -43.16 -20.05 24.21
C ARG A 391 -42.10 -19.27 23.44
N CYS A 392 -40.91 -19.11 24.01
CA CYS A 392 -39.82 -18.47 23.27
C CYS A 392 -39.46 -19.27 22.04
N LYS A 393 -39.41 -20.59 22.17
CA LYS A 393 -39.00 -21.44 21.06
C LYS A 393 -39.92 -21.25 19.86
N GLN A 394 -41.22 -21.22 20.10
CA GLN A 394 -42.14 -21.27 18.96
C GLN A 394 -42.27 -19.95 18.22
N MET A 395 -42.10 -18.81 18.88
CA MET A 395 -42.39 -17.53 18.26
C MET A 395 -41.14 -16.79 17.80
N PHE A 396 -39.97 -17.37 17.95
CA PHE A 396 -38.73 -16.78 17.44
C PHE A 396 -38.01 -17.70 16.47
N LEU A 397 -37.95 -18.99 16.78
CA LEU A 397 -37.12 -19.90 16.01
C LEU A 397 -37.78 -20.24 14.68
N THR A 398 -39.10 -20.35 14.65
CA THR A 398 -39.85 -20.84 13.50
C THR A 398 -40.50 -19.70 12.73
N GLN A 399 -39.84 -18.55 12.62
CA GLN A 399 -40.40 -17.44 11.88
C GLN A 399 -40.30 -17.72 10.38
N THR A 400 -41.41 -18.21 9.80
CA THR A 400 -41.51 -18.32 8.36
C THR A 400 -41.66 -16.98 7.68
N ASP A 401 -42.34 -16.03 8.34
CA ASP A 401 -42.46 -14.64 7.91
C ASP A 401 -42.55 -13.79 9.17
N THR A 402 -42.95 -12.53 9.01
CA THR A 402 -43.08 -11.62 10.14
C THR A 402 -44.53 -11.58 10.62
N GLY A 403 -44.81 -10.63 11.51
CA GLY A 403 -46.13 -10.46 12.06
C GLY A 403 -46.08 -9.63 13.34
N ASP A 404 -46.73 -10.11 14.39
CA ASP A 404 -46.63 -9.52 15.72
C ASP A 404 -45.48 -10.12 16.51
N ASP A 405 -44.69 -10.99 15.89
CA ASP A 405 -43.54 -11.64 16.52
C ASP A 405 -42.25 -10.91 16.17
N ARG A 406 -42.32 -9.58 16.11
CA ARG A 406 -41.16 -8.75 15.82
C ARG A 406 -39.98 -9.15 16.68
N VAL A 407 -38.78 -8.96 16.15
CA VAL A 407 -37.57 -9.28 16.88
C VAL A 407 -37.42 -8.41 18.12
N TYR A 408 -38.14 -7.29 18.18
CA TYR A 408 -37.98 -6.37 19.30
C TYR A 408 -38.40 -7.00 20.63
N GLN A 409 -39.33 -7.96 20.61
CA GLN A 409 -39.74 -8.61 21.84
C GLN A 409 -38.62 -9.48 22.43
N MET A 410 -37.65 -9.84 21.61
CA MET A 410 -36.67 -10.86 22.00
C MET A 410 -35.85 -10.47 23.21
N PRO A 411 -35.27 -9.27 23.30
CA PRO A 411 -34.47 -8.95 24.49
C PRO A 411 -35.27 -9.01 25.77
N SER A 412 -36.51 -8.52 25.77
CA SER A 412 -37.32 -8.57 26.98
C SER A 412 -37.64 -10.00 27.38
N PHE A 413 -38.03 -10.82 26.40
CA PHE A 413 -38.30 -12.21 26.71
C PHE A 413 -37.05 -12.91 27.21
N LEU A 414 -35.89 -12.53 26.68
CA LEU A 414 -34.65 -13.14 27.12
C LEU A 414 -34.29 -12.71 28.53
N GLN A 415 -34.55 -11.45 28.89
CA GLN A 415 -34.35 -11.04 30.28
C GLN A 415 -35.22 -11.85 31.22
N SER A 416 -36.48 -12.05 30.85
CA SER A 416 -37.34 -12.85 31.72
C SER A 416 -36.84 -14.29 31.81
N VAL A 417 -36.37 -14.84 30.68
CA VAL A 417 -35.85 -16.20 30.67
C VAL A 417 -34.67 -16.33 31.61
N ALA A 418 -33.74 -15.37 31.54
CA ALA A 418 -32.60 -15.39 32.44
C ALA A 418 -33.05 -15.27 33.88
N SER A 419 -33.99 -14.36 34.15
CA SER A 419 -34.42 -14.13 35.53
C SER A 419 -35.00 -15.40 36.13
N VAL A 420 -35.80 -16.14 35.37
CA VAL A 420 -36.28 -17.42 35.88
C VAL A 420 -35.20 -18.48 35.81
N LEU A 421 -34.11 -18.24 35.10
CA LEU A 421 -33.00 -19.18 35.07
C LEU A 421 -32.14 -19.10 36.33
N LEU A 422 -31.98 -17.90 36.90
CA LEU A 422 -31.17 -17.78 38.11
C LEU A 422 -31.67 -18.71 39.21
N TYR A 423 -32.97 -18.67 39.48
CA TYR A 423 -33.54 -19.35 40.63
C TYR A 423 -33.85 -20.81 40.38
N LEU A 424 -33.39 -21.37 39.27
CA LEU A 424 -33.57 -22.79 39.05
C LEU A 424 -32.67 -23.59 40.00
N ASP A 425 -32.92 -24.90 40.04
CA ASP A 425 -32.03 -25.84 40.71
C ASP A 425 -31.37 -26.80 39.73
N THR A 426 -32.11 -27.25 38.72
CA THR A 426 -31.57 -28.04 37.63
C THR A 426 -32.11 -27.51 36.32
N VAL A 427 -31.29 -27.58 35.28
CA VAL A 427 -31.69 -27.19 33.93
C VAL A 427 -32.11 -28.45 33.18
N PRO A 428 -33.38 -28.58 32.79
CA PRO A 428 -33.76 -29.72 31.94
C PRO A 428 -33.03 -29.66 30.63
N GLU A 429 -32.34 -30.75 30.30
CA GLU A 429 -31.40 -30.74 29.18
C GLU A 429 -32.11 -30.44 27.86
N VAL A 430 -33.28 -31.04 27.66
CA VAL A 430 -33.95 -30.99 26.36
C VAL A 430 -34.21 -29.57 25.87
N TYR A 431 -34.04 -28.57 26.74
CA TYR A 431 -34.27 -27.19 26.34
C TYR A 431 -33.00 -26.37 26.20
N THR A 432 -31.88 -26.83 26.74
CA THR A 432 -30.61 -26.11 26.61
C THR A 432 -30.28 -25.76 25.16
N PRO A 433 -30.42 -26.66 24.18
CA PRO A 433 -30.25 -26.24 22.79
C PRO A 433 -31.18 -25.11 22.40
N VAL A 434 -32.40 -25.09 22.92
CA VAL A 434 -33.31 -23.99 22.63
C VAL A 434 -32.73 -22.69 23.15
N LEU A 435 -32.19 -22.70 24.37
CA LEU A 435 -31.61 -21.49 24.94
C LEU A 435 -30.41 -21.02 24.14
N GLU A 436 -29.58 -21.97 23.70
CA GLU A 436 -28.47 -21.60 22.83
C GLU A 436 -28.97 -20.94 21.56
N HIS A 437 -30.02 -21.48 20.95
CA HIS A 437 -30.56 -20.82 19.77
C HIS A 437 -31.11 -19.44 20.07
N LEU A 438 -31.80 -19.27 21.20
CA LEU A 438 -32.28 -17.93 21.53
C LEU A 438 -31.12 -16.95 21.61
N VAL A 439 -30.07 -17.30 22.34
CA VAL A 439 -28.98 -16.35 22.51
C VAL A 439 -28.25 -16.12 21.19
N VAL A 440 -28.14 -17.15 20.36
CA VAL A 440 -27.49 -16.98 19.06
C VAL A 440 -28.31 -16.05 18.19
N MET A 441 -29.63 -16.20 18.18
CA MET A 441 -30.49 -15.27 17.47
C MET A 441 -30.37 -13.87 18.01
N GLN A 442 -30.19 -13.75 19.33
CA GLN A 442 -29.99 -12.44 19.92
C GLN A 442 -28.74 -11.79 19.37
N ILE A 443 -27.64 -12.55 19.32
CA ILE A 443 -26.38 -12.03 18.81
C ILE A 443 -26.53 -11.67 17.33
N ASP A 444 -27.17 -12.53 16.55
CA ASP A 444 -27.19 -12.32 15.11
C ASP A 444 -28.13 -11.19 14.71
N SER A 445 -29.30 -11.10 15.33
CA SER A 445 -30.23 -10.01 15.05
C SER A 445 -30.02 -8.86 16.01
N PHE A 446 -28.76 -8.46 16.17
CA PHE A 446 -28.39 -7.26 16.89
C PHE A 446 -28.54 -6.01 16.03
N PRO A 447 -27.95 -5.95 14.82
CA PRO A 447 -27.89 -4.67 14.10
C PRO A 447 -29.25 -4.08 13.78
N GLN A 448 -30.32 -4.87 13.78
CA GLN A 448 -31.63 -4.35 13.43
C GLN A 448 -32.26 -3.53 14.54
N TYR A 449 -31.66 -3.49 15.72
CA TYR A 449 -32.23 -2.76 16.83
C TYR A 449 -31.91 -1.28 16.73
N SER A 450 -32.76 -0.47 17.33
CA SER A 450 -32.45 0.94 17.46
C SER A 450 -31.27 1.13 18.42
N PRO A 451 -30.45 2.15 18.20
CA PRO A 451 -29.30 2.37 19.09
C PRO A 451 -29.69 2.54 20.54
N LYS A 452 -30.94 2.89 20.83
CA LYS A 452 -31.39 2.85 22.21
C LYS A 452 -31.58 1.43 22.69
N MET A 453 -32.17 0.58 21.84
CA MET A 453 -32.51 -0.79 22.24
C MET A 453 -31.29 -1.69 22.28
N GLN A 454 -30.21 -1.33 21.58
CA GLN A 454 -29.02 -2.18 21.61
C GLN A 454 -28.46 -2.31 23.02
N LEU A 455 -28.53 -1.25 23.82
CA LEU A 455 -28.06 -1.34 25.20
C LEU A 455 -28.90 -2.33 26.00
N VAL A 456 -30.22 -2.31 25.83
CA VAL A 456 -31.07 -3.30 26.50
C VAL A 456 -30.72 -4.69 26.03
N CYS A 457 -30.44 -4.85 24.73
CA CYS A 457 -30.10 -6.15 24.18
C CYS A 457 -28.84 -6.71 24.82
N CYS A 458 -27.76 -5.92 24.81
CA CYS A 458 -26.51 -6.41 25.38
C CYS A 458 -26.64 -6.62 26.89
N ARG A 459 -27.42 -5.78 27.56
CA ARG A 459 -27.67 -6.01 28.97
C ARG A 459 -28.35 -7.35 29.19
N ALA A 460 -29.35 -7.67 28.35
CA ALA A 460 -30.06 -8.93 28.48
C ALA A 460 -29.13 -10.11 28.25
N ILE A 461 -28.30 -10.02 27.22
CA ILE A 461 -27.42 -11.13 26.89
C ILE A 461 -26.39 -11.35 27.98
N VAL A 462 -25.88 -10.28 28.58
CA VAL A 462 -24.98 -10.42 29.72
C VAL A 462 -25.72 -11.04 30.90
N LYS A 463 -26.98 -10.65 31.09
CA LYS A 463 -27.75 -11.19 32.19
C LYS A 463 -27.90 -12.70 32.06
N VAL A 464 -28.24 -13.16 30.86
CA VAL A 464 -28.38 -14.60 30.68
C VAL A 464 -27.03 -15.30 30.75
N PHE A 465 -25.95 -14.63 30.33
CA PHE A 465 -24.64 -15.25 30.44
C PHE A 465 -24.28 -15.51 31.90
N LEU A 466 -24.39 -14.49 32.75
CA LEU A 466 -24.05 -14.74 34.15
C LEU A 466 -25.13 -15.53 34.87
N ALA A 467 -26.30 -15.70 34.28
CA ALA A 467 -27.20 -16.75 34.76
C ALA A 467 -26.61 -18.12 34.49
N LEU A 468 -26.12 -18.32 33.27
CA LEU A 468 -25.52 -19.60 32.89
C LEU A 468 -24.33 -19.92 33.77
N ALA A 469 -23.44 -18.96 33.98
CA ALA A 469 -22.18 -19.23 34.68
C ALA A 469 -22.44 -19.36 36.18
N ALA A 470 -23.28 -20.34 36.51
CA ALA A 470 -23.58 -20.65 37.91
C ALA A 470 -23.66 -22.15 38.13
N LYS A 471 -23.03 -22.95 37.26
CA LYS A 471 -23.07 -24.39 37.35
C LYS A 471 -21.76 -24.95 36.82
N GLY A 472 -21.60 -26.27 36.95
CA GLY A 472 -20.38 -26.92 36.53
C GLY A 472 -20.30 -27.14 35.03
N PRO A 473 -21.17 -28.00 34.49
CA PRO A 473 -21.11 -28.32 33.06
C PRO A 473 -21.85 -27.32 32.18
N VAL A 474 -22.87 -26.68 32.77
CA VAL A 474 -23.70 -25.74 32.03
C VAL A 474 -22.87 -24.58 31.54
N LEU A 475 -22.02 -24.03 32.41
CA LEU A 475 -21.16 -22.91 32.06
C LEU A 475 -20.45 -23.15 30.74
N ARG A 476 -19.61 -24.18 30.68
CA ARG A 476 -18.89 -24.48 29.46
C ARG A 476 -19.86 -24.78 28.32
N ASN A 477 -20.68 -25.82 28.50
CA ASN A 477 -21.47 -26.37 27.41
C ASN A 477 -22.33 -25.32 26.75
N CYS A 478 -22.76 -24.30 27.49
CA CYS A 478 -23.60 -23.27 26.93
C CYS A 478 -22.78 -22.07 26.44
N ILE A 479 -21.96 -21.48 27.31
CA ILE A 479 -21.30 -20.22 26.95
C ILE A 479 -20.35 -20.43 25.79
N SER A 480 -19.53 -21.47 25.85
CA SER A 480 -18.56 -21.66 24.77
C SER A 480 -19.27 -21.90 23.45
N THR A 481 -20.29 -22.75 23.46
CA THR A 481 -21.01 -23.06 22.24
C THR A 481 -21.70 -21.84 21.68
N VAL A 482 -22.31 -21.02 22.54
CA VAL A 482 -23.06 -19.88 22.03
C VAL A 482 -22.13 -18.81 21.49
N VAL A 483 -21.01 -18.54 22.17
CA VAL A 483 -20.09 -17.54 21.64
C VAL A 483 -19.50 -18.01 20.32
N HIS A 484 -19.14 -19.29 20.24
CA HIS A 484 -18.65 -19.80 18.97
C HIS A 484 -19.70 -19.70 17.86
N GLN A 485 -20.95 -19.95 18.19
CA GLN A 485 -21.99 -19.86 17.16
C GLN A 485 -22.23 -18.42 16.76
N GLY A 486 -22.17 -17.49 17.70
CA GLY A 486 -22.27 -16.09 17.34
C GLY A 486 -21.16 -15.67 16.41
N LEU A 487 -19.94 -16.12 16.70
CA LEU A 487 -18.82 -15.80 15.81
C LEU A 487 -19.03 -16.40 14.43
N ILE A 488 -19.51 -17.64 14.35
CA ILE A 488 -19.65 -18.24 13.03
C ILE A 488 -20.74 -17.53 12.24
N ARG A 489 -21.84 -17.14 12.90
CA ARG A 489 -22.89 -16.41 12.20
C ARG A 489 -22.39 -15.07 11.70
N ILE A 490 -21.79 -14.27 12.58
CA ILE A 490 -21.37 -12.92 12.17
C ILE A 490 -20.10 -12.91 11.34
N CYS A 491 -19.45 -14.06 11.17
CA CYS A 491 -18.41 -14.15 10.16
C CYS A 491 -18.98 -14.56 8.81
N SER A 492 -19.95 -15.47 8.79
CA SER A 492 -20.51 -15.87 7.51
C SER A 492 -21.37 -14.80 6.86
N LYS A 493 -21.47 -13.59 7.40
CA LYS A 493 -22.18 -12.53 6.73
C LYS A 493 -21.44 -12.13 5.46
N PRO A 494 -22.15 -11.59 4.48
CA PRO A 494 -21.49 -11.20 3.23
C PRO A 494 -20.43 -10.14 3.45
N VAL A 495 -19.38 -10.21 2.64
CA VAL A 495 -18.24 -9.31 2.78
C VAL A 495 -18.56 -7.97 2.14
N VAL A 496 -18.05 -6.90 2.74
CA VAL A 496 -18.27 -5.54 2.27
C VAL A 496 -16.98 -5.01 1.65
N LEU A 497 -17.06 -4.56 0.41
CA LEU A 497 -15.92 -3.99 -0.29
C LEU A 497 -16.23 -2.56 -0.74
N PRO A 498 -15.22 -1.69 -0.80
CA PRO A 498 -15.40 -0.33 -1.29
C PRO A 498 -15.38 -0.25 -2.82
N TRP A 519 -34.01 -4.43 8.86
CA TRP A 519 -33.66 -5.79 8.47
C TRP A 519 -32.73 -5.81 7.25
N LYS A 520 -31.99 -4.72 7.06
CA LYS A 520 -31.01 -4.68 5.98
C LYS A 520 -29.91 -5.70 6.24
N VAL A 521 -29.45 -6.33 5.16
CA VAL A 521 -28.43 -7.37 5.26
C VAL A 521 -27.16 -6.79 5.88
N PRO A 522 -26.86 -7.15 7.12
CA PRO A 522 -25.78 -6.46 7.83
C PRO A 522 -24.42 -7.03 7.53
N THR A 523 -23.40 -6.53 8.20
CA THR A 523 -22.04 -6.99 8.03
C THR A 523 -21.35 -7.00 9.39
N TYR A 524 -20.12 -7.50 9.42
CA TYR A 524 -19.45 -7.69 10.70
C TYR A 524 -19.31 -6.37 11.47
N LYS A 525 -19.31 -5.24 10.77
CA LYS A 525 -19.11 -3.97 11.43
C LYS A 525 -20.12 -3.73 12.54
N ASP A 526 -21.34 -4.21 12.35
CA ASP A 526 -22.44 -3.84 13.24
C ASP A 526 -22.37 -4.54 14.59
N TYR A 527 -21.77 -5.72 14.66
CA TYR A 527 -21.72 -6.46 15.91
C TYR A 527 -20.55 -6.07 16.78
N VAL A 528 -19.65 -5.22 16.29
CA VAL A 528 -18.44 -4.88 17.02
C VAL A 528 -18.80 -4.23 18.35
N ASP A 529 -19.74 -3.28 18.32
CA ASP A 529 -20.17 -2.66 19.57
C ASP A 529 -20.82 -3.68 20.49
N LEU A 530 -21.52 -4.68 19.93
CA LEU A 530 -22.08 -5.73 20.76
C LEU A 530 -21.00 -6.45 21.54
N PHE A 531 -19.96 -6.92 20.86
CA PHE A 531 -18.95 -7.69 21.58
C PHE A 531 -18.15 -6.79 22.50
N ARG A 532 -17.97 -5.53 22.14
CA ARG A 532 -17.31 -4.59 23.04
C ARG A 532 -18.08 -4.46 24.34
N HIS A 533 -19.38 -4.19 24.26
CA HIS A 533 -20.18 -4.07 25.47
C HIS A 533 -20.25 -5.38 26.23
N LEU A 534 -20.16 -6.50 25.51
CA LEU A 534 -20.04 -7.79 26.19
C LEU A 534 -18.78 -7.84 27.04
N LEU A 535 -17.68 -7.31 26.51
CA LEU A 535 -16.40 -7.33 27.21
C LEU A 535 -16.28 -6.24 28.25
N SER A 536 -17.30 -5.40 28.43
CA SER A 536 -17.38 -4.46 29.53
C SER A 536 -18.46 -4.87 30.52
N SER A 537 -18.59 -6.18 30.74
CA SER A 537 -19.62 -6.68 31.65
C SER A 537 -19.37 -6.22 33.07
N ASP A 538 -18.10 -6.27 33.51
CA ASP A 538 -17.78 -5.99 34.90
C ASP A 538 -17.85 -4.48 35.14
N GLN A 539 -18.99 -3.90 34.82
CA GLN A 539 -19.18 -2.46 34.75
C GLN A 539 -20.64 -2.15 35.08
N MET A 540 -21.10 -0.98 34.65
CA MET A 540 -22.46 -0.52 34.90
C MET A 540 -23.49 -1.60 34.64
N MET A 541 -23.22 -2.51 33.70
CA MET A 541 -24.18 -3.58 33.41
C MET A 541 -24.28 -4.53 34.60
N ASP A 542 -23.15 -5.02 35.11
CA ASP A 542 -23.19 -5.86 36.30
C ASP A 542 -23.71 -5.10 37.50
N SER A 543 -23.50 -3.79 37.54
CA SER A 543 -24.04 -3.00 38.64
C SER A 543 -25.57 -2.96 38.59
N ILE A 544 -26.13 -2.66 37.42
CA ILE A 544 -27.58 -2.52 37.29
C ILE A 544 -28.30 -3.86 37.21
N LEU A 545 -27.57 -4.96 37.00
CA LEU A 545 -28.17 -6.27 37.20
C LEU A 545 -28.47 -6.56 38.67
N ALA A 546 -27.95 -5.74 39.59
CA ALA A 546 -28.36 -5.80 40.99
C ALA A 546 -29.73 -5.21 41.23
N ASP A 547 -30.45 -4.86 40.15
CA ASP A 547 -31.80 -4.35 40.29
C ASP A 547 -32.71 -5.34 41.00
N GLU A 548 -32.41 -6.63 40.90
CA GLU A 548 -33.12 -7.67 41.63
C GLU A 548 -32.11 -8.50 42.41
N ALA A 549 -32.54 -8.98 43.58
CA ALA A 549 -31.64 -9.65 44.53
C ALA A 549 -31.30 -11.04 44.02
N PHE A 550 -30.32 -11.10 43.13
CA PHE A 550 -29.83 -12.36 42.61
C PHE A 550 -28.74 -12.96 43.50
N PHE A 551 -28.42 -12.30 44.61
CA PHE A 551 -27.34 -12.73 45.49
C PHE A 551 -27.86 -13.87 46.37
N SER A 552 -27.09 -14.22 47.39
CA SER A 552 -27.35 -15.31 48.34
C SER A 552 -27.17 -16.68 47.72
N VAL A 553 -26.84 -16.76 46.43
CA VAL A 553 -26.53 -18.01 45.77
C VAL A 553 -25.12 -17.92 45.19
N ASN A 554 -24.62 -19.06 44.73
CA ASN A 554 -23.30 -19.11 44.10
C ASN A 554 -23.31 -18.22 42.86
N SER A 555 -22.43 -17.23 42.84
CA SER A 555 -22.38 -16.27 41.74
C SER A 555 -20.97 -15.73 41.62
N SER A 556 -20.24 -16.16 40.59
CA SER A 556 -18.91 -15.63 40.29
C SER A 556 -19.04 -14.57 39.20
N SER A 557 -19.63 -13.44 39.57
CA SER A 557 -20.00 -12.40 38.62
C SER A 557 -18.88 -11.40 38.34
N GLU A 558 -17.78 -11.47 39.08
CA GLU A 558 -16.70 -10.51 38.87
C GLU A 558 -15.97 -10.75 37.56
N SER A 559 -15.74 -12.02 37.21
CA SER A 559 -14.87 -12.37 36.10
C SER A 559 -15.64 -12.75 34.84
N LEU A 560 -16.85 -12.22 34.68
CA LEU A 560 -17.59 -12.48 33.45
C LEU A 560 -16.87 -11.88 32.25
N ASN A 561 -16.20 -10.74 32.44
CA ASN A 561 -15.36 -10.21 31.38
C ASN A 561 -14.27 -11.20 31.02
N HIS A 562 -13.65 -11.80 32.02
CA HIS A 562 -12.60 -12.78 31.74
C HIS A 562 -13.15 -13.97 30.97
N LEU A 563 -14.32 -14.47 31.38
CA LEU A 563 -14.96 -15.55 30.65
C LEU A 563 -15.16 -15.16 29.21
N LEU A 564 -16.01 -14.15 28.98
CA LEU A 564 -16.33 -13.73 27.62
C LEU A 564 -15.07 -13.56 26.78
N TYR A 565 -14.01 -13.00 27.36
CA TYR A 565 -12.80 -12.76 26.59
C TYR A 565 -12.14 -14.08 26.18
N ASP A 566 -11.92 -14.97 27.14
CA ASP A 566 -11.18 -16.18 26.78
C ASP A 566 -12.02 -17.09 25.89
N GLU A 567 -13.33 -17.11 26.11
CA GLU A 567 -14.20 -17.88 25.22
C GLU A 567 -14.17 -17.33 23.81
N PHE A 568 -14.20 -16.00 23.66
CA PHE A 568 -14.10 -15.43 22.33
C PHE A 568 -12.79 -15.79 21.68
N VAL A 569 -11.69 -15.73 22.43
CA VAL A 569 -10.39 -16.01 21.84
C VAL A 569 -10.31 -17.48 21.41
N LYS A 570 -10.74 -18.39 22.28
CA LYS A 570 -10.65 -19.79 21.90
C LYS A 570 -11.67 -20.16 20.83
N SER A 571 -12.75 -19.40 20.68
CA SER A 571 -13.64 -19.64 19.56
C SER A 571 -13.04 -19.11 18.27
N VAL A 572 -12.28 -18.02 18.32
CA VAL A 572 -11.48 -17.64 17.15
C VAL A 572 -10.55 -18.76 16.77
N LEU A 573 -9.92 -19.38 17.77
CA LEU A 573 -9.01 -20.49 17.48
C LEU A 573 -9.75 -21.66 16.84
N LYS A 574 -10.88 -22.06 17.44
CA LYS A 574 -11.64 -23.18 16.91
C LYS A 574 -12.08 -22.90 15.48
N ILE A 575 -12.57 -21.69 15.23
CA ILE A 575 -12.95 -21.32 13.87
C ILE A 575 -11.77 -21.47 12.94
N VAL A 576 -10.71 -20.70 13.19
CA VAL A 576 -9.62 -20.59 12.23
C VAL A 576 -8.94 -21.92 12.00
N GLU A 577 -9.05 -22.87 12.92
CA GLU A 577 -8.38 -24.13 12.71
C GLU A 577 -9.16 -25.09 11.83
N LYS A 578 -10.39 -24.77 11.43
CA LYS A 578 -11.20 -25.72 10.67
C LYS A 578 -11.71 -25.17 9.34
N LEU A 579 -11.43 -23.93 9.00
CA LEU A 579 -11.72 -23.43 7.66
C LEU A 579 -10.78 -24.08 6.65
N ASP A 580 -11.28 -24.28 5.44
CA ASP A 580 -10.47 -24.85 4.36
C ASP A 580 -9.99 -23.70 3.49
N LEU A 581 -8.91 -23.07 3.93
CA LEU A 581 -8.35 -21.91 3.26
C LEU A 581 -7.37 -22.28 2.16
N THR A 582 -7.46 -23.50 1.63
CA THR A 582 -6.55 -23.94 0.58
C THR A 582 -6.80 -23.14 -0.69
N LEU A 583 -5.75 -22.97 -1.47
CA LEU A 583 -5.84 -22.34 -2.78
C LEU A 583 -5.74 -23.40 -3.88
N GLU A 584 -6.34 -23.08 -5.03
CA GLU A 584 -6.41 -24.01 -6.14
C GLU A 584 -6.03 -23.31 -7.44
N ILE A 585 -5.31 -24.02 -8.31
CA ILE A 585 -4.88 -23.47 -9.59
C ILE A 585 -6.08 -23.41 -10.53
N GLN A 586 -6.06 -22.44 -11.45
CA GLN A 586 -7.06 -22.38 -12.51
C GLN A 586 -7.02 -23.64 -13.37
N MET A 602 -0.74 -23.74 -21.74
CA MET A 602 -0.76 -23.09 -20.43
C MET A 602 0.48 -22.21 -20.28
N ILE A 603 0.40 -21.20 -19.42
CA ILE A 603 1.48 -20.23 -19.30
C ILE A 603 2.16 -20.39 -17.94
N PRO A 604 3.40 -20.88 -17.91
CA PRO A 604 4.12 -20.99 -16.62
C PRO A 604 4.30 -19.64 -15.99
N THR A 605 4.24 -19.61 -14.66
CA THR A 605 4.44 -18.40 -13.89
C THR A 605 5.48 -18.65 -12.81
N SER A 606 6.08 -17.56 -12.33
CA SER A 606 7.12 -17.64 -11.32
C SER A 606 6.66 -17.18 -9.94
N ASP A 607 5.73 -16.25 -9.86
CA ASP A 607 5.25 -15.84 -8.56
C ASP A 607 4.29 -16.89 -8.00
N PRO A 608 4.28 -17.06 -6.68
CA PRO A 608 3.33 -18.00 -6.08
C PRO A 608 1.98 -17.35 -5.78
N ALA A 609 1.47 -16.56 -6.71
CA ALA A 609 0.20 -15.90 -6.49
C ALA A 609 -0.65 -15.86 -7.74
N ALA A 610 -0.32 -16.62 -8.77
CA ALA A 610 -1.02 -16.59 -10.04
C ALA A 610 -1.94 -17.79 -10.17
N ASN A 611 -3.12 -17.54 -10.74
CA ASN A 611 -4.11 -18.55 -11.09
C ASN A 611 -4.70 -19.24 -9.87
N LEU A 612 -4.44 -18.74 -8.66
CA LEU A 612 -4.88 -19.41 -7.44
C LEU A 612 -6.24 -18.86 -7.02
N HIS A 613 -7.26 -19.64 -7.23
CA HIS A 613 -8.61 -19.40 -6.74
C HIS A 613 -8.72 -19.89 -5.30
N PRO A 614 -9.59 -19.27 -4.50
CA PRO A 614 -9.94 -19.86 -3.21
C PRO A 614 -10.81 -21.09 -3.41
N ALA A 615 -10.39 -22.22 -2.84
CA ALA A 615 -11.08 -23.48 -3.08
C ALA A 615 -12.53 -23.42 -2.60
N LYS A 616 -12.74 -22.96 -1.37
CA LYS A 616 -14.09 -22.74 -0.85
C LYS A 616 -14.29 -21.24 -0.70
N PRO A 617 -14.74 -20.55 -1.75
CA PRO A 617 -14.82 -19.08 -1.67
C PRO A 617 -15.70 -18.57 -0.56
N LYS A 618 -16.66 -19.36 -0.11
CA LYS A 618 -17.47 -18.99 1.04
C LYS A 618 -16.71 -19.15 2.35
N ASP A 619 -15.44 -19.54 2.30
CA ASP A 619 -14.60 -19.61 3.49
C ASP A 619 -13.60 -18.48 3.58
N PHE A 620 -13.10 -17.98 2.45
CA PHE A 620 -12.24 -16.80 2.52
C PHE A 620 -12.99 -15.58 3.00
N SER A 621 -14.25 -15.43 2.60
CA SER A 621 -15.05 -14.33 3.13
C SER A 621 -15.26 -14.48 4.63
N ALA A 622 -15.48 -15.72 5.08
CA ALA A 622 -15.61 -15.96 6.52
C ALA A 622 -14.34 -15.57 7.25
N PHE A 623 -13.19 -15.99 6.72
CA PHE A 623 -11.93 -15.70 7.42
C PHE A 623 -11.60 -14.22 7.37
N ILE A 624 -11.92 -13.55 6.27
CA ILE A 624 -11.67 -12.11 6.20
C ILE A 624 -12.54 -11.39 7.21
N ASN A 625 -13.82 -11.75 7.29
CA ASN A 625 -14.67 -11.18 8.32
C ASN A 625 -14.08 -11.43 9.70
N LEU A 626 -13.60 -12.65 9.94
CA LEU A 626 -13.07 -12.99 11.25
C LEU A 626 -11.84 -12.16 11.58
N VAL A 627 -10.95 -11.97 10.61
CA VAL A 627 -9.73 -11.19 10.86
C VAL A 627 -10.08 -9.74 11.12
N GLU A 628 -10.91 -9.14 10.27
CA GLU A 628 -11.24 -7.75 10.47
C GLU A 628 -12.17 -7.53 11.65
N PHE A 629 -12.71 -8.58 12.23
CA PHE A 629 -13.53 -8.43 13.43
C PHE A 629 -12.69 -8.63 14.69
N CYS A 630 -11.73 -9.55 14.64
CA CYS A 630 -10.75 -9.65 15.71
C CYS A 630 -9.94 -8.37 15.82
N ARG A 631 -9.55 -7.79 14.68
CA ARG A 631 -8.77 -6.57 14.73
C ARG A 631 -9.53 -5.46 15.44
N GLU A 632 -10.84 -5.57 15.56
CA GLU A 632 -11.62 -4.56 16.26
C GLU A 632 -11.86 -4.92 17.72
N ILE A 633 -12.14 -6.19 18.01
CA ILE A 633 -12.44 -6.58 19.40
C ILE A 633 -11.20 -6.87 20.20
N LEU A 634 -10.31 -7.70 19.65
CA LEU A 634 -9.20 -8.26 20.41
C LEU A 634 -8.23 -7.21 20.96
N PRO A 635 -7.63 -6.33 20.16
CA PRO A 635 -6.53 -5.51 20.69
C PRO A 635 -6.97 -4.50 21.73
N GLU A 636 -7.90 -3.62 21.40
CA GLU A 636 -8.14 -2.45 22.24
C GLU A 636 -8.67 -2.83 23.62
N LYS A 637 -9.27 -4.00 23.76
CA LYS A 637 -9.68 -4.46 25.08
C LYS A 637 -8.43 -4.83 25.87
N GLN A 638 -8.37 -4.36 27.10
CA GLN A 638 -7.10 -4.23 27.80
C GLN A 638 -6.40 -5.58 27.92
N ALA A 639 -5.11 -5.59 27.62
CA ALA A 639 -4.42 -6.82 27.24
C ALA A 639 -3.96 -7.68 28.41
N GLU A 640 -4.33 -7.36 29.65
CA GLU A 640 -4.01 -8.28 30.72
C GLU A 640 -4.75 -9.60 30.58
N PHE A 641 -5.88 -9.60 29.88
CA PHE A 641 -6.54 -10.86 29.54
C PHE A 641 -5.83 -11.57 28.40
N PHE A 642 -5.18 -10.82 27.52
CA PHE A 642 -4.39 -11.42 26.46
C PHE A 642 -3.04 -11.91 26.93
N GLU A 643 -2.65 -11.56 28.16
CA GLU A 643 -1.34 -11.97 28.66
C GLU A 643 -1.11 -13.47 28.58
N PRO A 644 -2.01 -14.35 29.05
CA PRO A 644 -1.70 -15.78 29.00
C PRO A 644 -1.88 -16.41 27.63
N TRP A 645 -2.55 -15.73 26.72
CA TRP A 645 -2.94 -16.31 25.45
C TRP A 645 -1.87 -16.23 24.38
N VAL A 646 -0.79 -15.50 24.62
CA VAL A 646 0.09 -15.10 23.52
C VAL A 646 0.80 -16.30 22.93
N TYR A 647 1.35 -17.17 23.77
CA TYR A 647 2.08 -18.31 23.22
C TYR A 647 1.17 -19.20 22.41
N SER A 648 0.00 -19.56 22.98
CA SER A 648 -0.91 -20.45 22.26
C SER A 648 -1.37 -19.81 20.96
N PHE A 649 -1.79 -18.55 21.02
CA PHE A 649 -2.35 -17.88 19.85
C PHE A 649 -1.30 -17.74 18.76
N SER A 650 -0.14 -17.18 19.11
CA SER A 650 0.92 -17.00 18.13
C SER A 650 1.43 -18.33 17.61
N TYR A 651 1.50 -19.35 18.46
CA TYR A 651 1.98 -20.64 18.00
C TYR A 651 1.03 -21.22 16.96
N GLU A 652 -0.28 -21.16 17.23
CA GLU A 652 -1.22 -21.71 16.26
C GLU A 652 -1.22 -20.92 14.97
N LEU A 653 -1.17 -19.59 15.06
CA LEU A 653 -1.15 -18.79 13.84
C LEU A 653 0.11 -19.04 13.03
N ILE A 654 1.26 -19.16 13.70
CA ILE A 654 2.50 -19.43 13.00
C ILE A 654 2.46 -20.81 12.36
N LEU A 655 1.90 -21.80 13.07
CA LEU A 655 1.84 -23.14 12.53
C LEU A 655 0.93 -23.19 11.31
N GLN A 656 -0.20 -22.48 11.35
CA GLN A 656 -1.07 -22.43 10.18
C GLN A 656 -0.41 -21.67 9.04
N SER A 657 0.34 -20.61 9.35
CA SER A 657 0.87 -19.74 8.30
C SER A 657 2.07 -20.37 7.62
N THR A 658 2.90 -21.11 8.36
CA THR A 658 4.03 -21.79 7.75
C THR A 658 3.58 -22.86 6.78
N ARG A 659 2.30 -23.22 6.82
CA ARG A 659 1.70 -24.15 5.89
C ARG A 659 0.86 -23.45 4.83
N LEU A 660 0.31 -22.27 5.16
CA LEU A 660 -0.49 -21.46 4.24
C LEU A 660 0.11 -20.06 4.19
N PRO A 661 1.28 -19.91 3.57
CA PRO A 661 1.94 -18.60 3.61
C PRO A 661 1.15 -17.49 2.95
N LEU A 662 0.38 -17.80 1.91
CA LEU A 662 -0.20 -16.75 1.08
C LEU A 662 -1.47 -16.14 1.65
N ILE A 663 -1.99 -16.65 2.77
CA ILE A 663 -3.24 -16.14 3.31
C ILE A 663 -2.91 -14.98 4.23
N SER A 664 -3.07 -13.76 3.72
CA SER A 664 -2.65 -12.57 4.45
C SER A 664 -3.42 -12.42 5.74
N GLY A 665 -4.56 -13.09 5.85
CA GLY A 665 -5.31 -13.04 7.09
C GLY A 665 -4.49 -13.48 8.29
N PHE A 666 -3.55 -14.39 8.08
CA PHE A 666 -2.76 -14.86 9.20
C PHE A 666 -1.81 -13.78 9.70
N TYR A 667 -1.14 -13.09 8.78
CA TYR A 667 -0.30 -11.98 9.20
C TYR A 667 -1.11 -10.87 9.83
N LYS A 668 -2.31 -10.62 9.31
CA LYS A 668 -3.14 -9.58 9.92
C LYS A 668 -3.62 -9.99 11.30
N LEU A 669 -3.86 -11.28 11.52
CA LEU A 669 -4.28 -11.78 12.82
C LEU A 669 -3.13 -11.93 13.79
N LEU A 670 -1.90 -11.94 13.29
CA LEU A 670 -0.72 -12.11 14.10
C LEU A 670 -0.05 -10.80 14.44
N SER A 671 -0.18 -9.79 13.59
CA SER A 671 0.16 -8.43 13.97
C SER A 671 -0.64 -7.99 15.18
N ILE A 672 -1.90 -8.39 15.27
CA ILE A 672 -2.71 -8.03 16.43
C ILE A 672 -2.16 -8.66 17.69
N THR A 673 -1.64 -9.89 17.58
CA THR A 673 -0.96 -10.49 18.72
C THR A 673 0.29 -9.72 19.09
N VAL A 674 1.10 -9.36 18.10
CA VAL A 674 2.39 -8.74 18.38
C VAL A 674 2.21 -7.36 19.00
N ARG A 675 1.25 -6.58 18.50
CA ARG A 675 1.09 -5.22 19.00
C ARG A 675 0.66 -5.20 20.46
N ASN A 676 -0.35 -5.98 20.83
CA ASN A 676 -0.78 -5.97 22.22
C ASN A 676 0.01 -6.94 23.07
N ALA A 677 0.97 -7.66 22.48
CA ALA A 677 2.04 -8.20 23.28
C ALA A 677 3.04 -7.13 23.68
N LYS A 678 3.40 -6.25 22.74
CA LYS A 678 4.26 -5.13 23.05
C LYS A 678 3.59 -4.10 23.95
N LYS A 679 2.26 -4.06 24.00
CA LYS A 679 1.59 -3.15 24.92
C LYS A 679 1.91 -3.48 26.37
N ILE A 680 2.00 -4.75 26.72
CA ILE A 680 2.11 -5.15 28.12
C ILE A 680 3.53 -5.58 28.45
N LYS A 681 4.51 -5.08 27.70
CA LYS A 681 5.92 -5.34 27.96
C LYS A 681 6.22 -6.83 28.04
N TYR A 682 5.54 -7.61 27.20
CA TYR A 682 5.67 -9.06 27.26
C TYR A 682 7.09 -9.50 26.93
N PHE A 683 7.71 -8.88 25.94
CA PHE A 683 8.95 -9.37 25.37
C PHE A 683 10.19 -8.71 25.96
N GLU A 684 10.09 -8.10 27.13
CA GLU A 684 11.21 -7.34 27.67
C GLU A 684 12.03 -8.19 28.63
N GLY A 685 13.33 -7.96 28.62
CA GLY A 685 14.26 -8.67 29.47
C GLY A 685 14.19 -10.17 29.26
N VAL A 686 14.13 -10.59 28.00
CA VAL A 686 13.94 -12.00 27.68
C VAL A 686 14.93 -12.42 26.62
N SER A 687 15.72 -11.46 26.12
CA SER A 687 16.56 -11.72 24.95
C SER A 687 17.55 -12.85 25.13
N PRO A 688 18.31 -12.96 26.23
CA PRO A 688 19.27 -14.07 26.25
C PRO A 688 18.63 -15.39 26.67
N ASP A 697 10.39 -17.54 33.35
CA ASP A 697 9.29 -18.30 32.77
C ASP A 697 9.64 -18.76 31.36
N PRO A 698 9.89 -20.06 31.20
CA PRO A 698 10.30 -20.58 29.89
C PRO A 698 9.26 -20.35 28.81
N GLU A 699 8.02 -20.03 29.19
CA GLU A 699 6.98 -19.69 28.23
C GLU A 699 7.37 -18.47 27.40
N LYS A 700 7.81 -17.39 28.05
CA LYS A 700 8.22 -16.20 27.32
C LYS A 700 9.42 -16.49 26.42
N TYR A 701 10.41 -17.21 26.94
CA TYR A 701 11.61 -17.47 26.15
C TYR A 701 11.31 -18.36 24.96
N SER A 702 10.40 -19.33 25.14
CA SER A 702 10.01 -20.16 24.00
C SER A 702 9.27 -19.34 22.95
N CYS A 703 8.39 -18.43 23.39
CA CYS A 703 7.70 -17.57 22.44
C CYS A 703 8.67 -16.68 21.68
N PHE A 704 9.65 -16.12 22.39
CA PHE A 704 10.64 -15.25 21.76
C PHE A 704 11.48 -16.04 20.76
N ALA A 705 11.93 -17.24 21.14
CA ALA A 705 12.68 -18.06 20.22
C ALA A 705 11.85 -18.43 19.01
N LEU A 706 10.53 -18.52 19.20
CA LEU A 706 9.64 -18.78 18.07
C LEU A 706 9.59 -17.59 17.13
N PHE A 707 9.43 -16.39 17.69
CA PHE A 707 9.26 -15.21 16.85
C PHE A 707 10.54 -14.85 16.13
N VAL A 708 11.70 -15.10 16.71
CA VAL A 708 12.94 -14.83 15.99
C VAL A 708 12.99 -15.66 14.70
N LYS A 709 12.76 -16.96 14.84
CA LYS A 709 12.80 -17.85 13.69
C LYS A 709 11.73 -17.47 12.67
N PHE A 710 10.51 -17.17 13.13
CA PHE A 710 9.45 -16.86 12.18
C PHE A 710 9.68 -15.51 11.52
N GLY A 711 10.19 -14.52 12.25
CA GLY A 711 10.52 -13.25 11.62
C GLY A 711 11.53 -13.43 10.51
N LYS A 712 12.58 -14.19 10.78
CA LYS A 712 13.55 -14.44 9.71
C LYS A 712 12.89 -15.15 8.53
N GLU A 713 12.05 -16.14 8.81
CA GLU A 713 11.41 -16.89 7.73
C GLU A 713 10.55 -16.00 6.86
N VAL A 714 9.71 -15.16 7.48
CA VAL A 714 8.83 -14.31 6.70
C VAL A 714 9.63 -13.26 5.95
N ALA A 715 10.71 -12.76 6.55
CA ALA A 715 11.56 -11.81 5.85
C ALA A 715 12.14 -12.42 4.60
N VAL A 716 12.57 -13.68 4.69
CA VAL A 716 13.05 -14.37 3.50
C VAL A 716 11.92 -14.53 2.49
N LYS A 717 10.72 -14.86 2.98
CA LYS A 717 9.61 -15.18 2.08
C LYS A 717 9.16 -13.97 1.28
N MET A 718 8.90 -12.87 1.96
CA MET A 718 8.19 -11.73 1.40
C MET A 718 8.83 -11.14 0.15
N LYS A 719 10.05 -11.55 -0.18
CA LYS A 719 10.71 -10.96 -1.33
C LYS A 719 10.01 -11.29 -2.63
N GLN A 720 9.09 -12.25 -2.63
CA GLN A 720 8.36 -12.65 -3.82
C GLN A 720 6.90 -12.22 -3.80
N TYR A 721 6.44 -11.66 -2.69
CA TYR A 721 5.07 -11.21 -2.56
C TYR A 721 4.98 -9.70 -2.65
N LYS A 722 3.80 -9.35 -3.15
CA LYS A 722 3.43 -8.01 -3.47
C LYS A 722 2.01 -7.61 -3.27
N ASP A 723 1.65 -6.49 -3.89
CA ASP A 723 0.25 -6.08 -3.97
C ASP A 723 -0.38 -5.84 -2.59
N GLU A 724 -0.92 -6.90 -1.99
CA GLU A 724 -1.57 -6.80 -0.69
C GLU A 724 -1.01 -7.76 0.34
N LEU A 725 -0.74 -9.00 -0.06
CA LEU A 725 -0.06 -9.93 0.81
C LEU A 725 1.25 -9.33 1.31
N LEU A 726 1.98 -8.64 0.43
CA LEU A 726 3.19 -7.96 0.84
C LEU A 726 2.91 -6.90 1.88
N ALA A 727 1.81 -6.16 1.70
CA ALA A 727 1.47 -5.14 2.68
C ALA A 727 1.23 -5.73 4.06
N SER A 728 0.52 -6.86 4.14
CA SER A 728 0.35 -7.48 5.46
C SER A 728 1.63 -8.08 6.01
N CYS A 729 2.44 -8.73 5.17
CA CYS A 729 3.72 -9.23 5.63
C CYS A 729 4.54 -8.12 6.25
N LEU A 730 4.58 -6.95 5.60
CA LEU A 730 5.33 -5.82 6.14
C LEU A 730 4.71 -5.31 7.44
N THR A 731 3.41 -5.08 7.45
CA THR A 731 2.75 -4.54 8.64
C THR A 731 3.01 -5.43 9.85
N PHE A 732 3.14 -6.73 9.63
CA PHE A 732 3.56 -7.61 10.71
C PHE A 732 5.04 -7.44 11.02
N LEU A 733 5.88 -7.66 10.00
CA LEU A 733 7.30 -7.83 10.23
C LEU A 733 7.91 -6.61 10.89
N LEU A 734 7.43 -5.42 10.57
CA LEU A 734 7.97 -4.23 11.19
C LEU A 734 7.34 -3.92 12.54
N SER A 735 6.42 -4.75 13.01
CA SER A 735 5.87 -4.59 14.35
C SER A 735 6.61 -5.42 15.38
N LEU A 736 7.58 -6.23 14.97
CA LEU A 736 8.32 -7.05 15.92
C LEU A 736 9.12 -6.16 16.86
N PRO A 737 9.28 -6.56 18.12
CA PRO A 737 9.89 -5.65 19.10
C PRO A 737 11.38 -5.47 18.87
N HIS A 738 11.89 -4.38 19.44
CA HIS A 738 13.30 -4.11 19.31
C HIS A 738 14.16 -5.17 19.97
N ASN A 739 13.60 -5.93 20.92
CA ASN A 739 14.32 -7.07 21.47
C ASN A 739 14.70 -8.05 20.36
N ILE A 740 13.76 -8.36 19.48
CA ILE A 740 14.05 -9.25 18.36
C ILE A 740 14.95 -8.54 17.36
N ILE A 741 14.66 -7.28 17.06
CA ILE A 741 15.35 -6.62 15.96
C ILE A 741 16.83 -6.44 16.28
N GLU A 742 17.16 -6.18 17.55
CA GLU A 742 18.53 -5.95 17.98
C GLU A 742 19.48 -7.02 17.46
N LEU A 743 18.95 -8.19 17.13
CA LEU A 743 19.81 -9.28 16.69
C LEU A 743 20.26 -9.09 15.26
N ASP A 744 19.32 -8.98 14.32
CA ASP A 744 19.63 -8.93 12.89
C ASP A 744 18.91 -7.77 12.23
N VAL A 745 19.07 -6.57 12.79
CA VAL A 745 18.67 -5.35 12.10
C VAL A 745 19.06 -5.45 10.63
N ARG A 746 20.22 -6.03 10.35
CA ARG A 746 20.63 -6.21 8.96
C ARG A 746 19.63 -7.04 8.18
N ALA A 747 19.02 -8.03 8.81
CA ALA A 747 18.06 -8.88 8.12
C ALA A 747 16.66 -8.30 8.10
N TYR A 748 16.37 -7.32 8.94
CA TYR A 748 15.06 -6.67 8.93
C TYR A 748 15.04 -5.33 8.20
N VAL A 749 16.19 -4.81 7.77
CA VAL A 749 16.19 -3.52 7.05
C VAL A 749 15.41 -3.57 5.74
N PRO A 750 15.60 -4.55 4.85
CA PRO A 750 14.88 -4.49 3.58
C PRO A 750 13.38 -4.36 3.73
N ALA A 751 12.82 -4.91 4.81
CA ALA A 751 11.41 -4.67 5.09
C ALA A 751 11.14 -3.19 5.30
N LEU A 752 12.02 -2.51 6.04
CA LEU A 752 11.82 -1.08 6.26
C LEU A 752 11.98 -0.30 4.97
N GLN A 753 13.00 -0.61 4.18
CA GLN A 753 13.17 0.05 2.90
C GLN A 753 11.93 -0.12 2.03
N MET A 754 11.35 -1.32 2.03
CA MET A 754 10.21 -1.56 1.16
C MET A 754 8.95 -0.89 1.70
N ALA A 755 8.77 -0.85 3.02
CA ALA A 755 7.63 -0.13 3.57
C ALA A 755 7.71 1.34 3.22
N PHE A 756 8.92 1.90 3.21
CA PHE A 756 9.04 3.31 2.82
C PHE A 756 8.81 3.49 1.33
N LYS A 757 9.35 2.60 0.51
CA LYS A 757 9.16 2.72 -0.93
C LYS A 757 7.69 2.56 -1.32
N LEU A 758 6.92 1.85 -0.51
CA LEU A 758 5.50 1.66 -0.79
C LEU A 758 4.62 2.70 -0.13
N GLY A 759 5.10 3.36 0.92
CA GLY A 759 4.29 4.35 1.60
C GLY A 759 3.89 5.52 0.73
N LEU A 760 4.62 5.78 -0.36
CA LEU A 760 4.30 6.94 -1.19
C LEU A 760 2.89 6.88 -1.71
N SER A 761 2.48 5.72 -2.22
CA SER A 761 1.14 5.55 -2.79
C SER A 761 0.13 5.01 -1.80
N TYR A 762 0.57 4.38 -0.72
CA TYR A 762 -0.32 3.66 0.20
C TYR A 762 0.10 4.04 1.62
N THR A 763 -0.55 5.06 2.17
CA THR A 763 -0.10 5.71 3.39
C THR A 763 0.15 4.78 4.57
N PRO A 764 -0.70 3.80 4.88
CA PRO A 764 -0.46 3.00 6.09
C PRO A 764 0.90 2.35 6.14
N LEU A 765 1.48 1.95 5.00
CA LEU A 765 2.83 1.42 5.04
C LEU A 765 3.84 2.50 5.39
N ALA A 766 3.61 3.72 4.94
CA ALA A 766 4.48 4.82 5.37
C ALA A 766 4.41 4.98 6.87
N GLU A 767 3.21 4.95 7.42
CA GLU A 767 3.06 5.14 8.86
C GLU A 767 3.71 3.99 9.62
N VAL A 768 3.58 2.77 9.13
CA VAL A 768 4.19 1.62 9.77
C VAL A 768 5.70 1.74 9.77
N GLY A 769 6.29 2.01 8.60
CA GLY A 769 7.73 2.16 8.52
C GLY A 769 8.23 3.30 9.37
N LEU A 770 7.45 4.37 9.48
CA LEU A 770 7.88 5.50 10.29
C LEU A 770 7.89 5.15 11.76
N ASN A 771 6.86 4.43 12.24
CA ASN A 771 6.87 3.99 13.62
C ASN A 771 8.01 3.02 13.89
N ALA A 772 8.28 2.13 12.93
CA ALA A 772 9.40 1.21 13.08
C ALA A 772 10.71 1.96 13.27
N LEU A 773 10.96 2.94 12.41
CA LEU A 773 12.20 3.71 12.52
C LEU A 773 12.24 4.49 13.83
N GLU A 774 11.13 5.13 14.21
CA GLU A 774 11.11 5.95 15.42
C GLU A 774 11.30 5.12 16.68
N GLU A 775 10.89 3.86 16.68
CA GLU A 775 11.10 2.99 17.83
C GLU A 775 12.47 2.35 17.84
N TRP A 776 12.94 1.87 16.69
CA TRP A 776 14.30 1.36 16.59
C TRP A 776 15.30 2.40 17.06
N SER A 777 15.26 3.59 16.46
CA SER A 777 16.27 4.60 16.77
C SER A 777 16.35 4.88 18.25
N ILE A 778 15.20 4.99 18.93
CA ILE A 778 15.22 5.31 20.34
C ILE A 778 15.76 4.13 21.16
N TYR A 779 15.27 2.92 20.91
CA TYR A 779 15.62 1.87 21.86
C TYR A 779 16.89 1.12 21.48
N ILE A 780 17.00 0.65 20.24
CA ILE A 780 18.17 -0.09 19.83
C ILE A 780 19.42 0.77 20.01
N ASP A 781 20.57 0.10 20.15
CA ASP A 781 21.79 0.78 20.51
C ASP A 781 22.33 1.59 19.32
N ARG A 782 22.97 2.71 19.63
CA ARG A 782 23.45 3.60 18.59
C ARG A 782 24.51 2.93 17.72
N HIS A 783 25.46 2.24 18.36
CA HIS A 783 26.54 1.64 17.59
C HIS A 783 26.02 0.56 16.65
N VAL A 784 25.06 -0.24 17.10
CA VAL A 784 24.55 -1.30 16.25
C VAL A 784 23.67 -0.74 15.14
N MET A 785 22.84 0.26 15.45
CA MET A 785 21.96 0.80 14.42
C MET A 785 22.72 1.58 13.38
N GLN A 786 23.78 2.28 13.80
CA GLN A 786 24.36 3.37 13.03
C GLN A 786 24.76 3.01 11.60
N PRO A 787 25.39 1.89 11.31
CA PRO A 787 25.81 1.64 9.93
C PRO A 787 24.67 1.28 9.00
N TYR A 788 23.42 1.37 9.49
CA TYR A 788 22.25 1.06 8.68
C TYR A 788 21.43 2.29 8.31
N TYR A 789 21.75 3.44 8.87
CA TYR A 789 21.03 4.65 8.49
C TYR A 789 21.27 4.98 7.03
N LYS A 790 22.48 4.77 6.54
CA LYS A 790 22.78 5.08 5.15
C LYS A 790 21.99 4.18 4.21
N ASP A 791 21.24 3.24 4.76
CA ASP A 791 20.30 2.41 4.02
C ASP A 791 18.86 2.81 4.23
N ILE A 792 18.46 2.99 5.49
CA ILE A 792 17.08 3.36 5.78
C ILE A 792 16.76 4.75 5.25
N LEU A 793 17.53 5.75 5.68
CA LEU A 793 17.11 7.14 5.50
C LEU A 793 16.88 7.55 4.05
N PRO A 794 17.72 7.23 3.07
CA PRO A 794 17.50 7.76 1.72
C PRO A 794 16.14 7.43 1.14
N CYS A 795 15.42 6.48 1.71
CA CYS A 795 14.06 6.21 1.26
C CYS A 795 13.09 7.30 1.70
N LEU A 796 13.44 8.06 2.74
CA LEU A 796 12.65 9.21 3.16
C LEU A 796 12.78 10.39 2.21
N ASP A 797 13.71 10.33 1.26
CA ASP A 797 13.90 11.44 0.34
C ASP A 797 12.65 11.71 -0.49
N GLY A 798 11.94 10.66 -0.87
CA GLY A 798 10.75 10.82 -1.68
C GLY A 798 9.62 11.58 -1.02
N TYR A 799 9.39 11.33 0.26
CA TYR A 799 8.31 12.01 0.97
C TYR A 799 8.50 13.52 0.99
N LEU A 800 9.73 14.00 0.92
CA LEU A 800 9.97 15.42 0.81
C LEU A 800 9.96 15.89 -0.63
N LYS A 801 10.67 15.19 -1.53
CA LYS A 801 10.77 15.66 -2.90
C LYS A 801 9.45 15.58 -3.64
N THR A 802 8.93 14.37 -3.83
CA THR A 802 7.85 14.21 -4.79
C THR A 802 6.48 14.53 -4.16
N SER A 803 6.34 14.29 -2.85
CA SER A 803 5.03 14.44 -2.23
C SER A 803 4.56 15.89 -2.20
N ALA A 804 5.45 16.85 -2.50
CA ALA A 804 5.06 18.25 -2.47
C ALA A 804 3.89 18.53 -3.40
N LEU A 805 3.86 17.89 -4.56
CA LEU A 805 2.76 18.06 -5.50
C LEU A 805 1.57 17.21 -5.08
N SER A 847 -3.85 13.04 5.07
CA SER A 847 -3.04 12.34 6.06
C SER A 847 -1.56 12.39 5.68
N LEU A 848 -1.29 12.40 4.36
CA LEU A 848 0.09 12.44 3.91
C LEU A 848 0.81 13.68 4.42
N GLU A 849 0.08 14.75 4.70
CA GLU A 849 0.68 15.93 5.30
C GLU A 849 1.31 15.61 6.64
N GLU A 850 0.61 14.85 7.47
CA GLU A 850 1.18 14.43 8.74
C GLU A 850 2.38 13.54 8.53
N ILE A 851 2.37 12.72 7.48
CA ILE A 851 3.51 11.85 7.23
C ILE A 851 4.74 12.68 6.86
N ARG A 852 4.59 13.67 5.99
CA ARG A 852 5.73 14.52 5.65
C ARG A 852 6.21 15.29 6.86
N ILE A 853 5.30 15.82 7.66
CA ILE A 853 5.72 16.57 8.83
C ILE A 853 6.50 15.68 9.77
N ARG A 854 6.02 14.46 10.02
CA ARG A 854 6.74 13.57 10.91
C ARG A 854 8.03 13.05 10.29
N VAL A 855 8.13 12.99 8.97
CA VAL A 855 9.44 12.74 8.36
C VAL A 855 10.41 13.84 8.74
N VAL A 856 9.95 15.09 8.73
CA VAL A 856 10.84 16.19 9.09
C VAL A 856 11.21 16.12 10.57
N GLN A 857 10.24 15.86 11.46
CA GLN A 857 10.66 15.71 12.85
C GLN A 857 11.52 14.47 13.08
N MET A 858 11.42 13.44 12.24
CA MET A 858 12.34 12.33 12.38
C MET A 858 13.76 12.72 11.97
N LEU A 859 13.89 13.38 10.83
CA LEU A 859 15.21 13.85 10.41
C LEU A 859 15.79 14.87 11.36
N GLY A 860 14.96 15.55 12.14
CA GLY A 860 15.48 16.47 13.12
C GLY A 860 15.79 15.79 14.44
N SER A 861 15.03 14.76 14.79
CA SER A 861 15.24 14.08 16.05
C SER A 861 16.49 13.20 15.99
N LEU A 862 16.76 12.61 14.83
CA LEU A 862 18.10 12.11 14.64
C LEU A 862 19.06 13.29 14.69
N GLY A 863 20.30 13.01 15.03
CA GLY A 863 21.27 14.06 15.16
C GLY A 863 21.50 14.79 13.85
N GLY A 864 22.33 15.81 13.93
CA GLY A 864 22.81 16.37 12.69
C GLY A 864 23.94 15.59 12.08
N GLN A 865 24.45 14.59 12.78
CA GLN A 865 25.48 13.73 12.25
C GLN A 865 24.94 12.43 11.70
N ILE A 866 23.63 12.22 11.81
CA ILE A 866 22.98 11.00 11.37
C ILE A 866 22.03 11.24 10.21
N ASN A 867 21.29 12.35 10.25
CA ASN A 867 20.37 12.67 9.18
C ASN A 867 21.06 13.20 7.94
N LYS A 868 22.37 13.43 7.99
CA LYS A 868 23.09 13.77 6.76
C LYS A 868 22.98 12.68 5.72
N ASN A 869 22.67 11.46 6.14
CA ASN A 869 22.54 10.34 5.23
C ASN A 869 21.34 10.46 4.33
N LEU A 870 20.42 11.39 4.61
CA LEU A 870 19.26 11.57 3.74
C LEU A 870 19.71 11.94 2.34
N LEU A 871 20.82 12.65 2.22
CA LEU A 871 21.35 13.11 0.95
C LEU A 871 22.31 12.12 0.31
N THR A 872 22.22 10.86 0.68
CA THR A 872 23.09 9.84 0.10
C THR A 872 22.56 9.37 -1.25
N VAL A 873 21.69 10.17 -1.87
CA VAL A 873 21.26 9.89 -3.23
C VAL A 873 22.45 9.88 -4.17
N THR A 874 23.51 10.62 -3.84
CA THR A 874 24.68 10.70 -4.71
C THR A 874 25.31 9.33 -4.93
N SER A 875 25.22 8.44 -3.94
CA SER A 875 25.68 7.08 -4.09
C SER A 875 24.53 6.08 -4.17
N SER A 876 23.29 6.53 -3.97
CA SER A 876 22.15 5.65 -4.21
C SER A 876 21.85 5.54 -5.69
N ASP A 877 21.52 6.67 -6.32
CA ASP A 877 21.27 6.71 -7.76
C ASP A 877 22.56 7.04 -8.51
N GLU A 878 23.52 6.12 -8.40
CA GLU A 878 24.84 6.35 -8.96
C GLU A 878 24.81 6.29 -10.49
N MET A 879 23.91 5.51 -11.07
CA MET A 879 23.84 5.42 -12.53
C MET A 879 23.33 6.72 -13.14
N MET A 880 22.40 7.41 -12.46
CA MET A 880 21.94 8.74 -12.85
C MET A 880 21.43 8.77 -14.29
N LYS A 881 20.39 7.98 -14.54
CA LYS A 881 19.86 7.86 -15.89
C LYS A 881 19.16 9.15 -16.32
N SER A 882 18.32 9.70 -15.45
CA SER A 882 17.44 10.79 -15.86
C SER A 882 18.22 12.02 -16.33
N TYR A 883 19.49 12.14 -15.93
CA TYR A 883 20.28 13.30 -16.28
C TYR A 883 21.41 12.97 -17.26
N VAL A 884 21.34 11.82 -17.92
CA VAL A 884 22.29 11.44 -18.95
C VAL A 884 21.51 11.17 -20.23
N ALA A 885 21.95 11.76 -21.33
CA ALA A 885 21.27 11.56 -22.60
C ALA A 885 21.36 10.10 -23.03
N TRP A 886 20.24 9.57 -23.53
CA TRP A 886 20.18 8.20 -24.00
C TRP A 886 21.21 8.00 -25.10
N ASP A 887 20.99 8.66 -26.22
CA ASP A 887 21.93 8.67 -27.33
C ASP A 887 22.61 10.02 -27.37
N ARG A 888 23.93 10.01 -27.48
CA ARG A 888 24.70 11.24 -27.50
C ARG A 888 24.73 11.88 -28.88
N GLU A 889 23.78 11.49 -29.74
CA GLU A 889 23.53 12.12 -31.01
C GLU A 889 22.01 12.17 -31.19
N LYS A 890 21.54 13.08 -32.04
CA LYS A 890 20.11 13.24 -32.26
C LYS A 890 19.68 12.44 -33.48
N ARG A 891 18.63 11.65 -33.33
CA ARG A 891 18.19 10.72 -34.37
C ARG A 891 16.84 11.09 -34.97
N LEU A 892 15.81 11.20 -34.14
CA LEU A 892 14.44 11.31 -34.62
C LEU A 892 14.16 12.74 -35.06
N SER A 893 14.55 13.03 -36.30
CA SER A 893 14.39 14.37 -36.88
C SER A 893 13.01 14.47 -37.49
N PHE A 894 12.06 14.99 -36.74
CA PHE A 894 10.69 15.15 -37.20
C PHE A 894 10.53 16.52 -37.86
N ALA A 895 9.86 16.55 -38.99
CA ALA A 895 9.61 17.79 -39.74
C ALA A 895 8.13 18.11 -39.65
N VAL A 896 7.77 18.94 -38.67
CA VAL A 896 6.37 19.27 -38.43
C VAL A 896 5.78 19.92 -39.68
N PRO A 897 4.55 19.61 -40.06
CA PRO A 897 3.99 20.19 -41.29
C PRO A 897 3.34 21.55 -41.10
N PHE A 898 3.74 22.52 -41.91
CA PHE A 898 3.13 23.85 -41.98
C PHE A 898 2.98 24.23 -43.44
N ARG A 899 2.20 25.28 -43.70
CA ARG A 899 2.04 25.73 -45.08
C ARG A 899 3.36 26.15 -45.68
N GLU A 900 4.08 27.06 -45.00
CA GLU A 900 5.16 27.79 -45.63
C GLU A 900 6.54 27.30 -45.26
N MET A 901 6.67 26.47 -44.23
CA MET A 901 7.98 26.01 -43.79
C MET A 901 7.81 24.72 -43.02
N LYS A 902 8.91 23.99 -42.87
CA LYS A 902 8.92 22.71 -42.16
C LYS A 902 10.01 22.77 -41.10
N PRO A 903 9.67 23.21 -39.90
CA PRO A 903 10.66 23.18 -38.81
C PRO A 903 11.05 21.75 -38.48
N VAL A 904 12.26 21.58 -37.98
CA VAL A 904 12.81 20.27 -37.65
C VAL A 904 12.79 20.12 -36.14
N ILE A 905 12.02 19.16 -35.66
CA ILE A 905 11.89 18.89 -34.23
C ILE A 905 12.53 17.52 -33.97
N PHE A 906 13.46 17.49 -33.03
CA PHE A 906 14.14 16.24 -32.67
C PHE A 906 13.36 15.58 -31.55
N LEU A 907 12.78 14.41 -31.84
CA LEU A 907 11.93 13.74 -30.87
C LEU A 907 12.70 12.94 -29.83
N ASP A 908 14.03 12.88 -29.93
CA ASP A 908 14.81 12.17 -28.93
C ASP A 908 14.57 12.74 -27.55
N VAL A 909 14.56 14.07 -27.43
CA VAL A 909 14.50 14.71 -26.13
C VAL A 909 13.22 14.37 -25.41
N PHE A 910 12.17 13.99 -26.14
CA PHE A 910 10.91 13.67 -25.50
C PHE A 910 10.95 12.33 -24.80
N LEU A 911 11.68 11.36 -25.37
CA LEU A 911 11.62 10.00 -24.86
C LEU A 911 11.97 9.91 -23.38
N PRO A 912 13.08 10.46 -22.89
CA PRO A 912 13.44 10.22 -21.49
C PRO A 912 12.42 10.75 -20.49
N ARG A 913 11.43 11.49 -20.93
CA ARG A 913 10.33 11.90 -20.04
C ARG A 913 9.03 11.20 -20.39
N VAL A 914 8.75 11.00 -21.67
CA VAL A 914 7.54 10.32 -22.09
C VAL A 914 7.51 8.89 -21.57
N THR A 915 8.64 8.19 -21.61
CA THR A 915 8.63 6.79 -21.23
C THR A 915 8.23 6.62 -19.76
N GLU A 916 8.85 7.38 -18.85
CA GLU A 916 8.44 7.21 -17.47
C GLU A 916 7.13 7.90 -17.17
N LEU A 917 6.70 8.87 -17.97
CA LEU A 917 5.34 9.36 -17.85
C LEU A 917 4.35 8.24 -18.09
N ALA A 918 4.53 7.50 -19.18
CA ALA A 918 3.67 6.37 -19.46
C ALA A 918 3.76 5.32 -18.38
N LEU A 919 4.98 5.02 -17.94
CA LEU A 919 5.17 3.94 -16.98
C LEU A 919 4.52 4.24 -15.64
N THR A 920 4.81 5.41 -15.06
CA THR A 920 4.44 5.69 -13.67
C THR A 920 3.57 6.92 -13.53
N ALA A 921 2.82 7.30 -14.55
CA ALA A 921 2.01 8.51 -14.45
C ALA A 921 0.73 8.22 -13.70
N SER A 922 0.43 9.08 -12.73
CA SER A 922 -0.88 9.09 -12.10
C SER A 922 -1.84 9.89 -12.96
N ASP A 923 -3.01 10.22 -12.40
CA ASP A 923 -4.05 11.01 -13.07
C ASP A 923 -4.75 10.20 -14.14
N ARG A 924 -4.23 9.01 -14.45
CA ARG A 924 -4.92 8.00 -15.24
C ARG A 924 -5.30 8.48 -16.64
N GLN A 925 -4.95 9.69 -16.97
CA GLN A 925 -5.24 10.25 -18.28
C GLN A 925 -3.99 10.80 -18.94
N THR A 926 -3.11 11.43 -18.16
CA THR A 926 -1.76 11.68 -18.64
C THR A 926 -1.08 10.36 -18.99
N LYS A 927 -1.32 9.33 -18.19
CA LYS A 927 -0.78 8.01 -18.50
C LYS A 927 -1.23 7.53 -19.87
N VAL A 928 -2.53 7.62 -20.14
CA VAL A 928 -3.04 7.15 -21.42
C VAL A 928 -2.50 8.00 -22.56
N ALA A 929 -2.48 9.31 -22.39
CA ALA A 929 -1.97 10.18 -23.45
C ALA A 929 -0.51 9.87 -23.75
N ALA A 930 0.31 9.74 -22.71
CA ALA A 930 1.72 9.44 -22.92
C ALA A 930 1.91 8.05 -23.49
N CYS A 931 1.09 7.08 -23.11
CA CYS A 931 1.20 5.75 -23.68
C CYS A 931 0.93 5.79 -25.18
N GLU A 932 -0.09 6.54 -25.60
CA GLU A 932 -0.41 6.55 -27.01
C GLU A 932 0.63 7.32 -27.80
N LEU A 933 1.15 8.40 -27.21
CA LEU A 933 2.25 9.13 -27.84
C LEU A 933 3.46 8.24 -28.00
N LEU A 934 3.80 7.48 -26.97
CA LEU A 934 4.96 6.59 -27.05
C LEU A 934 4.72 5.50 -28.08
N HIS A 935 3.48 5.06 -28.23
CA HIS A 935 3.17 4.10 -29.29
C HIS A 935 3.48 4.68 -30.65
N SER A 936 2.94 5.87 -30.94
CA SER A 936 3.17 6.48 -32.25
C SER A 936 4.65 6.79 -32.44
N MET A 937 5.35 7.11 -31.38
CA MET A 937 6.76 7.46 -31.50
C MET A 937 7.63 6.23 -31.70
N VAL A 938 7.26 5.08 -31.12
CA VAL A 938 7.97 3.85 -31.41
C VAL A 938 7.76 3.44 -32.86
N MET A 939 6.52 3.57 -33.36
CA MET A 939 6.30 3.29 -34.76
C MET A 939 7.10 4.24 -35.64
N PHE A 940 7.22 5.49 -35.22
CA PHE A 940 8.09 6.44 -35.90
C PHE A 940 9.53 5.95 -35.91
N MET A 941 9.99 5.44 -34.77
CA MET A 941 11.36 4.93 -34.68
C MET A 941 11.58 3.85 -35.71
N LEU A 942 10.69 2.85 -35.71
CA LEU A 942 10.80 1.76 -36.67
C LEU A 942 10.85 2.29 -38.10
N GLY A 943 9.95 3.23 -38.42
CA GLY A 943 9.92 3.74 -39.77
C GLY A 943 11.19 4.48 -40.16
N LYS A 944 11.68 5.34 -39.26
CA LYS A 944 12.90 6.11 -39.54
C LYS A 944 14.10 5.20 -39.70
N ALA A 945 14.12 4.06 -39.00
CA ALA A 945 15.26 3.17 -39.05
C ALA A 945 15.54 2.63 -40.45
N THR A 946 14.54 2.66 -41.33
CA THR A 946 14.64 2.04 -42.65
C THR A 946 14.18 3.01 -43.73
N GLN A 947 14.70 4.23 -43.69
CA GLN A 947 14.33 5.24 -44.67
C GLN A 947 15.37 5.47 -45.75
N MET A 948 16.64 5.16 -45.47
CA MET A 948 17.69 5.33 -46.47
C MET A 948 18.90 4.45 -46.16
N GLY A 954 24.48 4.02 -44.42
CA GLY A 954 24.17 5.41 -44.16
C GLY A 954 22.95 5.60 -43.29
N ALA A 955 22.20 4.52 -43.11
CA ALA A 955 21.00 4.58 -42.28
C ALA A 955 21.38 4.82 -40.82
N PRO A 956 20.56 5.56 -40.08
CA PRO A 956 20.90 5.87 -38.69
C PRO A 956 20.83 4.62 -37.84
N PRO A 957 21.93 4.23 -37.19
CA PRO A 957 21.87 3.09 -36.28
C PRO A 957 21.25 3.49 -34.95
N MET A 958 20.00 3.10 -34.74
CA MET A 958 19.27 3.52 -33.56
C MET A 958 19.44 2.55 -32.40
N TYR A 959 20.47 1.71 -32.47
CA TYR A 959 20.74 0.72 -31.43
C TYR A 959 20.76 1.36 -30.05
N GLN A 960 21.38 2.53 -29.94
CA GLN A 960 21.47 3.21 -28.65
C GLN A 960 20.12 3.67 -28.15
N LEU A 961 19.11 3.77 -29.01
CA LEU A 961 17.78 4.14 -28.58
C LEU A 961 16.92 2.93 -28.28
N TYR A 962 17.04 1.89 -29.11
CA TYR A 962 16.32 0.65 -28.86
C TYR A 962 16.73 0.04 -27.53
N LYS A 963 18.04 0.00 -27.26
CA LYS A 963 18.51 -0.61 -26.03
C LYS A 963 17.85 -0.01 -24.81
N ARG A 964 17.46 1.27 -24.89
CA ARG A 964 16.91 1.97 -23.74
C ARG A 964 15.40 2.12 -23.80
N THR A 965 14.78 1.90 -24.95
CA THR A 965 13.32 1.94 -25.00
C THR A 965 12.68 0.58 -24.88
N PHE A 966 13.33 -0.49 -25.36
CA PHE A 966 12.71 -1.81 -25.30
C PHE A 966 12.34 -2.24 -23.90
N PRO A 967 13.16 -2.04 -22.87
CA PRO A 967 12.69 -2.37 -21.53
C PRO A 967 11.41 -1.65 -21.16
N VAL A 968 11.20 -0.43 -21.65
CA VAL A 968 9.98 0.28 -21.34
C VAL A 968 8.78 -0.37 -22.02
N LEU A 969 8.94 -0.80 -23.27
CA LEU A 969 7.86 -1.51 -23.94
C LEU A 969 7.54 -2.80 -23.20
N LEU A 970 8.56 -3.54 -22.77
CA LEU A 970 8.30 -4.77 -22.07
C LEU A 970 7.62 -4.51 -20.73
N ARG A 971 8.02 -3.47 -20.01
CA ARG A 971 7.39 -3.16 -18.73
C ARG A 971 6.01 -2.55 -18.89
N LEU A 972 5.67 -2.06 -20.08
CA LEU A 972 4.34 -1.55 -20.34
C LEU A 972 3.38 -2.65 -20.76
N ALA A 973 3.83 -3.52 -21.66
CA ALA A 973 2.98 -4.58 -22.18
C ALA A 973 2.53 -5.55 -21.12
N CYS A 974 3.19 -5.56 -19.96
CA CYS A 974 2.73 -6.34 -18.81
C CYS A 974 2.20 -5.46 -17.70
N ASP A 975 1.91 -4.19 -17.99
CA ASP A 975 1.37 -3.30 -16.98
C ASP A 975 -0.02 -3.74 -16.58
N VAL A 976 -0.38 -3.45 -15.33
CA VAL A 976 -1.63 -3.96 -14.78
C VAL A 976 -2.82 -3.19 -15.32
N ASP A 977 -2.60 -2.01 -15.90
CA ASP A 977 -3.70 -1.25 -16.45
C ASP A 977 -4.12 -1.84 -17.79
N GLN A 978 -5.42 -2.10 -17.93
CA GLN A 978 -5.92 -2.88 -19.06
C GLN A 978 -5.67 -2.19 -20.39
N VAL A 979 -5.95 -0.90 -20.47
CA VAL A 979 -5.80 -0.19 -21.74
C VAL A 979 -4.35 -0.21 -22.18
N THR A 980 -3.43 0.07 -21.26
CA THR A 980 -2.02 0.08 -21.60
C THR A 980 -1.56 -1.31 -22.03
N ARG A 981 -1.97 -2.33 -21.29
CA ARG A 981 -1.58 -3.69 -21.65
C ARG A 981 -2.08 -4.06 -23.04
N GLN A 982 -3.33 -3.71 -23.34
CA GLN A 982 -3.90 -4.11 -24.62
C GLN A 982 -3.41 -3.25 -25.77
N LEU A 983 -2.86 -2.07 -25.49
CA LEU A 983 -2.16 -1.32 -26.52
C LEU A 983 -0.82 -1.94 -26.83
N TYR A 984 -0.07 -2.32 -25.78
CA TYR A 984 1.35 -2.60 -25.97
C TYR A 984 1.68 -4.08 -26.16
N GLU A 985 0.88 -5.01 -25.66
CA GLU A 985 1.17 -6.41 -25.92
C GLU A 985 1.19 -6.74 -27.41
N PRO A 986 0.18 -6.38 -28.20
CA PRO A 986 0.32 -6.57 -29.65
C PRO A 986 1.49 -5.81 -30.22
N LEU A 987 1.86 -4.67 -29.63
CA LEU A 987 3.00 -3.93 -30.12
C LEU A 987 4.28 -4.73 -29.97
N VAL A 988 4.52 -5.30 -28.80
CA VAL A 988 5.73 -6.09 -28.59
C VAL A 988 5.71 -7.33 -29.48
N MET A 989 4.55 -7.97 -29.62
CA MET A 989 4.48 -9.12 -30.52
C MET A 989 4.83 -8.73 -31.95
N GLN A 990 4.30 -7.61 -32.42
CA GLN A 990 4.64 -7.15 -33.77
C GLN A 990 6.13 -6.86 -33.88
N LEU A 991 6.70 -6.25 -32.85
CA LEU A 991 8.13 -5.96 -32.88
C LEU A 991 8.92 -7.24 -33.06
N ILE A 992 8.57 -8.28 -32.31
CA ILE A 992 9.29 -9.55 -32.42
C ILE A 992 9.14 -10.14 -33.81
N HIS A 993 7.90 -10.15 -34.33
CA HIS A 993 7.67 -10.71 -35.66
C HIS A 993 8.49 -9.98 -36.71
N TRP A 994 8.54 -8.65 -36.63
CA TRP A 994 9.24 -7.89 -37.66
C TRP A 994 10.75 -7.97 -37.50
N PHE A 995 11.24 -8.02 -36.25
CA PHE A 995 12.68 -8.02 -36.03
C PHE A 995 13.31 -9.36 -36.35
N THR A 996 12.60 -10.47 -36.12
CA THR A 996 13.20 -11.75 -36.44
C THR A 996 13.15 -12.06 -37.93
N ASN A 997 12.58 -11.18 -38.74
CA ASN A 997 12.50 -11.40 -40.18
C ASN A 997 13.88 -11.56 -40.79
N ASN A 998 13.90 -12.07 -42.02
CA ASN A 998 15.18 -12.33 -42.69
C ASN A 998 15.92 -11.03 -43.00
N LYS A 999 15.19 -9.95 -43.27
CA LYS A 999 15.85 -8.68 -43.58
C LYS A 999 16.59 -8.09 -42.39
N LYS A 1000 16.41 -8.63 -41.19
CA LYS A 1000 16.99 -8.07 -39.96
C LYS A 1000 17.88 -9.13 -39.32
N PHE A 1001 19.16 -9.15 -39.72
CA PHE A 1001 20.17 -10.03 -39.16
C PHE A 1001 21.25 -9.28 -38.42
N GLU A 1002 21.08 -7.98 -38.25
CA GLU A 1002 22.12 -7.11 -37.75
C GLU A 1002 22.13 -7.11 -36.23
N SER A 1003 23.13 -6.43 -35.66
CA SER A 1003 23.08 -6.05 -34.25
C SER A 1003 21.84 -5.20 -33.97
N GLN A 1004 21.11 -4.82 -35.01
CA GLN A 1004 19.81 -4.21 -34.83
C GLN A 1004 18.85 -5.15 -34.13
N ASP A 1005 18.92 -6.44 -34.47
CA ASP A 1005 17.99 -7.45 -33.97
C ASP A 1005 18.19 -7.80 -32.50
N THR A 1006 19.10 -7.13 -31.80
CA THR A 1006 19.33 -7.46 -30.42
C THR A 1006 18.20 -6.89 -29.56
N VAL A 1007 17.02 -7.46 -29.77
CA VAL A 1007 15.94 -7.41 -28.80
C VAL A 1007 15.92 -8.70 -27.96
N ALA A 1008 16.51 -9.77 -28.46
CA ALA A 1008 16.63 -10.99 -27.67
C ALA A 1008 17.37 -10.71 -26.37
N LEU A 1009 18.38 -9.86 -26.42
CA LEU A 1009 19.10 -9.49 -25.21
C LEU A 1009 18.33 -8.51 -24.35
N LEU A 1010 17.23 -7.96 -24.84
CA LEU A 1010 16.40 -7.11 -24.00
C LEU A 1010 15.25 -7.89 -23.39
N GLU A 1011 14.94 -9.05 -23.96
CA GLU A 1011 13.99 -9.99 -23.36
C GLU A 1011 14.70 -10.87 -22.33
N ALA A 1012 15.75 -11.55 -22.76
CA ALA A 1012 16.47 -12.52 -21.93
C ALA A 1012 17.24 -11.83 -20.81
N ILE A 1013 17.10 -10.52 -20.68
CA ILE A 1013 17.64 -9.81 -19.54
C ILE A 1013 16.55 -9.24 -18.64
N LEU A 1014 15.39 -8.91 -19.18
CA LEU A 1014 14.23 -8.72 -18.33
C LEU A 1014 13.54 -10.04 -18.03
N ASP A 1015 14.02 -11.13 -18.61
CA ASP A 1015 13.59 -12.46 -18.17
C ASP A 1015 14.25 -12.86 -16.87
N GLY A 1016 15.49 -12.43 -16.66
CA GLY A 1016 16.28 -12.91 -15.55
C GLY A 1016 16.20 -12.00 -14.35
N ILE A 1017 17.25 -11.20 -14.13
CA ILE A 1017 17.54 -10.56 -12.85
C ILE A 1017 16.36 -9.82 -12.22
N VAL A 1018 15.35 -9.47 -13.02
CA VAL A 1018 14.43 -8.46 -12.53
C VAL A 1018 13.40 -9.11 -11.61
N ASP A 1019 13.79 -9.31 -10.38
CA ASP A 1019 12.85 -9.55 -9.30
C ASP A 1019 12.19 -8.29 -8.72
N PRO A 1020 12.85 -7.12 -8.62
CA PRO A 1020 12.29 -6.07 -7.76
C PRO A 1020 11.14 -5.31 -8.41
N VAL A 1021 11.23 -5.09 -9.72
CA VAL A 1021 10.18 -4.35 -10.42
C VAL A 1021 8.87 -5.13 -10.38
N ASP A 1022 8.92 -6.40 -10.75
CA ASP A 1022 7.75 -7.27 -10.77
C ASP A 1022 8.19 -8.66 -11.19
N SER A 1023 7.29 -9.63 -10.95
CA SER A 1023 7.38 -10.95 -11.53
C SER A 1023 6.40 -11.14 -12.67
N THR A 1024 5.44 -10.23 -12.83
CA THR A 1024 4.60 -10.26 -14.01
C THR A 1024 5.43 -10.10 -15.28
N LEU A 1025 6.41 -9.20 -15.25
CA LEU A 1025 7.32 -9.05 -16.38
C LEU A 1025 8.13 -10.31 -16.60
N ARG A 1026 8.55 -10.97 -15.51
CA ARG A 1026 9.30 -12.20 -15.67
C ARG A 1026 8.46 -13.27 -16.36
N ASP A 1027 7.19 -13.40 -15.97
CA ASP A 1027 6.33 -14.36 -16.64
C ASP A 1027 6.14 -13.99 -18.11
N PHE A 1028 5.87 -12.70 -18.37
CA PHE A 1028 5.55 -12.27 -19.73
C PHE A 1028 6.73 -12.45 -20.67
N CYS A 1029 7.95 -12.24 -20.18
CA CYS A 1029 9.10 -12.51 -21.02
C CYS A 1029 9.19 -13.98 -21.41
N GLY A 1030 8.53 -14.87 -20.67
CA GLY A 1030 8.42 -16.25 -21.14
C GLY A 1030 7.65 -16.34 -22.44
N ARG A 1031 6.49 -15.68 -22.51
CA ARG A 1031 5.75 -15.66 -23.76
C ARG A 1031 6.53 -14.97 -24.86
N CYS A 1032 7.26 -13.90 -24.50
CA CYS A 1032 8.07 -13.22 -25.49
C CYS A 1032 9.13 -14.14 -26.07
N ILE A 1033 9.82 -14.90 -25.23
CA ILE A 1033 10.85 -15.80 -25.75
C ILE A 1033 10.21 -16.92 -26.55
N ARG A 1034 9.00 -17.35 -26.18
CA ARG A 1034 8.31 -18.35 -26.98
C ARG A 1034 8.03 -17.82 -28.38
N GLU A 1035 7.49 -16.61 -28.47
CA GLU A 1035 7.21 -16.01 -29.77
C GLU A 1035 8.48 -15.81 -30.57
N PHE A 1036 9.54 -15.38 -29.91
CA PHE A 1036 10.81 -15.18 -30.59
C PHE A 1036 11.30 -16.48 -31.19
N LEU A 1037 11.24 -17.56 -30.42
CA LEU A 1037 11.69 -18.85 -30.96
C LEU A 1037 10.79 -19.30 -32.11
N LYS A 1038 9.48 -19.17 -31.93
CA LYS A 1038 8.55 -19.62 -32.94
C LYS A 1038 8.82 -18.93 -34.27
N TRP A 1039 8.97 -17.61 -34.24
CA TRP A 1039 9.17 -16.91 -35.51
C TRP A 1039 10.58 -17.06 -36.04
N SER A 1040 11.60 -17.13 -35.17
CA SER A 1040 12.94 -17.40 -35.66
C SER A 1040 13.03 -18.77 -36.31
N ILE A 1041 12.12 -19.68 -35.97
CA ILE A 1041 12.05 -20.93 -36.71
C ILE A 1041 11.26 -20.75 -38.00
N LYS A 1042 10.08 -20.13 -37.90
CA LYS A 1042 9.15 -20.11 -39.03
C LYS A 1042 9.69 -19.28 -40.18
N GLN A 1043 10.11 -18.04 -39.92
CA GLN A 1043 10.49 -17.13 -41.00
C GLN A 1043 11.80 -17.57 -41.66
N ILE A 1044 12.82 -17.84 -40.86
CA ILE A 1044 14.17 -18.00 -41.37
C ILE A 1044 14.27 -19.28 -42.19
N THR A 1045 15.07 -19.24 -43.25
CA THR A 1045 15.45 -20.31 -44.17
C THR A 1045 16.69 -21.03 -43.66
N PRO A 1046 16.66 -22.36 -43.69
CA PRO A 1046 17.80 -23.13 -43.15
C PRO A 1046 19.11 -22.84 -43.86
N GLN A 1047 19.08 -22.51 -45.15
CA GLN A 1047 20.32 -22.22 -45.86
C GLN A 1047 21.02 -21.00 -45.27
N GLN A 1048 20.27 -20.09 -44.64
CA GLN A 1048 20.88 -18.97 -43.94
C GLN A 1048 21.09 -19.28 -42.46
N GLN A 1049 20.27 -20.17 -41.90
CA GLN A 1049 20.19 -20.36 -40.46
C GLN A 1049 21.54 -20.50 -39.77
N GLU A 1050 22.60 -20.83 -40.51
CA GLU A 1050 23.89 -21.11 -39.90
C GLU A 1050 24.78 -19.87 -39.73
N LYS A 1051 24.56 -18.82 -40.51
CA LYS A 1051 25.38 -17.62 -40.40
C LYS A 1051 24.76 -16.56 -39.49
N SER A 1052 23.56 -16.79 -38.98
CA SER A 1052 22.92 -15.82 -38.10
C SER A 1052 23.49 -15.95 -36.69
N PRO A 1053 24.00 -14.87 -36.10
CA PRO A 1053 24.44 -14.93 -34.70
C PRO A 1053 23.31 -14.80 -33.69
N VAL A 1054 22.05 -14.81 -34.11
CA VAL A 1054 20.92 -14.75 -33.19
C VAL A 1054 19.96 -15.89 -33.48
N ASN A 1055 20.47 -17.00 -34.02
CA ASN A 1055 19.62 -18.10 -34.41
C ASN A 1055 19.32 -18.99 -33.21
N THR A 1056 18.76 -20.17 -33.48
CA THR A 1056 18.34 -21.07 -32.41
C THR A 1056 19.53 -21.55 -31.58
N LYS A 1057 20.66 -21.85 -32.24
CA LYS A 1057 21.82 -22.32 -31.50
C LYS A 1057 22.31 -21.26 -30.50
N SER A 1058 22.41 -20.01 -30.94
CA SER A 1058 22.88 -18.97 -30.04
C SER A 1058 21.84 -18.65 -28.97
N LEU A 1059 20.55 -18.73 -29.31
CA LEU A 1059 19.53 -18.56 -28.29
C LEU A 1059 19.68 -19.61 -27.20
N PHE A 1060 19.92 -20.86 -27.61
CA PHE A 1060 20.03 -21.93 -26.62
C PHE A 1060 21.33 -21.81 -25.83
N LYS A 1061 22.40 -21.34 -26.46
CA LYS A 1061 23.62 -21.10 -25.71
C LYS A 1061 23.42 -19.99 -24.67
N ARG A 1062 22.68 -18.96 -25.03
CA ARG A 1062 22.31 -17.93 -24.06
C ARG A 1062 21.54 -18.55 -22.90
N LEU A 1063 20.57 -19.40 -23.21
CA LEU A 1063 19.78 -20.03 -22.16
C LEU A 1063 20.65 -20.86 -21.24
N TYR A 1064 21.61 -21.58 -21.79
CA TYR A 1064 22.45 -22.44 -20.96
C TYR A 1064 23.38 -21.63 -20.08
N SER A 1065 24.01 -20.60 -20.65
CA SER A 1065 24.89 -19.76 -19.84
C SER A 1065 24.10 -19.03 -18.76
N LEU A 1066 22.82 -18.78 -18.99
CA LEU A 1066 21.96 -18.33 -17.91
C LEU A 1066 21.79 -19.43 -16.86
N ALA A 1067 21.47 -20.64 -17.33
CA ALA A 1067 21.12 -21.73 -16.42
C ALA A 1067 22.27 -22.14 -15.53
N LEU A 1068 23.51 -21.86 -15.90
CA LEU A 1068 24.64 -22.20 -15.05
C LEU A 1068 25.16 -21.02 -14.25
N HIS A 1069 24.40 -19.94 -14.18
CA HIS A 1069 24.85 -18.73 -13.49
C HIS A 1069 24.52 -18.82 -12.01
N PRO A 1070 25.51 -18.72 -11.12
CA PRO A 1070 25.22 -18.82 -9.69
C PRO A 1070 24.23 -17.79 -9.18
N ASN A 1071 23.86 -16.78 -9.96
CA ASN A 1071 22.83 -15.86 -9.51
C ASN A 1071 21.52 -16.61 -9.38
N ALA A 1072 20.81 -16.36 -8.28
CA ALA A 1072 19.61 -17.13 -7.99
C ALA A 1072 18.50 -16.91 -9.00
N PHE A 1073 18.55 -15.83 -9.77
CA PHE A 1073 17.49 -15.53 -10.70
C PHE A 1073 17.89 -15.70 -12.16
N LYS A 1074 19.18 -15.72 -12.47
CA LYS A 1074 19.56 -16.08 -13.82
C LYS A 1074 19.37 -17.57 -14.09
N ARG A 1075 19.02 -18.35 -13.08
CA ARG A 1075 18.63 -19.74 -13.25
C ARG A 1075 17.12 -19.91 -13.29
N LEU A 1076 16.42 -19.18 -12.43
CA LEU A 1076 14.96 -19.17 -12.49
C LEU A 1076 14.48 -18.68 -13.84
N GLY A 1077 15.10 -17.63 -14.36
CA GLY A 1077 14.75 -17.17 -15.67
C GLY A 1077 15.24 -18.02 -16.81
N ALA A 1078 16.13 -18.96 -16.55
CA ALA A 1078 16.59 -19.87 -17.59
C ALA A 1078 15.80 -21.16 -17.62
N SER A 1079 15.11 -21.50 -16.54
CA SER A 1079 14.15 -22.60 -16.57
C SER A 1079 12.74 -22.13 -16.89
N LEU A 1080 12.38 -20.91 -16.53
CA LEU A 1080 11.13 -20.32 -16.97
C LEU A 1080 11.11 -20.10 -18.48
N ALA A 1081 12.28 -20.08 -19.10
CA ALA A 1081 12.32 -20.01 -20.56
C ALA A 1081 12.03 -21.37 -21.18
N PHE A 1082 12.52 -22.44 -20.57
CA PHE A 1082 12.29 -23.76 -21.14
C PHE A 1082 10.89 -24.27 -20.84
N ASN A 1083 10.32 -23.93 -19.68
CA ASN A 1083 8.91 -24.23 -19.46
C ASN A 1083 8.02 -23.57 -20.49
N ASN A 1084 8.56 -22.65 -21.28
CA ASN A 1084 7.81 -21.87 -22.25
C ASN A 1084 8.11 -22.25 -23.70
N ILE A 1085 9.37 -22.55 -24.02
CA ILE A 1085 9.73 -22.75 -25.41
C ILE A 1085 9.62 -24.17 -25.87
N TYR A 1086 9.14 -25.09 -25.04
CA TYR A 1086 8.80 -26.38 -25.62
C TYR A 1086 7.43 -26.21 -26.29
N ARG A 1087 6.95 -27.26 -26.92
CA ARG A 1087 5.83 -27.21 -27.86
C ARG A 1087 6.31 -26.56 -29.14
N GLU A 1088 7.54 -26.05 -29.13
CA GLU A 1088 8.25 -25.64 -30.33
C GLU A 1088 9.58 -26.35 -30.35
N PHE A 1089 10.14 -26.61 -29.16
CA PHE A 1089 11.29 -27.50 -29.09
C PHE A 1089 10.87 -28.95 -29.25
N ARG A 1090 9.68 -29.30 -28.74
CA ARG A 1090 9.20 -30.67 -28.88
C ARG A 1090 9.00 -31.05 -30.33
N GLU A 1091 8.47 -30.13 -31.13
CA GLU A 1091 8.00 -30.49 -32.46
C GLU A 1091 9.10 -30.52 -33.52
N GLU A 1092 10.27 -29.94 -33.26
CA GLU A 1092 11.24 -29.77 -34.33
C GLU A 1092 12.34 -30.82 -34.12
N GLU A 1093 12.35 -31.84 -34.96
CA GLU A 1093 13.16 -33.03 -34.72
C GLU A 1093 14.66 -32.71 -34.81
N SER A 1094 15.06 -31.87 -35.77
CA SER A 1094 16.47 -31.53 -35.89
C SER A 1094 16.97 -30.83 -34.63
N LEU A 1095 16.10 -30.11 -33.94
CA LEU A 1095 16.47 -29.60 -32.63
C LEU A 1095 16.58 -30.74 -31.63
N VAL A 1096 15.46 -31.44 -31.39
CA VAL A 1096 15.43 -32.35 -30.25
C VAL A 1096 16.57 -33.35 -30.34
N GLU A 1097 16.81 -33.92 -31.52
CA GLU A 1097 17.86 -34.92 -31.69
C GLU A 1097 19.23 -34.41 -31.29
N GLN A 1098 19.52 -33.14 -31.54
CA GLN A 1098 20.84 -32.60 -31.29
C GLN A 1098 20.95 -31.83 -29.97
N PHE A 1099 19.84 -31.55 -29.31
CA PHE A 1099 19.86 -30.67 -28.16
C PHE A 1099 19.19 -31.21 -26.91
N VAL A 1100 18.43 -32.30 -26.97
CA VAL A 1100 17.70 -32.71 -25.79
C VAL A 1100 18.64 -33.19 -24.71
N PHE A 1101 19.69 -33.92 -25.09
CA PHE A 1101 20.63 -34.42 -24.10
C PHE A 1101 21.37 -33.30 -23.41
N GLU A 1102 21.85 -32.33 -24.19
CA GLU A 1102 22.54 -31.18 -23.61
C GLU A 1102 21.61 -30.38 -22.72
N ALA A 1103 20.36 -30.18 -23.16
CA ALA A 1103 19.42 -29.45 -22.33
C ALA A 1103 19.17 -30.18 -21.01
N LEU A 1104 19.02 -31.50 -21.06
CA LEU A 1104 18.78 -32.27 -19.84
C LEU A 1104 19.97 -32.14 -18.89
N VAL A 1105 21.18 -32.28 -19.43
CA VAL A 1105 22.36 -32.20 -18.58
C VAL A 1105 22.45 -30.82 -17.95
N ILE A 1106 22.23 -29.78 -18.75
CA ILE A 1106 22.38 -28.43 -18.25
C ILE A 1106 21.34 -28.13 -17.17
N TYR A 1107 20.10 -28.57 -17.40
CA TYR A 1107 19.08 -28.27 -16.40
C TYR A 1107 19.23 -29.10 -15.15
N MET A 1108 19.77 -30.32 -15.26
CA MET A 1108 20.13 -31.05 -14.06
C MET A 1108 21.21 -30.33 -13.29
N GLU A 1109 22.19 -29.77 -14.01
CA GLU A 1109 23.23 -29.01 -13.32
C GLU A 1109 22.65 -27.78 -12.64
N SER A 1110 21.70 -27.12 -13.29
CA SER A 1110 21.03 -25.98 -12.67
C SER A 1110 20.27 -26.39 -11.42
N LEU A 1111 19.59 -27.52 -11.49
CA LEU A 1111 18.90 -28.02 -10.30
C LEU A 1111 19.88 -28.28 -9.18
N ALA A 1112 21.05 -28.85 -9.50
CA ALA A 1112 22.06 -29.07 -8.48
C ALA A 1112 22.52 -27.75 -7.88
N LEU A 1113 22.82 -26.77 -8.72
CA LEU A 1113 23.23 -25.46 -8.23
C LEU A 1113 22.18 -24.84 -7.34
N ALA A 1114 20.92 -25.12 -7.60
CA ALA A 1114 19.85 -24.56 -6.77
C ALA A 1114 19.81 -25.14 -5.39
N HIS A 1115 20.77 -25.98 -4.98
CA HIS A 1115 20.68 -26.59 -3.66
C HIS A 1115 20.78 -25.56 -2.55
N ALA A 1116 21.67 -24.59 -2.69
CA ALA A 1116 21.84 -23.59 -1.65
C ALA A 1116 20.68 -22.62 -1.58
N ASP A 1117 19.87 -22.52 -2.62
CA ASP A 1117 18.80 -21.53 -2.68
C ASP A 1117 17.69 -21.86 -1.69
N GLU A 1118 16.72 -20.97 -1.61
CA GLU A 1118 15.58 -21.16 -0.73
C GLU A 1118 14.44 -21.85 -1.48
N LYS A 1119 13.39 -22.15 -0.73
CA LYS A 1119 12.19 -22.73 -1.31
C LYS A 1119 11.14 -21.68 -1.62
N SER A 1120 11.24 -20.50 -1.01
CA SER A 1120 10.37 -19.39 -1.40
C SER A 1120 10.59 -19.02 -2.86
N LEU A 1121 11.84 -19.03 -3.30
CA LEU A 1121 12.12 -18.88 -4.72
C LEU A 1121 11.53 -20.04 -5.50
N GLY A 1122 11.14 -19.77 -6.74
CA GLY A 1122 10.58 -20.81 -7.55
C GLY A 1122 11.62 -21.56 -8.33
N THR A 1123 12.88 -21.44 -7.95
CA THR A 1123 13.96 -22.04 -8.74
C THR A 1123 13.83 -23.55 -8.79
N ILE A 1124 13.63 -24.18 -7.64
CA ILE A 1124 13.53 -25.64 -7.61
C ILE A 1124 12.32 -26.10 -8.40
N GLN A 1125 11.18 -25.42 -8.22
CA GLN A 1125 9.97 -25.80 -8.92
C GLN A 1125 10.15 -25.69 -10.43
N GLN A 1126 10.74 -24.59 -10.89
CA GLN A 1126 10.87 -24.40 -12.32
C GLN A 1126 11.88 -25.36 -12.93
N CYS A 1127 13.00 -25.59 -12.25
CA CYS A 1127 13.97 -26.54 -12.78
C CYS A 1127 13.38 -27.95 -12.81
N CYS A 1128 12.59 -28.32 -11.80
CA CYS A 1128 11.92 -29.60 -11.82
C CYS A 1128 10.94 -29.70 -12.98
N ASP A 1129 10.18 -28.63 -13.24
CA ASP A 1129 9.25 -28.66 -14.36
C ASP A 1129 9.98 -28.80 -15.69
N ALA A 1130 11.07 -28.06 -15.86
CA ALA A 1130 11.82 -28.16 -17.10
C ALA A 1130 12.39 -29.55 -17.29
N ILE A 1131 12.91 -30.14 -16.22
CA ILE A 1131 13.45 -31.50 -16.35
C ILE A 1131 12.33 -32.49 -16.62
N ASP A 1132 11.15 -32.27 -16.04
CA ASP A 1132 10.03 -33.16 -16.30
C ASP A 1132 9.61 -33.11 -17.76
N HIS A 1133 9.50 -31.91 -18.32
CA HIS A 1133 9.17 -31.80 -19.73
C HIS A 1133 10.23 -32.46 -20.59
N LEU A 1134 11.50 -32.24 -20.25
CA LEU A 1134 12.58 -32.84 -21.01
C LEU A 1134 12.53 -34.36 -20.94
N CYS A 1135 12.28 -34.92 -19.76
CA CYS A 1135 12.25 -36.36 -19.67
C CYS A 1135 11.01 -36.93 -20.32
N ARG A 1136 9.91 -36.16 -20.37
CA ARG A 1136 8.74 -36.63 -21.10
C ARG A 1136 9.03 -36.71 -22.60
N ILE A 1137 9.69 -35.69 -23.15
CA ILE A 1137 9.98 -35.79 -24.58
C ILE A 1137 11.03 -36.86 -24.83
N ILE A 1138 11.95 -37.07 -23.89
CA ILE A 1138 12.95 -38.14 -24.06
C ILE A 1138 12.28 -39.49 -24.06
N GLU A 1139 11.37 -39.73 -23.12
CA GLU A 1139 10.70 -41.01 -23.03
C GLU A 1139 9.60 -41.15 -24.08
N LYS A 1140 9.30 -40.10 -24.82
CA LYS A 1140 8.44 -40.25 -25.98
C LYS A 1140 9.23 -40.53 -27.26
N LYS A 1141 10.45 -40.01 -27.37
CA LYS A 1141 11.25 -40.19 -28.57
C LYS A 1141 12.48 -41.07 -28.33
N HIS A 1142 12.43 -41.90 -27.29
CA HIS A 1142 13.53 -42.81 -27.02
C HIS A 1142 13.73 -43.82 -28.15
N VAL A 1143 12.66 -44.18 -28.85
CA VAL A 1143 12.80 -45.14 -29.95
C VAL A 1143 13.75 -44.60 -31.01
N SER A 1144 13.91 -43.28 -31.08
CA SER A 1144 14.88 -42.67 -31.97
C SER A 1144 16.16 -42.23 -31.27
N LEU A 1145 16.07 -41.92 -29.98
CA LEU A 1145 17.25 -41.49 -29.22
C LEU A 1145 18.18 -42.64 -28.84
N ASN A 1146 17.69 -43.87 -28.83
CA ASN A 1146 18.49 -44.99 -28.36
C ASN A 1146 19.66 -45.32 -29.27
N LYS A 1147 19.66 -44.84 -30.51
CA LYS A 1147 20.70 -45.20 -31.46
C LYS A 1147 21.80 -44.14 -31.47
N ALA A 1148 23.04 -44.62 -31.53
CA ALA A 1148 24.18 -43.72 -31.50
C ALA A 1148 24.25 -42.89 -32.76
N LYS A 1149 24.59 -41.61 -32.60
CA LYS A 1149 24.79 -40.69 -33.70
C LYS A 1149 25.57 -39.50 -33.19
N LYS A 1150 25.95 -38.61 -34.10
CA LYS A 1150 26.71 -37.43 -33.72
C LYS A 1150 25.77 -36.38 -33.16
N ARG A 1151 25.88 -36.11 -31.86
CA ARG A 1151 25.04 -35.16 -31.17
C ARG A 1151 25.93 -34.11 -30.50
N ARG A 1152 25.31 -33.03 -30.02
CA ARG A 1152 26.05 -32.04 -29.27
C ARG A 1152 26.48 -32.61 -27.93
N LEU A 1153 27.72 -32.32 -27.54
CA LEU A 1153 28.33 -32.96 -26.39
C LEU A 1153 28.02 -32.15 -25.14
N PRO A 1154 27.20 -32.64 -24.22
CA PRO A 1154 26.92 -31.90 -23.00
C PRO A 1154 28.13 -31.86 -22.09
N ARG A 1155 28.15 -30.88 -21.20
CA ARG A 1155 29.27 -30.73 -20.29
C ARG A 1155 29.37 -31.95 -19.38
N GLY A 1156 30.60 -32.33 -19.06
CA GLY A 1156 30.83 -33.52 -18.27
C GLY A 1156 30.68 -34.81 -19.05
N PHE A 1157 30.91 -34.78 -20.36
CA PHE A 1157 30.80 -35.95 -21.22
C PHE A 1157 32.11 -36.11 -21.98
N PRO A 1158 33.17 -36.54 -21.31
CA PRO A 1158 34.46 -36.74 -22.00
C PRO A 1158 34.40 -37.80 -23.08
N PRO A 1159 33.42 -38.76 -23.07
CA PRO A 1159 33.18 -39.49 -24.33
C PRO A 1159 32.90 -38.55 -25.48
N SER A 1160 33.58 -38.74 -26.60
CA SER A 1160 33.50 -37.82 -27.72
C SER A 1160 33.37 -38.57 -29.03
N ALA A 1161 32.67 -39.70 -29.01
CA ALA A 1161 32.42 -40.49 -30.22
C ALA A 1161 30.99 -40.34 -30.70
N SER A 1162 30.03 -40.66 -29.84
CA SER A 1162 28.61 -40.53 -30.17
C SER A 1162 27.82 -40.48 -28.88
N LEU A 1163 26.57 -40.09 -29.00
CA LEU A 1163 25.69 -39.89 -27.84
C LEU A 1163 24.56 -40.89 -27.88
N CYS A 1164 24.32 -41.56 -26.75
CA CYS A 1164 23.28 -42.57 -26.66
C CYS A 1164 22.55 -42.43 -25.34
N LEU A 1165 21.27 -42.78 -25.36
CA LEU A 1165 20.49 -42.76 -24.12
C LEU A 1165 21.09 -43.69 -23.09
N LEU A 1166 21.75 -44.76 -23.52
CA LEU A 1166 22.51 -45.58 -22.59
C LEU A 1166 23.57 -44.76 -21.87
N ASP A 1167 24.29 -43.93 -22.63
CA ASP A 1167 25.31 -43.08 -22.02
C ASP A 1167 24.68 -42.08 -21.08
N LEU A 1168 23.52 -41.53 -21.44
CA LEU A 1168 22.83 -40.61 -20.54
C LEU A 1168 22.47 -41.30 -19.23
N VAL A 1169 21.96 -42.54 -19.31
CA VAL A 1169 21.60 -43.26 -18.10
C VAL A 1169 22.83 -43.58 -17.27
N LYS A 1170 23.93 -43.94 -17.93
CA LYS A 1170 25.16 -44.19 -17.20
C LYS A 1170 25.64 -42.94 -16.47
N TRP A 1171 25.54 -41.79 -17.13
CA TRP A 1171 25.90 -40.53 -16.49
C TRP A 1171 24.98 -40.24 -15.31
N LEU A 1172 23.69 -40.52 -15.47
CA LEU A 1172 22.76 -40.36 -14.37
C LEU A 1172 23.17 -41.19 -13.17
N LEU A 1173 23.50 -42.46 -13.40
CA LEU A 1173 23.91 -43.33 -12.31
C LEU A 1173 25.20 -42.83 -11.68
N ALA A 1174 26.16 -42.41 -12.50
CA ALA A 1174 27.40 -41.87 -11.97
C ALA A 1174 27.17 -40.64 -11.11
N HIS A 1175 26.09 -39.90 -11.36
CA HIS A 1175 25.77 -38.74 -10.54
C HIS A 1175 24.64 -39.01 -9.55
N CYS A 1176 24.38 -40.28 -9.23
CA CYS A 1176 23.39 -40.62 -8.22
C CYS A 1176 23.92 -40.51 -6.82
N GLY A 1177 25.08 -39.90 -6.62
CA GLY A 1177 25.60 -39.72 -5.29
C GLY A 1177 25.99 -38.29 -5.02
N ARG A 1178 25.34 -37.40 -5.64
CA ARG A 1178 25.83 -36.07 -5.36
C ARG A 1178 25.18 -35.51 -4.10
N PRO A 1179 25.90 -34.64 -3.39
CA PRO A 1179 25.36 -34.07 -2.15
C PRO A 1179 24.05 -33.33 -2.30
N GLN A 1180 23.82 -32.63 -3.41
CA GLN A 1180 22.63 -31.80 -3.54
C GLN A 1180 21.38 -32.66 -3.63
N THR A 1181 20.49 -32.49 -2.64
CA THR A 1181 19.41 -33.45 -2.44
C THR A 1181 18.42 -33.46 -3.60
N GLU A 1182 18.01 -32.29 -4.07
CA GLU A 1182 16.98 -32.25 -5.09
C GLU A 1182 17.48 -32.82 -6.40
N CYS A 1183 18.68 -32.42 -6.82
CA CYS A 1183 19.24 -32.98 -8.04
C CYS A 1183 19.50 -34.46 -7.88
N ARG A 1184 19.83 -34.93 -6.68
CA ARG A 1184 20.01 -36.36 -6.48
C ARG A 1184 18.70 -37.10 -6.67
N HIS A 1185 17.63 -36.57 -6.08
CA HIS A 1185 16.34 -37.22 -6.21
C HIS A 1185 15.93 -37.29 -7.67
N LYS A 1186 16.15 -36.21 -8.40
CA LYS A 1186 15.80 -36.21 -9.82
C LYS A 1186 16.68 -37.18 -10.60
N SER A 1187 17.96 -37.28 -10.24
CA SER A 1187 18.84 -38.22 -10.92
C SER A 1187 18.35 -39.65 -10.76
N ILE A 1188 18.05 -40.05 -9.53
CA ILE A 1188 17.58 -41.41 -9.28
C ILE A 1188 16.26 -41.66 -9.98
N GLU A 1189 15.35 -40.68 -9.90
CA GLU A 1189 14.04 -40.84 -10.51
C GLU A 1189 14.15 -41.00 -12.02
N LEU A 1190 14.96 -40.18 -12.66
CA LEU A 1190 15.16 -40.32 -14.09
C LEU A 1190 15.81 -41.65 -14.43
N PHE A 1191 16.73 -42.12 -13.60
CA PHE A 1191 17.32 -43.42 -13.85
C PHE A 1191 16.25 -44.51 -13.87
N TYR A 1192 15.35 -44.47 -12.90
CA TYR A 1192 14.29 -45.49 -12.84
C TYR A 1192 13.30 -45.34 -13.98
N LYS A 1193 13.05 -44.12 -14.45
CA LYS A 1193 12.13 -43.96 -15.56
C LYS A 1193 12.77 -44.21 -16.91
N PHE A 1194 14.09 -44.24 -16.98
CA PHE A 1194 14.75 -44.36 -18.28
C PHE A 1194 15.35 -45.72 -18.54
N VAL A 1195 15.78 -46.45 -17.50
CA VAL A 1195 16.30 -47.79 -17.72
C VAL A 1195 15.31 -48.70 -18.44
N PRO A 1196 14.02 -48.76 -18.06
CA PRO A 1196 13.12 -49.73 -18.69
C PRO A 1196 12.78 -49.41 -20.13
N LEU A 1197 13.42 -48.40 -20.70
CA LEU A 1197 13.22 -48.06 -22.11
C LEU A 1197 14.54 -47.98 -22.87
N LEU A 1198 15.57 -48.67 -22.39
CA LEU A 1198 16.79 -48.89 -23.15
C LEU A 1198 16.51 -49.93 -24.23
N PRO A 1199 17.47 -50.25 -25.11
CA PRO A 1199 17.18 -51.28 -26.12
C PRO A 1199 16.77 -52.63 -25.55
N GLY A 1200 17.34 -53.03 -24.42
CA GLY A 1200 17.02 -54.33 -23.86
C GLY A 1200 15.62 -54.42 -23.29
N ASN A 1201 15.01 -53.29 -22.95
CA ASN A 1201 13.68 -53.25 -22.36
C ASN A 1201 13.61 -54.13 -21.12
N ARG A 1202 14.64 -54.04 -20.29
CA ARG A 1202 14.74 -54.84 -19.08
C ARG A 1202 14.37 -53.99 -17.87
N SER A 1203 14.36 -54.64 -16.71
CA SER A 1203 14.16 -53.93 -15.46
C SER A 1203 15.49 -53.34 -14.99
N PRO A 1204 15.43 -52.35 -14.09
CA PRO A 1204 16.69 -51.88 -13.48
C PRO A 1204 17.44 -53.00 -12.80
N ASN A 1205 16.71 -53.94 -12.18
CA ASN A 1205 17.36 -55.07 -11.53
C ASN A 1205 18.19 -55.87 -12.52
N LEU A 1206 17.57 -56.29 -13.64
CA LEU A 1206 18.31 -57.08 -14.62
C LEU A 1206 19.45 -56.30 -15.25
N TRP A 1207 19.21 -55.04 -15.61
CA TRP A 1207 20.27 -54.29 -16.29
C TRP A 1207 21.45 -54.05 -15.37
N LEU A 1208 21.20 -53.65 -14.13
CA LEU A 1208 22.29 -53.46 -13.18
C LEU A 1208 22.96 -54.80 -12.86
N LYS A 1209 22.21 -55.89 -12.86
CA LYS A 1209 22.80 -57.21 -12.66
C LYS A 1209 23.77 -57.54 -13.78
N ASP A 1210 23.38 -57.26 -15.02
CA ASP A 1210 24.26 -57.50 -16.16
C ASP A 1210 25.52 -56.64 -16.05
N VAL A 1211 25.36 -55.37 -15.69
CA VAL A 1211 26.51 -54.49 -15.56
C VAL A 1211 27.42 -54.93 -14.42
N LEU A 1212 26.83 -55.47 -13.34
CA LEU A 1212 27.63 -55.91 -12.20
C LEU A 1212 28.36 -57.22 -12.50
N LYS A 1213 27.78 -58.10 -13.32
CA LYS A 1213 28.57 -59.21 -13.82
C LYS A 1213 29.69 -58.72 -14.73
N GLU A 1214 29.42 -57.67 -15.51
CA GLU A 1214 30.45 -57.13 -16.39
C GLU A 1214 31.62 -56.56 -15.61
N GLU A 1215 31.33 -55.83 -14.52
CA GLU A 1215 32.36 -55.17 -13.74
C GLU A 1215 32.04 -55.25 -12.26
N GLY A 1216 33.08 -55.27 -11.45
CA GLY A 1216 32.93 -55.55 -10.02
C GLY A 1216 32.08 -54.51 -9.29
N VAL A 1217 31.85 -54.81 -8.01
CA VAL A 1217 30.93 -54.01 -7.22
C VAL A 1217 31.55 -52.71 -6.73
N SER A 1218 32.89 -52.62 -6.74
CA SER A 1218 33.55 -51.37 -6.39
C SER A 1218 33.03 -50.21 -7.22
N PHE A 1219 32.70 -50.48 -8.49
CA PHE A 1219 31.92 -49.56 -9.30
C PHE A 1219 30.76 -48.98 -8.50
N LEU A 1220 29.93 -49.86 -7.95
CA LEU A 1220 28.71 -49.41 -7.28
C LEU A 1220 29.03 -48.66 -5.99
N ILE A 1221 29.95 -49.18 -5.18
CA ILE A 1221 30.28 -48.48 -3.94
C ILE A 1221 30.84 -47.10 -4.23
N ASN A 1222 31.65 -46.96 -5.28
CA ASN A 1222 32.16 -45.64 -5.63
C ASN A 1222 31.05 -44.74 -6.14
N THR A 1223 30.16 -45.26 -6.99
CA THR A 1223 29.08 -44.44 -7.52
C THR A 1223 28.07 -44.08 -6.45
N PHE A 1224 28.12 -44.73 -5.30
CA PHE A 1224 27.23 -44.34 -4.21
C PHE A 1224 27.91 -43.42 -3.20
N GLU A 1225 29.11 -43.76 -2.74
CA GLU A 1225 29.78 -42.98 -1.71
C GLU A 1225 30.61 -41.84 -2.26
N GLY A 1226 30.71 -41.69 -3.58
CA GLY A 1226 31.45 -40.59 -4.14
C GLY A 1226 30.58 -39.37 -4.34
N GLY A 1227 31.23 -38.23 -4.53
CA GLY A 1227 30.51 -36.99 -4.70
C GLY A 1227 29.92 -36.85 -6.09
N GLY A 1228 29.73 -37.97 -6.78
CA GLY A 1228 29.28 -37.91 -8.16
C GLY A 1228 30.47 -37.76 -9.08
N CYS A 1229 30.74 -36.54 -9.52
CA CYS A 1229 31.95 -36.27 -10.28
C CYS A 1229 33.12 -36.10 -9.34
N GLY A 1230 34.29 -36.59 -9.77
CA GLY A 1230 35.47 -36.51 -8.95
C GLY A 1230 35.60 -37.71 -8.05
N GLN A 1231 36.75 -38.38 -8.12
CA GLN A 1231 36.99 -39.60 -7.36
C GLN A 1231 37.36 -39.31 -5.90
N PRO A 1232 38.30 -38.38 -5.62
CA PRO A 1232 38.60 -38.14 -4.20
C PRO A 1232 37.56 -37.26 -3.53
N SER A 1233 36.35 -37.82 -3.37
CA SER A 1233 35.26 -37.09 -2.76
C SER A 1233 34.24 -38.07 -2.20
N GLY A 1234 33.51 -37.63 -1.20
CA GLY A 1234 32.42 -38.41 -0.65
C GLY A 1234 32.82 -39.25 0.54
N ILE A 1235 31.83 -39.99 1.04
CA ILE A 1235 32.01 -40.83 2.22
C ILE A 1235 33.13 -41.83 1.98
N LEU A 1236 33.35 -42.24 0.73
CA LEU A 1236 34.50 -43.07 0.43
C LEU A 1236 35.81 -42.35 0.68
N ALA A 1237 35.85 -41.02 0.44
CA ALA A 1237 37.07 -40.28 0.67
C ALA A 1237 37.43 -40.23 2.16
N GLN A 1238 36.42 -40.07 3.02
CA GLN A 1238 36.62 -40.15 4.46
C GLN A 1238 35.49 -40.97 5.08
N PRO A 1239 35.75 -42.24 5.39
CA PRO A 1239 34.73 -43.07 5.99
C PRO A 1239 34.16 -42.53 7.29
N THR A 1240 34.64 -41.37 7.70
CA THR A 1240 34.35 -40.81 9.01
C THR A 1240 34.62 -39.31 8.96
N LEU A 1241 33.95 -38.57 9.83
CA LEU A 1241 34.24 -37.14 9.96
C LEU A 1241 35.64 -36.88 10.49
N LEU A 1242 36.31 -37.91 11.03
CA LEU A 1242 37.72 -37.76 11.34
C LEU A 1242 38.52 -37.56 10.06
N TYR A 1243 39.72 -37.01 10.22
CA TYR A 1243 40.51 -36.45 9.11
C TYR A 1243 39.61 -35.70 8.14
N LEU A 1244 38.83 -34.77 8.70
CA LEU A 1244 38.06 -33.80 7.93
C LEU A 1244 38.89 -32.58 7.55
N ARG A 1245 40.07 -32.41 8.15
CA ARG A 1245 41.06 -31.42 7.72
C ARG A 1245 40.47 -30.00 7.80
N GLY A 1246 40.23 -29.55 9.02
CA GLY A 1246 39.88 -28.17 9.23
C GLY A 1246 39.34 -27.84 10.62
N PRO A 1247 39.18 -26.54 10.88
CA PRO A 1247 38.56 -26.13 12.15
C PRO A 1247 37.12 -26.60 12.23
N PHE A 1248 36.68 -26.88 13.45
CA PHE A 1248 35.32 -27.37 13.65
C PHE A 1248 34.28 -26.27 13.48
N SER A 1249 34.71 -25.00 13.49
CA SER A 1249 33.80 -23.92 13.13
C SER A 1249 33.34 -24.05 11.69
N LEU A 1250 34.20 -24.55 10.82
CA LEU A 1250 33.87 -24.68 9.40
C LEU A 1250 32.63 -25.53 9.22
N GLN A 1251 31.67 -25.01 8.46
CA GLN A 1251 30.46 -25.75 8.14
C GLN A 1251 30.67 -26.72 7.00
N ALA A 1252 31.92 -27.09 6.74
CA ALA A 1252 32.19 -28.29 5.97
C ALA A 1252 31.72 -29.54 6.68
N THR A 1253 31.39 -29.44 7.97
CA THR A 1253 30.65 -30.51 8.63
C THR A 1253 29.30 -30.71 7.96
N LEU A 1254 28.64 -29.62 7.57
CA LEU A 1254 27.43 -29.75 6.77
C LEU A 1254 27.73 -30.45 5.45
N CYS A 1255 28.89 -30.18 4.86
CA CYS A 1255 29.25 -30.82 3.60
C CYS A 1255 29.44 -32.32 3.77
N TRP A 1256 30.15 -32.72 4.82
CA TRP A 1256 30.29 -34.14 5.11
C TRP A 1256 28.94 -34.77 5.40
N LEU A 1257 28.09 -34.08 6.16
CA LEU A 1257 26.77 -34.59 6.45
C LEU A 1257 25.96 -34.80 5.18
N ASP A 1258 26.07 -33.88 4.23
CA ASP A 1258 25.36 -34.02 2.97
C ASP A 1258 25.90 -35.20 2.17
N LEU A 1259 27.21 -35.42 2.21
CA LEU A 1259 27.74 -36.61 1.56
C LEU A 1259 27.19 -37.88 2.20
N LEU A 1260 27.08 -37.88 3.53
CA LEU A 1260 26.47 -39.01 4.21
C LEU A 1260 25.02 -39.19 3.79
N LEU A 1261 24.28 -38.09 3.66
CA LEU A 1261 22.90 -38.17 3.23
C LEU A 1261 22.81 -38.73 1.81
N ALA A 1262 23.74 -38.35 0.95
CA ALA A 1262 23.79 -38.91 -0.39
C ALA A 1262 23.94 -40.41 -0.33
N ALA A 1263 24.91 -40.89 0.46
CA ALA A 1263 25.10 -42.32 0.60
C ALA A 1263 23.83 -43.00 1.06
N LEU A 1264 23.20 -42.44 2.10
CA LEU A 1264 22.04 -43.07 2.69
C LEU A 1264 20.88 -43.12 1.71
N GLU A 1265 20.56 -41.99 1.08
CA GLU A 1265 19.45 -41.96 0.14
C GLU A 1265 19.68 -42.88 -1.04
N CYS A 1266 20.89 -42.89 -1.60
CA CYS A 1266 21.16 -43.78 -2.72
C CYS A 1266 20.95 -45.23 -2.30
N TYR A 1267 21.51 -45.62 -1.15
CA TYR A 1267 21.37 -47.01 -0.72
C TYR A 1267 19.92 -47.36 -0.43
N ASN A 1268 19.20 -46.46 0.22
CA ASN A 1268 17.81 -46.72 0.57
C ASN A 1268 16.96 -46.91 -0.68
N THR A 1269 17.05 -45.98 -1.62
CA THR A 1269 16.24 -46.06 -2.82
C THR A 1269 16.73 -47.14 -3.77
N PHE A 1270 17.95 -47.65 -3.59
CA PHE A 1270 18.40 -48.76 -4.40
C PHE A 1270 18.12 -50.12 -3.77
N ILE A 1271 17.81 -50.17 -2.48
CA ILE A 1271 17.45 -51.42 -1.82
C ILE A 1271 15.94 -51.60 -1.74
N GLY A 1272 15.20 -50.53 -1.43
CA GLY A 1272 13.78 -50.66 -1.19
C GLY A 1272 12.98 -51.18 -2.37
N GLU A 1273 13.38 -50.80 -3.58
CA GLU A 1273 12.68 -51.22 -4.79
C GLU A 1273 13.15 -52.59 -5.27
N ARG A 1274 14.10 -53.21 -4.57
CA ARG A 1274 14.56 -54.57 -4.84
C ARG A 1274 15.35 -54.69 -6.14
N THR A 1275 16.02 -53.62 -6.56
CA THR A 1275 16.93 -53.75 -7.69
C THR A 1275 18.19 -54.50 -7.29
N VAL A 1276 18.77 -54.15 -6.15
CA VAL A 1276 19.99 -54.79 -5.65
C VAL A 1276 19.75 -55.18 -4.20
N GLY A 1277 19.88 -56.47 -3.92
CA GLY A 1277 19.79 -56.93 -2.55
C GLY A 1277 20.96 -56.46 -1.72
N ALA A 1278 20.71 -56.28 -0.42
CA ALA A 1278 21.76 -55.79 0.47
C ALA A 1278 22.95 -56.74 0.52
N LEU A 1279 22.75 -58.01 0.16
CA LEU A 1279 23.85 -58.97 0.16
C LEU A 1279 24.91 -58.58 -0.86
N GLN A 1280 24.50 -58.31 -2.10
CA GLN A 1280 25.45 -58.06 -3.18
C GLN A 1280 26.35 -56.86 -2.91
N VAL A 1281 25.91 -55.92 -2.08
CA VAL A 1281 26.67 -54.70 -1.84
C VAL A 1281 27.35 -54.70 -0.48
N LEU A 1282 26.71 -55.21 0.56
CA LEU A 1282 27.26 -55.16 1.90
C LEU A 1282 27.83 -56.51 2.31
N GLY A 1283 28.77 -56.49 3.23
CA GLY A 1283 29.30 -57.71 3.81
C GLY A 1283 30.29 -58.45 2.93
N THR A 1284 29.79 -59.06 1.85
CA THR A 1284 30.62 -59.90 1.01
C THR A 1284 31.44 -59.09 0.01
N GLU A 1285 32.16 -58.10 0.52
CA GLU A 1285 33.03 -57.29 -0.32
C GLU A 1285 34.18 -56.79 0.55
N ALA A 1286 35.32 -56.57 -0.09
CA ALA A 1286 36.49 -56.07 0.61
C ALA A 1286 36.40 -54.59 0.96
N GLN A 1287 35.67 -53.80 0.17
CA GLN A 1287 35.73 -52.35 0.28
C GLN A 1287 34.33 -51.77 0.32
N SER A 1288 34.05 -51.01 1.38
CA SER A 1288 32.88 -50.13 1.47
C SER A 1288 33.06 -49.27 2.70
N SER A 1289 32.17 -48.30 2.87
CA SER A 1289 32.29 -47.39 4.00
C SER A 1289 30.96 -47.02 4.64
N LEU A 1290 29.84 -47.58 4.19
CA LEU A 1290 28.54 -47.08 4.62
C LEU A 1290 28.27 -47.36 6.09
N LEU A 1291 28.40 -48.63 6.48
CA LEU A 1291 28.14 -48.99 7.87
C LEU A 1291 29.11 -48.30 8.80
N LYS A 1292 30.37 -48.20 8.40
CA LYS A 1292 31.36 -47.50 9.20
C LYS A 1292 30.93 -46.04 9.41
N ALA A 1293 30.51 -45.38 8.34
CA ALA A 1293 30.13 -43.97 8.44
C ALA A 1293 28.90 -43.79 9.33
N VAL A 1294 27.88 -44.63 9.13
CA VAL A 1294 26.65 -44.46 9.90
C VAL A 1294 26.87 -44.82 11.36
N ALA A 1295 27.64 -45.87 11.63
CA ALA A 1295 27.96 -46.23 13.01
C ALA A 1295 28.77 -45.15 13.69
N PHE A 1296 29.66 -44.49 12.95
CA PHE A 1296 30.32 -43.33 13.52
C PHE A 1296 29.34 -42.21 13.81
N PHE A 1297 28.39 -41.97 12.90
CA PHE A 1297 27.41 -40.93 13.12
C PHE A 1297 26.52 -41.22 14.31
N LEU A 1298 26.34 -42.49 14.64
CA LEU A 1298 25.47 -42.84 15.75
C LEU A 1298 26.04 -42.47 17.09
N GLU A 1299 27.16 -41.74 17.15
CA GLU A 1299 27.62 -41.11 18.38
C GLU A 1299 27.75 -39.61 18.26
N SER A 1300 27.57 -39.04 17.07
CA SER A 1300 27.63 -37.59 16.86
C SER A 1300 26.29 -36.91 17.11
N ILE A 1301 25.30 -37.65 17.60
CA ILE A 1301 23.93 -37.16 17.69
C ILE A 1301 23.40 -37.20 19.11
N ALA A 1302 23.32 -38.40 19.69
CA ALA A 1302 22.66 -38.56 20.98
C ALA A 1302 23.44 -37.90 22.12
N MET A 1303 24.74 -38.19 22.21
CA MET A 1303 25.49 -37.81 23.40
C MET A 1303 25.69 -36.30 23.49
N HIS A 1304 26.07 -35.65 22.40
CA HIS A 1304 26.15 -34.20 22.37
C HIS A 1304 25.88 -33.76 20.94
N ASP A 1305 25.27 -32.58 20.81
CA ASP A 1305 24.67 -32.19 19.54
C ASP A 1305 25.62 -31.37 18.65
N ILE A 1306 26.06 -30.20 19.09
CA ILE A 1306 26.83 -29.32 18.21
C ILE A 1306 28.33 -29.53 18.34
N ILE A 1307 28.88 -29.29 19.53
CA ILE A 1307 30.33 -29.30 19.68
C ILE A 1307 30.77 -30.75 19.84
N ALA A 1308 31.05 -31.40 18.71
CA ALA A 1308 31.83 -32.63 18.70
C ALA A 1308 33.31 -32.35 18.50
N ALA A 1309 33.63 -31.25 17.83
CA ALA A 1309 34.99 -30.76 17.63
C ALA A 1309 35.90 -31.79 17.00
N GLU A 1310 35.34 -32.84 16.39
CA GLU A 1310 36.07 -33.99 15.84
C GLU A 1310 37.06 -34.57 16.85
N LYS A 1311 36.88 -34.23 18.13
CA LYS A 1311 37.78 -34.67 19.19
C LYS A 1311 37.06 -35.13 20.45
N CYS A 1312 35.78 -34.84 20.60
CA CYS A 1312 35.02 -35.27 21.77
C CYS A 1312 33.54 -35.35 21.45
N THR A 1315 38.43 -30.62 23.88
CA THR A 1315 38.86 -29.65 22.89
C THR A 1315 38.87 -28.25 23.49
N GLY A 1316 39.93 -27.49 23.23
CA GLY A 1316 40.02 -26.15 23.75
C GLY A 1316 39.22 -25.12 22.98
N ALA A 1317 39.57 -24.88 21.72
CA ALA A 1317 38.90 -23.87 20.90
C ALA A 1317 39.10 -24.22 19.44
N ALA A 1318 38.06 -24.77 18.82
CA ALA A 1318 38.04 -25.06 17.39
C ALA A 1318 36.81 -24.45 16.76
N GLY A 1319 36.51 -23.20 17.10
CA GLY A 1319 35.27 -22.58 16.70
C GLY A 1319 34.31 -22.42 17.86
N ASN A 1320 34.85 -22.05 19.02
CA ASN A 1320 34.02 -21.91 20.22
C ASN A 1320 32.94 -20.86 20.04
N ARG A 1321 33.20 -19.84 19.23
CA ARG A 1321 32.22 -18.78 18.99
C ARG A 1321 31.26 -19.17 17.86
N THR A 1322 30.69 -20.37 17.99
CA THR A 1322 29.89 -20.98 16.94
C THR A 1322 28.60 -20.20 16.67
N SER A 1323 28.22 -19.26 17.54
CA SER A 1323 27.14 -18.31 17.28
C SER A 1323 25.85 -19.03 16.89
N PRO A 1324 25.12 -19.57 17.88
CA PRO A 1324 24.12 -20.60 17.62
C PRO A 1324 23.04 -20.33 16.58
N GLN A 1325 22.94 -19.14 15.98
CA GLN A 1325 21.89 -18.96 14.98
C GLN A 1325 22.05 -19.93 13.81
N GLU A 1326 23.26 -20.41 13.56
CA GLU A 1326 23.44 -21.58 12.71
C GLU A 1326 23.59 -22.87 13.49
N GLY A 1327 23.43 -22.81 14.82
CA GLY A 1327 23.35 -24.04 15.59
C GLY A 1327 22.15 -24.89 15.17
N GLU A 1328 20.99 -24.26 15.04
CA GLU A 1328 19.85 -25.02 14.54
C GLU A 1328 20.01 -25.36 13.07
N ARG A 1329 20.79 -24.57 12.34
CA ARG A 1329 21.12 -24.94 10.96
C ARG A 1329 21.87 -26.28 10.94
N TYR A 1330 22.84 -26.44 11.83
CA TYR A 1330 23.47 -27.74 12.02
C TYR A 1330 22.44 -28.78 12.44
N ASN A 1331 21.59 -28.42 13.39
CA ASN A 1331 20.69 -29.39 14.01
C ASN A 1331 19.72 -29.96 13.00
N TYR A 1332 19.21 -29.13 12.10
CA TYR A 1332 18.23 -29.59 11.12
C TYR A 1332 18.84 -30.63 10.20
N SER A 1333 20.04 -30.36 9.69
CA SER A 1333 20.70 -31.33 8.82
C SER A 1333 20.99 -32.62 9.58
N LYS A 1334 21.49 -32.50 10.81
CA LYS A 1334 21.78 -33.69 11.60
C LYS A 1334 20.53 -34.51 11.81
N CYS A 1335 19.42 -33.85 12.14
CA CYS A 1335 18.14 -34.51 12.35
C CYS A 1335 17.68 -35.23 11.09
N THR A 1336 17.86 -34.60 9.93
CA THR A 1336 17.52 -35.24 8.68
C THR A 1336 18.31 -36.52 8.48
N VAL A 1337 19.60 -36.47 8.78
CA VAL A 1337 20.40 -37.68 8.62
C VAL A 1337 19.91 -38.76 9.57
N VAL A 1338 19.50 -38.37 10.77
CA VAL A 1338 19.05 -39.36 11.75
C VAL A 1338 17.79 -40.07 11.25
N VAL A 1339 16.80 -39.30 10.82
CA VAL A 1339 15.55 -39.92 10.37
C VAL A 1339 15.81 -40.77 9.13
N ARG A 1340 16.75 -40.34 8.28
CA ARG A 1340 17.05 -41.15 7.10
C ARG A 1340 17.76 -42.45 7.49
N ILE A 1341 18.55 -42.42 8.56
CA ILE A 1341 19.15 -43.66 9.08
C ILE A 1341 18.05 -44.62 9.51
N MET A 1342 17.04 -44.10 10.22
CA MET A 1342 15.91 -44.95 10.58
C MET A 1342 15.25 -45.53 9.34
N GLU A 1343 15.05 -44.71 8.31
CA GLU A 1343 14.43 -45.20 7.08
C GLU A 1343 15.25 -46.32 6.46
N PHE A 1344 16.57 -46.14 6.41
CA PHE A 1344 17.41 -47.16 5.80
C PHE A 1344 17.38 -48.46 6.58
N THR A 1345 17.37 -48.36 7.92
CA THR A 1345 17.27 -49.57 8.73
C THR A 1345 15.96 -50.29 8.49
N THR A 1346 14.87 -49.54 8.37
CA THR A 1346 13.59 -50.16 8.05
C THR A 1346 13.66 -50.86 6.70
N THR A 1347 14.31 -50.23 5.72
CA THR A 1347 14.50 -50.87 4.42
C THR A 1347 15.23 -52.19 4.57
N LEU A 1348 16.35 -52.19 5.30
CA LEU A 1348 17.14 -53.39 5.49
C LEU A 1348 16.29 -54.50 6.10
N LEU A 1349 15.58 -54.19 7.18
CA LEU A 1349 14.80 -55.22 7.87
C LEU A 1349 13.69 -55.75 6.98
N ASN A 1350 12.98 -54.85 6.29
CA ASN A 1350 11.86 -55.29 5.46
C ASN A 1350 12.33 -56.02 4.21
N THR A 1351 13.59 -55.90 3.83
CA THR A 1351 14.12 -56.74 2.77
C THR A 1351 14.16 -58.20 3.23
N SER A 1352 13.96 -59.11 2.28
CA SER A 1352 13.65 -60.52 2.52
C SER A 1352 14.49 -61.19 3.61
N PRO A 1353 15.82 -61.27 3.48
CA PRO A 1353 16.59 -62.08 4.45
C PRO A 1353 16.80 -61.31 5.75
N GLU A 1354 16.15 -61.79 6.82
CA GLU A 1354 16.29 -61.17 8.12
C GLU A 1354 17.51 -61.67 8.88
N GLY A 1355 17.73 -62.98 8.88
CA GLY A 1355 18.94 -63.52 9.46
C GLY A 1355 20.20 -62.96 8.82
N TRP A 1356 20.12 -62.52 7.56
CA TRP A 1356 21.22 -61.78 6.97
C TRP A 1356 21.47 -60.49 7.74
N LYS A 1357 20.40 -59.77 8.08
CA LYS A 1357 20.57 -58.57 8.91
C LYS A 1357 21.20 -58.94 10.24
N LEU A 1358 20.69 -60.00 10.88
CA LEU A 1358 21.24 -60.47 12.15
C LEU A 1358 22.73 -60.71 12.06
N LEU A 1359 23.17 -61.38 11.00
CA LEU A 1359 24.57 -61.81 10.90
C LEU A 1359 25.48 -60.65 10.52
N LYS A 1360 25.20 -59.99 9.40
CA LYS A 1360 26.14 -59.01 8.86
C LYS A 1360 25.68 -57.56 9.02
N LYS A 1361 24.39 -57.29 9.08
CA LYS A 1361 23.90 -55.93 9.25
C LYS A 1361 23.60 -55.64 10.72
N ASP A 1362 24.62 -55.79 11.57
CA ASP A 1362 24.43 -55.81 13.01
C ASP A 1362 25.40 -54.91 13.77
N LEU A 1363 26.28 -54.18 13.08
CA LEU A 1363 27.31 -53.41 13.76
C LEU A 1363 26.77 -52.21 14.52
N CYS A 1364 25.50 -51.85 14.33
CA CYS A 1364 24.97 -50.59 14.82
C CYS A 1364 23.80 -50.69 15.78
N ASN A 1365 23.14 -51.86 15.86
CA ASN A 1365 21.89 -51.94 16.60
C ASN A 1365 22.04 -51.48 18.05
N THR A 1366 23.22 -51.71 18.63
CA THR A 1366 23.43 -51.39 20.04
C THR A 1366 23.16 -49.92 20.34
N HIS A 1367 23.53 -49.03 19.44
CA HIS A 1367 23.24 -47.61 19.60
C HIS A 1367 22.04 -47.15 18.77
N LEU A 1368 21.64 -47.94 17.77
CA LEU A 1368 20.42 -47.62 17.04
C LEU A 1368 19.21 -47.71 17.96
N MET A 1369 19.17 -48.73 18.82
CA MET A 1369 18.12 -48.79 19.83
C MET A 1369 18.13 -47.56 20.71
N ARG A 1370 19.32 -47.11 21.14
CA ARG A 1370 19.38 -45.96 22.02
C ARG A 1370 18.87 -44.70 21.34
N VAL A 1371 19.31 -44.46 20.11
CA VAL A 1371 18.85 -43.26 19.40
C VAL A 1371 17.36 -43.35 19.09
N LEU A 1372 16.86 -44.55 18.79
CA LEU A 1372 15.44 -44.72 18.54
C LEU A 1372 14.62 -44.39 19.77
N VAL A 1373 15.02 -44.92 20.93
CA VAL A 1373 14.22 -44.62 22.12
C VAL A 1373 14.37 -43.16 22.52
N GLN A 1374 15.53 -42.55 22.29
CA GLN A 1374 15.70 -41.16 22.63
C GLN A 1374 14.82 -40.27 21.75
N THR A 1375 14.79 -40.53 20.43
CA THR A 1375 13.88 -39.80 19.55
C THR A 1375 12.43 -40.15 19.79
N LEU A 1376 12.16 -41.29 20.38
CA LEU A 1376 10.81 -41.62 20.80
C LEU A 1376 10.36 -40.81 21.99
N CYS A 1377 11.26 -40.60 22.96
CA CYS A 1377 10.86 -39.99 24.23
C CYS A 1377 11.02 -38.47 24.21
N GLU A 1378 12.23 -37.97 23.98
CA GLU A 1378 12.49 -36.53 23.99
C GLU A 1378 13.12 -36.10 22.68
N PRO A 1379 12.33 -36.04 21.61
CA PRO A 1379 12.86 -35.55 20.32
C PRO A 1379 13.37 -34.13 20.39
N ALA A 1380 12.78 -33.31 21.25
CA ALA A 1380 13.18 -31.90 21.34
C ALA A 1380 14.62 -31.74 21.78
N SER A 1381 15.21 -32.76 22.40
CA SER A 1381 16.58 -32.65 22.87
C SER A 1381 17.56 -32.50 21.70
N ILE A 1382 17.34 -33.26 20.63
CA ILE A 1382 18.32 -33.37 19.56
C ILE A 1382 18.00 -32.45 18.38
N GLY A 1383 17.01 -31.58 18.53
CA GLY A 1383 16.72 -30.59 17.50
C GLY A 1383 15.46 -30.82 16.68
N PHE A 1384 14.63 -31.80 17.05
CA PHE A 1384 13.41 -32.07 16.31
C PHE A 1384 12.34 -31.00 16.53
N ASN A 1385 11.94 -30.79 17.77
CA ASN A 1385 10.68 -30.08 18.07
C ASN A 1385 10.87 -28.57 17.94
N ILE A 1386 11.28 -28.15 16.74
CA ILE A 1386 11.38 -26.73 16.43
C ILE A 1386 10.59 -26.42 15.17
N GLY A 1387 10.86 -27.16 14.08
CA GLY A 1387 10.10 -26.94 12.86
C GLY A 1387 8.62 -27.24 13.04
N ASP A 1388 8.31 -28.43 13.57
CA ASP A 1388 6.98 -28.80 14.03
C ASP A 1388 5.96 -28.95 12.91
N VAL A 1389 6.36 -28.65 11.68
CA VAL A 1389 5.40 -28.57 10.59
C VAL A 1389 5.31 -29.89 9.84
N GLN A 1390 6.40 -30.35 9.23
CA GLN A 1390 6.42 -31.68 8.63
C GLN A 1390 7.40 -32.62 9.27
N VAL A 1391 8.36 -32.11 10.04
CA VAL A 1391 9.36 -32.97 10.67
C VAL A 1391 8.67 -34.00 11.56
N MET A 1392 7.78 -33.55 12.44
CA MET A 1392 6.99 -34.49 13.23
C MET A 1392 5.67 -34.84 12.57
N ALA A 1393 5.42 -34.38 11.35
CA ALA A 1393 4.37 -35.00 10.55
C ALA A 1393 4.86 -36.27 9.89
N HIS A 1394 6.18 -36.46 9.81
CA HIS A 1394 6.75 -37.68 9.26
C HIS A 1394 7.46 -38.54 10.31
N LEU A 1395 7.95 -37.93 11.38
CA LEU A 1395 8.77 -38.64 12.36
C LEU A 1395 8.02 -39.77 13.05
N PRO A 1396 6.81 -39.59 13.59
CA PRO A 1396 6.12 -40.73 14.20
C PRO A 1396 5.94 -41.89 13.24
N ASP A 1397 5.63 -41.60 11.98
CA ASP A 1397 5.37 -42.68 11.03
C ASP A 1397 6.62 -43.43 10.61
N VAL A 1398 7.81 -42.86 10.82
CA VAL A 1398 9.03 -43.60 10.55
C VAL A 1398 9.50 -44.33 11.80
N CYS A 1399 9.35 -43.72 12.97
CA CYS A 1399 9.67 -44.41 14.21
C CYS A 1399 8.81 -45.67 14.37
N VAL A 1400 7.50 -45.54 14.14
CA VAL A 1400 6.60 -46.66 14.30
C VAL A 1400 6.94 -47.76 13.30
N ASN A 1401 7.21 -47.40 12.06
CA ASN A 1401 7.54 -48.41 11.06
C ASN A 1401 8.84 -49.12 11.40
N LEU A 1402 9.83 -48.38 11.92
CA LEU A 1402 11.08 -49.02 12.32
C LEU A 1402 10.86 -49.99 13.47
N MET A 1403 10.06 -49.59 14.46
CA MET A 1403 9.79 -50.53 15.56
C MET A 1403 9.02 -51.74 15.08
N LYS A 1404 8.14 -51.56 14.09
CA LYS A 1404 7.45 -52.73 13.53
C LYS A 1404 8.42 -53.66 12.82
N ALA A 1405 9.34 -53.11 12.04
CA ALA A 1405 10.34 -53.95 11.38
C ALA A 1405 11.20 -54.67 12.40
N LEU A 1406 11.61 -53.98 13.46
CA LEU A 1406 12.41 -54.61 14.51
C LEU A 1406 11.62 -55.71 15.21
N LYS A 1407 10.33 -55.50 15.45
CA LYS A 1407 9.47 -56.56 15.94
C LYS A 1407 9.53 -57.77 15.01
N MET A 1408 9.41 -57.53 13.72
CA MET A 1408 9.58 -58.61 12.76
C MET A 1408 10.96 -59.24 12.83
N SER A 1409 11.94 -58.53 13.39
CA SER A 1409 13.30 -59.04 13.49
C SER A 1409 13.55 -59.65 14.87
N PRO A 1410 14.55 -60.54 14.97
CA PRO A 1410 15.01 -61.00 16.28
C PRO A 1410 15.57 -59.91 17.17
N TYR A 1411 15.87 -58.74 16.63
CA TYR A 1411 16.30 -57.60 17.46
C TYR A 1411 15.16 -57.16 18.37
N LYS A 1412 14.03 -57.86 18.28
CA LYS A 1412 12.88 -57.54 19.11
C LYS A 1412 13.22 -57.57 20.59
N ASP A 1413 14.12 -58.47 21.01
CA ASP A 1413 14.44 -58.57 22.42
C ASP A 1413 15.21 -57.36 22.92
N ILE A 1414 16.24 -56.93 22.18
CA ILE A 1414 16.98 -55.73 22.57
C ILE A 1414 16.07 -54.51 22.49
N LEU A 1415 15.16 -54.49 21.52
CA LEU A 1415 14.19 -53.40 21.47
C LEU A 1415 13.31 -53.39 22.71
N GLU A 1416 12.84 -54.57 23.13
CA GLU A 1416 12.01 -54.65 24.33
C GLU A 1416 12.78 -54.16 25.55
N THR A 1417 14.05 -54.56 25.67
CA THR A 1417 14.86 -54.09 26.79
C THR A 1417 14.98 -52.57 26.78
N HIS A 1418 15.36 -52.00 25.63
CA HIS A 1418 15.56 -50.57 25.54
C HIS A 1418 14.27 -49.81 25.84
N LEU A 1419 13.14 -50.29 25.31
CA LEU A 1419 11.89 -49.58 25.53
C LEU A 1419 11.41 -49.71 26.96
N ARG A 1420 11.62 -50.88 27.57
CA ARG A 1420 11.13 -51.11 28.92
C ARG A 1420 11.99 -50.40 29.96
N GLU A 1421 13.27 -50.16 29.64
CA GLU A 1421 14.14 -49.49 30.60
C GLU A 1421 13.89 -47.99 30.70
N LYS A 1422 13.22 -47.38 29.71
CA LYS A 1422 12.85 -45.98 29.78
C LYS A 1422 11.36 -45.74 29.88
N ILE A 1423 10.53 -46.77 29.67
CA ILE A 1423 9.08 -46.65 29.78
C ILE A 1423 8.58 -47.80 30.63
N THR A 1424 7.91 -47.48 31.73
CA THR A 1424 7.34 -48.50 32.60
C THR A 1424 6.17 -47.92 33.37
N ALA A 1425 5.31 -48.82 33.86
CA ALA A 1425 4.11 -48.41 34.57
C ALA A 1425 4.46 -47.65 35.85
N GLN A 1426 5.51 -48.08 36.54
CA GLN A 1426 5.93 -47.38 37.76
C GLN A 1426 6.32 -45.94 37.44
N SER A 1427 7.10 -45.74 36.38
CA SER A 1427 7.49 -44.39 35.97
C SER A 1427 6.27 -43.57 35.62
N ILE A 1428 5.35 -44.16 34.85
CA ILE A 1428 4.13 -43.45 34.46
C ILE A 1428 3.37 -43.00 35.70
N GLU A 1429 3.18 -43.94 36.63
CA GLU A 1429 2.36 -43.64 37.81
C GLU A 1429 3.03 -42.61 38.71
N GLU A 1430 4.36 -42.63 38.79
CA GLU A 1430 5.03 -41.67 39.67
C GLU A 1430 5.06 -40.28 39.05
N LEU A 1431 5.18 -40.18 37.71
CA LEU A 1431 5.20 -38.86 37.10
C LEU A 1431 3.81 -38.33 36.78
N CYS A 1432 2.78 -39.16 36.88
CA CYS A 1432 1.44 -38.70 36.53
C CYS A 1432 0.72 -38.07 37.72
N ALA A 1433 0.57 -38.81 38.81
CA ALA A 1433 -0.26 -38.35 39.92
C ALA A 1433 0.28 -37.07 40.54
N VAL A 1434 1.58 -36.80 40.38
CA VAL A 1434 2.18 -35.62 41.00
C VAL A 1434 1.57 -34.34 40.44
N ASN A 1435 1.19 -34.34 39.17
CA ASN A 1435 0.56 -33.17 38.57
C ASN A 1435 -0.76 -32.86 39.27
N LEU A 1436 -1.05 -31.58 39.42
CA LEU A 1436 -2.27 -31.11 40.07
C LEU A 1436 -3.14 -30.28 39.14
N TYR A 1437 -2.86 -30.31 37.84
CA TYR A 1437 -3.51 -29.46 36.85
C TYR A 1437 -3.39 -27.98 37.21
N GLY A 1438 -2.33 -27.61 37.93
CA GLY A 1438 -2.16 -26.26 38.39
C GLY A 1438 -1.43 -25.40 37.39
N PRO A 1439 -1.27 -24.12 37.74
CA PRO A 1439 -0.55 -23.19 36.86
C PRO A 1439 0.95 -23.39 36.90
N ASP A 1440 1.38 -24.47 37.53
CA ASP A 1440 2.78 -24.84 37.64
C ASP A 1440 2.95 -26.22 36.97
N ALA A 1441 4.16 -26.77 37.08
CA ALA A 1441 4.48 -28.10 36.56
C ALA A 1441 4.26 -28.19 35.06
N GLN A 1442 4.55 -27.10 34.35
CA GLN A 1442 4.46 -27.12 32.88
C GLN A 1442 5.47 -28.11 32.31
N VAL A 1443 6.67 -28.17 32.89
CA VAL A 1443 7.68 -29.10 32.41
C VAL A 1443 7.23 -30.55 32.62
N ASP A 1444 6.62 -30.84 33.77
CA ASP A 1444 6.11 -32.19 34.00
C ASP A 1444 4.94 -32.50 33.08
N ARG A 1445 4.10 -31.50 32.80
CA ARG A 1445 3.03 -31.69 31.84
C ARG A 1445 3.57 -32.05 30.47
N SER A 1446 4.61 -31.33 30.02
CA SER A 1446 5.23 -31.65 28.74
C SER A 1446 5.88 -33.03 28.75
N ARG A 1447 6.49 -33.40 29.88
CA ARG A 1447 7.10 -34.72 30.00
C ARG A 1447 6.05 -35.80 29.84
N LEU A 1448 4.93 -35.64 30.54
CA LEU A 1448 3.83 -36.61 30.43
C LEU A 1448 3.28 -36.64 29.01
N ALA A 1449 3.22 -35.47 28.35
CA ALA A 1449 2.77 -35.44 26.97
C ALA A 1449 3.70 -36.25 26.07
N ALA A 1450 5.01 -36.10 26.26
CA ALA A 1450 5.96 -36.88 25.47
C ALA A 1450 5.80 -38.36 25.75
N VAL A 1451 5.62 -38.72 27.02
CA VAL A 1451 5.47 -40.13 27.38
C VAL A 1451 4.23 -40.73 26.73
N VAL A 1452 3.10 -40.02 26.79
CA VAL A 1452 1.87 -40.56 26.25
C VAL A 1452 1.94 -40.63 24.73
N SER A 1453 2.56 -39.63 24.10
CA SER A 1453 2.76 -39.69 22.65
C SER A 1453 3.59 -40.91 22.27
N ALA A 1454 4.67 -41.16 23.01
CA ALA A 1454 5.50 -42.32 22.73
C ALA A 1454 4.74 -43.63 22.91
N CYS A 1455 3.96 -43.72 23.99
CA CYS A 1455 3.19 -44.93 24.23
C CYS A 1455 2.16 -45.15 23.14
N LYS A 1456 1.52 -44.07 22.67
CA LYS A 1456 0.57 -44.19 21.56
C LYS A 1456 1.28 -44.63 20.28
N GLN A 1457 2.50 -44.16 20.06
CA GLN A 1457 3.27 -44.59 18.89
C GLN A 1457 3.56 -46.09 18.98
N LEU A 1458 3.94 -46.57 20.16
CA LEU A 1458 4.03 -48.01 20.36
C LEU A 1458 2.70 -48.72 20.14
N HIS A 1459 1.59 -48.06 20.48
CA HIS A 1459 0.29 -48.67 20.23
C HIS A 1459 0.07 -48.86 18.74
N ARG A 1460 0.43 -47.85 17.94
CA ARG A 1460 0.34 -48.01 16.49
C ARG A 1460 1.29 -49.10 16.01
N ALA A 1461 2.47 -49.18 16.61
CA ALA A 1461 3.44 -50.20 16.20
C ALA A 1461 3.03 -51.60 16.64
N GLY A 1462 2.15 -51.72 17.63
CA GLY A 1462 1.66 -53.00 18.09
C GLY A 1462 2.35 -53.53 19.32
N LEU A 1463 3.39 -52.86 19.82
CA LEU A 1463 4.19 -53.36 20.93
C LEU A 1463 3.73 -52.87 22.29
N LEU A 1464 2.59 -52.17 22.36
CA LEU A 1464 2.16 -51.62 23.65
C LEU A 1464 1.92 -52.72 24.67
N HIS A 1465 1.20 -53.77 24.30
CA HIS A 1465 0.99 -54.89 25.20
C HIS A 1465 2.20 -55.80 25.31
N ASN A 1466 3.03 -55.86 24.28
CA ASN A 1466 4.26 -56.63 24.38
C ASN A 1466 5.21 -56.03 25.40
N ILE A 1467 5.12 -54.72 25.62
CA ILE A 1467 6.06 -54.04 26.51
C ILE A 1467 5.46 -53.68 27.86
N LEU A 1468 4.14 -53.49 27.95
CA LEU A 1468 3.49 -53.13 29.21
C LEU A 1468 2.40 -54.13 29.52
N PRO A 1469 2.75 -55.30 30.07
CA PRO A 1469 1.74 -56.28 30.43
C PRO A 1469 0.96 -55.84 31.66
N SER A 1470 -0.17 -56.50 31.89
CA SER A 1470 -1.07 -56.16 32.98
C SER A 1470 -0.83 -57.05 34.18
N GLN A 1471 -0.72 -56.43 35.35
CA GLN A 1471 -0.61 -57.14 36.61
C GLN A 1471 -1.98 -57.52 37.19
N SER A 1472 -3.06 -56.99 36.63
CA SER A 1472 -4.40 -57.32 37.09
C SER A 1472 -4.83 -58.66 36.48
N THR A 1473 -6.09 -59.02 36.63
CA THR A 1473 -6.59 -60.31 36.17
C THR A 1473 -7.59 -60.16 35.03
N ASP A 1474 -8.69 -59.43 35.24
CA ASP A 1474 -9.73 -59.32 34.22
C ASP A 1474 -9.48 -58.15 33.28
N LEU A 1475 -9.46 -56.94 33.81
CA LEU A 1475 -9.15 -55.75 33.04
C LEU A 1475 -7.64 -55.59 32.93
N HIS A 1476 -7.21 -54.47 32.35
CA HIS A 1476 -5.80 -54.15 32.23
C HIS A 1476 -5.41 -53.21 33.37
N HIS A 1477 -4.29 -53.51 34.02
CA HIS A 1477 -3.84 -52.70 35.14
C HIS A 1477 -3.55 -51.27 34.70
N SER A 1478 -2.74 -51.12 33.65
CA SER A 1478 -2.19 -49.84 33.27
C SER A 1478 -3.25 -48.83 32.87
N VAL A 1479 -4.46 -49.28 32.55
CA VAL A 1479 -5.54 -48.39 32.17
C VAL A 1479 -6.65 -48.36 33.22
N GLY A 1480 -6.91 -49.49 33.88
CA GLY A 1480 -7.85 -49.48 34.98
C GLY A 1480 -7.46 -48.49 36.05
N THR A 1481 -6.17 -48.45 36.39
CA THR A 1481 -5.71 -47.43 37.33
C THR A 1481 -5.65 -46.05 36.68
N GLU A 1482 -5.17 -45.98 35.45
CA GLU A 1482 -4.95 -44.71 34.77
C GLU A 1482 -6.24 -43.91 34.65
N LEU A 1483 -7.22 -44.47 33.93
CA LEU A 1483 -8.47 -43.77 33.70
C LEU A 1483 -9.10 -43.32 35.00
N LEU A 1484 -9.16 -44.22 35.98
CA LEU A 1484 -9.85 -43.90 37.23
C LEU A 1484 -9.14 -42.79 37.99
N SER A 1485 -7.88 -43.02 38.36
CA SER A 1485 -7.22 -42.08 39.26
C SER A 1485 -6.61 -40.88 38.55
N LEU A 1486 -6.71 -40.80 37.23
CA LEU A 1486 -5.99 -39.78 36.49
C LEU A 1486 -6.88 -38.71 35.89
N VAL A 1487 -7.86 -39.07 35.07
CA VAL A 1487 -8.70 -38.11 34.37
C VAL A 1487 -10.13 -38.13 34.87
N TYR A 1488 -10.67 -39.32 35.20
CA TYR A 1488 -12.00 -39.33 35.79
C TYR A 1488 -12.01 -38.66 37.16
N LYS A 1489 -10.98 -38.92 37.96
CA LYS A 1489 -10.88 -38.31 39.29
C LYS A 1489 -9.90 -37.15 39.31
N GLY A 1490 -9.16 -36.93 38.24
CA GLY A 1490 -8.33 -35.76 38.14
C GLY A 1490 -9.06 -34.50 37.78
N ILE A 1491 -10.36 -34.61 37.48
CA ILE A 1491 -11.20 -33.46 37.20
C ILE A 1491 -12.10 -33.11 38.37
N ALA A 1492 -11.97 -33.80 39.49
CA ALA A 1492 -12.75 -33.46 40.67
C ALA A 1492 -12.01 -33.82 41.97
N PRO A 1493 -10.83 -33.24 42.22
CA PRO A 1493 -10.11 -33.60 43.45
C PRO A 1493 -10.71 -32.91 44.67
N GLY A 1494 -10.91 -33.68 45.73
CA GLY A 1494 -11.32 -33.13 47.01
C GLY A 1494 -12.78 -32.72 47.09
N ASP A 1495 -13.39 -32.90 48.26
CA ASP A 1495 -14.73 -32.42 48.51
C ASP A 1495 -14.78 -30.92 48.81
N GLU A 1496 -13.63 -30.30 49.03
CA GLU A 1496 -13.50 -28.85 48.96
C GLU A 1496 -13.02 -28.49 47.57
N ARG A 1497 -13.60 -27.44 47.00
CA ARG A 1497 -13.45 -27.16 45.56
C ARG A 1497 -12.59 -25.92 45.37
N GLN A 1498 -11.29 -26.14 45.20
CA GLN A 1498 -10.36 -25.07 44.90
C GLN A 1498 -9.51 -25.40 43.68
N CYS A 1499 -9.20 -26.68 43.49
CA CYS A 1499 -8.34 -27.14 42.42
C CYS A 1499 -9.12 -27.70 41.24
N LEU A 1500 -10.41 -27.40 41.15
CA LEU A 1500 -11.23 -27.92 40.05
C LEU A 1500 -10.77 -27.44 38.68
N PRO A 1501 -10.54 -26.15 38.44
CA PRO A 1501 -10.35 -25.68 37.05
C PRO A 1501 -9.22 -26.40 36.35
N SER A 1502 -9.54 -26.98 35.19
CA SER A 1502 -8.59 -27.77 34.42
C SER A 1502 -8.57 -27.36 32.96
N LEU A 1503 -9.69 -26.80 32.49
CA LEU A 1503 -9.83 -26.48 31.07
C LEU A 1503 -8.91 -25.30 30.74
N ASP A 1504 -7.76 -25.62 30.15
CA ASP A 1504 -6.82 -24.62 29.70
C ASP A 1504 -6.54 -24.72 28.21
N LEU A 1505 -7.13 -25.71 27.54
CA LEU A 1505 -6.88 -26.10 26.16
C LEU A 1505 -5.47 -26.65 25.98
N SER A 1506 -4.65 -26.68 27.03
CA SER A 1506 -3.40 -27.42 27.05
C SER A 1506 -3.46 -28.53 28.07
N CYS A 1507 -3.80 -28.21 29.32
CA CYS A 1507 -4.06 -29.24 30.31
C CYS A 1507 -5.21 -30.13 29.89
N LYS A 1508 -6.26 -29.55 29.34
CA LYS A 1508 -7.41 -30.33 28.89
C LYS A 1508 -7.03 -31.30 27.78
N GLN A 1509 -6.22 -30.85 26.83
CA GLN A 1509 -5.84 -31.76 25.75
C GLN A 1509 -4.84 -32.80 26.24
N LEU A 1510 -4.00 -32.47 27.23
CA LEU A 1510 -3.18 -33.50 27.85
C LEU A 1510 -4.05 -34.56 28.50
N ALA A 1511 -5.09 -34.14 29.21
CA ALA A 1511 -6.00 -35.10 29.82
C ALA A 1511 -6.68 -35.96 28.77
N SER A 1512 -7.06 -35.34 27.65
CA SER A 1512 -7.66 -36.11 26.56
C SER A 1512 -6.68 -37.12 26.01
N GLY A 1513 -5.40 -36.75 25.90
CA GLY A 1513 -4.40 -37.70 25.44
C GLY A 1513 -4.21 -38.86 26.40
N LEU A 1514 -4.18 -38.57 27.71
CA LEU A 1514 -4.09 -39.63 28.70
C LEU A 1514 -5.29 -40.57 28.61
N LEU A 1515 -6.48 -40.00 28.46
CA LEU A 1515 -7.69 -40.81 28.35
C LEU A 1515 -7.67 -41.66 27.08
N GLU A 1516 -7.17 -41.10 25.98
CA GLU A 1516 -7.04 -41.86 24.75
C GLU A 1516 -6.06 -43.00 24.92
N LEU A 1517 -4.96 -42.76 25.63
CA LEU A 1517 -4.03 -43.85 25.94
C LEU A 1517 -4.73 -44.92 26.76
N ALA A 1518 -5.57 -44.51 27.71
CA ALA A 1518 -6.32 -45.48 28.49
C ALA A 1518 -7.18 -46.35 27.59
N PHE A 1519 -7.90 -45.74 26.66
CA PHE A 1519 -8.69 -46.53 25.72
C PHE A 1519 -7.84 -47.30 24.73
N ALA A 1520 -6.55 -46.99 24.63
CA ALA A 1520 -5.70 -47.59 23.61
C ALA A 1520 -5.34 -49.03 23.89
N PHE A 1521 -6.05 -49.63 24.83
CA PHE A 1521 -5.86 -51.00 25.28
C PHE A 1521 -7.12 -51.80 24.96
N GLY A 1522 -7.22 -52.98 25.54
CA GLY A 1522 -8.35 -53.86 25.29
C GLY A 1522 -9.67 -53.34 25.85
N GLY A 1523 -10.56 -54.26 26.23
CA GLY A 1523 -11.94 -53.93 26.51
C GLY A 1523 -12.15 -53.15 27.80
N LEU A 1524 -11.71 -51.89 27.79
CA LEU A 1524 -11.97 -50.98 28.89
C LEU A 1524 -13.36 -50.34 28.81
N CYS A 1525 -14.01 -50.40 27.64
CA CYS A 1525 -15.27 -49.70 27.45
C CYS A 1525 -16.35 -50.23 28.39
N GLU A 1526 -16.26 -51.50 28.78
CA GLU A 1526 -17.26 -52.07 29.68
C GLU A 1526 -17.27 -51.32 31.01
N ARG A 1527 -16.10 -51.03 31.57
CA ARG A 1527 -16.03 -50.19 32.75
C ARG A 1527 -16.26 -48.72 32.44
N LEU A 1528 -15.86 -48.29 31.24
CA LEU A 1528 -16.03 -46.89 30.86
C LEU A 1528 -17.49 -46.48 30.89
N VAL A 1529 -18.36 -47.31 30.30
CA VAL A 1529 -19.78 -46.97 30.24
C VAL A 1529 -20.40 -47.02 31.62
N SER A 1530 -19.97 -47.95 32.46
CA SER A 1530 -20.46 -47.99 33.83
C SER A 1530 -20.07 -46.72 34.58
N LEU A 1531 -18.85 -46.26 34.38
CA LEU A 1531 -18.40 -45.02 35.01
C LEU A 1531 -19.16 -43.82 34.47
N LEU A 1532 -19.42 -43.81 33.17
CA LEU A 1532 -20.12 -42.73 32.51
C LEU A 1532 -21.57 -42.64 32.95
N LEU A 1533 -22.18 -43.79 33.25
CA LEU A 1533 -23.54 -43.85 33.74
C LEU A 1533 -23.62 -43.92 35.26
N ASN A 1534 -22.47 -43.80 35.94
CA ASN A 1534 -22.44 -43.90 37.39
C ASN A 1534 -22.86 -42.55 37.98
N PRO A 1535 -23.96 -42.50 38.72
CA PRO A 1535 -24.36 -41.24 39.34
C PRO A 1535 -23.45 -40.86 40.49
N ALA A 1536 -22.69 -39.77 40.34
CA ALA A 1536 -21.82 -39.28 41.41
C ALA A 1536 -21.92 -37.76 41.43
N VAL A 1537 -22.45 -37.23 42.53
CA VAL A 1537 -22.57 -35.78 42.63
C VAL A 1537 -21.22 -35.16 42.96
N LEU A 1538 -21.10 -33.86 42.68
CA LEU A 1538 -19.91 -33.10 43.02
C LEU A 1538 -20.21 -31.95 43.97
N SER A 1539 -21.24 -31.16 43.68
CA SER A 1539 -21.70 -30.09 44.56
C SER A 1539 -20.58 -29.10 44.90
N THR A 1540 -20.08 -28.44 43.86
CA THR A 1540 -18.97 -27.52 44.03
C THR A 1540 -19.44 -26.20 44.62
N ALA A 1541 -18.48 -25.45 45.17
CA ALA A 1541 -18.78 -24.17 45.80
C ALA A 1541 -18.98 -23.08 44.76
N SER A 1549 -24.94 -21.32 46.73
CA SER A 1549 -23.69 -21.65 47.41
C SER A 1549 -23.00 -22.83 46.75
N VAL A 1550 -23.54 -24.03 46.99
CA VAL A 1550 -23.03 -25.25 46.37
C VAL A 1550 -23.97 -25.63 45.24
N ILE A 1551 -23.40 -26.24 44.20
CA ILE A 1551 -24.12 -26.55 42.98
C ILE A 1551 -23.84 -28.00 42.61
N HIS A 1552 -24.80 -28.87 42.88
CA HIS A 1552 -24.66 -30.28 42.54
C HIS A 1552 -24.70 -30.46 41.02
N PHE A 1553 -23.95 -31.45 40.55
CA PHE A 1553 -24.02 -31.91 39.16
C PHE A 1553 -23.26 -33.21 39.06
N SER A 1554 -23.73 -34.09 38.18
CA SER A 1554 -23.22 -35.46 38.16
C SER A 1554 -21.82 -35.52 37.56
N HIS A 1555 -20.95 -36.24 38.27
CA HIS A 1555 -19.55 -36.37 37.87
C HIS A 1555 -19.43 -36.93 36.46
N GLY A 1556 -20.29 -37.89 36.13
CA GLY A 1556 -20.27 -38.43 34.78
C GLY A 1556 -20.63 -37.39 33.74
N GLU A 1557 -21.62 -36.55 34.04
CA GLU A 1557 -22.02 -35.51 33.07
C GLU A 1557 -20.90 -34.51 32.87
N TYR A 1558 -20.23 -34.10 33.96
CA TYR A 1558 -19.06 -33.25 33.79
C TYR A 1558 -18.00 -33.93 32.94
N PHE A 1559 -17.74 -35.22 33.21
CA PHE A 1559 -16.75 -35.97 32.46
C PHE A 1559 -17.08 -35.98 30.98
N TYR A 1560 -18.34 -36.22 30.64
CA TYR A 1560 -18.73 -36.23 29.23
C TYR A 1560 -18.60 -34.84 28.62
N SER A 1561 -19.15 -33.83 29.29
CA SER A 1561 -19.08 -32.47 28.78
C SER A 1561 -17.65 -32.08 28.47
N LEU A 1562 -16.70 -32.59 29.25
CA LEU A 1562 -15.32 -32.29 28.94
C LEU A 1562 -14.81 -33.14 27.78
N PHE A 1563 -14.71 -34.45 27.97
CA PHE A 1563 -14.09 -35.30 26.96
C PHE A 1563 -15.10 -36.00 26.06
N SER A 1564 -16.05 -35.21 25.55
CA SER A 1564 -17.03 -35.72 24.61
C SER A 1564 -16.46 -35.99 23.23
N GLU A 1565 -15.37 -35.35 22.85
CA GLU A 1565 -14.79 -35.64 21.55
C GLU A 1565 -14.04 -36.96 21.55
N THR A 1566 -13.67 -37.47 22.72
CA THR A 1566 -12.85 -38.67 22.82
C THR A 1566 -13.63 -39.88 23.29
N ILE A 1567 -14.52 -39.74 24.28
CA ILE A 1567 -15.21 -40.92 24.81
C ILE A 1567 -16.01 -41.61 23.72
N ASN A 1568 -16.77 -40.83 22.96
CA ASN A 1568 -17.67 -41.42 21.98
C ASN A 1568 -16.91 -42.01 20.80
N THR A 1569 -15.65 -41.66 20.59
CA THR A 1569 -14.89 -42.30 19.52
C THR A 1569 -14.62 -43.77 19.85
N GLU A 1570 -14.13 -44.03 21.06
CA GLU A 1570 -13.99 -45.41 21.53
C GLU A 1570 -15.34 -46.10 21.57
N LEU A 1571 -16.37 -45.40 22.04
CA LEU A 1571 -17.70 -46.01 22.09
C LEU A 1571 -18.21 -46.38 20.70
N LEU A 1572 -17.93 -45.55 19.70
CA LEU A 1572 -18.33 -45.90 18.34
C LEU A 1572 -17.46 -47.01 17.78
N LYS A 1573 -16.23 -47.13 18.27
CA LYS A 1573 -15.41 -48.26 17.84
C LYS A 1573 -16.01 -49.58 18.30
N ASN A 1574 -16.48 -49.66 19.54
CA ASN A 1574 -17.07 -50.90 20.02
C ASN A 1574 -18.55 -50.74 20.35
N LEU A 1575 -19.28 -50.01 19.50
CA LEU A 1575 -20.70 -49.77 19.71
C LEU A 1575 -21.51 -51.03 19.89
N ASP A 1576 -21.10 -52.13 19.27
CA ASP A 1576 -21.89 -53.36 19.31
C ASP A 1576 -22.19 -53.81 20.73
N LEU A 1577 -21.31 -53.52 21.67
CA LEU A 1577 -21.59 -53.73 23.09
C LEU A 1577 -21.76 -52.44 23.86
N ALA A 1578 -21.18 -51.33 23.38
CA ALA A 1578 -21.37 -50.05 24.07
C ALA A 1578 -22.85 -49.69 24.15
N VAL A 1579 -23.57 -49.78 23.02
CA VAL A 1579 -24.98 -49.42 23.00
C VAL A 1579 -25.78 -50.35 23.87
N LEU A 1580 -25.43 -51.65 23.87
CA LEU A 1580 -26.16 -52.60 24.68
C LEU A 1580 -26.00 -52.30 26.16
N GLU A 1581 -24.77 -52.01 26.60
CA GLU A 1581 -24.59 -51.68 28.01
C GLU A 1581 -25.17 -50.32 28.36
N LEU A 1582 -25.25 -49.40 27.39
CA LEU A 1582 -25.96 -48.14 27.62
C LEU A 1582 -27.43 -48.39 27.90
N MET A 1583 -28.08 -49.13 27.00
CA MET A 1583 -29.50 -49.43 27.15
C MET A 1583 -29.77 -50.35 28.33
N GLN A 1584 -28.76 -51.06 28.82
CA GLN A 1584 -28.96 -51.89 30.00
C GLN A 1584 -29.44 -51.08 31.19
N SER A 1585 -29.11 -49.79 31.24
CA SER A 1585 -29.54 -48.89 32.30
C SER A 1585 -30.30 -47.70 31.71
N SER A 1586 -31.18 -47.97 30.76
CA SER A 1586 -31.94 -46.93 30.09
C SER A 1586 -33.24 -46.58 30.81
N VAL A 1587 -33.58 -47.28 31.89
CA VAL A 1587 -34.84 -47.05 32.58
C VAL A 1587 -34.66 -46.36 33.93
N ASP A 1588 -33.47 -46.45 34.54
CA ASP A 1588 -33.23 -45.77 35.81
C ASP A 1588 -32.57 -44.42 35.64
N ASN A 1589 -31.71 -44.26 34.62
CA ASN A 1589 -31.04 -43.01 34.35
C ASN A 1589 -31.88 -42.12 33.43
N THR A 1590 -32.13 -42.59 32.20
CA THR A 1590 -33.07 -42.00 31.24
C THR A 1590 -32.62 -40.63 30.76
N LYS A 1591 -31.54 -40.10 31.34
CA LYS A 1591 -31.04 -38.77 30.96
C LYS A 1591 -29.64 -38.85 30.39
N MET A 1592 -28.68 -39.41 31.12
CA MET A 1592 -27.33 -39.53 30.58
C MET A 1592 -27.29 -40.50 29.41
N VAL A 1593 -28.14 -41.52 29.43
CA VAL A 1593 -28.23 -42.39 28.25
C VAL A 1593 -28.64 -41.58 27.04
N SER A 1594 -29.62 -40.69 27.20
CA SER A 1594 -30.03 -39.83 26.10
C SER A 1594 -28.89 -38.94 25.65
N ALA A 1595 -28.15 -38.37 26.61
CA ALA A 1595 -27.04 -37.49 26.26
C ALA A 1595 -25.99 -38.24 25.46
N VAL A 1596 -25.63 -39.45 25.90
CA VAL A 1596 -24.56 -40.17 25.22
C VAL A 1596 -25.02 -40.66 23.85
N LEU A 1597 -26.26 -41.13 23.74
CA LEU A 1597 -26.77 -41.51 22.43
C LEU A 1597 -26.74 -40.33 21.47
N ASN A 1598 -27.20 -39.16 21.93
CA ASN A 1598 -27.19 -37.98 21.07
C ASN A 1598 -25.76 -37.60 20.69
N GLY A 1599 -24.83 -37.67 21.64
CA GLY A 1599 -23.46 -37.34 21.33
C GLY A 1599 -22.85 -38.27 20.29
N MET A 1600 -23.07 -39.58 20.46
CA MET A 1600 -22.53 -40.55 19.50
C MET A 1600 -23.13 -40.33 18.12
N LEU A 1601 -24.45 -40.12 18.07
CA LEU A 1601 -25.10 -39.87 16.79
C LEU A 1601 -24.57 -38.61 16.15
N ASP A 1602 -24.37 -37.56 16.95
CA ASP A 1602 -23.83 -36.31 16.44
C ASP A 1602 -22.45 -36.51 15.85
N GLN A 1603 -21.60 -37.27 16.56
CA GLN A 1603 -20.27 -37.55 16.05
C GLN A 1603 -20.34 -38.25 14.70
N SER A 1604 -21.15 -39.32 14.62
CA SER A 1604 -21.24 -40.08 13.38
C SER A 1604 -21.82 -39.24 12.25
N PHE A 1605 -22.76 -38.34 12.56
CA PHE A 1605 -23.35 -37.50 11.55
C PHE A 1605 -22.34 -36.48 11.03
N ARG A 1606 -21.61 -35.83 11.93
CA ARG A 1606 -20.57 -34.91 11.48
C ARG A 1606 -19.53 -35.63 10.65
N GLU A 1607 -19.27 -36.91 10.95
CA GLU A 1607 -18.29 -37.68 10.22
C GLU A 1607 -18.94 -38.57 9.16
N ARG A 1608 -20.13 -38.20 8.68
CA ARG A 1608 -20.84 -39.03 7.71
C ARG A 1608 -20.04 -39.22 6.43
N ALA A 1609 -19.17 -38.29 6.09
CA ALA A 1609 -18.31 -38.41 4.91
C ALA A 1609 -17.16 -39.36 5.25
N ASN A 1610 -17.03 -40.43 4.46
CA ASN A 1610 -16.08 -41.53 4.60
C ASN A 1610 -16.48 -42.50 5.71
N GLN A 1611 -17.53 -42.21 6.48
CA GLN A 1611 -18.00 -43.12 7.53
C GLN A 1611 -19.49 -43.37 7.37
N LYS A 1612 -19.91 -43.69 6.15
CA LYS A 1612 -21.28 -44.13 5.93
C LYS A 1612 -21.58 -45.40 6.71
N HIS A 1613 -20.62 -46.34 6.69
CA HIS A 1613 -20.79 -47.63 7.34
C HIS A 1613 -21.04 -47.45 8.84
N GLN A 1614 -20.29 -46.56 9.47
CA GLN A 1614 -20.40 -46.37 10.91
C GLN A 1614 -21.78 -45.84 11.28
N GLY A 1615 -22.27 -44.84 10.54
CA GLY A 1615 -23.60 -44.32 10.80
C GLY A 1615 -24.68 -45.36 10.57
N LEU A 1616 -24.57 -46.13 9.48
CA LEU A 1616 -25.57 -47.15 9.21
C LEU A 1616 -25.57 -48.23 10.30
N LYS A 1617 -24.39 -48.64 10.75
CA LYS A 1617 -24.33 -49.66 11.80
C LYS A 1617 -24.91 -49.14 13.10
N LEU A 1618 -24.61 -47.88 13.44
CA LEU A 1618 -25.20 -47.27 14.62
C LEU A 1618 -26.72 -47.27 14.50
N ALA A 1619 -27.24 -46.91 13.33
CA ALA A 1619 -28.68 -46.90 13.14
C ALA A 1619 -29.26 -48.30 13.32
N THR A 1620 -28.63 -49.30 12.73
CA THR A 1620 -29.15 -50.65 12.82
C THR A 1620 -29.18 -51.14 14.26
N THR A 1621 -28.11 -50.92 15.01
CA THR A 1621 -28.09 -51.43 16.37
C THR A 1621 -29.07 -50.68 17.28
N ILE A 1622 -29.16 -49.35 17.15
CA ILE A 1622 -30.10 -48.62 18.00
C ILE A 1622 -31.53 -49.01 17.67
N LEU A 1623 -31.86 -49.11 16.38
CA LEU A 1623 -33.21 -49.49 16.01
C LEU A 1623 -33.54 -50.90 16.47
N GLN A 1624 -32.57 -51.82 16.38
CA GLN A 1624 -32.78 -53.17 16.86
C GLN A 1624 -33.07 -53.18 18.35
N HIS A 1625 -32.22 -52.54 19.15
CA HIS A 1625 -32.36 -52.57 20.59
C HIS A 1625 -33.31 -51.50 21.12
N TRP A 1626 -34.09 -50.89 20.24
CA TRP A 1626 -35.15 -49.98 20.66
C TRP A 1626 -36.08 -50.59 21.71
N LYS A 1627 -36.12 -51.92 21.83
CA LYS A 1627 -37.09 -52.54 22.73
C LYS A 1627 -36.93 -52.06 24.16
N LYS A 1628 -35.75 -51.56 24.53
CA LYS A 1628 -35.58 -50.97 25.84
C LYS A 1628 -35.97 -49.50 25.90
N CYS A 1629 -36.27 -48.89 24.74
CA CYS A 1629 -36.73 -47.51 24.67
C CYS A 1629 -38.22 -47.37 24.96
N ASP A 1630 -38.93 -48.49 25.14
CA ASP A 1630 -40.39 -48.45 25.18
C ASP A 1630 -40.90 -47.59 26.33
N SER A 1631 -40.30 -47.73 27.51
CA SER A 1631 -40.80 -47.00 28.67
C SER A 1631 -40.63 -45.49 28.54
N TRP A 1632 -39.80 -45.03 27.61
CA TRP A 1632 -39.60 -43.59 27.46
C TRP A 1632 -40.88 -42.89 27.03
N TRP A 1633 -41.60 -43.45 26.05
CA TRP A 1633 -42.87 -42.91 25.61
C TRP A 1633 -44.00 -43.80 26.09
N ALA A 1634 -45.04 -43.17 26.63
CA ALA A 1634 -46.18 -43.87 27.20
C ALA A 1634 -47.28 -42.85 27.44
N LYS A 1635 -48.48 -43.35 27.71
CA LYS A 1635 -49.59 -42.44 27.95
C LYS A 1635 -49.44 -41.66 29.24
N ASP A 1636 -48.50 -42.05 30.10
CA ASP A 1636 -48.15 -41.29 31.30
C ASP A 1636 -46.66 -40.92 31.31
N SER A 1637 -46.03 -40.92 30.15
CA SER A 1637 -44.60 -40.65 30.05
C SER A 1637 -44.31 -39.16 30.28
N PRO A 1638 -43.10 -38.84 30.72
CA PRO A 1638 -42.70 -37.43 30.81
C PRO A 1638 -42.56 -36.80 29.43
N LEU A 1639 -43.07 -35.57 29.32
CA LEU A 1639 -43.04 -34.87 28.05
C LEU A 1639 -41.62 -34.58 27.61
N GLU A 1640 -40.74 -34.23 28.55
CA GLU A 1640 -39.34 -34.02 28.20
C GLU A 1640 -38.72 -35.29 27.64
N THR A 1641 -39.08 -36.43 28.23
CA THR A 1641 -38.63 -37.71 27.67
C THR A 1641 -39.16 -37.90 26.26
N LYS A 1642 -40.41 -37.49 26.02
CA LYS A 1642 -40.96 -37.62 24.67
C LYS A 1642 -40.20 -36.75 23.67
N MET A 1643 -39.87 -35.50 24.05
CA MET A 1643 -39.06 -34.68 23.16
C MET A 1643 -37.69 -35.30 22.93
N ALA A 1644 -37.09 -35.87 23.97
CA ALA A 1644 -35.81 -36.55 23.78
C ALA A 1644 -35.94 -37.70 22.80
N VAL A 1645 -37.02 -38.47 22.93
CA VAL A 1645 -37.24 -39.59 22.01
C VAL A 1645 -37.40 -39.08 20.59
N LEU A 1646 -38.14 -38.00 20.41
CA LEU A 1646 -38.33 -37.47 19.06
C LEU A 1646 -37.03 -36.93 18.48
N ALA A 1647 -36.22 -36.27 19.31
CA ALA A 1647 -34.92 -35.80 18.82
C ALA A 1647 -34.05 -36.98 18.41
N LEU A 1648 -34.04 -38.04 19.22
CA LEU A 1648 -33.31 -39.25 18.86
C LEU A 1648 -33.80 -39.84 17.56
N LEU A 1649 -35.12 -39.92 17.39
CA LEU A 1649 -35.68 -40.54 16.20
C LEU A 1649 -35.40 -39.72 14.96
N ALA A 1650 -35.56 -38.40 15.05
CA ALA A 1650 -35.25 -37.54 13.93
C ALA A 1650 -33.79 -37.66 13.57
N LYS A 1651 -32.92 -37.67 14.58
CA LYS A 1651 -31.49 -37.76 14.32
C LYS A 1651 -31.15 -39.08 13.64
N ILE A 1652 -31.73 -40.18 14.11
CA ILE A 1652 -31.39 -41.49 13.57
C ILE A 1652 -31.92 -41.66 12.15
N LEU A 1653 -33.12 -41.16 11.87
CA LEU A 1653 -33.63 -41.26 10.51
C LEU A 1653 -32.93 -40.28 9.57
N GLN A 1654 -32.39 -39.19 10.12
CA GLN A 1654 -31.72 -38.19 9.30
C GLN A 1654 -30.29 -38.57 8.93
N ILE A 1655 -29.57 -39.23 9.84
CA ILE A 1655 -28.17 -39.53 9.56
C ILE A 1655 -28.04 -40.50 8.39
N ASP A 1656 -28.87 -41.54 8.36
CA ASP A 1656 -28.81 -42.53 7.31
C ASP A 1656 -29.78 -42.16 6.19
N SER A 1657 -29.49 -42.63 4.98
CA SER A 1657 -30.47 -42.53 3.94
C SER A 1657 -31.67 -43.41 4.26
N SER A 1658 -32.78 -43.16 3.58
CA SER A 1658 -33.97 -43.96 3.82
C SER A 1658 -33.78 -45.35 3.19
N VAL A 1659 -32.83 -46.12 3.72
CA VAL A 1659 -32.48 -47.41 3.17
C VAL A 1659 -32.64 -48.53 4.20
N SER A 1660 -32.08 -48.36 5.39
CA SER A 1660 -32.21 -49.35 6.45
C SER A 1660 -33.59 -49.35 7.08
N PHE A 1661 -34.40 -48.34 6.79
CA PHE A 1661 -35.73 -48.17 7.38
C PHE A 1661 -36.73 -48.16 6.24
N ASN A 1662 -37.13 -49.35 5.78
CA ASN A 1662 -38.09 -49.46 4.68
C ASN A 1662 -39.38 -50.17 5.12
N THR A 1663 -39.28 -51.41 5.61
CA THR A 1663 -40.40 -52.12 6.20
C THR A 1663 -39.93 -53.41 6.87
N SER A 1664 -40.33 -53.61 8.13
CA SER A 1664 -40.07 -54.85 8.88
C SER A 1664 -38.59 -55.25 8.83
N HIS A 1665 -37.70 -54.29 8.69
CA HIS A 1665 -36.29 -54.64 8.56
C HIS A 1665 -35.43 -54.08 9.69
N GLY A 1666 -35.54 -52.79 9.97
CA GLY A 1666 -34.77 -52.17 11.03
C GLY A 1666 -35.61 -51.94 12.26
N SER A 1667 -36.38 -52.96 12.65
CA SER A 1667 -37.42 -52.81 13.68
C SER A 1667 -38.43 -51.75 13.24
N PHE A 1668 -38.71 -51.74 11.94
CA PHE A 1668 -39.65 -50.80 11.36
C PHE A 1668 -41.00 -50.79 12.05
N PRO A 1669 -41.63 -51.94 12.37
CA PRO A 1669 -42.90 -51.87 13.10
C PRO A 1669 -42.78 -51.17 14.43
N GLU A 1670 -41.70 -51.41 15.18
CA GLU A 1670 -41.52 -50.73 16.46
C GLU A 1670 -41.35 -49.24 16.26
N VAL A 1671 -40.55 -48.84 15.27
CA VAL A 1671 -40.33 -47.42 15.03
C VAL A 1671 -41.64 -46.76 14.62
N PHE A 1672 -42.40 -47.40 13.74
CA PHE A 1672 -43.67 -46.83 13.29
C PHE A 1672 -44.66 -46.72 14.43
N THR A 1673 -44.73 -47.73 15.29
CA THR A 1673 -45.64 -47.65 16.43
C THR A 1673 -45.24 -46.51 17.34
N THR A 1674 -43.95 -46.35 17.60
CA THR A 1674 -43.50 -45.22 18.39
C THR A 1674 -43.90 -43.91 17.73
N TYR A 1675 -43.71 -43.81 16.41
CA TYR A 1675 -43.95 -42.57 15.70
C TYR A 1675 -45.42 -42.19 15.78
N ILE A 1676 -46.32 -43.13 15.48
CA ILE A 1676 -47.75 -42.85 15.53
C ILE A 1676 -48.18 -42.54 16.96
N SER A 1677 -47.65 -43.29 17.93
CA SER A 1677 -48.04 -43.08 19.32
C SER A 1677 -47.69 -41.67 19.79
N LEU A 1678 -46.50 -41.18 19.42
CA LEU A 1678 -46.16 -39.82 19.81
C LEU A 1678 -46.88 -38.78 18.97
N LEU A 1679 -47.13 -39.06 17.69
CA LEU A 1679 -47.72 -38.05 16.82
C LEU A 1679 -49.17 -37.80 17.14
N ALA A 1680 -49.94 -38.86 17.41
CA ALA A 1680 -51.35 -38.72 17.71
C ALA A 1680 -51.62 -38.32 19.14
N ASP A 1681 -50.61 -38.38 20.02
CA ASP A 1681 -50.82 -38.10 21.43
C ASP A 1681 -51.26 -36.67 21.63
N THR A 1682 -52.29 -36.47 22.46
CA THR A 1682 -52.89 -35.17 22.67
C THR A 1682 -52.29 -34.40 23.84
N LYS A 1683 -51.08 -34.76 24.29
CA LYS A 1683 -50.41 -34.01 25.35
C LYS A 1683 -49.17 -33.28 24.85
N LEU A 1684 -48.76 -33.52 23.60
CA LEU A 1684 -47.74 -32.72 22.96
C LEU A 1684 -48.33 -31.37 22.55
N ASP A 1685 -47.46 -30.40 22.30
CA ASP A 1685 -47.94 -29.15 21.76
C ASP A 1685 -47.79 -29.13 20.24
N LEU A 1686 -48.58 -28.25 19.61
CA LEU A 1686 -48.62 -28.20 18.16
C LEU A 1686 -47.25 -27.96 17.55
N HIS A 1687 -46.41 -27.18 18.23
CA HIS A 1687 -45.06 -26.97 17.75
C HIS A 1687 -44.28 -28.28 17.69
N LEU A 1688 -44.38 -29.10 18.74
CA LEU A 1688 -43.67 -30.37 18.73
C LEU A 1688 -44.25 -31.31 17.69
N LYS A 1689 -45.57 -31.33 17.55
CA LYS A 1689 -46.17 -32.17 16.52
C LYS A 1689 -45.68 -31.77 15.14
N GLY A 1690 -45.61 -30.46 14.88
CA GLY A 1690 -45.07 -29.99 13.62
C GLY A 1690 -43.62 -30.37 13.45
N GLN A 1691 -42.84 -30.35 14.53
CA GLN A 1691 -41.48 -30.86 14.47
C GLN A 1691 -41.47 -32.31 14.03
N ALA A 1692 -42.41 -33.09 14.55
CA ALA A 1692 -42.48 -34.50 14.19
C ALA A 1692 -42.85 -34.69 12.72
N VAL A 1693 -43.81 -33.90 12.22
CA VAL A 1693 -44.33 -34.15 10.87
C VAL A 1693 -43.31 -33.91 9.78
N THR A 1694 -42.13 -33.39 10.11
CA THR A 1694 -41.08 -33.30 9.11
C THR A 1694 -40.53 -34.68 8.75
N LEU A 1695 -40.86 -35.69 9.55
CA LEU A 1695 -40.42 -37.06 9.33
C LEU A 1695 -41.36 -37.85 8.41
N LEU A 1696 -42.45 -37.24 7.98
CA LEU A 1696 -43.37 -37.94 7.07
C LEU A 1696 -42.72 -38.45 5.79
N PRO A 1697 -41.67 -37.83 5.23
CA PRO A 1697 -41.02 -38.45 4.07
C PRO A 1697 -40.47 -39.84 4.33
N PHE A 1698 -40.14 -40.16 5.56
CA PHE A 1698 -39.64 -41.48 5.92
C PHE A 1698 -40.76 -42.45 6.28
N PHE A 1699 -42.01 -42.02 6.16
CA PHE A 1699 -43.16 -42.91 6.30
C PHE A 1699 -44.08 -42.85 5.09
N THR A 1700 -43.71 -42.10 4.05
CA THR A 1700 -44.52 -42.03 2.85
C THR A 1700 -44.43 -43.29 2.00
N SER A 1701 -43.23 -43.86 1.83
CA SER A 1701 -43.08 -45.08 1.04
C SER A 1701 -43.50 -46.29 1.85
N LEU A 1702 -44.74 -46.28 2.34
CA LEU A 1702 -45.27 -47.30 3.22
C LEU A 1702 -46.59 -47.84 2.66
N THR A 1703 -46.59 -48.17 1.38
CA THR A 1703 -47.82 -48.58 0.72
C THR A 1703 -48.39 -49.84 1.36
N GLY A 1704 -49.71 -49.87 1.48
CA GLY A 1704 -50.39 -51.09 1.88
C GLY A 1704 -50.69 -51.21 3.36
N GLY A 1705 -51.96 -51.10 3.72
CA GLY A 1705 -52.44 -51.47 5.03
C GLY A 1705 -51.86 -50.72 6.20
N SER A 1706 -50.94 -49.79 5.95
CA SER A 1706 -50.30 -49.02 7.00
C SER A 1706 -50.38 -47.51 6.81
N LEU A 1707 -50.59 -47.03 5.58
CA LEU A 1707 -50.75 -45.60 5.39
C LEU A 1707 -52.04 -45.07 5.99
N GLU A 1708 -53.04 -45.94 6.20
CA GLU A 1708 -54.36 -45.44 6.59
C GLU A 1708 -54.38 -44.95 8.03
N GLU A 1709 -53.63 -45.58 8.94
CA GLU A 1709 -53.58 -45.07 10.31
C GLU A 1709 -52.84 -43.74 10.36
N LEU A 1710 -51.74 -43.63 9.60
CA LEU A 1710 -51.06 -42.35 9.46
C LEU A 1710 -52.02 -41.29 8.94
N ARG A 1711 -52.83 -41.66 7.95
CA ARG A 1711 -53.74 -40.71 7.33
C ARG A 1711 -54.80 -40.25 8.31
N ARG A 1712 -55.41 -41.19 9.03
CA ARG A 1712 -56.45 -40.81 9.98
C ARG A 1712 -55.88 -39.96 11.10
N VAL A 1713 -54.66 -40.28 11.56
CA VAL A 1713 -54.03 -39.46 12.60
C VAL A 1713 -53.78 -38.05 12.08
N LEU A 1714 -53.26 -37.93 10.86
CA LEU A 1714 -53.11 -36.62 10.25
C LEU A 1714 -54.43 -35.87 10.20
N GLU A 1715 -55.51 -36.60 9.91
CA GLU A 1715 -56.82 -35.95 9.81
C GLU A 1715 -57.28 -35.43 11.17
N GLN A 1716 -57.21 -36.25 12.23
CA GLN A 1716 -57.67 -35.68 13.50
C GLN A 1716 -56.74 -34.56 13.94
N LEU A 1717 -55.46 -34.63 13.58
CA LEU A 1717 -54.54 -33.54 13.89
C LEU A 1717 -55.01 -32.24 13.24
N ILE A 1718 -55.27 -32.27 11.93
CA ILE A 1718 -55.67 -31.04 11.25
C ILE A 1718 -57.01 -30.54 11.76
N VAL A 1719 -57.97 -31.46 11.94
CA VAL A 1719 -59.32 -31.03 12.30
C VAL A 1719 -59.46 -30.69 13.78
N ALA A 1720 -58.45 -30.98 14.61
CA ALA A 1720 -58.48 -30.56 15.99
C ALA A 1720 -57.50 -29.43 16.31
N HIS A 1721 -56.60 -29.10 15.38
CA HIS A 1721 -55.66 -28.02 15.63
C HIS A 1721 -55.67 -26.94 14.56
N PHE A 1722 -56.60 -26.99 13.61
CA PHE A 1722 -56.62 -25.97 12.58
C PHE A 1722 -57.93 -25.19 12.60
N PRO A 1723 -57.86 -23.88 12.40
CA PRO A 1723 -59.10 -23.11 12.22
C PRO A 1723 -59.83 -23.51 10.96
N MET A 1724 -61.16 -23.37 11.01
CA MET A 1724 -62.02 -23.89 9.96
C MET A 1724 -61.79 -23.19 8.63
N GLN A 1725 -61.86 -21.85 8.62
CA GLN A 1725 -61.81 -21.07 7.39
C GLN A 1725 -60.54 -20.24 7.27
N SER A 1726 -59.54 -20.51 8.11
CA SER A 1726 -58.22 -19.90 7.99
C SER A 1726 -58.26 -18.38 8.12
N ARG A 1727 -59.24 -17.84 8.83
CA ARG A 1727 -59.40 -16.39 8.89
C ARG A 1727 -59.55 -15.88 10.32
N GLU A 1728 -60.05 -16.72 11.22
CA GLU A 1728 -60.42 -16.28 12.56
C GLU A 1728 -59.22 -15.92 13.43
N PHE A 1729 -58.00 -16.23 13.00
CA PHE A 1729 -56.81 -15.79 13.71
C PHE A 1729 -56.18 -14.64 12.96
N PRO A 1730 -56.06 -13.45 13.57
CA PRO A 1730 -55.48 -12.33 12.85
C PRO A 1730 -54.01 -12.56 12.57
N PRO A 1731 -53.48 -11.97 11.50
CA PRO A 1731 -52.04 -12.13 11.22
C PRO A 1731 -51.19 -11.62 12.37
N GLY A 1732 -50.12 -12.36 12.66
CA GLY A 1732 -49.23 -12.03 13.75
C GLY A 1732 -49.59 -12.64 15.08
N THR A 1733 -50.82 -13.11 15.23
CA THR A 1733 -51.20 -13.81 16.45
C THR A 1733 -50.37 -15.07 16.58
N PRO A 1734 -49.84 -15.37 17.76
CA PRO A 1734 -49.03 -16.59 17.93
C PRO A 1734 -49.74 -17.85 17.47
N ARG A 1735 -51.06 -17.92 17.65
CA ARG A 1735 -51.80 -19.05 17.11
C ARG A 1735 -51.68 -19.09 15.59
N PHE A 1736 -51.79 -17.94 14.93
CA PHE A 1736 -51.63 -17.88 13.48
C PHE A 1736 -50.22 -18.29 13.07
N ASN A 1737 -49.22 -17.89 13.85
CA ASN A 1737 -47.85 -18.30 13.55
C ASN A 1737 -47.69 -19.81 13.67
N ASN A 1738 -48.28 -20.41 14.70
CA ASN A 1738 -48.27 -21.87 14.81
C ASN A 1738 -48.89 -22.49 13.57
N TYR A 1739 -50.05 -21.97 13.16
CA TYR A 1739 -50.75 -22.49 12.00
C TYR A 1739 -49.87 -22.44 10.76
N VAL A 1740 -49.29 -21.27 10.48
CA VAL A 1740 -48.53 -21.09 9.25
C VAL A 1740 -47.27 -21.94 9.26
N ASP A 1741 -46.59 -22.02 10.40
CA ASP A 1741 -45.38 -22.84 10.45
C ASP A 1741 -45.70 -24.31 10.25
N CYS A 1742 -46.78 -24.78 10.88
CA CYS A 1742 -47.16 -26.19 10.72
C CYS A 1742 -47.50 -26.49 9.27
N MET A 1743 -48.25 -25.59 8.62
CA MET A 1743 -48.56 -25.80 7.21
C MET A 1743 -47.30 -25.79 6.36
N LYS A 1744 -46.36 -24.89 6.67
CA LYS A 1744 -45.13 -24.83 5.89
C LYS A 1744 -44.36 -26.14 6.01
N LYS A 1745 -44.32 -26.71 7.21
CA LYS A 1745 -43.64 -27.99 7.38
C LYS A 1745 -44.36 -29.11 6.64
N PHE A 1746 -45.69 -29.13 6.70
CA PHE A 1746 -46.46 -30.12 5.96
C PHE A 1746 -46.10 -30.07 4.48
N LEU A 1747 -46.11 -28.87 3.91
CA LEU A 1747 -45.79 -28.73 2.49
C LEU A 1747 -44.35 -29.09 2.20
N ASP A 1748 -43.44 -28.82 3.14
CA ASP A 1748 -42.05 -29.21 2.93
C ASP A 1748 -41.93 -30.73 2.84
N ALA A 1749 -42.63 -31.44 3.73
CA ALA A 1749 -42.66 -32.90 3.65
C ALA A 1749 -43.24 -33.35 2.33
N LEU A 1750 -44.32 -32.69 1.89
CA LEU A 1750 -44.97 -33.07 0.65
C LEU A 1750 -44.04 -32.90 -0.55
N GLU A 1751 -43.31 -31.78 -0.60
CA GLU A 1751 -42.42 -31.55 -1.73
C GLU A 1751 -41.18 -32.43 -1.66
N LEU A 1752 -40.84 -32.90 -0.46
CA LEU A 1752 -39.75 -33.85 -0.36
C LEU A 1752 -40.18 -35.24 -0.82
N SER A 1753 -41.45 -35.60 -0.61
CA SER A 1753 -41.86 -37.00 -0.75
C SER A 1753 -42.62 -37.32 -2.04
N GLN A 1754 -43.31 -36.35 -2.65
CA GLN A 1754 -44.29 -36.67 -3.70
C GLN A 1754 -45.30 -37.71 -3.20
N SER A 1755 -45.93 -37.39 -2.07
CA SER A 1755 -46.83 -38.33 -1.42
C SER A 1755 -48.26 -38.11 -1.90
N PRO A 1756 -48.91 -39.10 -2.52
CA PRO A 1756 -50.32 -38.94 -2.86
C PRO A 1756 -51.20 -38.66 -1.66
N MET A 1757 -50.94 -39.32 -0.53
CA MET A 1757 -51.76 -39.13 0.67
C MET A 1757 -51.62 -37.71 1.21
N LEU A 1758 -50.37 -37.27 1.41
CA LEU A 1758 -50.17 -35.92 1.92
C LEU A 1758 -50.69 -34.88 0.94
N LEU A 1759 -50.51 -35.14 -0.36
CA LEU A 1759 -50.99 -34.20 -1.37
C LEU A 1759 -52.51 -34.10 -1.33
N GLU A 1760 -53.20 -35.22 -1.19
CA GLU A 1760 -54.66 -35.15 -1.17
C GLU A 1760 -55.14 -34.42 0.08
N LEU A 1761 -54.47 -34.65 1.20
CA LEU A 1761 -54.92 -34.00 2.43
C LEU A 1761 -54.68 -32.49 2.37
N MET A 1762 -53.50 -32.07 1.87
CA MET A 1762 -53.23 -30.65 1.67
C MET A 1762 -54.16 -30.01 0.66
N THR A 1763 -54.47 -30.71 -0.43
CA THR A 1763 -55.41 -30.16 -1.39
C THR A 1763 -56.79 -29.97 -0.76
N GLU A 1764 -57.23 -30.97 0.01
CA GLU A 1764 -58.52 -30.85 0.68
C GLU A 1764 -58.55 -29.65 1.62
N VAL A 1765 -57.47 -29.44 2.37
CA VAL A 1765 -57.45 -28.30 3.28
C VAL A 1765 -57.35 -26.98 2.52
N LEU A 1766 -56.60 -26.96 1.42
CA LEU A 1766 -56.53 -25.77 0.56
C LEU A 1766 -57.91 -25.38 0.06
N CYS A 1767 -58.68 -26.36 -0.40
CA CYS A 1767 -59.94 -26.08 -1.06
C CYS A 1767 -61.10 -25.87 -0.09
N ARG A 1768 -60.86 -26.01 1.21
CA ARG A 1768 -61.92 -25.71 2.17
C ARG A 1768 -62.33 -24.25 2.15
N GLU A 1769 -61.52 -23.38 1.55
CA GLU A 1769 -61.77 -21.95 1.54
C GLU A 1769 -61.45 -21.38 0.17
N GLN A 1770 -61.78 -20.10 0.01
CA GLN A 1770 -61.60 -19.39 -1.25
C GLN A 1770 -60.58 -18.28 -1.03
N GLN A 1771 -59.56 -18.23 -1.90
CA GLN A 1771 -58.43 -17.32 -1.75
C GLN A 1771 -57.79 -17.53 -0.37
N HIS A 1772 -57.21 -18.73 -0.23
CA HIS A 1772 -56.58 -19.10 1.02
C HIS A 1772 -55.38 -18.21 1.29
N VAL A 1773 -55.19 -17.86 2.56
CA VAL A 1773 -54.09 -16.97 2.93
C VAL A 1773 -52.73 -17.55 2.55
N MET A 1774 -52.65 -18.87 2.40
CA MET A 1774 -51.40 -19.56 2.11
C MET A 1774 -51.36 -20.05 0.65
N GLU A 1775 -52.27 -19.52 -0.17
CA GLU A 1775 -52.45 -20.01 -1.53
C GLU A 1775 -51.16 -19.90 -2.35
N GLU A 1776 -50.43 -18.80 -2.18
CA GLU A 1776 -49.22 -18.60 -2.96
C GLU A 1776 -48.19 -19.68 -2.68
N LEU A 1777 -48.00 -20.04 -1.41
CA LEU A 1777 -47.02 -21.08 -1.11
C LEU A 1777 -47.54 -22.46 -1.45
N PHE A 1778 -48.86 -22.69 -1.37
CA PHE A 1778 -49.38 -23.94 -1.88
C PHE A 1778 -49.06 -24.09 -3.36
N GLN A 1779 -49.26 -23.03 -4.14
CA GLN A 1779 -48.97 -23.10 -5.57
C GLN A 1779 -47.49 -23.30 -5.82
N SER A 1780 -46.64 -22.60 -5.05
CA SER A 1780 -45.20 -22.82 -5.16
C SER A 1780 -44.85 -24.27 -4.89
N SER A 1781 -45.44 -24.85 -3.84
CA SER A 1781 -45.18 -26.24 -3.51
C SER A 1781 -45.61 -27.16 -4.63
N PHE A 1782 -46.78 -26.93 -5.21
CA PHE A 1782 -47.27 -27.82 -6.25
C PHE A 1782 -46.42 -27.73 -7.51
N ARG A 1783 -45.99 -26.52 -7.88
CA ARG A 1783 -45.11 -26.41 -9.03
C ARG A 1783 -43.74 -27.02 -8.75
N ARG A 1784 -43.33 -27.05 -7.48
CA ARG A 1784 -42.14 -27.82 -7.11
C ARG A 1784 -42.40 -29.32 -7.26
N ILE A 1785 -43.61 -29.76 -6.94
CA ILE A 1785 -43.96 -31.17 -7.08
C ILE A 1785 -43.86 -31.62 -8.52
N ALA A 1786 -44.49 -30.89 -9.43
CA ALA A 1786 -44.73 -31.46 -10.74
C ALA A 1786 -43.53 -31.34 -11.67
N ARG A 1787 -42.32 -31.20 -11.14
CA ARG A 1787 -41.15 -31.07 -12.00
C ARG A 1787 -39.99 -31.97 -11.62
N ARG A 1788 -40.14 -32.82 -10.60
CA ARG A 1788 -38.98 -33.48 -10.00
C ARG A 1788 -38.97 -34.98 -10.21
N GLY A 1789 -40.02 -35.68 -9.83
CA GLY A 1789 -40.00 -37.14 -9.78
C GLY A 1789 -40.23 -37.78 -11.14
N SER A 1790 -40.40 -39.10 -11.10
CA SER A 1790 -40.61 -39.87 -12.31
C SER A 1790 -42.07 -39.84 -12.73
N CYS A 1791 -42.30 -40.19 -14.00
CA CYS A 1791 -43.64 -40.13 -14.58
C CYS A 1791 -44.62 -40.99 -13.80
N VAL A 1792 -44.18 -42.12 -13.24
CA VAL A 1792 -45.08 -42.97 -12.47
C VAL A 1792 -45.60 -42.24 -11.24
N THR A 1793 -44.69 -41.58 -10.51
CA THR A 1793 -45.11 -40.80 -9.35
C THR A 1793 -46.02 -39.66 -9.74
N GLN A 1794 -45.65 -38.95 -10.83
CA GLN A 1794 -46.47 -37.83 -11.28
C GLN A 1794 -47.89 -38.28 -11.62
N VAL A 1795 -48.01 -39.37 -12.40
CA VAL A 1795 -49.33 -39.83 -12.78
C VAL A 1795 -50.07 -40.39 -11.58
N GLY A 1796 -49.36 -40.91 -10.59
CA GLY A 1796 -50.03 -41.31 -9.36
C GLY A 1796 -50.69 -40.13 -8.67
N LEU A 1797 -49.95 -39.03 -8.55
CA LEU A 1797 -50.54 -37.82 -7.95
C LEU A 1797 -51.71 -37.32 -8.79
N LEU A 1798 -51.54 -37.31 -10.11
CA LEU A 1798 -52.61 -36.85 -10.99
C LEU A 1798 -53.86 -37.71 -10.84
N GLU A 1799 -53.69 -39.03 -10.75
CA GLU A 1799 -54.84 -39.89 -10.56
C GLU A 1799 -55.46 -39.70 -9.19
N SER A 1800 -54.64 -39.38 -8.18
CA SER A 1800 -55.21 -39.11 -6.86
C SER A 1800 -56.13 -37.90 -6.89
N VAL A 1801 -55.65 -36.78 -7.46
CA VAL A 1801 -56.48 -35.58 -7.49
C VAL A 1801 -57.71 -35.79 -8.37
N TYR A 1802 -57.50 -36.36 -9.57
CA TYR A 1802 -58.61 -36.75 -10.43
C TYR A 1802 -59.63 -37.61 -9.70
N GLU A 1803 -59.16 -38.51 -8.83
CA GLU A 1803 -60.10 -39.41 -8.18
C GLU A 1803 -60.89 -38.75 -7.07
N MET A 1804 -60.28 -37.93 -6.20
CA MET A 1804 -61.16 -37.41 -5.15
C MET A 1804 -62.02 -36.30 -5.73
N PHE A 1805 -61.62 -35.73 -6.87
CA PHE A 1805 -62.52 -34.81 -7.56
C PHE A 1805 -63.70 -35.55 -8.17
N ARG A 1806 -63.46 -36.73 -8.72
CA ARG A 1806 -64.52 -37.49 -9.40
C ARG A 1806 -65.23 -38.47 -8.48
N LYS A 1807 -65.03 -38.37 -7.18
CA LYS A 1807 -65.61 -39.32 -6.25
C LYS A 1807 -67.03 -38.91 -5.90
N ASP A 1808 -67.77 -39.86 -5.34
CA ASP A 1808 -69.13 -39.61 -4.88
C ASP A 1808 -69.09 -38.96 -3.52
N ASP A 1809 -70.25 -38.89 -2.86
CA ASP A 1809 -70.40 -38.15 -1.61
C ASP A 1809 -70.00 -36.70 -1.83
N PRO A 1810 -70.84 -35.91 -2.50
CA PRO A 1810 -70.50 -34.50 -2.70
C PRO A 1810 -70.20 -33.79 -1.40
N ARG A 1811 -69.16 -32.95 -1.43
CA ARG A 1811 -68.75 -32.12 -0.30
C ARG A 1811 -68.72 -30.66 -0.75
N LEU A 1812 -69.85 -30.21 -1.29
CA LEU A 1812 -69.97 -28.91 -1.94
C LEU A 1812 -69.10 -28.84 -3.19
N SER A 1813 -69.53 -29.54 -4.23
CA SER A 1813 -68.86 -29.64 -5.52
C SER A 1813 -68.35 -28.31 -6.05
N PHE A 1814 -68.92 -27.20 -5.57
CA PHE A 1814 -68.24 -25.91 -5.68
C PHE A 1814 -66.77 -26.06 -5.31
N THR A 1815 -66.48 -26.83 -4.27
CA THR A 1815 -65.10 -27.14 -3.92
C THR A 1815 -64.45 -28.03 -4.97
N ARG A 1816 -65.23 -28.97 -5.53
CA ARG A 1816 -64.73 -29.81 -6.61
C ARG A 1816 -64.21 -28.97 -7.77
N GLN A 1817 -64.82 -27.81 -7.98
CA GLN A 1817 -64.27 -26.85 -8.92
C GLN A 1817 -62.83 -26.50 -8.59
N SER A 1818 -62.58 -26.11 -7.34
CA SER A 1818 -61.24 -25.71 -6.93
C SER A 1818 -60.25 -26.86 -7.04
N PHE A 1819 -60.71 -28.09 -6.79
CA PHE A 1819 -59.80 -29.24 -6.89
C PHE A 1819 -59.08 -29.28 -8.23
N VAL A 1820 -59.82 -29.11 -9.32
CA VAL A 1820 -59.16 -29.11 -10.62
C VAL A 1820 -58.55 -27.76 -10.92
N ASP A 1821 -59.12 -26.68 -10.37
CA ASP A 1821 -58.69 -25.35 -10.77
C ASP A 1821 -57.34 -24.99 -10.17
N ARG A 1822 -57.26 -24.95 -8.84
CA ARG A 1822 -56.06 -24.42 -8.20
C ARG A 1822 -54.95 -25.45 -8.06
N SER A 1823 -55.30 -26.73 -7.93
CA SER A 1823 -54.29 -27.76 -7.76
C SER A 1823 -53.92 -28.44 -9.08
N LEU A 1824 -54.90 -29.05 -9.75
CA LEU A 1824 -54.60 -29.91 -10.88
C LEU A 1824 -54.13 -29.12 -12.10
N LEU A 1825 -54.68 -27.94 -12.33
CA LEU A 1825 -54.21 -27.13 -13.45
C LEU A 1825 -52.73 -26.80 -13.27
N THR A 1826 -52.37 -26.33 -12.08
CA THR A 1826 -50.97 -26.07 -11.78
C THR A 1826 -50.13 -27.32 -11.93
N LEU A 1827 -50.64 -28.46 -11.45
CA LEU A 1827 -49.89 -29.71 -11.53
C LEU A 1827 -49.58 -30.07 -12.97
N LEU A 1828 -50.56 -29.95 -13.86
CA LEU A 1828 -50.32 -30.32 -15.25
C LEU A 1828 -49.48 -29.29 -15.97
N TRP A 1829 -49.57 -28.02 -15.58
CA TRP A 1829 -48.73 -27.03 -16.22
C TRP A 1829 -47.25 -27.23 -15.95
N HIS A 1830 -46.85 -28.26 -15.21
CA HIS A 1830 -45.45 -28.46 -14.89
C HIS A 1830 -44.95 -29.87 -15.08
N CYS A 1831 -45.81 -30.88 -15.11
CA CYS A 1831 -45.36 -32.27 -15.27
C CYS A 1831 -44.88 -32.52 -16.69
N SER A 1832 -43.83 -31.82 -17.11
CA SER A 1832 -43.55 -31.62 -18.52
C SER A 1832 -42.80 -32.78 -19.18
N LEU A 1833 -42.39 -33.80 -18.43
CA LEU A 1833 -41.56 -34.84 -19.03
C LEU A 1833 -42.40 -35.77 -19.91
N ASP A 1834 -43.29 -36.54 -19.30
CA ASP A 1834 -44.19 -37.38 -20.09
C ASP A 1834 -45.62 -37.43 -19.60
N ALA A 1835 -45.89 -37.12 -18.33
CA ALA A 1835 -47.14 -37.53 -17.67
C ALA A 1835 -48.39 -37.02 -18.38
N LEU A 1836 -48.26 -35.98 -19.19
CA LEU A 1836 -49.43 -35.46 -19.91
C LEU A 1836 -50.12 -36.55 -20.70
N ARG A 1837 -49.36 -37.24 -21.57
CA ARG A 1837 -49.98 -38.22 -22.44
C ARG A 1837 -50.41 -39.47 -21.69
N GLU A 1838 -49.73 -39.85 -20.62
CA GLU A 1838 -50.22 -40.96 -19.81
C GLU A 1838 -51.55 -40.62 -19.16
N PHE A 1839 -51.68 -39.42 -18.61
CA PHE A 1839 -52.94 -39.01 -18.01
C PHE A 1839 -54.05 -38.95 -19.06
N PHE A 1840 -53.71 -38.43 -20.23
CA PHE A 1840 -54.64 -38.46 -21.37
C PHE A 1840 -55.09 -39.88 -21.66
N SER A 1841 -54.14 -40.77 -21.95
CA SER A 1841 -54.50 -42.14 -22.30
C SER A 1841 -55.26 -42.83 -21.19
N THR A 1842 -55.13 -42.34 -19.95
CA THR A 1842 -55.95 -42.87 -18.86
C THR A 1842 -57.39 -42.38 -18.96
N ILE A 1843 -57.59 -41.09 -19.23
CA ILE A 1843 -58.88 -40.47 -18.94
C ILE A 1843 -59.71 -40.14 -20.18
N VAL A 1844 -59.08 -39.98 -21.36
CA VAL A 1844 -59.78 -39.48 -22.54
C VAL A 1844 -60.93 -40.40 -22.92
N VAL A 1845 -60.83 -41.69 -22.59
CA VAL A 1845 -61.86 -42.64 -23.00
C VAL A 1845 -63.21 -42.26 -22.41
N ASP A 1846 -63.25 -41.87 -21.13
CA ASP A 1846 -64.50 -41.53 -20.48
C ASP A 1846 -64.72 -40.03 -20.28
N ALA A 1847 -63.70 -39.21 -20.54
CA ALA A 1847 -63.92 -37.76 -20.50
C ALA A 1847 -65.01 -37.35 -21.50
N ILE A 1848 -64.84 -37.78 -22.76
CA ILE A 1848 -65.85 -37.54 -23.76
C ILE A 1848 -67.17 -38.22 -23.41
N ASP A 1849 -67.11 -39.36 -22.71
CA ASP A 1849 -68.34 -40.01 -22.29
C ASP A 1849 -69.12 -39.15 -21.30
N VAL A 1850 -68.42 -38.51 -20.37
CA VAL A 1850 -69.06 -37.58 -19.46
C VAL A 1850 -69.60 -36.38 -20.22
N LEU A 1851 -68.83 -35.87 -21.18
CA LEU A 1851 -69.20 -34.65 -21.87
C LEU A 1851 -70.18 -34.86 -23.02
N LYS A 1852 -70.52 -36.10 -23.36
CA LYS A 1852 -71.37 -36.33 -24.51
C LYS A 1852 -72.77 -35.72 -24.36
N SER A 1853 -73.57 -36.24 -23.44
CA SER A 1853 -74.95 -35.77 -23.33
C SER A 1853 -75.47 -35.72 -21.91
N ARG A 1854 -74.63 -35.93 -20.90
CA ARG A 1854 -75.14 -36.17 -19.55
C ARG A 1854 -75.67 -34.88 -18.96
N PHE A 1855 -76.80 -34.44 -19.52
CA PHE A 1855 -77.63 -33.38 -18.95
C PHE A 1855 -78.79 -33.97 -18.17
N THR A 1856 -78.55 -35.09 -17.51
CA THR A 1856 -79.55 -35.72 -16.68
C THR A 1856 -79.70 -34.93 -15.37
N LYS A 1857 -80.88 -35.04 -14.77
CA LYS A 1857 -81.18 -34.45 -13.47
C LYS A 1857 -81.12 -32.93 -13.50
N LEU A 1858 -81.32 -32.31 -14.67
CA LEU A 1858 -81.42 -30.86 -14.71
C LEU A 1858 -82.63 -30.35 -13.93
N ASN A 1859 -83.62 -31.20 -13.71
CA ASN A 1859 -84.77 -30.87 -12.87
C ASN A 1859 -84.54 -31.22 -11.41
N GLU A 1860 -83.45 -31.89 -11.08
CA GLU A 1860 -83.19 -32.34 -9.72
C GLU A 1860 -82.49 -31.30 -8.86
N SER A 1861 -82.07 -30.17 -9.44
CA SER A 1861 -81.41 -29.05 -8.78
C SER A 1861 -80.03 -29.41 -8.27
N THR A 1862 -79.59 -30.65 -8.39
CA THR A 1862 -78.26 -31.07 -7.99
C THR A 1862 -77.40 -31.47 -9.19
N PHE A 1863 -77.83 -31.09 -10.40
CA PHE A 1863 -77.01 -31.30 -11.59
C PHE A 1863 -75.76 -30.42 -11.58
N ASP A 1864 -75.69 -29.46 -10.66
CA ASP A 1864 -74.53 -28.60 -10.56
C ASP A 1864 -73.26 -29.40 -10.38
N THR A 1865 -73.34 -30.56 -9.73
CA THR A 1865 -72.16 -31.40 -9.60
C THR A 1865 -71.64 -31.85 -10.95
N GLN A 1866 -72.53 -32.30 -11.85
CA GLN A 1866 -72.04 -32.76 -13.15
C GLN A 1866 -71.73 -31.60 -14.09
N ILE A 1867 -72.34 -30.44 -13.92
CA ILE A 1867 -71.92 -29.31 -14.75
C ILE A 1867 -70.53 -28.84 -14.32
N THR A 1868 -70.27 -28.83 -13.01
CA THR A 1868 -68.92 -28.54 -12.52
C THR A 1868 -67.94 -29.58 -13.05
N LYS A 1869 -68.32 -30.85 -13.00
CA LYS A 1869 -67.48 -31.92 -13.54
C LYS A 1869 -67.20 -31.71 -15.01
N LYS A 1870 -68.21 -31.31 -15.78
CA LYS A 1870 -68.04 -31.22 -17.21
C LYS A 1870 -67.17 -30.02 -17.59
N MET A 1871 -67.34 -28.89 -16.92
CA MET A 1871 -66.45 -27.77 -17.25
C MET A 1871 -65.04 -28.06 -16.75
N GLY A 1872 -64.92 -28.77 -15.63
CA GLY A 1872 -63.60 -29.20 -15.19
C GLY A 1872 -62.94 -30.10 -16.21
N TYR A 1873 -63.73 -30.97 -16.84
CA TYR A 1873 -63.21 -31.75 -17.95
C TYR A 1873 -62.83 -30.85 -19.12
N TYR A 1874 -63.61 -29.79 -19.36
CA TYR A 1874 -63.25 -28.85 -20.40
C TYR A 1874 -61.87 -28.28 -20.15
N LYS A 1875 -61.66 -27.75 -18.94
CA LYS A 1875 -60.35 -27.21 -18.58
C LYS A 1875 -59.28 -28.28 -18.63
N ILE A 1876 -59.62 -29.52 -18.24
CA ILE A 1876 -58.58 -30.53 -18.14
C ILE A 1876 -58.08 -30.91 -19.52
N LEU A 1877 -59.02 -31.09 -20.47
CA LEU A 1877 -58.63 -31.36 -21.85
C LEU A 1877 -57.89 -30.17 -22.44
N ASP A 1878 -58.36 -28.95 -22.13
CA ASP A 1878 -57.59 -27.75 -22.40
C ASP A 1878 -56.13 -27.93 -22.05
N VAL A 1879 -55.88 -28.26 -20.79
CA VAL A 1879 -54.50 -28.25 -20.29
C VAL A 1879 -53.70 -29.39 -20.88
N MET A 1880 -54.29 -30.59 -21.03
CA MET A 1880 -53.53 -31.64 -21.71
C MET A 1880 -53.15 -31.20 -23.11
N TYR A 1881 -54.12 -30.73 -23.90
CA TYR A 1881 -53.81 -30.40 -25.28
C TYR A 1881 -52.75 -29.31 -25.34
N SER A 1882 -52.86 -28.31 -24.48
CA SER A 1882 -51.77 -27.35 -24.36
C SER A 1882 -50.51 -28.08 -23.91
N ARG A 1883 -49.39 -27.73 -24.53
CA ARG A 1883 -48.05 -28.27 -24.29
C ARG A 1883 -47.84 -29.66 -24.89
N LEU A 1884 -48.89 -30.32 -25.40
CA LEU A 1884 -48.60 -31.56 -26.12
C LEU A 1884 -48.29 -31.28 -27.58
N PRO A 1885 -47.33 -31.98 -28.17
CA PRO A 1885 -47.20 -31.95 -29.62
C PRO A 1885 -48.45 -32.52 -30.28
N LYS A 1886 -48.66 -32.11 -31.53
CA LYS A 1886 -49.89 -32.45 -32.25
C LYS A 1886 -50.01 -33.94 -32.58
N ASP A 1887 -48.95 -34.72 -32.40
CA ASP A 1887 -48.97 -36.10 -32.84
C ASP A 1887 -49.98 -36.93 -32.06
N ASP A 1888 -50.02 -36.78 -30.73
CA ASP A 1888 -50.88 -37.65 -29.94
C ASP A 1888 -52.34 -37.23 -29.97
N VAL A 1889 -52.68 -36.14 -30.66
CA VAL A 1889 -54.04 -35.63 -30.65
C VAL A 1889 -54.62 -35.59 -32.06
N HIS A 1890 -53.75 -35.45 -33.07
CA HIS A 1890 -54.16 -35.39 -34.47
C HIS A 1890 -53.21 -36.27 -35.29
N ALA A 1891 -53.55 -37.55 -35.41
CA ALA A 1891 -52.75 -38.49 -36.19
C ALA A 1891 -53.49 -39.81 -36.30
N LYS A 1892 -53.34 -40.46 -37.45
CA LYS A 1892 -53.78 -41.86 -37.57
C LYS A 1892 -53.10 -42.72 -36.51
N GLU A 1893 -51.78 -42.57 -36.37
CA GLU A 1893 -51.01 -43.28 -35.35
C GLU A 1893 -50.98 -42.43 -34.09
N SER A 1894 -51.78 -42.83 -33.10
CA SER A 1894 -51.77 -42.18 -31.80
C SER A 1894 -52.43 -43.12 -30.81
N LYS A 1895 -51.97 -43.09 -29.57
CA LYS A 1895 -52.49 -44.00 -28.53
C LYS A 1895 -53.78 -43.41 -27.95
N ILE A 1896 -54.71 -43.13 -28.85
CA ILE A 1896 -55.99 -42.51 -28.51
C ILE A 1896 -57.04 -43.61 -28.44
N ASN A 1897 -57.21 -44.17 -27.25
CA ASN A 1897 -58.26 -45.14 -26.99
C ASN A 1897 -59.61 -44.43 -26.95
N GLN A 1898 -60.62 -45.08 -27.49
CA GLN A 1898 -61.94 -44.48 -27.55
C GLN A 1898 -62.95 -45.57 -27.85
N VAL A 1899 -64.21 -45.32 -27.49
CA VAL A 1899 -65.25 -46.35 -27.49
C VAL A 1899 -65.53 -46.90 -28.88
N PHE A 1900 -65.24 -46.15 -29.94
CA PHE A 1900 -65.62 -46.56 -31.29
C PHE A 1900 -64.98 -47.88 -31.69
N HIS A 1901 -63.65 -47.94 -31.76
CA HIS A 1901 -62.93 -49.17 -32.08
C HIS A 1901 -61.66 -49.28 -31.27
N GLY A 1902 -61.74 -48.95 -29.99
CA GLY A 1902 -60.52 -48.92 -29.17
C GLY A 1902 -59.56 -47.90 -29.72
N SER A 1903 -58.29 -48.31 -29.88
CA SER A 1903 -57.28 -47.46 -30.51
C SER A 1903 -56.50 -48.19 -31.59
N CYS A 1904 -56.89 -49.43 -31.93
CA CYS A 1904 -56.19 -50.16 -32.98
C CYS A 1904 -56.29 -49.44 -34.32
N ILE A 1905 -57.47 -48.96 -34.66
CA ILE A 1905 -57.69 -48.12 -35.83
C ILE A 1905 -58.27 -46.79 -35.36
N THR A 1906 -57.82 -45.70 -35.99
CA THR A 1906 -58.25 -44.36 -35.60
C THR A 1906 -58.74 -43.54 -36.78
N GLU A 1907 -58.92 -44.14 -37.95
CA GLU A 1907 -59.40 -43.50 -39.17
C GLU A 1907 -58.83 -42.10 -39.35
N GLY A 1908 -57.52 -41.99 -39.15
CA GLY A 1908 -56.83 -40.71 -39.28
C GLY A 1908 -57.01 -39.74 -38.14
N ASN A 1909 -58.27 -39.46 -37.77
CA ASN A 1909 -58.58 -38.57 -36.65
C ASN A 1909 -60.05 -38.71 -36.28
N GLU A 1910 -60.35 -38.94 -35.00
CA GLU A 1910 -61.74 -39.12 -34.62
C GLU A 1910 -62.15 -38.26 -33.44
N LEU A 1911 -61.27 -38.05 -32.46
CA LEU A 1911 -61.66 -37.35 -31.25
C LEU A 1911 -61.80 -35.85 -31.47
N THR A 1912 -61.09 -35.31 -32.45
CA THR A 1912 -61.20 -33.89 -32.74
C THR A 1912 -62.62 -33.52 -33.16
N LYS A 1913 -63.24 -34.36 -34.01
CA LYS A 1913 -64.61 -34.10 -34.42
C LYS A 1913 -65.56 -34.14 -33.22
N THR A 1914 -65.39 -35.13 -32.34
CA THR A 1914 -66.26 -35.23 -31.18
C THR A 1914 -66.12 -34.02 -30.27
N LEU A 1915 -64.88 -33.58 -30.02
CA LEU A 1915 -64.69 -32.42 -29.15
C LEU A 1915 -65.21 -31.14 -29.80
N ILE A 1916 -65.03 -31.01 -31.12
CA ILE A 1916 -65.55 -29.82 -31.80
C ILE A 1916 -67.07 -29.77 -31.70
N LYS A 1917 -67.72 -30.92 -31.90
CA LYS A 1917 -69.17 -30.97 -31.73
C LYS A 1917 -69.56 -30.59 -30.31
N LEU A 1918 -68.95 -31.24 -29.31
CA LEU A 1918 -69.31 -31.05 -27.92
C LEU A 1918 -68.93 -29.69 -27.39
N CYS A 1919 -68.11 -28.93 -28.12
CA CYS A 1919 -67.81 -27.56 -27.72
C CYS A 1919 -68.70 -26.55 -28.43
N TYR A 1920 -68.86 -26.69 -29.75
CA TYR A 1920 -69.75 -25.80 -30.47
C TYR A 1920 -71.15 -25.83 -29.89
N ASP A 1921 -71.72 -27.03 -29.72
CA ASP A 1921 -73.08 -27.09 -29.19
C ASP A 1921 -73.14 -26.59 -27.75
N ALA A 1922 -72.07 -26.74 -26.99
CA ALA A 1922 -72.07 -26.36 -25.59
C ALA A 1922 -72.02 -24.84 -25.41
N PHE A 1923 -70.94 -24.21 -25.88
CA PHE A 1923 -70.86 -22.77 -25.69
C PHE A 1923 -71.72 -21.98 -26.68
N THR A 1924 -72.31 -22.63 -27.68
CA THR A 1924 -73.08 -21.94 -28.69
C THR A 1924 -74.58 -22.17 -28.55
N GLU A 1925 -75.08 -22.27 -27.32
CA GLU A 1925 -76.52 -22.46 -27.11
C GLU A 1925 -76.88 -22.13 -25.67
N ASN A 1926 -77.87 -21.27 -25.50
CA ASN A 1926 -78.51 -21.06 -24.21
C ASN A 1926 -80.03 -21.16 -24.28
N MET A 1927 -80.64 -20.66 -25.35
CA MET A 1927 -82.10 -20.63 -25.51
C MET A 1927 -82.76 -19.96 -24.31
N ALA A 1928 -82.19 -18.83 -23.89
CA ALA A 1928 -82.64 -18.05 -22.75
C ALA A 1928 -82.51 -18.83 -21.44
N GLY A 1929 -81.95 -20.04 -21.52
CA GLY A 1929 -81.76 -20.87 -20.36
C GLY A 1929 -83.10 -21.29 -19.76
N GLU A 1930 -82.99 -21.81 -18.53
CA GLU A 1930 -84.17 -22.16 -17.74
C GLU A 1930 -84.27 -21.32 -16.48
N ASN A 1931 -83.34 -20.39 -16.28
CA ASN A 1931 -83.42 -19.30 -15.30
C ASN A 1931 -83.30 -19.77 -13.85
N GLN A 1932 -82.98 -21.04 -13.59
CA GLN A 1932 -82.67 -21.42 -12.22
C GLN A 1932 -81.29 -20.90 -11.81
N LEU A 1933 -80.31 -21.03 -12.69
CA LEU A 1933 -78.98 -20.50 -12.44
C LEU A 1933 -78.34 -20.16 -13.77
N LEU A 1934 -77.58 -19.07 -13.79
CA LEU A 1934 -76.89 -18.64 -15.00
C LEU A 1934 -75.40 -18.47 -14.82
N GLU A 1935 -74.92 -18.18 -13.61
CA GLU A 1935 -73.48 -18.00 -13.42
C GLU A 1935 -72.72 -19.31 -13.64
N ARG A 1936 -73.27 -20.42 -13.14
CA ARG A 1936 -72.58 -21.70 -13.30
C ARG A 1936 -72.60 -22.17 -14.75
N ARG A 1937 -73.77 -22.07 -15.40
CA ARG A 1937 -73.82 -22.39 -16.82
C ARG A 1937 -72.94 -21.44 -17.63
N ARG A 1938 -72.80 -20.20 -17.18
CA ARG A 1938 -71.97 -19.22 -17.86
C ARG A 1938 -70.51 -19.62 -17.81
N LEU A 1939 -70.02 -19.92 -16.62
CA LEU A 1939 -68.64 -20.40 -16.49
C LEU A 1939 -68.44 -21.75 -17.17
N TYR A 1940 -69.49 -22.57 -17.23
CA TYR A 1940 -69.44 -23.81 -18.01
C TYR A 1940 -69.18 -23.51 -19.49
N HIS A 1941 -69.97 -22.60 -20.06
CA HIS A 1941 -69.79 -22.21 -21.45
C HIS A 1941 -68.42 -21.59 -21.66
N CYS A 1942 -67.97 -20.75 -20.72
CA CYS A 1942 -66.68 -20.10 -20.85
C CYS A 1942 -65.55 -21.13 -20.88
N ALA A 1943 -65.59 -22.10 -19.97
CA ALA A 1943 -64.56 -23.14 -19.95
C ALA A 1943 -64.59 -23.94 -21.24
N ALA A 1944 -65.78 -24.28 -21.73
CA ALA A 1944 -65.87 -24.99 -23.00
C ALA A 1944 -65.28 -24.17 -24.13
N TYR A 1945 -65.55 -22.87 -24.12
CA TYR A 1945 -65.03 -21.98 -25.15
C TYR A 1945 -63.52 -21.95 -25.12
N ASN A 1946 -62.94 -21.85 -23.93
CA ASN A 1946 -61.47 -21.87 -23.81
C ASN A 1946 -60.89 -23.19 -24.28
N CYS A 1947 -61.55 -24.30 -23.92
CA CYS A 1947 -61.10 -25.61 -24.37
C CYS A 1947 -61.09 -25.67 -25.89
N ALA A 1948 -62.15 -25.17 -26.51
CA ALA A 1948 -62.25 -25.16 -27.96
C ALA A 1948 -61.13 -24.33 -28.56
N ILE A 1949 -60.89 -23.13 -28.01
CA ILE A 1949 -59.84 -22.27 -28.54
C ILE A 1949 -58.50 -22.97 -28.50
N SER A 1950 -58.16 -23.52 -27.33
CA SER A 1950 -56.87 -24.16 -27.16
C SER A 1950 -56.71 -25.35 -28.10
N VAL A 1951 -57.75 -26.19 -28.19
CA VAL A 1951 -57.61 -27.39 -29.00
C VAL A 1951 -57.48 -27.02 -30.48
N ILE A 1952 -58.30 -26.09 -30.97
CA ILE A 1952 -58.23 -25.77 -32.39
C ILE A 1952 -56.92 -25.09 -32.73
N CYS A 1953 -56.32 -24.37 -31.76
CA CYS A 1953 -55.11 -23.61 -32.05
C CYS A 1953 -53.98 -24.49 -32.56
N CYS A 1954 -54.01 -25.80 -32.29
CA CYS A 1954 -53.04 -26.71 -32.86
C CYS A 1954 -53.67 -27.84 -33.67
N VAL A 1955 -54.94 -28.15 -33.46
CA VAL A 1955 -55.62 -29.11 -34.35
C VAL A 1955 -55.67 -28.56 -35.77
N PHE A 1956 -56.05 -27.29 -35.91
CA PHE A 1956 -56.12 -26.64 -37.20
C PHE A 1956 -54.89 -25.75 -37.37
N ASN A 1957 -54.00 -26.13 -38.28
CA ASN A 1957 -52.80 -25.37 -38.57
C ASN A 1957 -52.93 -24.52 -39.83
N GLU A 1958 -54.06 -24.58 -40.51
CA GLU A 1958 -54.32 -23.82 -41.72
C GLU A 1958 -55.61 -23.00 -41.55
N LEU A 1959 -55.57 -21.76 -42.02
CA LEU A 1959 -56.64 -20.80 -41.76
C LEU A 1959 -57.82 -21.13 -42.66
N LYS A 1960 -58.74 -21.94 -42.15
CA LYS A 1960 -59.98 -22.24 -42.87
C LYS A 1960 -61.19 -22.28 -41.95
N PHE A 1961 -61.07 -21.83 -40.71
CA PHE A 1961 -62.17 -21.91 -39.75
C PHE A 1961 -62.76 -20.53 -39.53
N TYR A 1962 -64.09 -20.44 -39.68
CA TYR A 1962 -64.83 -19.27 -39.22
C TYR A 1962 -66.27 -19.72 -39.05
N GLN A 1963 -66.70 -19.91 -37.81
CA GLN A 1963 -68.05 -20.43 -37.57
C GLN A 1963 -69.06 -19.30 -37.46
N GLY A 1964 -68.92 -18.44 -36.45
CA GLY A 1964 -69.75 -17.28 -36.25
C GLY A 1964 -71.21 -17.47 -36.61
N PHE A 1965 -71.84 -18.50 -36.03
CA PHE A 1965 -73.17 -18.91 -36.46
C PHE A 1965 -74.19 -17.80 -36.23
N LEU A 1966 -75.09 -17.66 -37.20
CA LEU A 1966 -76.22 -16.73 -37.10
C LEU A 1966 -77.52 -17.46 -36.79
N PHE A 1967 -77.43 -18.62 -36.14
CA PHE A 1967 -78.59 -19.44 -35.83
C PHE A 1967 -79.31 -18.88 -34.61
N SER A 1968 -80.21 -19.68 -34.02
CA SER A 1968 -80.99 -19.23 -32.88
C SER A 1968 -80.10 -18.82 -31.71
N GLU A 1969 -78.86 -19.30 -31.68
CA GLU A 1969 -77.89 -18.89 -30.67
C GLU A 1969 -76.58 -18.50 -31.34
N LYS A 1970 -75.95 -17.45 -30.82
CA LYS A 1970 -74.64 -16.92 -31.17
C LYS A 1970 -73.63 -17.21 -30.07
N PRO A 1971 -72.36 -17.35 -30.41
CA PRO A 1971 -71.38 -17.77 -29.39
C PRO A 1971 -71.22 -16.78 -28.25
N GLU A 1972 -70.97 -15.51 -28.56
CA GLU A 1972 -70.51 -14.56 -27.55
C GLU A 1972 -71.63 -13.98 -26.71
N LYS A 1973 -72.89 -14.26 -27.02
CA LYS A 1973 -73.98 -13.60 -26.30
C LYS A 1973 -74.15 -14.17 -24.89
N ASN A 1974 -73.54 -15.33 -24.61
CA ASN A 1974 -73.76 -15.98 -23.31
C ASN A 1974 -72.51 -16.01 -22.44
N LEU A 1975 -71.31 -16.01 -23.02
CA LEU A 1975 -70.10 -16.07 -22.23
C LEU A 1975 -69.70 -14.72 -21.66
N LEU A 1976 -70.55 -13.72 -21.76
CA LEU A 1976 -70.31 -12.39 -21.22
C LEU A 1976 -71.55 -11.93 -20.47
N ILE A 1977 -71.38 -11.49 -19.23
CA ILE A 1977 -72.50 -11.11 -18.40
C ILE A 1977 -73.06 -9.79 -18.90
N PHE A 1978 -74.33 -9.54 -18.61
CA PHE A 1978 -75.02 -8.33 -19.07
C PHE A 1978 -75.52 -7.48 -17.91
N GLU A 1979 -74.98 -7.70 -16.71
CA GLU A 1979 -75.32 -6.89 -15.53
C GLU A 1979 -74.01 -6.61 -14.82
N ASN A 1980 -73.36 -5.51 -15.18
CA ASN A 1980 -72.01 -5.23 -14.72
C ASN A 1980 -71.93 -4.02 -13.80
N LEU A 1981 -72.34 -2.85 -14.28
CA LEU A 1981 -72.17 -1.58 -13.56
C LEU A 1981 -70.73 -1.45 -13.07
N ILE A 1982 -69.83 -1.36 -14.06
CA ILE A 1982 -68.39 -1.51 -13.87
C ILE A 1982 -67.66 -0.33 -14.49
N ASP A 1983 -66.35 -0.45 -14.60
CA ASP A 1983 -65.50 0.49 -15.32
C ASP A 1983 -65.45 1.85 -14.63
N LEU A 1984 -64.96 1.86 -13.40
CA LEU A 1984 -64.78 3.08 -12.62
C LEU A 1984 -63.30 3.48 -12.64
N LYS A 1985 -63.06 4.78 -12.75
CA LYS A 1985 -61.69 5.29 -12.71
C LYS A 1985 -61.47 6.15 -11.47
N MET A 2085 -60.00 -2.47 -12.03
CA MET A 2085 -60.21 -3.01 -13.36
C MET A 2085 -60.73 -4.44 -13.24
N ASP A 2086 -61.75 -4.77 -14.05
CA ASP A 2086 -62.47 -6.02 -13.89
C ASP A 2086 -62.60 -6.82 -15.19
N GLU A 2087 -62.44 -6.18 -16.35
CA GLU A 2087 -62.66 -6.87 -17.61
C GLU A 2087 -61.43 -7.64 -18.08
N LEU A 2088 -60.28 -6.97 -18.21
CA LEU A 2088 -59.10 -7.63 -18.75
C LEU A 2088 -58.67 -8.79 -17.87
N ASN A 2089 -58.63 -8.58 -16.56
CA ASN A 2089 -58.48 -9.65 -15.61
C ASN A 2089 -59.85 -10.27 -15.32
N ARG A 2090 -59.83 -11.38 -14.59
CA ARG A 2090 -61.03 -11.95 -14.00
C ARG A 2090 -62.05 -12.40 -15.05
N HIS A 2091 -61.70 -12.28 -16.33
CA HIS A 2091 -62.51 -12.82 -17.42
C HIS A 2091 -61.63 -13.76 -18.23
N GLU A 2092 -62.06 -15.01 -18.33
CA GLU A 2092 -61.21 -16.13 -18.68
C GLU A 2092 -61.04 -16.36 -20.18
N CYS A 2093 -61.45 -15.42 -21.03
CA CYS A 2093 -61.39 -15.64 -22.46
C CYS A 2093 -60.43 -14.73 -23.20
N MET A 2094 -60.14 -13.54 -22.66
CA MET A 2094 -59.37 -12.56 -23.41
C MET A 2094 -57.96 -13.04 -23.70
N ALA A 2095 -57.29 -13.63 -22.72
CA ALA A 2095 -55.95 -14.14 -22.96
C ALA A 2095 -55.93 -15.25 -24.01
N PRO A 2096 -56.77 -16.30 -23.93
CA PRO A 2096 -56.79 -17.29 -25.01
C PRO A 2096 -57.10 -16.69 -26.37
N LEU A 2097 -58.07 -15.76 -26.43
CA LEU A 2097 -58.42 -15.17 -27.71
C LEU A 2097 -57.27 -14.32 -28.26
N THR A 2098 -56.56 -13.62 -27.38
CA THR A 2098 -55.42 -12.84 -27.81
C THR A 2098 -54.33 -13.74 -28.38
N ALA A 2099 -54.09 -14.87 -27.70
CA ALA A 2099 -53.13 -15.83 -28.23
C ALA A 2099 -53.56 -16.33 -29.60
N LEU A 2100 -54.85 -16.66 -29.75
CA LEU A 2100 -55.34 -17.15 -31.03
C LEU A 2100 -55.17 -16.11 -32.12
N VAL A 2101 -55.51 -14.85 -31.83
CA VAL A 2101 -55.47 -13.83 -32.88
C VAL A 2101 -54.04 -13.52 -33.27
N LYS A 2102 -53.11 -13.49 -32.31
CA LYS A 2102 -51.72 -13.25 -32.68
C LYS A 2102 -51.17 -14.44 -33.46
N HIS A 2103 -51.59 -15.65 -33.10
CA HIS A 2103 -51.17 -16.82 -33.89
C HIS A 2103 -51.70 -16.74 -35.31
N MET A 2104 -52.96 -16.35 -35.48
CA MET A 2104 -53.51 -16.17 -36.82
C MET A 2104 -52.76 -15.10 -37.59
N HIS A 2105 -52.38 -14.01 -36.90
CA HIS A 2105 -51.55 -13.00 -37.53
C HIS A 2105 -50.21 -13.57 -37.97
N ARG A 2106 -49.68 -14.53 -37.23
CA ARG A 2106 -48.42 -15.18 -37.60
C ARG A 2106 -48.61 -16.64 -38.01
N SER A 2107 -49.76 -16.97 -38.60
CA SER A 2107 -50.06 -18.32 -39.06
C SER A 2107 -49.67 -18.55 -40.51
N LEU A 2108 -49.08 -17.57 -41.17
CA LEU A 2108 -48.74 -17.69 -42.59
C LEU A 2108 -47.78 -18.84 -42.86
N PRO A 2119 -55.34 -1.55 -50.37
CA PRO A 2119 -55.27 -2.83 -51.08
C PRO A 2119 -55.28 -4.01 -50.11
N ARG A 2120 -56.27 -4.04 -49.22
CA ARG A 2120 -56.35 -5.07 -48.18
C ARG A 2120 -57.73 -5.69 -48.18
N ASP A 2121 -57.76 -7.02 -47.98
CA ASP A 2121 -59.01 -7.75 -47.85
C ASP A 2121 -59.56 -7.56 -46.44
N LEU A 2122 -60.56 -8.36 -46.06
CA LEU A 2122 -61.19 -8.23 -44.75
C LEU A 2122 -61.72 -9.61 -44.37
N PRO A 2123 -60.87 -10.46 -43.77
CA PRO A 2123 -61.22 -11.88 -43.63
C PRO A 2123 -62.44 -12.13 -42.76
N SER A 2124 -63.14 -13.22 -43.05
CA SER A 2124 -64.45 -13.48 -42.45
C SER A 2124 -64.37 -13.66 -40.93
N TRP A 2125 -63.29 -14.29 -40.45
CA TRP A 2125 -63.18 -14.52 -39.02
C TRP A 2125 -63.15 -13.21 -38.25
N MET A 2126 -62.42 -12.22 -38.77
CA MET A 2126 -62.48 -10.90 -38.16
C MET A 2126 -63.72 -10.13 -38.57
N LYS A 2127 -64.39 -10.50 -39.67
CA LYS A 2127 -65.68 -9.91 -39.97
C LYS A 2127 -66.70 -10.19 -38.88
N PHE A 2128 -66.71 -11.42 -38.37
CA PHE A 2128 -67.71 -11.76 -37.36
C PHE A 2128 -67.56 -10.88 -36.12
N LEU A 2129 -66.32 -10.59 -35.72
CA LEU A 2129 -66.11 -9.65 -34.61
C LEU A 2129 -66.43 -8.22 -35.02
N HIS A 2130 -65.96 -7.81 -36.20
CA HIS A 2130 -66.08 -6.42 -36.62
C HIS A 2130 -67.53 -6.00 -36.79
N GLY A 2131 -68.39 -6.91 -37.20
CA GLY A 2131 -69.80 -6.58 -37.37
C GLY A 2131 -70.46 -6.19 -36.07
N LYS A 2132 -70.33 -7.05 -35.04
CA LYS A 2132 -70.89 -6.71 -33.74
C LYS A 2132 -70.14 -5.56 -33.10
N LEU A 2133 -68.89 -5.33 -33.51
CA LEU A 2133 -68.19 -4.14 -33.04
C LEU A 2133 -68.83 -2.87 -33.61
N GLY A 2134 -69.16 -2.89 -34.91
CA GLY A 2134 -69.70 -1.74 -35.60
C GLY A 2134 -71.20 -1.56 -35.50
N ASN A 2135 -71.91 -2.53 -34.92
CA ASN A 2135 -73.35 -2.41 -34.77
C ASN A 2135 -73.67 -1.85 -33.40
N PRO A 2136 -74.14 -0.61 -33.28
CA PRO A 2136 -74.34 -0.03 -31.95
C PRO A 2136 -75.69 -0.39 -31.34
N ILE A 2137 -76.07 -1.65 -31.41
CA ILE A 2137 -77.26 -2.14 -30.71
C ILE A 2137 -76.98 -3.39 -29.91
N VAL A 2138 -75.82 -4.01 -30.07
CA VAL A 2138 -75.44 -5.18 -29.27
C VAL A 2138 -75.37 -4.75 -27.81
N PRO A 2139 -75.72 -5.60 -26.84
CA PRO A 2139 -75.57 -5.23 -25.44
C PRO A 2139 -74.14 -4.80 -25.15
N LEU A 2140 -74.00 -3.77 -24.31
CA LEU A 2140 -72.75 -3.02 -24.22
C LEU A 2140 -71.56 -3.93 -23.92
N ASN A 2141 -71.74 -4.87 -22.98
CA ASN A 2141 -70.61 -5.68 -22.52
C ASN A 2141 -69.91 -6.39 -23.68
N ILE A 2142 -70.67 -6.80 -24.70
CA ILE A 2142 -70.06 -7.42 -25.87
C ILE A 2142 -69.08 -6.46 -26.53
N ARG A 2143 -69.53 -5.24 -26.78
CA ARG A 2143 -68.68 -4.25 -27.47
C ARG A 2143 -67.49 -3.87 -26.60
N LEU A 2144 -67.70 -3.72 -25.29
CA LEU A 2144 -66.59 -3.44 -24.39
C LEU A 2144 -65.55 -4.56 -24.43
N PHE A 2145 -66.00 -5.82 -24.40
CA PHE A 2145 -65.06 -6.94 -24.44
C PHE A 2145 -64.29 -6.95 -25.76
N LEU A 2146 -64.99 -6.77 -26.88
CA LEU A 2146 -64.31 -6.79 -28.18
C LEU A 2146 -63.34 -5.62 -28.29
N ALA A 2147 -63.72 -4.45 -27.80
CA ALA A 2147 -62.84 -3.29 -27.84
C ALA A 2147 -61.60 -3.50 -26.98
N LYS A 2148 -61.76 -4.07 -25.79
CA LYS A 2148 -60.61 -4.35 -24.95
C LYS A 2148 -59.68 -5.35 -25.63
N LEU A 2149 -60.26 -6.35 -26.31
CA LEU A 2149 -59.46 -7.26 -27.10
C LEU A 2149 -58.71 -6.52 -28.20
N VAL A 2150 -59.37 -5.56 -28.84
CA VAL A 2150 -58.70 -4.73 -29.85
C VAL A 2150 -57.52 -3.99 -29.25
N ILE A 2151 -57.73 -3.40 -28.07
CA ILE A 2151 -56.65 -2.69 -27.40
C ILE A 2151 -55.48 -3.63 -27.13
N ASN A 2152 -55.78 -4.85 -26.70
CA ASN A 2152 -54.71 -5.81 -26.40
C ASN A 2152 -53.94 -6.18 -27.67
N THR A 2153 -54.66 -6.51 -28.74
CA THR A 2153 -54.05 -7.09 -29.94
C THR A 2153 -53.90 -6.06 -31.06
N GLU A 2154 -53.84 -4.79 -30.68
CA GLU A 2154 -53.59 -3.66 -31.59
C GLU A 2154 -52.65 -3.97 -32.75
N GLU A 2155 -51.51 -4.62 -32.47
CA GLU A 2155 -50.52 -4.84 -33.51
C GLU A 2155 -51.08 -5.66 -34.66
N VAL A 2156 -51.87 -6.69 -34.35
CA VAL A 2156 -52.51 -7.48 -35.38
C VAL A 2156 -53.45 -6.61 -36.21
N PHE A 2157 -54.14 -5.68 -35.55
CA PHE A 2157 -55.12 -4.83 -36.21
C PHE A 2157 -54.50 -3.61 -36.88
N ARG A 2158 -53.18 -3.46 -36.81
CA ARG A 2158 -52.51 -2.32 -37.44
C ARG A 2158 -52.88 -2.10 -38.90
N PRO A 2159 -52.85 -3.10 -39.79
CA PRO A 2159 -53.17 -2.82 -41.20
C PRO A 2159 -54.60 -2.33 -41.41
N TYR A 2160 -55.55 -2.82 -40.63
CA TYR A 2160 -56.97 -2.63 -40.91
C TYR A 2160 -57.58 -1.48 -40.12
N ALA A 2161 -56.77 -0.51 -39.71
CA ALA A 2161 -57.28 0.60 -38.91
C ALA A 2161 -58.42 1.34 -39.61
N LYS A 2162 -58.38 1.39 -40.94
CA LYS A 2162 -59.46 2.05 -41.68
C LYS A 2162 -60.80 1.38 -41.41
N HIS A 2163 -60.82 0.05 -41.43
CA HIS A 2163 -62.07 -0.66 -41.15
C HIS A 2163 -62.42 -0.62 -39.67
N TRP A 2164 -61.41 -0.78 -38.79
CA TRP A 2164 -61.68 -0.76 -37.35
C TRP A 2164 -62.18 0.58 -36.85
N LEU A 2165 -61.76 1.69 -37.46
CA LEU A 2165 -61.97 3.00 -36.85
C LEU A 2165 -63.44 3.29 -36.63
N SER A 2166 -64.27 3.12 -37.66
CA SER A 2166 -65.68 3.50 -37.52
C SER A 2166 -66.39 2.74 -36.41
N PRO A 2167 -66.23 1.42 -36.23
CA PRO A 2167 -66.78 0.80 -35.02
C PRO A 2167 -66.22 1.39 -33.74
N LEU A 2168 -64.90 1.45 -33.61
CA LEU A 2168 -64.30 1.90 -32.36
C LEU A 2168 -64.53 3.39 -32.13
N LEU A 2169 -64.50 4.20 -33.20
CA LEU A 2169 -64.79 5.62 -33.03
C LEU A 2169 -66.26 5.85 -32.69
N GLN A 2170 -67.16 5.06 -33.27
CA GLN A 2170 -68.55 5.11 -32.85
C GLN A 2170 -68.67 4.75 -31.38
N LEU A 2171 -67.92 3.73 -30.95
CA LEU A 2171 -67.90 3.36 -29.53
C LEU A 2171 -67.38 4.52 -28.69
N ALA A 2172 -66.47 5.32 -29.23
CA ALA A 2172 -65.97 6.50 -28.52
C ALA A 2172 -67.06 7.53 -28.26
N ALA A 2173 -68.31 7.26 -28.66
CA ALA A 2173 -69.41 8.14 -28.28
C ALA A 2173 -69.53 8.18 -26.76
N SER A 2174 -69.79 9.40 -26.24
CA SER A 2174 -69.75 9.61 -24.80
C SER A 2174 -70.81 8.82 -24.06
N GLU A 2175 -71.92 8.49 -24.71
CA GLU A 2175 -72.96 7.72 -24.04
C GLU A 2175 -72.67 6.23 -24.16
N ASN A 2176 -73.46 5.43 -23.43
CA ASN A 2176 -73.46 3.96 -23.47
C ASN A 2176 -72.05 3.35 -23.42
N ASN A 2177 -71.12 4.06 -22.77
CA ASN A 2177 -69.76 3.57 -22.61
C ASN A 2177 -69.41 3.31 -21.15
N GLY A 2178 -70.36 3.45 -20.24
CA GLY A 2178 -70.16 3.06 -18.85
C GLY A 2178 -69.60 4.14 -17.96
N GLY A 2179 -70.11 4.21 -16.73
CA GLY A 2179 -69.57 5.11 -15.72
C GLY A 2179 -69.93 6.57 -15.95
N GLU A 2180 -69.46 7.39 -15.01
CA GLU A 2180 -69.65 8.84 -15.05
C GLU A 2180 -68.32 9.50 -15.38
N GLY A 2181 -68.30 10.26 -16.47
CA GLY A 2181 -67.09 10.95 -16.86
C GLY A 2181 -66.17 10.09 -17.72
N ILE A 2182 -65.05 10.69 -18.10
CA ILE A 2182 -64.04 10.02 -18.91
C ILE A 2182 -63.35 8.94 -18.08
N HIS A 2183 -63.58 7.68 -18.44
CA HIS A 2183 -63.04 6.59 -17.65
C HIS A 2183 -61.77 6.02 -18.30
N TYR A 2184 -61.22 5.00 -17.65
CA TYR A 2184 -59.94 4.47 -18.09
C TYR A 2184 -60.02 3.83 -19.46
N MET A 2185 -61.14 3.15 -19.77
CA MET A 2185 -61.26 2.57 -21.09
C MET A 2185 -61.34 3.66 -22.16
N VAL A 2186 -62.04 4.75 -21.88
CA VAL A 2186 -61.99 5.89 -22.79
C VAL A 2186 -60.55 6.35 -22.96
N VAL A 2187 -59.79 6.36 -21.87
CA VAL A 2187 -58.40 6.82 -21.94
C VAL A 2187 -57.59 5.93 -22.88
N GLU A 2188 -57.66 4.61 -22.70
CA GLU A 2188 -56.81 3.79 -23.55
C GLU A 2188 -57.33 3.75 -24.99
N ILE A 2189 -58.65 3.84 -25.20
CA ILE A 2189 -59.14 3.82 -26.56
C ILE A 2189 -58.71 5.08 -27.30
N VAL A 2190 -58.77 6.24 -26.64
CA VAL A 2190 -58.34 7.46 -27.31
C VAL A 2190 -56.83 7.43 -27.54
N ALA A 2191 -56.07 6.88 -26.59
CA ALA A 2191 -54.64 6.74 -26.79
C ALA A 2191 -54.34 5.88 -28.00
N THR A 2192 -55.04 4.75 -28.13
CA THR A 2192 -54.82 3.86 -29.27
C THR A 2192 -55.18 4.55 -30.59
N ILE A 2193 -56.32 5.24 -30.62
CA ILE A 2193 -56.75 5.85 -31.88
C ILE A 2193 -55.79 6.95 -32.30
N LEU A 2194 -55.25 7.69 -31.33
CA LEU A 2194 -54.21 8.65 -31.70
C LEU A 2194 -52.92 7.94 -32.12
N SER A 2195 -52.65 6.75 -31.59
CA SER A 2195 -51.44 6.04 -31.99
C SER A 2195 -51.53 5.47 -33.40
N TRP A 2196 -52.72 5.13 -33.89
CA TRP A 2196 -52.83 4.70 -35.28
C TRP A 2196 -52.76 5.84 -36.29
N THR A 2197 -52.41 7.06 -35.89
CA THR A 2197 -52.27 8.11 -36.87
C THR A 2197 -51.14 7.79 -37.85
N GLY A 2198 -51.27 8.26 -39.08
CA GLY A 2198 -50.34 7.94 -40.13
C GLY A 2198 -50.86 6.97 -41.16
N LEU A 2199 -51.81 6.12 -40.79
CA LEU A 2199 -52.51 5.26 -41.75
C LEU A 2199 -53.99 5.55 -41.82
N ALA A 2200 -54.66 5.66 -40.68
CA ALA A 2200 -56.09 5.96 -40.62
C ALA A 2200 -56.28 7.38 -40.15
N THR A 2201 -57.10 8.14 -40.88
CA THR A 2201 -57.44 9.51 -40.54
C THR A 2201 -58.93 9.71 -40.71
N PRO A 2202 -59.56 10.46 -39.79
CA PRO A 2202 -61.00 10.69 -39.89
C PRO A 2202 -61.42 11.49 -41.11
N THR A 2203 -60.48 12.17 -41.79
CA THR A 2203 -60.83 13.05 -42.88
C THR A 2203 -61.58 12.30 -43.99
N GLY A 2204 -62.60 12.97 -44.53
CA GLY A 2204 -63.38 12.43 -45.63
C GLY A 2204 -64.56 11.58 -45.23
N VAL A 2205 -64.73 11.29 -43.95
CA VAL A 2205 -65.83 10.46 -43.47
C VAL A 2205 -66.75 11.34 -42.62
N PRO A 2206 -67.90 11.78 -43.15
CA PRO A 2206 -68.69 12.83 -42.49
C PRO A 2206 -69.18 12.44 -41.11
N LYS A 2207 -69.88 11.31 -40.99
CA LYS A 2207 -70.35 10.89 -39.68
C LYS A 2207 -69.19 10.57 -38.74
N ASP A 2208 -68.03 10.21 -39.29
CA ASP A 2208 -66.84 10.06 -38.45
C ASP A 2208 -66.50 11.38 -37.78
N GLU A 2209 -66.47 12.48 -38.55
CA GLU A 2209 -66.24 13.76 -37.89
C GLU A 2209 -67.40 14.14 -36.96
N VAL A 2210 -68.63 13.74 -37.33
CA VAL A 2210 -69.79 14.04 -36.51
C VAL A 2210 -69.67 13.41 -35.12
N LEU A 2211 -69.17 12.19 -35.07
CA LEU A 2211 -68.93 11.57 -33.77
C LEU A 2211 -67.65 12.09 -33.12
N ALA A 2212 -66.65 12.45 -33.92
CA ALA A 2212 -65.39 12.93 -33.37
C ALA A 2212 -65.58 14.21 -32.58
N ASN A 2213 -66.27 15.19 -33.16
CA ASN A 2213 -66.42 16.46 -32.47
C ASN A 2213 -67.20 16.28 -31.18
N ARG A 2214 -68.15 15.34 -31.18
CA ARG A 2214 -68.85 15.00 -29.94
C ARG A 2214 -67.89 14.42 -28.91
N LEU A 2215 -66.96 13.57 -29.36
CA LEU A 2215 -65.93 13.07 -28.46
C LEU A 2215 -65.17 14.23 -27.83
N LEU A 2216 -64.75 15.20 -28.66
CA LEU A 2216 -64.05 16.36 -28.13
C LEU A 2216 -64.92 17.13 -27.14
N ASN A 2217 -66.21 17.28 -27.47
CA ASN A 2217 -67.12 18.00 -26.60
C ASN A 2217 -67.14 17.38 -25.21
N PHE A 2218 -67.26 16.06 -25.14
CA PHE A 2218 -67.24 15.41 -23.83
C PHE A 2218 -65.87 15.55 -23.17
N LEU A 2219 -64.80 15.40 -23.95
CA LEU A 2219 -63.45 15.59 -23.41
C LEU A 2219 -63.36 16.91 -22.66
N MET A 2220 -63.58 18.01 -23.36
CA MET A 2220 -63.49 19.32 -22.71
C MET A 2220 -64.58 19.48 -21.64
N LYS A 2221 -65.68 18.74 -21.75
CA LYS A 2221 -66.72 18.82 -20.73
C LYS A 2221 -66.22 18.31 -19.38
N HIS A 2222 -65.48 17.20 -19.38
CA HIS A 2222 -65.11 16.59 -18.10
C HIS A 2222 -63.60 16.53 -17.87
N VAL A 2223 -62.87 17.60 -18.20
CA VAL A 2223 -61.44 17.62 -17.94
C VAL A 2223 -61.16 17.75 -16.46
N PHE A 2224 -61.99 18.51 -15.74
CA PHE A 2224 -61.75 18.76 -14.33
C PHE A 2224 -61.71 17.45 -13.56
N HIS A 2225 -60.73 17.33 -12.66
CA HIS A 2225 -60.55 16.11 -11.91
C HIS A 2225 -59.63 16.47 -10.75
N PRO A 2226 -59.96 16.06 -9.53
CA PRO A 2226 -59.18 16.51 -8.36
C PRO A 2226 -57.73 16.06 -8.36
N LYS A 2227 -57.35 15.09 -9.18
CA LYS A 2227 -55.97 14.63 -9.22
C LYS A 2227 -55.20 15.37 -10.31
N ARG A 2228 -54.11 16.02 -9.90
CA ARG A 2228 -53.37 16.89 -10.80
C ARG A 2228 -52.72 16.12 -11.93
N ALA A 2229 -52.20 14.92 -11.63
CA ALA A 2229 -51.53 14.14 -12.66
C ALA A 2229 -52.49 13.70 -13.75
N VAL A 2230 -53.66 13.18 -13.37
CA VAL A 2230 -54.62 12.78 -14.39
C VAL A 2230 -55.20 13.99 -15.09
N PHE A 2231 -55.30 15.12 -14.40
CA PHE A 2231 -55.72 16.35 -15.07
C PHE A 2231 -54.73 16.71 -16.18
N ARG A 2232 -53.44 16.72 -15.86
CA ARG A 2232 -52.41 16.89 -16.88
C ARG A 2232 -52.61 15.89 -18.00
N HIS A 2233 -52.88 14.63 -17.64
CA HIS A 2233 -52.96 13.57 -18.63
C HIS A 2233 -54.09 13.82 -19.62
N ASN A 2234 -55.24 14.22 -19.11
CA ASN A 2234 -56.35 14.63 -19.98
C ASN A 2234 -55.92 15.79 -20.86
N LEU A 2235 -55.13 16.71 -20.30
CA LEU A 2235 -54.66 17.85 -21.09
C LEU A 2235 -53.86 17.38 -22.30
N GLU A 2236 -52.90 16.47 -22.11
CA GLU A 2236 -52.19 16.05 -23.32
C GLU A 2236 -53.02 15.12 -24.19
N ILE A 2237 -54.03 14.44 -23.64
CA ILE A 2237 -54.94 13.70 -24.50
C ILE A 2237 -55.58 14.65 -25.51
N ILE A 2238 -56.14 15.76 -25.01
CA ILE A 2238 -56.73 16.74 -25.91
C ILE A 2238 -55.69 17.33 -26.83
N LYS A 2239 -54.48 17.57 -26.29
CA LYS A 2239 -53.41 18.14 -27.11
C LYS A 2239 -53.11 17.25 -28.31
N THR A 2240 -52.88 15.97 -28.07
CA THR A 2240 -52.60 15.04 -29.16
C THR A 2240 -53.77 14.93 -30.12
N LEU A 2241 -54.99 14.88 -29.59
CA LEU A 2241 -56.14 14.69 -30.46
C LEU A 2241 -56.31 15.87 -31.39
N VAL A 2242 -56.19 17.10 -30.87
CA VAL A 2242 -56.31 18.26 -31.73
C VAL A 2242 -55.09 18.43 -32.61
N GLU A 2243 -53.95 17.85 -32.21
CA GLU A 2243 -52.76 17.92 -33.05
C GLU A 2243 -52.88 16.99 -34.25
N CYS A 2244 -53.63 15.90 -34.10
CA CYS A 2244 -53.76 14.95 -35.20
C CYS A 2244 -55.01 15.17 -36.05
N TRP A 2245 -56.12 15.56 -35.45
CA TRP A 2245 -57.38 15.71 -36.17
C TRP A 2245 -57.80 17.17 -36.34
N LYS A 2246 -56.83 18.08 -36.42
CA LYS A 2246 -57.17 19.49 -36.57
C LYS A 2246 -57.98 19.75 -37.83
N ASP A 2247 -57.75 18.98 -38.89
CA ASP A 2247 -58.49 19.14 -40.14
C ASP A 2247 -59.94 18.70 -40.01
N CYS A 2248 -60.30 17.99 -38.94
CA CYS A 2248 -61.60 17.37 -38.83
C CYS A 2248 -62.45 17.90 -37.68
N LEU A 2249 -61.91 18.77 -36.84
CA LEU A 2249 -62.59 19.20 -35.64
C LEU A 2249 -62.90 20.69 -35.69
N SER A 2250 -63.84 21.09 -34.83
CA SER A 2250 -64.23 22.49 -34.68
C SER A 2250 -64.34 22.78 -33.20
N ILE A 2251 -63.46 23.65 -32.70
CA ILE A 2251 -63.44 23.97 -31.27
C ILE A 2251 -64.74 24.65 -30.89
N PRO A 2252 -65.32 24.37 -29.72
CA PRO A 2252 -66.55 25.07 -29.33
C PRO A 2252 -66.38 26.58 -29.22
N TYR A 2253 -65.47 26.99 -28.33
CA TYR A 2253 -65.22 28.38 -27.94
C TYR A 2253 -66.37 28.90 -27.09
N ARG A 2254 -67.44 28.12 -26.95
CA ARG A 2254 -68.59 28.48 -26.13
C ARG A 2254 -68.54 27.77 -24.78
N LEU A 2255 -68.53 26.44 -24.81
CA LEU A 2255 -68.35 25.68 -23.58
C LEU A 2255 -67.11 26.13 -22.84
N ILE A 2256 -66.06 26.54 -23.57
CA ILE A 2256 -64.88 27.10 -22.93
C ILE A 2256 -65.23 28.42 -22.24
N PHE A 2257 -66.16 29.18 -22.82
CA PHE A 2257 -66.66 30.35 -22.13
C PHE A 2257 -67.30 29.96 -20.81
N GLU A 2258 -68.14 28.91 -20.83
CA GLU A 2258 -68.69 28.45 -19.55
C GLU A 2258 -67.62 27.95 -18.58
N LYS A 2259 -66.46 27.49 -19.05
CA LYS A 2259 -65.38 27.28 -18.08
C LYS A 2259 -64.83 28.60 -17.55
N PHE A 2260 -64.19 29.40 -18.40
CA PHE A 2260 -63.40 30.51 -17.84
C PHE A 2260 -64.23 31.76 -17.62
N SER A 2261 -65.54 31.63 -17.57
CA SER A 2261 -66.41 32.73 -17.18
C SER A 2261 -66.81 32.58 -15.71
N GLY A 2262 -67.36 33.65 -15.15
CA GLY A 2262 -67.88 33.60 -13.81
C GLY A 2262 -66.96 34.20 -12.76
N LYS A 2263 -67.40 35.27 -12.11
CA LYS A 2263 -66.62 35.90 -11.07
C LYS A 2263 -66.43 34.92 -9.91
N ASP A 2264 -65.20 34.84 -9.41
CA ASP A 2264 -64.84 33.89 -8.36
C ASP A 2264 -64.03 34.62 -7.29
N PRO A 2265 -64.42 34.51 -6.02
CA PRO A 2265 -63.63 35.12 -4.95
C PRO A 2265 -62.30 34.42 -4.74
N ASN A 2266 -62.35 33.10 -4.56
CA ASN A 2266 -61.14 32.30 -4.38
C ASN A 2266 -61.42 30.87 -4.84
N SER A 2267 -61.03 30.56 -6.07
CA SER A 2267 -61.26 29.24 -6.64
C SER A 2267 -60.54 29.14 -7.98
N LYS A 2268 -60.23 27.90 -8.38
CA LYS A 2268 -59.66 27.59 -9.68
C LYS A 2268 -60.72 27.35 -10.74
N ASP A 2269 -61.92 27.92 -10.57
CA ASP A 2269 -63.03 27.58 -11.46
C ASP A 2269 -62.74 27.94 -12.90
N ASN A 2270 -62.17 29.11 -13.15
CA ASN A 2270 -61.83 29.53 -14.50
C ASN A 2270 -60.49 28.96 -14.95
N SER A 2271 -59.71 28.41 -14.03
CA SER A 2271 -58.40 27.86 -14.39
C SER A 2271 -58.53 26.84 -15.50
N VAL A 2272 -59.54 25.95 -15.40
CA VAL A 2272 -59.69 24.89 -16.39
C VAL A 2272 -59.83 25.49 -17.78
N GLY A 2273 -60.75 26.44 -17.94
CA GLY A 2273 -60.90 27.09 -19.22
C GLY A 2273 -59.64 27.78 -19.68
N ILE A 2274 -58.85 28.29 -18.73
CA ILE A 2274 -57.58 28.89 -19.11
C ILE A 2274 -56.67 27.84 -19.74
N GLN A 2275 -56.58 26.65 -19.13
CA GLN A 2275 -55.71 25.62 -19.74
C GLN A 2275 -56.27 25.16 -21.08
N LEU A 2276 -57.59 25.03 -21.19
CA LEU A 2276 -58.16 24.64 -22.47
C LEU A 2276 -57.84 25.66 -23.55
N LEU A 2277 -57.96 26.95 -23.24
CA LEU A 2277 -57.62 27.97 -24.23
C LEU A 2277 -56.14 27.94 -24.56
N GLY A 2278 -55.28 27.74 -23.55
CA GLY A 2278 -53.87 27.60 -23.84
C GLY A 2278 -53.59 26.43 -24.76
N ILE A 2279 -54.31 25.33 -24.55
CA ILE A 2279 -54.17 24.16 -25.41
C ILE A 2279 -54.55 24.52 -26.84
N VAL A 2280 -55.67 25.22 -27.01
CA VAL A 2280 -56.09 25.53 -28.38
C VAL A 2280 -55.14 26.52 -29.03
N MET A 2281 -54.52 27.41 -28.25
CA MET A 2281 -53.46 28.26 -28.80
C MET A 2281 -52.27 27.43 -29.26
N ALA A 2282 -51.85 26.47 -28.44
CA ALA A 2282 -50.56 25.82 -28.65
C ALA A 2282 -50.48 25.05 -29.97
N ASN A 2283 -51.62 24.75 -30.59
CA ASN A 2283 -51.64 23.90 -31.78
C ASN A 2283 -51.92 24.69 -33.06
N ASP A 2284 -51.53 25.97 -33.09
CA ASP A 2284 -51.68 26.82 -34.29
C ASP A 2284 -53.15 26.90 -34.72
N LEU A 2285 -54.00 27.33 -33.80
CA LEU A 2285 -55.44 27.43 -34.03
C LEU A 2285 -55.91 28.84 -33.73
N PRO A 2286 -56.57 29.50 -34.68
CA PRO A 2286 -57.05 30.87 -34.44
C PRO A 2286 -58.09 30.92 -33.33
N PRO A 2287 -58.09 31.99 -32.55
CA PRO A 2287 -59.08 32.11 -31.47
C PRO A 2287 -60.44 32.54 -32.01
N TYR A 2288 -61.49 31.86 -31.54
CA TYR A 2288 -62.87 32.25 -31.80
C TYR A 2288 -63.12 32.45 -33.29
N ASP A 2289 -62.76 31.43 -34.07
CA ASP A 2289 -62.88 31.52 -35.52
C ASP A 2289 -64.32 31.73 -36.00
N PRO A 2290 -65.33 30.96 -35.54
CA PRO A 2290 -66.69 31.18 -36.05
C PRO A 2290 -67.37 32.41 -35.45
N GLN A 2291 -67.27 32.57 -34.13
CA GLN A 2291 -68.02 33.54 -33.34
C GLN A 2291 -69.46 33.64 -33.83
N CYS A 2292 -70.04 32.50 -34.22
CA CYS A 2292 -71.30 32.47 -34.96
C CYS A 2292 -72.45 33.03 -34.14
N GLY A 2293 -72.90 34.24 -34.48
CA GLY A 2293 -74.04 34.84 -33.83
C GLY A 2293 -73.78 35.39 -32.45
N ILE A 2294 -72.52 35.40 -32.00
CA ILE A 2294 -72.18 35.80 -30.64
C ILE A 2294 -70.89 36.62 -30.68
N GLN A 2295 -70.83 37.69 -29.90
CA GLN A 2295 -69.74 38.66 -29.99
C GLN A 2295 -68.49 38.14 -29.30
N SER A 2296 -67.33 38.52 -29.85
CA SER A 2296 -66.05 38.11 -29.30
C SER A 2296 -65.59 38.98 -28.13
N SER A 2297 -66.05 40.23 -28.07
CA SER A 2297 -65.57 41.14 -27.04
C SER A 2297 -65.88 40.62 -25.65
N GLU A 2298 -67.06 40.01 -25.47
CA GLU A 2298 -67.41 39.47 -24.16
C GLU A 2298 -66.46 38.34 -23.76
N TYR A 2299 -66.13 37.44 -24.70
CA TYR A 2299 -65.13 36.42 -24.42
C TYR A 2299 -63.81 37.04 -23.97
N PHE A 2300 -63.32 38.01 -24.74
CA PHE A 2300 -62.00 38.54 -24.47
C PHE A 2300 -61.97 39.27 -23.12
N GLN A 2301 -63.02 40.04 -22.84
CA GLN A 2301 -63.12 40.72 -21.56
C GLN A 2301 -63.19 39.71 -20.42
N ALA A 2302 -63.95 38.63 -20.61
CA ALA A 2302 -64.01 37.61 -19.58
C ALA A 2302 -62.66 36.97 -19.34
N LEU A 2303 -61.91 36.72 -20.41
CA LEU A 2303 -60.59 36.13 -20.28
C LEU A 2303 -59.66 37.04 -19.49
N VAL A 2304 -59.68 38.34 -19.78
CA VAL A 2304 -58.84 39.25 -19.01
C VAL A 2304 -59.40 39.49 -17.61
N ASN A 2305 -60.66 39.15 -17.37
CA ASN A 2305 -61.22 39.26 -16.02
C ASN A 2305 -60.62 38.24 -15.06
N ASN A 2306 -59.86 37.27 -15.55
CA ASN A 2306 -59.15 36.36 -14.65
C ASN A 2306 -58.17 37.12 -13.77
N MET A 2307 -57.67 38.26 -14.25
CA MET A 2307 -56.78 39.08 -13.44
C MET A 2307 -57.47 39.55 -12.16
N SER A 2308 -58.81 39.56 -12.13
CA SER A 2308 -59.49 39.84 -10.88
C SER A 2308 -59.26 38.74 -9.86
N PHE A 2309 -58.95 37.52 -10.31
CA PHE A 2309 -58.76 36.41 -9.39
C PHE A 2309 -57.39 36.50 -8.74
N VAL A 2310 -57.36 36.47 -7.40
CA VAL A 2310 -56.20 36.87 -6.62
C VAL A 2310 -55.68 35.73 -5.75
N ARG A 2311 -56.57 35.02 -5.07
CA ARG A 2311 -56.15 34.09 -4.02
C ARG A 2311 -55.23 33.00 -4.55
N TYR A 2312 -55.41 32.59 -5.81
CA TYR A 2312 -54.60 31.54 -6.41
C TYR A 2312 -53.67 32.15 -7.45
N LYS A 2313 -52.66 31.37 -7.84
CA LYS A 2313 -51.52 31.89 -8.60
C LYS A 2313 -51.64 31.60 -10.09
N GLU A 2314 -51.75 30.33 -10.47
CA GLU A 2314 -51.84 29.98 -11.87
C GLU A 2314 -53.11 30.55 -12.49
N VAL A 2315 -54.16 30.71 -11.69
CA VAL A 2315 -55.45 31.19 -12.17
C VAL A 2315 -55.33 32.53 -12.89
N TYR A 2316 -54.28 33.30 -12.60
CA TYR A 2316 -53.99 34.51 -13.36
C TYR A 2316 -52.70 34.44 -14.15
N ALA A 2317 -51.70 33.70 -13.67
CA ALA A 2317 -50.46 33.58 -14.43
C ALA A 2317 -50.72 32.96 -15.80
N ALA A 2318 -51.47 31.86 -15.84
CA ALA A 2318 -51.78 31.21 -17.10
C ALA A 2318 -52.66 32.09 -17.98
N ALA A 2319 -53.58 32.84 -17.37
CA ALA A 2319 -54.41 33.75 -18.16
C ALA A 2319 -53.56 34.80 -18.84
N ALA A 2320 -52.60 35.38 -18.11
CA ALA A 2320 -51.71 36.36 -18.71
C ALA A 2320 -50.87 35.73 -19.83
N GLU A 2321 -50.35 34.53 -19.59
CA GLU A 2321 -49.49 33.92 -20.61
C GLU A 2321 -50.28 33.57 -21.86
N VAL A 2322 -51.55 33.16 -21.71
CA VAL A 2322 -52.33 32.85 -22.90
C VAL A 2322 -52.77 34.12 -23.60
N LEU A 2323 -52.94 35.22 -22.86
CA LEU A 2323 -53.10 36.52 -23.51
C LEU A 2323 -51.91 36.83 -24.40
N GLY A 2324 -50.70 36.63 -23.86
CA GLY A 2324 -49.50 36.85 -24.64
C GLY A 2324 -49.44 35.94 -25.86
N LEU A 2325 -49.89 34.69 -25.71
CA LEU A 2325 -49.91 33.77 -26.83
C LEU A 2325 -50.89 34.24 -27.91
N ILE A 2326 -52.07 34.69 -27.51
CA ILE A 2326 -53.04 35.20 -28.48
C ILE A 2326 -52.45 36.38 -29.23
N LEU A 2327 -51.79 37.29 -28.50
CA LEU A 2327 -51.20 38.46 -29.13
C LEU A 2327 -50.09 38.06 -30.11
N ARG A 2328 -49.23 37.12 -29.71
CA ARG A 2328 -48.14 36.72 -30.59
C ARG A 2328 -48.67 36.07 -31.86
N TYR A 2329 -49.74 35.29 -31.75
CA TYR A 2329 -50.35 34.71 -32.94
C TYR A 2329 -50.97 35.80 -33.80
N VAL A 2330 -51.68 36.73 -33.19
CA VAL A 2330 -52.48 37.69 -33.95
C VAL A 2330 -51.64 38.81 -34.55
N MET A 2331 -50.37 38.94 -34.15
CA MET A 2331 -49.53 39.97 -34.76
C MET A 2331 -49.45 39.81 -36.27
N GLU A 2332 -49.24 38.60 -36.77
CA GLU A 2332 -49.06 38.41 -38.20
C GLU A 2332 -50.33 38.76 -38.98
N ARG A 2333 -51.50 38.61 -38.37
CA ARG A 2333 -52.76 38.98 -39.01
C ARG A 2333 -53.72 39.39 -37.89
N LYS A 2334 -53.77 40.69 -37.61
CA LYS A 2334 -54.66 41.17 -36.54
C LYS A 2334 -55.98 41.73 -37.07
N ASN A 2335 -55.93 42.91 -37.67
CA ASN A 2335 -56.92 43.44 -38.62
C ASN A 2335 -58.33 43.61 -38.07
N ILE A 2336 -58.64 43.07 -36.89
CA ILE A 2336 -60.00 43.24 -36.38
C ILE A 2336 -60.05 43.58 -34.90
N LEU A 2337 -59.05 43.12 -34.14
CA LEU A 2337 -59.22 43.03 -32.69
C LEU A 2337 -58.01 43.43 -31.87
N GLU A 2338 -56.83 43.57 -32.48
CA GLU A 2338 -55.62 43.74 -31.69
C GLU A 2338 -55.66 45.02 -30.86
N GLU A 2339 -56.19 46.09 -31.43
CA GLU A 2339 -56.25 47.35 -30.69
C GLU A 2339 -57.11 47.19 -29.44
N SER A 2340 -58.27 46.55 -29.58
CA SER A 2340 -59.16 46.33 -28.44
C SER A 2340 -58.49 45.47 -27.38
N LEU A 2341 -57.88 44.36 -27.82
CA LEU A 2341 -57.25 43.46 -26.86
C LEU A 2341 -56.09 44.13 -26.13
N CYS A 2342 -55.24 44.85 -26.88
CA CYS A 2342 -54.07 45.46 -26.26
C CYS A 2342 -54.47 46.57 -25.30
N GLU A 2343 -55.43 47.42 -25.68
CA GLU A 2343 -55.87 48.45 -24.75
C GLU A 2343 -56.54 47.84 -23.52
N LEU A 2344 -57.32 46.78 -23.72
CA LEU A 2344 -58.00 46.17 -22.59
C LEU A 2344 -57.02 45.58 -21.60
N VAL A 2345 -56.04 44.81 -22.10
CA VAL A 2345 -55.06 44.23 -21.19
C VAL A 2345 -54.19 45.31 -20.57
N ALA A 2346 -53.89 46.38 -21.32
CA ALA A 2346 -53.09 47.47 -20.79
C ALA A 2346 -53.78 48.13 -19.61
N LYS A 2347 -55.05 48.49 -19.79
CA LYS A 2347 -55.77 49.11 -18.67
C LYS A 2347 -55.98 48.13 -17.54
N GLN A 2348 -56.15 46.85 -17.85
CA GLN A 2348 -56.28 45.84 -16.80
C GLN A 2348 -55.03 45.80 -15.94
N LEU A 2349 -53.86 45.86 -16.58
CA LEU A 2349 -52.63 45.97 -15.81
C LEU A 2349 -52.59 47.28 -15.04
N LYS A 2350 -53.08 48.37 -15.65
CA LYS A 2350 -52.99 49.68 -15.02
C LYS A 2350 -53.77 49.74 -13.71
N GLN A 2351 -54.94 49.11 -13.65
CA GLN A 2351 -55.72 49.19 -12.42
C GLN A 2351 -54.94 48.60 -11.25
N HIS A 2352 -54.63 47.32 -11.30
CA HIS A 2352 -53.92 46.70 -10.18
C HIS A 2352 -52.43 47.04 -10.19
N GLN A 2353 -51.99 47.94 -11.06
CA GLN A 2353 -50.62 48.40 -11.04
C GLN A 2353 -50.27 49.13 -9.75
N ASN A 2354 -51.25 49.76 -9.10
CA ASN A 2354 -51.02 50.51 -7.87
C ASN A 2354 -51.60 49.83 -6.64
N THR A 2355 -52.12 48.61 -6.79
CA THR A 2355 -52.82 47.93 -5.69
C THR A 2355 -51.90 47.02 -4.89
N MET A 2356 -51.24 46.07 -5.57
CA MET A 2356 -50.36 45.13 -4.87
C MET A 2356 -48.97 45.14 -5.47
N GLU A 2357 -48.88 45.39 -6.77
CA GLU A 2357 -47.66 45.51 -7.55
C GLU A 2357 -46.90 44.20 -7.65
N ASP A 2358 -47.34 43.15 -6.96
CA ASP A 2358 -46.81 41.81 -7.20
C ASP A 2358 -47.55 41.15 -8.36
N LYS A 2359 -48.87 41.14 -8.28
CA LYS A 2359 -49.69 40.69 -9.40
C LYS A 2359 -49.35 41.46 -10.67
N PHE A 2360 -49.16 42.77 -10.56
CA PHE A 2360 -48.86 43.59 -11.72
C PHE A 2360 -47.58 43.12 -12.40
N ILE A 2361 -46.49 42.98 -11.64
CA ILE A 2361 -45.23 42.64 -12.25
C ILE A 2361 -45.25 41.21 -12.78
N VAL A 2362 -45.88 40.28 -12.06
CA VAL A 2362 -45.88 38.90 -12.55
C VAL A 2362 -46.71 38.78 -13.82
N CYS A 2363 -47.88 39.41 -13.86
CA CYS A 2363 -48.70 39.35 -15.07
C CYS A 2363 -47.98 40.01 -16.24
N LEU A 2364 -47.30 41.14 -15.98
CA LEU A 2364 -46.57 41.81 -17.05
C LEU A 2364 -45.45 40.92 -17.55
N ASN A 2365 -44.76 40.22 -16.65
CA ASN A 2365 -43.70 39.33 -17.07
C ASN A 2365 -44.23 38.18 -17.92
N LYS A 2366 -45.33 37.55 -17.48
CA LYS A 2366 -45.91 36.48 -18.28
C LYS A 2366 -46.37 36.95 -19.64
N VAL A 2367 -46.98 38.13 -19.73
CA VAL A 2367 -47.43 38.59 -21.04
C VAL A 2367 -46.24 38.94 -21.92
N THR A 2368 -45.20 39.54 -21.35
CA THR A 2368 -44.00 39.84 -22.13
C THR A 2368 -43.16 38.61 -22.43
N LYS A 2369 -43.45 37.47 -21.80
CA LYS A 2369 -42.80 36.24 -22.20
C LYS A 2369 -43.05 35.93 -23.66
N SER A 2370 -44.10 36.49 -24.24
CA SER A 2370 -44.42 36.27 -25.64
C SER A 2370 -44.49 37.59 -26.40
N PHE A 2371 -45.03 38.63 -25.79
CA PHE A 2371 -45.31 39.89 -26.47
C PHE A 2371 -44.50 41.03 -25.87
N PRO A 2372 -43.40 41.43 -26.51
CA PRO A 2372 -42.64 42.59 -26.04
C PRO A 2372 -43.45 43.88 -26.09
N PRO A 2373 -44.04 44.26 -27.26
CA PRO A 2373 -44.50 45.65 -27.41
C PRO A 2373 -45.61 46.08 -26.48
N LEU A 2374 -46.00 45.24 -25.52
CA LEU A 2374 -47.02 45.64 -24.57
C LEU A 2374 -46.43 46.40 -23.39
N ALA A 2375 -45.22 46.07 -22.99
CA ALA A 2375 -44.59 46.70 -21.84
C ALA A 2375 -44.01 48.07 -22.15
N ASP A 2376 -44.02 48.51 -23.41
CA ASP A 2376 -43.46 49.80 -23.75
C ASP A 2376 -44.14 50.94 -22.99
N ARG A 2377 -45.37 50.73 -22.53
CA ARG A 2377 -46.00 51.73 -21.68
C ARG A 2377 -45.46 51.68 -20.26
N PHE A 2378 -44.62 50.70 -19.93
CA PHE A 2378 -44.44 50.31 -18.54
C PHE A 2378 -43.01 50.34 -18.02
N MET A 2379 -42.02 50.79 -18.81
CA MET A 2379 -40.67 50.85 -18.26
C MET A 2379 -40.62 51.82 -17.09
N ASN A 2380 -41.36 52.91 -17.15
CA ASN A 2380 -41.40 53.84 -16.02
C ASN A 2380 -41.88 53.14 -14.75
N ALA A 2381 -42.95 52.36 -14.85
CA ALA A 2381 -43.49 51.68 -13.67
C ALA A 2381 -42.53 50.62 -13.16
N VAL A 2382 -41.94 49.83 -14.07
CA VAL A 2382 -41.06 48.76 -13.62
C VAL A 2382 -39.79 49.34 -13.01
N PHE A 2383 -39.28 50.44 -13.57
CA PHE A 2383 -38.12 51.09 -12.97
C PHE A 2383 -38.48 51.67 -11.62
N PHE A 2384 -39.70 52.21 -11.47
CA PHE A 2384 -40.13 52.73 -10.18
C PHE A 2384 -40.15 51.63 -9.13
N LEU A 2385 -40.70 50.47 -9.49
CA LEU A 2385 -40.80 49.36 -8.53
C LEU A 2385 -39.51 48.56 -8.41
N LEU A 2386 -38.53 48.80 -9.27
CA LEU A 2386 -37.33 47.97 -9.29
C LEU A 2386 -36.57 47.93 -7.97
N PRO A 2387 -36.21 49.05 -7.34
CA PRO A 2387 -35.36 48.95 -6.15
C PRO A 2387 -36.04 48.32 -4.95
N LYS A 2388 -37.37 48.20 -4.95
CA LYS A 2388 -38.07 47.75 -3.76
C LYS A 2388 -37.85 46.27 -3.47
N PHE A 2389 -37.89 45.43 -4.50
CA PHE A 2389 -37.83 44.00 -4.28
C PHE A 2389 -36.40 43.56 -3.98
N HIS A 2390 -36.29 42.38 -3.35
CA HIS A 2390 -35.00 41.78 -3.02
C HIS A 2390 -34.99 40.29 -3.31
N GLY A 2391 -35.81 39.80 -4.23
CA GLY A 2391 -35.87 38.39 -4.51
C GLY A 2391 -36.16 38.04 -5.95
N VAL A 2392 -37.02 37.03 -6.16
CA VAL A 2392 -37.37 36.63 -7.52
C VAL A 2392 -38.09 37.76 -8.25
N LEU A 2393 -38.77 38.63 -7.51
CA LEU A 2393 -39.46 39.76 -8.11
C LEU A 2393 -38.48 40.68 -8.82
N LYS A 2394 -37.30 40.89 -8.22
CA LYS A 2394 -36.25 41.66 -8.86
C LYS A 2394 -35.92 41.10 -10.22
N THR A 2395 -35.65 39.80 -10.29
CA THR A 2395 -35.39 39.16 -11.57
C THR A 2395 -36.53 39.41 -12.53
N LEU A 2396 -37.76 39.03 -12.12
CA LEU A 2396 -38.94 39.16 -12.94
C LEU A 2396 -38.97 40.52 -13.63
N CYS A 2397 -38.87 41.58 -12.83
CA CYS A 2397 -38.82 42.93 -13.37
C CYS A 2397 -37.62 43.11 -14.29
N LEU A 2398 -36.51 42.45 -13.99
CA LEU A 2398 -35.31 42.68 -14.78
C LEU A 2398 -35.45 42.11 -16.18
N GLU A 2399 -35.99 40.90 -16.32
CA GLU A 2399 -36.18 40.39 -17.68
C GLU A 2399 -37.34 41.10 -18.38
N VAL A 2400 -38.35 41.57 -17.64
CA VAL A 2400 -39.38 42.31 -18.36
C VAL A 2400 -38.80 43.63 -18.86
N VAL A 2401 -37.80 44.18 -18.16
CA VAL A 2401 -37.05 45.31 -18.69
C VAL A 2401 -36.27 44.89 -19.93
N LEU A 2402 -35.61 43.73 -19.86
CA LEU A 2402 -34.80 43.25 -20.98
C LEU A 2402 -35.62 43.15 -22.25
N CYS A 2403 -36.84 42.62 -22.13
CA CYS A 2403 -37.57 42.17 -23.32
C CYS A 2403 -37.76 43.27 -24.34
N ARG A 2404 -37.74 44.54 -23.92
CA ARG A 2404 -37.76 45.68 -24.84
C ARG A 2404 -36.55 46.54 -24.49
N VAL A 2405 -35.44 46.30 -25.19
CA VAL A 2405 -34.20 47.05 -25.00
C VAL A 2405 -33.72 47.68 -26.31
N GLU A 2406 -33.75 46.91 -27.41
CA GLU A 2406 -33.35 47.45 -28.70
C GLU A 2406 -34.31 48.55 -29.13
N GLY A 2407 -35.58 48.46 -28.76
CA GLY A 2407 -36.52 49.52 -29.06
C GLY A 2407 -36.22 50.80 -28.31
N MET A 2408 -35.71 50.68 -27.08
CA MET A 2408 -35.37 51.85 -26.29
C MET A 2408 -34.08 52.48 -26.79
N THR A 2409 -33.94 53.78 -26.53
CA THR A 2409 -32.69 54.50 -26.75
C THR A 2409 -32.13 55.09 -25.47
N GLU A 2410 -32.93 55.85 -24.73
CA GLU A 2410 -32.49 56.48 -23.49
C GLU A 2410 -32.47 55.41 -22.41
N LEU A 2411 -31.31 54.76 -22.26
CA LEU A 2411 -31.19 53.60 -21.41
C LEU A 2411 -30.01 53.78 -20.46
N TYR A 2412 -29.98 52.95 -19.42
CA TYR A 2412 -28.99 52.91 -18.34
C TYR A 2412 -29.08 54.10 -17.42
N PHE A 2413 -29.90 55.08 -17.72
CA PHE A 2413 -29.95 56.23 -16.83
C PHE A 2413 -30.90 55.94 -15.66
N GLN A 2414 -32.09 55.42 -15.98
CA GLN A 2414 -32.91 54.77 -14.99
C GLN A 2414 -32.12 53.70 -14.24
N LEU A 2415 -31.27 52.97 -14.97
CA LEU A 2415 -30.52 51.89 -14.34
C LEU A 2415 -29.51 52.41 -13.33
N LYS A 2416 -28.80 53.49 -13.63
CA LYS A 2416 -27.87 54.00 -12.64
C LYS A 2416 -28.62 54.63 -11.47
N SER A 2417 -29.80 55.20 -11.74
CA SER A 2417 -30.61 55.70 -10.64
C SER A 2417 -31.04 54.58 -9.71
N LYS A 2418 -31.35 53.41 -10.27
CA LYS A 2418 -31.75 52.25 -9.48
C LYS A 2418 -30.57 51.42 -9.02
N ASP A 2419 -29.34 51.83 -9.37
CA ASP A 2419 -28.12 51.16 -8.93
C ASP A 2419 -28.05 49.77 -9.53
N PHE A 2420 -28.09 49.71 -10.86
CA PHE A 2420 -28.14 48.44 -11.58
C PHE A 2420 -26.83 47.67 -11.44
N VAL A 2421 -25.70 48.39 -11.36
CA VAL A 2421 -24.40 47.72 -11.33
C VAL A 2421 -24.24 46.88 -10.07
N GLN A 2422 -24.84 47.30 -8.96
CA GLN A 2422 -24.76 46.53 -7.73
C GLN A 2422 -25.46 45.19 -7.87
N VAL A 2423 -26.47 45.10 -8.74
CA VAL A 2423 -27.27 43.89 -8.84
C VAL A 2423 -26.39 42.71 -9.26
N MET A 2424 -25.53 42.92 -10.26
CA MET A 2424 -24.62 41.89 -10.71
C MET A 2424 -23.41 41.73 -9.79
N ARG A 2425 -23.48 42.34 -8.60
CA ARG A 2425 -22.53 42.06 -7.53
C ARG A 2425 -23.25 41.51 -6.29
N HIS A 2426 -24.45 40.98 -6.48
CA HIS A 2426 -25.18 40.23 -5.47
C HIS A 2426 -25.38 38.82 -5.99
N ARG A 2427 -25.00 37.83 -5.18
CA ARG A 2427 -24.92 36.45 -5.67
C ARG A 2427 -26.30 35.89 -6.01
N ASP A 2428 -26.59 35.79 -7.31
CA ASP A 2428 -27.78 35.09 -7.78
C ASP A 2428 -27.58 34.79 -9.26
N ASP A 2429 -27.57 33.51 -9.62
CA ASP A 2429 -27.20 33.13 -10.97
C ASP A 2429 -28.17 33.72 -12.00
N GLU A 2430 -29.48 33.58 -11.76
CA GLU A 2430 -30.46 34.05 -12.73
C GLU A 2430 -30.37 35.56 -12.92
N ARG A 2431 -30.39 36.30 -11.81
CA ARG A 2431 -30.39 37.76 -11.90
C ARG A 2431 -29.12 38.28 -12.54
N GLN A 2432 -27.97 37.72 -12.17
CA GLN A 2432 -26.73 38.18 -12.77
C GLN A 2432 -26.66 37.81 -14.25
N LYS A 2433 -27.17 36.64 -14.61
CA LYS A 2433 -27.16 36.25 -16.02
C LYS A 2433 -28.05 37.17 -16.86
N VAL A 2434 -29.22 37.52 -16.35
CA VAL A 2434 -30.10 38.41 -17.11
C VAL A 2434 -29.51 39.81 -17.16
N CYS A 2435 -28.83 40.23 -16.09
CA CYS A 2435 -28.08 41.49 -16.15
C CYS A 2435 -27.10 41.48 -17.31
N LEU A 2436 -26.32 40.40 -17.41
CA LEU A 2436 -25.32 40.30 -18.47
C LEU A 2436 -25.97 40.32 -19.85
N ASP A 2437 -27.10 39.63 -20.00
CA ASP A 2437 -27.81 39.65 -21.27
C ASP A 2437 -28.25 41.07 -21.63
N ILE A 2438 -28.79 41.79 -20.65
CA ILE A 2438 -29.18 43.18 -20.89
C ILE A 2438 -27.99 43.97 -21.39
N ILE A 2439 -26.85 43.81 -20.73
CA ILE A 2439 -25.67 44.59 -21.10
C ILE A 2439 -25.24 44.27 -22.52
N TYR A 2440 -25.20 42.98 -22.86
CA TYR A 2440 -24.73 42.60 -24.19
C TYR A 2440 -25.65 43.12 -25.27
N LYS A 2441 -26.96 43.11 -25.03
CA LYS A 2441 -27.87 43.72 -26.00
C LYS A 2441 -27.66 45.22 -26.07
N MET A 2442 -27.41 45.86 -24.93
CA MET A 2442 -27.33 47.31 -24.87
C MET A 2442 -26.05 47.84 -25.51
N MET A 2443 -25.03 46.99 -25.64
CA MET A 2443 -23.72 47.49 -26.09
C MET A 2443 -23.74 48.30 -27.38
N PRO A 2444 -24.31 47.82 -28.50
CA PRO A 2444 -24.16 48.61 -29.73
C PRO A 2444 -25.10 49.80 -29.77
N LYS A 2445 -25.22 50.45 -28.61
CA LYS A 2445 -26.03 51.66 -28.44
C LYS A 2445 -25.38 52.61 -27.44
N LEU A 2446 -24.10 52.39 -27.12
CA LEU A 2446 -23.56 52.81 -25.83
C LEU A 2446 -22.37 53.73 -26.01
N LYS A 2447 -22.13 54.56 -24.99
CA LYS A 2447 -21.12 55.61 -24.93
C LYS A 2447 -19.89 55.11 -24.16
N PRO A 2448 -18.70 55.39 -24.71
CA PRO A 2448 -17.47 54.77 -24.16
C PRO A 2448 -17.25 55.01 -22.67
N VAL A 2449 -17.53 56.21 -22.16
CA VAL A 2449 -17.27 56.46 -20.75
C VAL A 2449 -18.17 55.58 -19.87
N GLU A 2450 -19.45 55.51 -20.20
CA GLU A 2450 -20.36 54.67 -19.44
C GLU A 2450 -20.00 53.20 -19.61
N LEU A 2451 -19.52 52.81 -20.80
CA LEU A 2451 -19.06 51.44 -20.98
C LEU A 2451 -17.86 51.14 -20.11
N ARG A 2452 -16.94 52.08 -19.99
CA ARG A 2452 -15.83 51.92 -19.06
C ARG A 2452 -16.35 51.74 -17.65
N GLU A 2453 -17.39 52.48 -17.29
CA GLU A 2453 -18.02 52.29 -15.99
C GLU A 2453 -18.57 50.87 -15.84
N LEU A 2454 -19.24 50.37 -16.87
CA LEU A 2454 -19.94 49.09 -16.77
C LEU A 2454 -18.98 47.91 -16.81
N LEU A 2455 -17.85 48.07 -17.51
CA LEU A 2455 -17.00 46.91 -17.79
C LEU A 2455 -16.33 46.38 -16.54
N ASN A 2456 -16.00 47.25 -15.59
CA ASN A 2456 -15.29 46.79 -14.39
C ASN A 2456 -16.11 45.81 -13.58
N PRO A 2457 -17.38 46.05 -13.25
CA PRO A 2457 -18.15 45.00 -12.57
C PRO A 2457 -18.44 43.81 -13.44
N VAL A 2458 -18.43 43.96 -14.77
CA VAL A 2458 -18.64 42.82 -15.64
C VAL A 2458 -17.50 41.82 -15.49
N VAL A 2459 -16.26 42.31 -15.54
CA VAL A 2459 -15.11 41.41 -15.62
C VAL A 2459 -14.78 40.76 -14.29
N GLU A 2460 -15.56 40.99 -13.25
CA GLU A 2460 -15.40 40.22 -12.02
C GLU A 2460 -16.17 38.91 -12.10
N PHE A 2461 -16.81 38.62 -13.22
CA PHE A 2461 -17.45 37.34 -13.44
C PHE A 2461 -16.49 36.31 -14.01
N VAL A 2462 -15.18 36.50 -13.84
CA VAL A 2462 -14.22 35.43 -14.03
C VAL A 2462 -14.13 34.64 -12.73
N SER A 2463 -14.02 33.32 -12.85
CA SER A 2463 -14.06 32.37 -11.74
C SER A 2463 -15.40 32.38 -11.03
N HIS A 2464 -16.40 33.03 -11.58
CA HIS A 2464 -17.74 32.93 -11.03
C HIS A 2464 -18.23 31.50 -11.18
N PRO A 2465 -18.91 30.96 -10.17
CA PRO A 2465 -19.39 29.57 -10.24
C PRO A 2465 -20.68 29.43 -11.04
N SER A 2466 -20.67 29.90 -12.28
CA SER A 2466 -21.86 29.87 -13.11
C SER A 2466 -21.70 29.02 -14.36
N THR A 2467 -20.69 29.30 -15.18
CA THR A 2467 -20.42 28.65 -16.45
C THR A 2467 -21.50 29.01 -17.46
N THR A 2468 -22.54 29.72 -17.01
CA THR A 2468 -23.56 30.26 -17.89
C THR A 2468 -23.68 31.77 -17.82
N CYS A 2469 -23.29 32.38 -16.70
CA CYS A 2469 -23.04 33.82 -16.71
C CYS A 2469 -21.70 34.11 -17.36
N ARG A 2470 -20.70 33.28 -17.11
CA ARG A 2470 -19.40 33.45 -17.74
C ARG A 2470 -19.49 33.27 -19.25
N GLU A 2471 -20.29 32.31 -19.69
CA GLU A 2471 -20.39 32.08 -21.13
C GLU A 2471 -21.08 33.22 -21.85
N GLN A 2472 -21.73 34.11 -21.11
CA GLN A 2472 -22.27 35.34 -21.69
C GLN A 2472 -21.34 36.53 -21.50
N MET A 2473 -20.60 36.56 -20.39
CA MET A 2473 -19.56 37.57 -20.24
C MET A 2473 -18.54 37.47 -21.36
N TYR A 2474 -18.15 36.27 -21.72
CA TYR A 2474 -17.17 36.14 -22.78
C TYR A 2474 -17.75 36.59 -24.11
N ASN A 2475 -19.05 36.41 -24.33
CA ASN A 2475 -19.67 36.96 -25.54
C ASN A 2475 -19.67 38.49 -25.50
N ILE A 2476 -19.95 39.06 -24.32
CA ILE A 2476 -19.84 40.51 -24.12
C ILE A 2476 -18.45 40.99 -24.49
N LEU A 2477 -17.43 40.27 -24.04
CA LEU A 2477 -16.06 40.67 -24.28
C LEU A 2477 -15.62 40.42 -25.71
N MET A 2478 -16.13 39.37 -26.36
CA MET A 2478 -15.87 39.25 -27.79
C MET A 2478 -16.44 40.45 -28.54
N TRP A 2479 -17.64 40.87 -28.16
CA TRP A 2479 -18.21 42.07 -28.76
C TRP A 2479 -17.31 43.29 -28.52
N ILE A 2480 -16.86 43.46 -27.27
CA ILE A 2480 -16.04 44.62 -26.94
C ILE A 2480 -14.76 44.61 -27.75
N HIS A 2481 -14.10 43.46 -27.84
CA HIS A 2481 -12.80 43.38 -28.50
C HIS A 2481 -12.93 43.55 -30.00
N ASP A 2482 -13.96 42.99 -30.62
CA ASP A 2482 -14.04 43.14 -32.07
C ASP A 2482 -14.74 44.42 -32.50
N ASN A 2483 -15.32 45.17 -31.56
CA ASN A 2483 -15.84 46.48 -31.90
C ASN A 2483 -14.83 47.59 -31.64
N TYR A 2484 -14.22 47.61 -30.45
CA TYR A 2484 -13.25 48.65 -30.12
C TYR A 2484 -11.82 48.24 -30.43
N ARG A 2485 -11.59 47.78 -31.66
CA ARG A 2485 -10.26 47.36 -32.09
C ARG A 2485 -9.59 48.39 -32.98
N ASP A 2486 -10.03 49.64 -32.91
CA ASP A 2486 -9.37 50.75 -33.60
C ASP A 2486 -8.93 51.75 -32.54
N PRO A 2487 -7.69 51.65 -32.04
CA PRO A 2487 -7.28 52.51 -30.92
C PRO A 2487 -6.96 53.93 -31.34
N GLU A 2488 -6.35 54.12 -32.51
CA GLU A 2488 -5.92 55.43 -32.95
C GLU A 2488 -7.05 56.24 -33.55
N SER A 2489 -8.22 55.64 -33.74
CA SER A 2489 -9.44 56.37 -34.06
C SER A 2489 -10.20 56.59 -32.75
N GLU A 2490 -10.57 57.84 -32.49
CA GLU A 2490 -11.30 58.20 -31.26
C GLU A 2490 -10.52 57.80 -30.02
N THR A 2491 -9.24 58.15 -29.99
CA THR A 2491 -8.39 57.89 -28.84
C THR A 2491 -8.85 58.76 -27.67
N ASP A 2492 -9.45 58.14 -26.66
CA ASP A 2492 -10.04 58.87 -25.55
C ASP A 2492 -9.51 58.43 -24.19
N ASN A 2493 -8.46 57.61 -24.16
CA ASN A 2493 -7.80 57.16 -22.93
C ASN A 2493 -8.71 56.25 -22.12
N ASP A 2494 -9.95 56.06 -22.59
CA ASP A 2494 -10.80 54.97 -22.13
C ASP A 2494 -11.29 54.11 -23.29
N SER A 2495 -11.31 54.65 -24.51
CA SER A 2495 -11.56 53.84 -25.69
C SER A 2495 -10.49 52.77 -25.86
N GLN A 2496 -9.34 52.92 -25.20
CA GLN A 2496 -8.32 51.88 -25.17
C GLN A 2496 -8.26 51.14 -23.84
N GLU A 2497 -8.63 51.79 -22.73
CA GLU A 2497 -8.72 51.08 -21.47
C GLU A 2497 -9.77 49.97 -21.53
N ILE A 2498 -10.90 50.25 -22.16
CA ILE A 2498 -11.91 49.22 -22.37
C ILE A 2498 -11.30 48.05 -23.12
N PHE A 2499 -10.55 48.33 -24.19
CA PHE A 2499 -9.96 47.25 -24.96
C PHE A 2499 -8.95 46.48 -24.15
N LYS A 2500 -8.17 47.15 -23.31
CA LYS A 2500 -7.17 46.44 -22.52
C LYS A 2500 -7.81 45.52 -21.49
N LEU A 2501 -8.88 45.99 -20.83
CA LEU A 2501 -9.60 45.07 -19.95
C LEU A 2501 -10.22 43.92 -20.73
N ALA A 2502 -10.75 44.21 -21.90
CA ALA A 2502 -11.29 43.16 -22.76
C ALA A 2502 -10.25 42.10 -23.05
N LYS A 2503 -9.08 42.52 -23.52
CA LYS A 2503 -8.04 41.57 -23.86
C LYS A 2503 -7.55 40.82 -22.63
N ASP A 2504 -7.44 41.51 -21.50
CA ASP A 2504 -6.98 40.87 -20.27
C ASP A 2504 -7.91 39.73 -19.90
N VAL A 2505 -9.21 39.99 -19.83
CA VAL A 2505 -10.10 38.92 -19.36
C VAL A 2505 -10.31 37.87 -20.44
N LEU A 2506 -10.29 38.27 -21.72
CA LEU A 2506 -10.36 37.29 -22.79
C LEU A 2506 -9.19 36.32 -22.70
N ILE A 2507 -7.98 36.84 -22.48
CA ILE A 2507 -6.81 35.99 -22.32
C ILE A 2507 -6.98 35.09 -21.11
N GLN A 2508 -7.38 35.67 -19.98
CA GLN A 2508 -7.50 34.88 -18.76
C GLN A 2508 -8.61 33.85 -18.87
N GLY A 2509 -9.51 33.99 -19.83
CA GLY A 2509 -10.51 32.98 -20.06
C GLY A 2509 -10.02 31.73 -20.75
N LEU A 2510 -8.81 31.76 -21.31
CA LEU A 2510 -8.25 30.57 -21.94
C LEU A 2510 -8.03 29.45 -20.94
N ILE A 2511 -7.92 29.76 -19.66
CA ILE A 2511 -7.64 28.76 -18.65
C ILE A 2511 -8.90 28.43 -17.84
N ASP A 2512 -10.08 28.71 -18.38
CA ASP A 2512 -11.30 28.54 -17.61
C ASP A 2512 -11.58 27.07 -17.39
N GLU A 2513 -12.39 26.79 -16.37
CA GLU A 2513 -12.61 25.41 -15.95
C GLU A 2513 -13.37 24.61 -17.01
N ASN A 2514 -14.49 25.13 -17.48
CA ASN A 2514 -15.30 24.40 -18.45
C ASN A 2514 -14.52 24.16 -19.73
N PRO A 2515 -14.38 22.91 -20.17
CA PRO A 2515 -13.83 22.69 -21.52
C PRO A 2515 -14.64 23.35 -22.61
N GLY A 2516 -15.95 23.55 -22.42
CA GLY A 2516 -16.73 24.25 -23.42
C GLY A 2516 -16.30 25.70 -23.59
N LEU A 2517 -16.22 26.43 -22.47
CA LEU A 2517 -15.75 27.81 -22.53
C LEU A 2517 -14.31 27.88 -23.01
N GLN A 2518 -13.47 26.95 -22.55
CA GLN A 2518 -12.09 26.93 -23.00
C GLN A 2518 -12.03 26.79 -24.51
N LEU A 2519 -12.82 25.88 -25.08
CA LEU A 2519 -12.82 25.70 -26.52
C LEU A 2519 -13.34 26.93 -27.24
N ILE A 2520 -14.40 27.54 -26.71
CA ILE A 2520 -14.95 28.73 -27.36
C ILE A 2520 -13.89 29.82 -27.42
N ILE A 2521 -13.27 30.14 -26.29
CA ILE A 2521 -12.31 31.23 -26.24
C ILE A 2521 -11.07 30.88 -27.04
N ARG A 2522 -10.68 29.62 -27.03
CA ARG A 2522 -9.49 29.18 -27.75
C ARG A 2522 -9.69 29.32 -29.26
N ASN A 2523 -10.86 28.90 -29.76
CA ASN A 2523 -11.14 29.06 -31.17
C ASN A 2523 -11.31 30.53 -31.53
N PHE A 2524 -11.87 31.32 -30.63
CA PHE A 2524 -11.97 32.76 -30.85
C PHE A 2524 -10.59 33.40 -30.99
N TRP A 2525 -9.64 32.99 -30.16
CA TRP A 2525 -8.29 33.54 -30.26
C TRP A 2525 -7.54 32.98 -31.45
N SER A 2526 -7.91 31.80 -31.93
CA SER A 2526 -7.24 31.18 -33.06
C SER A 2526 -7.85 31.57 -34.40
N HIS A 2527 -8.88 32.41 -34.40
CA HIS A 2527 -9.47 32.87 -35.64
C HIS A 2527 -8.44 33.65 -36.46
N GLU A 2528 -8.51 33.51 -37.78
CA GLU A 2528 -7.45 33.99 -38.65
C GLU A 2528 -7.28 35.50 -38.62
N THR A 2529 -8.23 36.24 -38.05
CA THR A 2529 -8.10 37.69 -37.98
C THR A 2529 -7.38 38.15 -36.73
N ARG A 2530 -7.52 37.43 -35.61
CA ARG A 2530 -7.00 37.85 -34.33
C ARG A 2530 -5.62 37.28 -34.01
N LEU A 2531 -5.18 36.27 -34.73
CA LEU A 2531 -3.87 35.71 -34.46
C LEU A 2531 -3.40 35.06 -35.75
N PRO A 2532 -2.32 35.56 -36.35
CA PRO A 2532 -2.09 35.37 -37.79
C PRO A 2532 -1.94 33.93 -38.20
N SER A 2533 -1.84 33.75 -39.53
CA SER A 2533 -1.72 32.44 -40.15
C SER A 2533 -0.27 32.04 -40.38
N ASN A 2534 0.52 32.92 -41.00
CA ASN A 2534 1.93 32.63 -41.21
C ASN A 2534 2.59 32.36 -39.88
N THR A 2535 3.04 31.11 -39.70
CA THR A 2535 3.36 30.63 -38.36
C THR A 2535 4.47 31.42 -37.70
N LEU A 2536 5.35 32.06 -38.46
CA LEU A 2536 6.32 32.96 -37.83
C LEU A 2536 5.61 34.16 -37.21
N ASP A 2537 4.70 34.79 -37.94
CA ASP A 2537 3.91 35.86 -37.35
C ASP A 2537 3.06 35.34 -36.21
N ARG A 2538 2.61 34.09 -36.31
CA ARG A 2538 1.86 33.50 -35.21
C ARG A 2538 2.72 33.41 -33.96
N LEU A 2539 3.95 32.95 -34.11
CA LEU A 2539 4.86 32.86 -32.96
C LEU A 2539 5.14 34.23 -32.38
N LEU A 2540 5.38 35.23 -33.24
CA LEU A 2540 5.66 36.57 -32.74
C LEU A 2540 4.47 37.14 -31.99
N ALA A 2541 3.29 37.14 -32.62
CA ALA A 2541 2.10 37.71 -31.99
C ALA A 2541 1.55 36.86 -30.88
N LEU A 2542 2.03 35.63 -30.72
CA LEU A 2542 1.57 34.79 -29.63
C LEU A 2542 2.15 35.22 -28.29
N ASN A 2543 3.30 35.90 -28.30
CA ASN A 2543 3.82 36.44 -27.06
C ASN A 2543 2.86 37.42 -26.43
N SER A 2544 2.27 38.30 -27.24
CA SER A 2544 1.35 39.30 -26.74
C SER A 2544 0.14 38.69 -26.06
N LEU A 2545 -0.06 37.38 -26.15
CA LEU A 2545 -1.13 36.71 -25.46
C LEU A 2545 -0.72 36.22 -24.08
N TYR A 2546 0.45 36.65 -23.59
CA TYR A 2546 0.92 36.25 -22.28
C TYR A 2546 0.42 37.23 -21.23
N SER A 2547 -0.42 36.76 -20.34
CA SER A 2547 -0.80 37.51 -19.18
C SER A 2547 -0.32 36.78 -17.94
N PRO A 2548 0.40 37.44 -17.03
CA PRO A 2548 0.91 36.75 -15.84
C PRO A 2548 -0.15 35.97 -15.09
N LYS A 2549 -1.42 36.33 -15.30
CA LYS A 2549 -2.52 35.57 -14.72
C LYS A 2549 -2.50 34.11 -15.17
N ILE A 2550 -2.04 33.85 -16.39
CA ILE A 2550 -2.12 32.52 -16.98
C ILE A 2550 -0.76 31.93 -17.26
N GLU A 2551 0.30 32.45 -16.64
CA GLU A 2551 1.63 31.93 -16.93
C GLU A 2551 1.76 30.45 -16.62
N VAL A 2552 0.92 29.91 -15.73
CA VAL A 2552 1.02 28.49 -15.42
C VAL A 2552 0.70 27.66 -16.65
N HIS A 2553 -0.33 28.05 -17.40
CA HIS A 2553 -0.76 27.29 -18.56
C HIS A 2553 -0.16 27.81 -19.86
N PHE A 2554 0.64 28.87 -19.82
CA PHE A 2554 1.40 29.21 -21.00
C PHE A 2554 2.37 28.08 -21.32
N LEU A 2555 2.84 28.05 -22.57
CA LEU A 2555 3.67 26.98 -23.13
C LEU A 2555 2.82 25.74 -23.32
N SER A 2556 1.58 25.78 -22.85
CA SER A 2556 0.60 24.75 -23.14
C SER A 2556 -0.56 25.31 -23.92
N LEU A 2557 -0.69 26.63 -23.99
CA LEU A 2557 -1.56 27.31 -24.94
C LEU A 2557 -0.77 27.81 -26.13
N ALA A 2558 0.46 28.28 -25.91
CA ALA A 2558 1.30 28.70 -27.02
C ALA A 2558 1.59 27.54 -27.95
N THR A 2559 1.90 26.37 -27.39
CA THR A 2559 2.11 25.21 -28.24
C THR A 2559 0.82 24.80 -28.92
N ASN A 2560 -0.33 24.98 -28.25
CA ASN A 2560 -1.61 24.71 -28.87
C ASN A 2560 -1.79 25.53 -30.13
N PHE A 2561 -1.59 26.84 -30.03
CA PHE A 2561 -1.81 27.70 -31.19
C PHE A 2561 -0.74 27.51 -32.26
N LEU A 2562 0.49 27.20 -31.86
CA LEU A 2562 1.54 26.98 -32.85
C LEU A 2562 1.37 25.66 -33.58
N LEU A 2563 0.76 24.67 -32.92
CA LEU A 2563 0.67 23.35 -33.48
C LEU A 2563 -0.68 23.07 -34.13
N GLU A 2564 -1.67 23.93 -33.92
CA GLU A 2564 -2.98 23.78 -34.52
C GLU A 2564 -3.03 24.33 -35.93
N MET A 2565 -1.96 24.98 -36.38
CA MET A 2565 -1.83 25.34 -37.79
C MET A 2565 -1.31 24.17 -38.61
N THR A 2566 -1.27 22.97 -38.03
CA THR A 2566 -0.86 21.79 -38.78
C THR A 2566 -2.04 21.13 -39.47
N SER A 2567 -3.23 21.26 -38.90
CA SER A 2567 -4.42 20.60 -39.47
C SER A 2567 -4.70 21.07 -40.88
N MET A 2568 -4.20 22.23 -41.27
CA MET A 2568 -4.44 22.79 -42.59
C MET A 2568 -3.32 22.46 -43.59
N SER A 2569 -2.35 21.68 -43.18
CA SER A 2569 -1.25 21.34 -44.07
C SER A 2569 -1.71 20.35 -45.14
N PRO A 2570 -1.16 20.42 -46.35
CA PRO A 2570 -1.45 19.37 -47.34
C PRO A 2570 -0.53 18.17 -47.16
N ASP A 2571 -0.31 17.80 -45.90
CA ASP A 2571 0.34 16.54 -45.54
C ASP A 2571 -0.25 15.95 -44.28
N TYR A 2572 -1.27 16.58 -43.70
CA TYR A 2572 -1.81 16.12 -42.43
C TYR A 2572 -2.24 14.66 -42.44
N PRO A 2573 -2.90 14.12 -43.46
CA PRO A 2573 -3.17 12.68 -43.49
C PRO A 2573 -2.07 11.84 -44.13
N ASN A 2574 -0.99 12.46 -44.61
CA ASN A 2574 0.06 11.71 -45.25
C ASN A 2574 0.75 10.77 -44.25
N PRO A 2575 1.20 9.61 -44.70
CA PRO A 2575 1.74 8.61 -43.77
C PRO A 2575 3.20 8.81 -43.40
N MET A 2576 3.88 9.80 -43.98
CA MET A 2576 5.30 10.09 -43.79
C MET A 2576 6.17 8.82 -43.85
N PHE A 2577 5.69 7.78 -44.51
CA PHE A 2577 6.35 6.49 -44.53
C PHE A 2577 5.82 5.69 -45.71
N GLU A 2578 6.71 5.16 -46.53
CA GLU A 2578 6.30 4.41 -47.70
C GLU A 2578 6.92 3.02 -47.74
N ILE A 2783 3.93 0.94 -39.87
CA ILE A 2783 4.90 1.99 -39.59
C ILE A 2783 4.39 3.33 -40.11
N GLN A 2784 3.52 3.29 -41.11
CA GLN A 2784 2.95 4.48 -41.72
C GLN A 2784 1.92 5.05 -40.77
N ILE A 2785 2.32 6.04 -39.97
CA ILE A 2785 1.53 6.43 -38.81
C ILE A 2785 1.04 7.87 -38.94
N LYS A 2786 0.87 8.36 -40.17
CA LYS A 2786 -0.12 9.41 -40.41
C LYS A 2786 0.08 10.69 -39.60
N HIS A 2787 0.98 11.58 -40.05
CA HIS A 2787 1.53 12.70 -39.27
C HIS A 2787 0.62 13.19 -38.17
N SER A 2788 -0.67 13.36 -38.49
CA SER A 2788 -1.65 13.73 -37.48
C SER A 2788 -1.65 12.78 -36.30
N SER A 2789 -1.43 11.48 -36.54
CA SER A 2789 -1.44 10.51 -35.45
C SER A 2789 -0.25 10.67 -34.52
N LEU A 2790 0.76 11.42 -34.92
CA LEU A 2790 1.85 11.80 -34.03
C LEU A 2790 1.62 13.17 -33.40
N ILE A 2791 1.14 14.13 -34.19
CA ILE A 2791 0.96 15.48 -33.69
C ILE A 2791 -0.09 15.52 -32.60
N THR A 2792 -1.26 14.95 -32.87
CA THR A 2792 -2.38 15.09 -31.94
C THR A 2792 -2.08 14.57 -30.53
N PRO A 2793 -1.50 13.38 -30.33
CA PRO A 2793 -1.22 12.99 -28.94
C PRO A 2793 -0.07 13.74 -28.33
N LEU A 2794 0.87 14.22 -29.14
CA LEU A 2794 1.94 15.04 -28.60
C LEU A 2794 1.39 16.27 -27.93
N GLN A 2795 0.52 17.01 -28.62
CA GLN A 2795 -0.12 18.15 -28.00
C GLN A 2795 -1.03 17.73 -26.86
N ALA A 2796 -1.66 16.55 -26.99
CA ALA A 2796 -2.57 16.09 -25.95
C ALA A 2796 -1.85 15.82 -24.64
N VAL A 2797 -0.57 15.45 -24.70
CA VAL A 2797 0.19 15.26 -23.46
C VAL A 2797 0.92 16.52 -23.05
N ALA A 2798 1.32 17.36 -24.01
CA ALA A 2798 1.86 18.66 -23.65
C ALA A 2798 0.86 19.48 -22.88
N GLN A 2799 -0.43 19.27 -23.14
CA GLN A 2799 -1.48 19.99 -22.47
C GLN A 2799 -1.58 19.65 -20.98
N ARG A 2800 -1.07 18.50 -20.56
CA ARG A 2800 -1.20 18.07 -19.19
C ARG A 2800 0.12 17.95 -18.44
N ASP A 2801 1.25 17.95 -19.13
CA ASP A 2801 2.54 17.76 -18.46
C ASP A 2801 3.48 18.93 -18.74
N PRO A 2802 3.79 19.75 -17.72
CA PRO A 2802 4.59 20.95 -17.98
C PRO A 2802 5.97 20.66 -18.52
N ILE A 2803 6.62 19.56 -18.15
CA ILE A 2803 7.99 19.34 -18.59
C ILE A 2803 8.04 19.03 -20.08
N ILE A 2804 7.14 18.18 -20.56
CA ILE A 2804 7.08 17.97 -22.00
C ILE A 2804 6.61 19.23 -22.69
N ALA A 2805 5.73 20.01 -22.04
CA ALA A 2805 5.34 21.28 -22.62
C ALA A 2805 6.56 22.16 -22.85
N LYS A 2806 7.45 22.22 -21.85
CA LYS A 2806 8.66 23.01 -21.98
C LYS A 2806 9.53 22.50 -23.11
N GLN A 2807 9.81 21.20 -23.13
CA GLN A 2807 10.71 20.69 -24.16
C GLN A 2807 10.14 20.91 -25.55
N LEU A 2808 8.83 20.75 -25.69
CA LEU A 2808 8.19 20.89 -27.00
C LEU A 2808 8.19 22.33 -27.46
N PHE A 2809 7.81 23.27 -26.58
CA PHE A 2809 7.82 24.66 -26.99
C PHE A 2809 9.22 25.13 -27.31
N SER A 2810 10.22 24.69 -26.52
CA SER A 2810 11.59 25.04 -26.85
C SER A 2810 11.99 24.49 -28.21
N SER A 2811 11.60 23.25 -28.50
CA SER A 2811 11.95 22.66 -29.80
C SER A 2811 11.31 23.43 -30.93
N LEU A 2812 10.03 23.75 -30.80
CA LEU A 2812 9.34 24.50 -31.85
C LEU A 2812 9.98 25.86 -32.07
N PHE A 2813 10.24 26.58 -30.98
CA PHE A 2813 10.79 27.92 -31.08
C PHE A 2813 12.17 27.90 -31.72
N SER A 2814 13.03 26.99 -31.26
CA SER A 2814 14.37 26.89 -31.84
C SER A 2814 14.30 26.51 -33.31
N GLY A 2815 13.44 25.55 -33.66
CA GLY A 2815 13.34 25.14 -35.04
C GLY A 2815 12.82 26.24 -35.94
N ILE A 2816 11.83 26.99 -35.46
CA ILE A 2816 11.28 28.08 -36.25
C ILE A 2816 12.31 29.18 -36.47
N LEU A 2817 13.04 29.56 -35.41
CA LEU A 2817 14.06 30.58 -35.62
C LEU A 2817 15.22 30.08 -36.46
N LYS A 2818 15.52 28.79 -36.43
CA LYS A 2818 16.50 28.28 -37.38
C LYS A 2818 15.96 28.36 -38.80
N GLU A 2819 14.65 28.15 -38.94
CA GLU A 2819 14.03 28.17 -40.26
C GLU A 2819 14.03 29.58 -40.85
N MET A 2820 13.79 30.60 -40.02
CA MET A 2820 13.63 31.94 -40.58
C MET A 2820 14.91 32.46 -41.22
N ASP A 2821 16.05 31.81 -40.99
CA ASP A 2821 17.28 32.24 -41.66
C ASP A 2821 17.14 32.13 -43.18
N LYS A 2822 16.54 31.05 -43.66
CA LYS A 2822 16.47 30.80 -45.09
C LYS A 2822 15.28 31.47 -45.77
N PHE A 2823 14.48 32.23 -45.03
CA PHE A 2823 13.32 32.89 -45.59
C PHE A 2823 13.43 34.40 -45.62
N LYS A 2824 14.18 35.01 -44.70
CA LYS A 2824 14.14 36.44 -44.48
C LYS A 2824 15.55 37.02 -44.51
N THR A 2825 15.62 38.30 -44.88
CA THR A 2825 16.88 39.00 -44.94
C THR A 2825 17.37 39.34 -43.53
N LEU A 2826 18.64 39.74 -43.44
CA LEU A 2826 19.27 39.93 -42.14
C LEU A 2826 18.60 41.03 -41.35
N SER A 2827 18.22 42.13 -42.00
CA SER A 2827 17.57 43.21 -41.27
C SER A 2827 16.25 42.76 -40.67
N GLU A 2828 15.45 42.03 -41.43
CA GLU A 2828 14.18 41.54 -40.90
C GLU A 2828 14.40 40.56 -39.76
N LYS A 2829 15.40 39.68 -39.91
CA LYS A 2829 15.78 38.81 -38.81
C LYS A 2829 16.08 39.62 -37.56
N ASN A 2830 16.86 40.69 -37.73
CA ASN A 2830 17.23 41.52 -36.60
C ASN A 2830 16.01 42.14 -35.93
N ASN A 2831 15.07 42.64 -36.74
CA ASN A 2831 13.88 43.25 -36.16
C ASN A 2831 13.08 42.23 -35.38
N ILE A 2832 12.92 41.02 -35.92
CA ILE A 2832 12.16 39.99 -35.22
C ILE A 2832 12.86 39.61 -33.92
N THR A 2833 14.17 39.43 -33.96
CA THR A 2833 14.90 39.06 -32.75
C THR A 2833 14.80 40.14 -31.69
N GLN A 2834 14.85 41.41 -32.10
CA GLN A 2834 14.72 42.49 -31.13
C GLN A 2834 13.35 42.48 -30.49
N LYS A 2835 12.30 42.26 -31.30
CA LYS A 2835 10.97 42.17 -30.71
C LYS A 2835 10.90 41.00 -29.73
N LEU A 2836 11.51 39.88 -30.07
CA LEU A 2836 11.50 38.73 -29.18
C LEU A 2836 12.25 39.04 -27.89
N LEU A 2837 13.36 39.77 -27.98
CA LEU A 2837 14.09 40.15 -26.79
C LEU A 2837 13.26 41.02 -25.88
N GLN A 2838 12.54 41.99 -26.46
CA GLN A 2838 11.62 42.79 -25.65
C GLN A 2838 10.56 41.93 -25.01
N ASP A 2839 10.05 40.94 -25.77
CA ASP A 2839 9.02 40.06 -25.23
C ASP A 2839 9.53 39.27 -24.04
N PHE A 2840 10.72 38.69 -24.16
CA PHE A 2840 11.27 37.91 -23.06
C PHE A 2840 11.56 38.78 -21.85
N ASN A 2841 12.06 40.00 -22.08
CA ASN A 2841 12.30 40.89 -20.96
C ASN A 2841 10.99 41.22 -20.24
N ARG A 2842 9.92 41.45 -21.00
CA ARG A 2842 8.63 41.69 -20.35
C ARG A 2842 8.16 40.45 -19.60
N PHE A 2843 8.39 39.26 -20.17
CA PHE A 2843 8.03 38.03 -19.48
C PHE A 2843 8.71 37.97 -18.12
N LEU A 2844 10.02 38.19 -18.10
CA LEU A 2844 10.78 38.02 -16.87
C LEU A 2844 10.61 39.18 -15.90
N ASN A 2845 10.14 40.33 -16.36
CA ASN A 2845 9.90 41.41 -15.42
C ASN A 2845 8.50 41.36 -14.82
N THR A 2846 7.49 40.99 -15.61
CA THR A 2846 6.10 41.10 -15.19
C THR A 2846 5.56 39.86 -14.52
N THR A 2847 6.32 38.78 -14.48
CA THR A 2847 5.90 37.57 -13.79
C THR A 2847 5.71 37.86 -12.32
N PHE A 2848 4.67 37.27 -11.72
CA PHE A 2848 4.49 37.36 -10.29
C PHE A 2848 4.51 36.02 -9.57
N SER A 2849 4.44 34.91 -10.30
CA SER A 2849 4.55 33.58 -9.71
C SER A 2849 5.45 32.78 -10.65
N PHE A 2850 6.74 32.82 -10.39
CA PHE A 2850 7.70 32.35 -11.37
C PHE A 2850 7.56 30.84 -11.50
N PHE A 2851 6.84 30.41 -12.52
CA PHE A 2851 6.68 28.99 -12.78
C PHE A 2851 8.02 28.42 -13.24
N PRO A 2852 8.51 27.37 -12.61
CA PRO A 2852 9.84 26.88 -12.95
C PRO A 2852 9.94 26.42 -14.40
N PRO A 2853 9.00 25.61 -14.92
CA PRO A 2853 9.11 25.26 -16.34
C PRO A 2853 9.08 26.47 -17.26
N PHE A 2854 8.23 27.45 -16.97
CA PHE A 2854 8.12 28.61 -17.84
C PHE A 2854 9.40 29.43 -17.82
N VAL A 2855 9.90 29.74 -16.63
CA VAL A 2855 11.13 30.53 -16.52
C VAL A 2855 12.30 29.79 -17.14
N SER A 2856 12.44 28.51 -16.83
CA SER A 2856 13.55 27.77 -17.40
C SER A 2856 13.39 27.63 -18.90
N CYS A 2857 12.17 27.66 -19.42
CA CYS A 2857 12.01 27.60 -20.86
C CYS A 2857 12.40 28.90 -21.53
N ILE A 2858 12.02 30.03 -20.94
CA ILE A 2858 12.43 31.32 -21.48
C ILE A 2858 13.95 31.41 -21.52
N GLN A 2859 14.59 31.05 -20.41
CA GLN A 2859 16.03 31.18 -20.35
C GLN A 2859 16.74 30.12 -21.19
N ASP A 2860 16.12 28.94 -21.37
CA ASP A 2860 16.74 27.92 -22.19
C ASP A 2860 16.63 28.24 -23.67
N ILE A 2861 15.53 28.85 -24.11
CA ILE A 2861 15.49 29.37 -25.48
C ILE A 2861 16.50 30.47 -25.65
N SER A 2862 16.62 31.36 -24.66
CA SER A 2862 17.57 32.45 -24.77
C SER A 2862 18.99 31.94 -24.92
N CYS A 2863 19.34 30.90 -24.17
CA CYS A 2863 20.72 30.41 -24.19
C CYS A 2863 21.15 29.99 -25.59
N GLN A 2864 20.23 29.62 -26.46
CA GLN A 2864 20.59 28.96 -27.70
C GLN A 2864 20.81 29.91 -28.87
N HIS A 2865 20.34 31.15 -28.79
CA HIS A 2865 20.37 32.04 -29.94
C HIS A 2865 21.14 33.31 -29.59
N ALA A 2866 22.22 33.57 -30.33
CA ALA A 2866 23.14 34.64 -29.98
C ALA A 2866 22.44 35.98 -29.86
N ALA A 2867 21.39 36.20 -30.65
CA ALA A 2867 20.71 37.49 -30.60
C ALA A 2867 19.93 37.69 -29.31
N LEU A 2868 19.57 36.60 -28.62
CA LEU A 2868 18.77 36.68 -27.42
C LEU A 2868 19.59 36.59 -26.14
N LEU A 2869 20.91 36.47 -26.25
CA LEU A 2869 21.74 36.42 -25.06
C LEU A 2869 21.77 37.73 -24.31
N SER A 2870 21.30 38.82 -24.90
CA SER A 2870 21.23 40.11 -24.23
C SER A 2870 20.09 40.18 -23.23
N LEU A 2871 19.50 39.03 -22.88
CA LEU A 2871 18.40 39.02 -21.93
C LEU A 2871 18.83 39.68 -20.64
N ASP A 2872 17.89 40.34 -19.97
CA ASP A 2872 18.23 41.27 -18.90
C ASP A 2872 18.80 40.53 -17.69
N PRO A 2873 20.05 40.81 -17.29
CA PRO A 2873 20.65 40.05 -16.18
C PRO A 2873 19.93 40.20 -14.86
N ALA A 2874 19.42 41.39 -14.53
CA ALA A 2874 18.72 41.57 -13.28
C ALA A 2874 17.44 40.75 -13.26
N ALA A 2875 16.69 40.77 -14.36
CA ALA A 2875 15.49 39.95 -14.46
C ALA A 2875 15.83 38.48 -14.37
N VAL A 2876 16.91 38.07 -15.01
CA VAL A 2876 17.30 36.67 -14.99
C VAL A 2876 17.60 36.21 -13.57
N SER A 2877 18.39 37.00 -12.84
CA SER A 2877 18.72 36.63 -11.47
C SER A 2877 17.49 36.60 -10.59
N ALA A 2878 16.63 37.61 -10.70
CA ALA A 2878 15.42 37.61 -9.88
C ALA A 2878 14.57 36.38 -10.17
N GLY A 2879 14.40 36.06 -11.44
CA GLY A 2879 13.58 34.91 -11.81
C GLY A 2879 14.15 33.61 -11.30
N CYS A 2880 15.45 33.40 -11.49
CA CYS A 2880 16.04 32.15 -11.05
C CYS A 2880 16.01 32.00 -9.53
N LEU A 2881 16.33 33.08 -8.79
CA LEU A 2881 16.29 32.98 -7.34
C LEU A 2881 14.87 32.75 -6.84
N ALA A 2882 13.88 33.37 -7.47
CA ALA A 2882 12.52 33.22 -7.00
C ALA A 2882 11.93 31.87 -7.37
N SER A 2883 12.34 31.29 -8.50
CA SER A 2883 11.85 29.99 -8.92
C SER A 2883 12.75 28.84 -8.51
N LEU A 2884 13.84 29.12 -7.80
CA LEU A 2884 14.81 28.10 -7.43
C LEU A 2884 15.33 27.36 -8.65
N GLN A 2885 15.57 28.09 -9.73
CA GLN A 2885 16.08 27.51 -10.95
C GLN A 2885 17.43 28.12 -11.30
N GLN A 2886 18.33 28.20 -10.33
CA GLN A 2886 19.63 28.83 -10.55
C GLN A 2886 20.39 28.30 -11.77
N PRO A 2887 20.55 27.00 -11.98
CA PRO A 2887 21.47 26.54 -13.03
C PRO A 2887 21.14 27.05 -14.41
N VAL A 2888 19.86 27.26 -14.73
CA VAL A 2888 19.53 27.77 -16.06
C VAL A 2888 20.04 29.20 -16.23
N GLY A 2889 19.77 30.05 -15.25
CA GLY A 2889 20.30 31.40 -15.32
C GLY A 2889 21.81 31.40 -15.31
N ILE A 2890 22.42 30.48 -14.58
CA ILE A 2890 23.88 30.39 -14.55
C ILE A 2890 24.40 30.10 -15.94
N ARG A 2891 23.79 29.13 -16.63
CA ARG A 2891 24.24 28.82 -17.98
C ARG A 2891 24.02 29.98 -18.94
N LEU A 2892 22.89 30.67 -18.81
CA LEU A 2892 22.62 31.79 -19.68
C LEU A 2892 23.64 32.91 -19.48
N LEU A 2893 23.94 33.23 -18.22
CA LEU A 2893 24.90 34.30 -17.96
C LEU A 2893 26.31 33.90 -18.38
N GLU A 2894 26.68 32.64 -18.19
CA GLU A 2894 27.99 32.22 -18.66
C GLU A 2894 28.10 32.29 -20.18
N GLU A 2895 27.05 31.90 -20.90
CA GLU A 2895 27.08 32.03 -22.35
C GLU A 2895 27.18 33.49 -22.76
N ALA A 2896 26.43 34.36 -22.10
CA ALA A 2896 26.52 35.78 -22.39
C ALA A 2896 27.93 36.28 -22.19
N LEU A 2897 28.53 35.96 -21.05
CA LEU A 2897 29.89 36.41 -20.78
C LEU A 2897 30.89 35.86 -21.78
N LEU A 2898 30.67 34.63 -22.27
CA LEU A 2898 31.57 34.09 -23.28
C LEU A 2898 31.50 34.87 -24.59
N ARG A 2899 30.33 34.90 -25.21
CA ARG A 2899 30.29 35.36 -26.60
C ARG A 2899 29.61 36.69 -26.82
N LEU A 2900 28.73 37.13 -25.92
CA LEU A 2900 28.03 38.39 -26.17
C LEU A 2900 28.96 39.59 -26.14
N LEU A 2901 30.20 39.43 -25.68
CA LEU A 2901 31.25 40.39 -25.96
C LEU A 2901 32.16 39.77 -27.00
N PRO A 2902 31.94 40.05 -28.29
CA PRO A 2902 32.68 39.42 -29.40
C PRO A 2902 34.18 39.70 -29.34
N LEU A 2916 27.77 51.27 -15.37
CA LEU A 2916 28.75 50.21 -15.19
C LEU A 2916 28.65 49.21 -16.34
N PRO A 2917 29.80 48.67 -16.78
CA PRO A 2917 29.81 47.86 -17.98
C PRO A 2917 28.92 46.65 -17.83
N PRO A 2918 28.30 46.20 -18.92
CA PRO A 2918 27.51 44.97 -18.85
C PRO A 2918 28.32 43.74 -18.45
N ASP A 2919 29.62 43.71 -18.75
CA ASP A 2919 30.42 42.57 -18.32
C ASP A 2919 30.44 42.48 -16.79
N VAL A 2920 30.65 43.61 -16.12
CA VAL A 2920 30.72 43.54 -14.67
C VAL A 2920 29.32 43.40 -14.08
N LEU A 2921 28.30 43.90 -14.77
CA LEU A 2921 26.95 43.64 -14.29
C LEU A 2921 26.62 42.16 -14.33
N ARG A 2922 26.95 41.50 -15.44
CA ARG A 2922 26.70 40.06 -15.52
C ARG A 2922 27.57 39.30 -14.54
N TRP A 2923 28.79 39.75 -14.29
CA TRP A 2923 29.60 39.11 -13.26
C TRP A 2923 28.94 39.21 -11.90
N VAL A 2924 28.40 40.38 -11.57
CA VAL A 2924 27.76 40.55 -10.27
C VAL A 2924 26.55 39.63 -10.15
N GLU A 2925 25.73 39.57 -11.20
CA GLU A 2925 24.54 38.72 -11.13
C GLU A 2925 24.91 37.24 -11.08
N LEU A 2926 25.93 36.85 -11.82
CA LEU A 2926 26.39 35.47 -11.78
C LEU A 2926 26.90 35.11 -10.40
N ALA A 2927 27.62 36.04 -9.76
CA ALA A 2927 28.09 35.80 -8.40
C ALA A 2927 26.92 35.64 -7.44
N LYS A 2928 25.87 36.44 -7.61
CA LYS A 2928 24.70 36.26 -6.76
C LYS A 2928 24.08 34.89 -6.95
N LEU A 2929 23.95 34.45 -8.20
CA LEU A 2929 23.41 33.10 -8.44
C LEU A 2929 24.28 32.03 -7.78
N TYR A 2930 25.60 32.09 -7.99
CA TYR A 2930 26.47 31.08 -7.41
C TYR A 2930 26.40 31.09 -5.89
N ARG A 2931 26.38 32.26 -5.27
CA ARG A 2931 26.23 32.32 -3.83
C ARG A 2931 24.94 31.66 -3.39
N SER A 2932 23.86 31.86 -4.15
CA SER A 2932 22.62 31.17 -3.81
C SER A 2932 22.75 29.65 -3.92
N ILE A 2933 23.49 29.16 -4.92
CA ILE A 2933 23.57 27.72 -5.16
C ILE A 2933 24.61 27.03 -4.29
N GLY A 2934 25.33 27.77 -3.47
CA GLY A 2934 26.48 27.22 -2.77
C GLY A 2934 27.79 27.69 -3.40
N GLU A 2935 28.63 26.75 -3.79
CA GLU A 2935 29.83 27.00 -4.60
C GLU A 2935 30.54 28.29 -4.23
N TYR A 2936 30.76 28.46 -2.93
CA TYR A 2936 31.52 29.61 -2.47
C TYR A 2936 32.93 29.61 -3.05
N ASP A 2937 33.46 28.44 -3.42
CA ASP A 2937 34.77 28.42 -4.04
C ASP A 2937 34.78 29.22 -5.33
N VAL A 2938 33.87 28.93 -6.24
CA VAL A 2938 33.82 29.66 -7.49
C VAL A 2938 33.30 31.08 -7.29
N LEU A 2939 32.58 31.35 -6.20
CA LEU A 2939 32.20 32.72 -5.90
C LEU A 2939 33.41 33.57 -5.54
N ARG A 2940 34.27 33.06 -4.64
CA ARG A 2940 35.55 33.70 -4.40
C ARG A 2940 36.35 33.80 -5.69
N GLY A 2941 36.24 32.81 -6.57
CA GLY A 2941 36.95 32.86 -7.83
C GLY A 2941 36.50 34.00 -8.73
N ILE A 2942 35.18 34.23 -8.79
CA ILE A 2942 34.65 35.36 -9.56
C ILE A 2942 35.13 36.67 -8.97
N PHE A 2943 35.08 36.78 -7.64
CA PHE A 2943 35.42 38.06 -7.02
C PHE A 2943 36.90 38.36 -7.11
N THR A 2944 37.76 37.35 -7.02
CA THR A 2944 39.19 37.61 -6.98
C THR A 2944 39.77 38.04 -8.31
N SER A 2945 39.05 37.82 -9.41
CA SER A 2945 39.62 38.05 -10.73
C SER A 2945 38.71 38.74 -11.71
N GLU A 2946 37.49 39.12 -11.33
CA GLU A 2946 36.63 39.86 -12.23
C GLU A 2946 36.06 41.14 -11.66
N ILE A 2947 35.74 41.18 -10.37
CA ILE A 2947 35.21 42.37 -9.74
C ILE A 2947 36.28 43.10 -8.94
N GLY A 2948 37.03 42.38 -8.13
CA GLY A 2948 38.10 43.02 -7.37
C GLY A 2948 39.24 43.45 -8.27
N THR A 2949 39.80 44.63 -7.98
CA THR A 2949 40.98 45.10 -8.70
C THR A 2949 42.07 45.54 -7.73
N LYS A 2950 41.68 46.04 -6.56
CA LYS A 2950 42.66 46.48 -5.59
C LYS A 2950 43.39 45.29 -4.99
N GLN A 2951 44.55 45.56 -4.40
CA GLN A 2951 45.25 44.50 -3.69
C GLN A 2951 44.54 44.11 -2.42
N ILE A 2952 43.91 45.08 -1.74
CA ILE A 2952 43.27 44.80 -0.46
C ILE A 2952 42.09 43.85 -0.57
N THR A 2953 41.60 43.58 -1.77
CA THR A 2953 40.56 42.58 -1.95
C THR A 2953 41.10 41.24 -2.39
N GLN A 2954 42.41 41.12 -2.60
CA GLN A 2954 43.05 39.82 -2.77
C GLN A 2954 43.62 39.29 -1.47
N SER A 2955 44.25 40.14 -0.68
CA SER A 2955 44.69 39.72 0.65
C SER A 2955 43.49 39.33 1.50
N ALA A 2956 42.43 40.12 1.44
CA ALA A 2956 41.24 39.81 2.23
C ALA A 2956 40.59 38.52 1.78
N LEU A 2957 40.56 38.23 0.48
CA LEU A 2957 39.99 36.96 0.05
C LEU A 2957 40.88 35.79 0.44
N LEU A 2958 42.20 35.95 0.35
CA LEU A 2958 43.08 34.89 0.82
C LEU A 2958 42.91 34.65 2.31
N ALA A 2959 42.59 35.68 3.09
CA ALA A 2959 42.33 35.47 4.50
C ALA A 2959 40.95 34.87 4.77
N GLU A 2960 39.93 35.26 4.03
CA GLU A 2960 38.62 34.66 4.22
C GLU A 2960 38.61 33.21 3.79
N ALA A 2961 39.47 32.82 2.86
CA ALA A 2961 39.55 31.43 2.45
C ALA A 2961 39.97 30.53 3.60
N ARG A 2962 41.02 30.93 4.33
CA ARG A 2962 41.57 30.12 5.40
C ARG A 2962 40.66 30.00 6.59
N SER A 2963 39.44 30.53 6.53
CA SER A 2963 38.64 30.77 7.72
C SER A 2963 39.37 31.66 8.70
N ASP A 2964 40.08 32.67 8.16
CA ASP A 2964 40.70 33.72 8.98
C ASP A 2964 39.83 34.97 8.93
N TYR A 2965 38.62 34.82 9.48
CA TYR A 2965 37.63 35.86 9.37
C TYR A 2965 37.97 37.12 10.15
N SER A 2966 38.72 37.03 11.23
CA SER A 2966 39.15 38.26 11.91
C SER A 2966 39.92 39.16 10.97
N GLU A 2967 40.96 38.61 10.33
CA GLU A 2967 41.74 39.40 9.39
C GLU A 2967 40.94 39.81 8.17
N ALA A 2968 40.09 38.92 7.66
CA ALA A 2968 39.28 39.29 6.50
C ALA A 2968 38.38 40.49 6.82
N ALA A 2969 37.68 40.43 7.95
CA ALA A 2969 36.81 41.53 8.32
C ALA A 2969 37.62 42.80 8.59
N LYS A 2970 38.79 42.66 9.19
CA LYS A 2970 39.61 43.84 9.44
C LYS A 2970 40.02 44.52 8.15
N GLN A 2971 40.44 43.74 7.15
CA GLN A 2971 40.85 44.34 5.90
C GLN A 2971 39.67 44.94 5.15
N TYR A 2972 38.50 44.30 5.20
CA TYR A 2972 37.34 44.89 4.54
C TYR A 2972 36.93 46.19 5.22
N ASP A 2973 36.97 46.24 6.55
CA ASP A 2973 36.61 47.46 7.26
C ASP A 2973 37.63 48.56 7.00
N GLU A 2974 38.89 48.20 6.83
CA GLU A 2974 39.87 49.19 6.42
C GLU A 2974 39.59 49.72 5.03
N ALA A 2975 39.23 48.82 4.10
CA ALA A 2975 39.08 49.24 2.71
C ALA A 2975 37.83 50.06 2.48
N LEU A 2976 36.74 49.74 3.18
CA LEU A 2976 35.48 50.43 2.93
C LEU A 2976 35.59 51.92 3.18
N ASN A 2977 36.29 52.32 4.23
CA ASN A 2977 36.36 53.71 4.63
C ASN A 2977 37.77 54.27 4.47
N LYS A 2978 38.39 53.95 3.35
CA LYS A 2978 39.58 54.65 2.89
C LYS A 2978 39.15 55.80 2.00
N GLN A 2979 39.65 57.00 2.28
CA GLN A 2979 39.24 58.19 1.54
C GLN A 2979 40.18 58.52 0.39
N ASP A 2980 41.22 57.72 0.16
CA ASP A 2980 42.28 58.09 -0.79
C ASP A 2980 42.93 56.86 -1.40
N TRP A 2981 42.92 56.79 -2.73
CA TRP A 2981 43.51 55.68 -3.47
C TRP A 2981 44.54 56.25 -4.44
N VAL A 2982 45.77 55.74 -4.36
CA VAL A 2982 46.85 56.31 -5.13
C VAL A 2982 46.62 56.12 -6.62
N ASP A 2983 46.22 54.92 -7.04
CA ASP A 2983 45.97 54.64 -8.45
C ASP A 2983 44.55 54.10 -8.59
N GLY A 2984 43.76 54.72 -9.44
CA GLY A 2984 42.41 54.28 -9.68
C GLY A 2984 41.51 54.54 -8.48
N GLU A 2985 40.28 54.06 -8.60
CA GLU A 2985 39.24 54.24 -7.62
C GLU A 2985 38.42 52.96 -7.61
N PRO A 2986 38.07 52.43 -6.44
CA PRO A 2986 37.30 51.18 -6.40
C PRO A 2986 36.00 51.31 -7.18
N THR A 2987 35.71 50.29 -7.98
CA THR A 2987 34.43 50.26 -8.68
C THR A 2987 33.30 50.06 -7.68
N GLU A 2988 32.14 50.63 -7.98
CA GLU A 2988 31.02 50.53 -7.05
C GLU A 2988 30.57 49.09 -6.87
N ALA A 2989 30.75 48.25 -7.90
CA ALA A 2989 30.48 46.83 -7.74
C ALA A 2989 31.39 46.23 -6.69
N GLU A 2990 32.68 46.54 -6.76
CA GLU A 2990 33.64 46.04 -5.78
C GLU A 2990 33.33 46.57 -4.38
N LYS A 2991 32.89 47.82 -4.29
CA LYS A 2991 32.59 48.37 -2.98
C LYS A 2991 31.36 47.70 -2.36
N ASP A 2992 30.36 47.38 -3.19
CA ASP A 2992 29.26 46.57 -2.69
C ASP A 2992 29.74 45.20 -2.25
N PHE A 2993 30.66 44.61 -3.00
CA PHE A 2993 31.22 43.32 -2.59
C PHE A 2993 31.87 43.42 -1.21
N TRP A 2994 32.64 44.47 -0.98
CA TRP A 2994 33.25 44.64 0.33
C TRP A 2994 32.18 44.79 1.40
N GLU A 2995 31.18 45.61 1.13
CA GLU A 2995 30.15 45.87 2.13
C GLU A 2995 29.35 44.62 2.45
N LEU A 2996 29.36 43.62 1.56
CA LEU A 2996 28.66 42.38 1.86
C LEU A 2996 29.57 41.31 2.47
N ALA A 2997 30.81 41.23 2.02
CA ALA A 2997 31.70 40.23 2.60
C ALA A 2997 32.14 40.60 4.00
N SER A 2998 32.16 41.88 4.35
CA SER A 2998 32.36 42.23 5.75
C SER A 2998 31.21 41.71 6.59
N LEU A 2999 29.99 41.78 6.07
CA LEU A 2999 28.85 41.18 6.78
C LEU A 2999 29.02 39.69 6.94
N ASP A 3000 29.43 39.01 5.88
CA ASP A 3000 29.63 37.57 5.98
C ASP A 3000 30.68 37.22 7.03
N CYS A 3001 31.77 37.97 7.08
CA CYS A 3001 32.81 37.67 8.06
C CYS A 3001 32.32 37.93 9.48
N TYR A 3002 31.68 39.08 9.70
CA TYR A 3002 31.16 39.35 11.04
C TYR A 3002 30.16 38.29 11.47
N ASN A 3003 29.37 37.78 10.54
CA ASN A 3003 28.42 36.74 10.89
C ASN A 3003 29.08 35.40 11.10
N HIS A 3004 30.22 35.16 10.46
CA HIS A 3004 30.93 33.90 10.69
C HIS A 3004 31.57 33.88 12.06
N LEU A 3005 32.25 34.95 12.44
CA LEU A 3005 32.57 35.13 13.85
C LEU A 3005 31.26 35.32 14.58
N ALA A 3006 31.28 35.41 15.90
CA ALA A 3006 30.00 35.71 16.53
C ALA A 3006 29.68 37.17 16.27
N GLU A 3007 30.46 38.07 16.88
CA GLU A 3007 30.47 39.50 16.58
C GLU A 3007 29.11 40.07 16.22
N TRP A 3008 28.08 39.71 16.97
CA TRP A 3008 26.75 40.21 16.67
C TRP A 3008 26.68 41.71 16.83
N LYS A 3009 27.40 42.26 17.80
CA LYS A 3009 27.45 43.70 17.98
C LYS A 3009 27.94 44.39 16.71
N SER A 3010 29.05 43.92 16.15
CA SER A 3010 29.58 44.57 14.98
C SER A 3010 28.72 44.33 13.75
N LEU A 3011 28.09 43.16 13.65
CA LEU A 3011 27.21 42.92 12.52
C LEU A 3011 25.95 43.77 12.58
N GLU A 3012 25.47 44.10 13.77
CA GLU A 3012 24.22 44.80 13.94
C GLU A 3012 24.40 46.31 14.02
N TYR A 3013 25.14 46.76 15.03
CA TYR A 3013 25.31 48.20 15.27
C TYR A 3013 25.76 48.93 14.02
N CYS A 3014 26.66 48.32 13.25
CA CYS A 3014 27.10 48.90 12.02
C CYS A 3014 27.24 47.80 10.99
N SER A 3015 27.65 48.21 9.79
CA SER A 3015 27.89 47.33 8.66
C SER A 3015 26.58 46.80 8.11
N THR A 3016 25.50 47.00 8.84
CA THR A 3016 24.16 46.66 8.39
C THR A 3016 23.20 47.82 8.56
N ALA A 3017 23.34 48.58 9.63
CA ALA A 3017 22.59 49.81 9.80
C ALA A 3017 23.30 50.94 9.07
N SER A 3018 23.62 50.73 7.80
CA SER A 3018 24.12 51.79 6.94
C SER A 3018 23.29 51.77 5.65
N ILE A 3019 22.08 52.32 5.76
CA ILE A 3019 21.27 52.72 4.62
C ILE A 3019 20.67 54.07 4.98
N ASP A 3020 20.80 54.44 6.25
CA ASP A 3020 20.28 55.69 6.78
C ASP A 3020 21.41 56.47 7.45
N SER A 3021 21.34 57.79 7.37
CA SER A 3021 22.44 58.63 7.85
C SER A 3021 22.64 58.52 9.35
N GLU A 3022 21.55 58.62 10.12
CA GLU A 3022 21.67 58.73 11.57
C GLU A 3022 22.19 57.43 12.17
N ASN A 3023 22.95 57.57 13.26
CA ASN A 3023 23.43 56.39 13.98
C ASN A 3023 22.29 55.53 14.50
N PRO A 3024 21.25 56.09 15.14
CA PRO A 3024 20.00 55.34 15.28
C PRO A 3024 19.16 55.50 14.02
N PRO A 3025 19.04 54.46 13.21
CA PRO A 3025 18.38 54.60 11.91
C PRO A 3025 16.90 54.28 11.96
N ASP A 3026 16.18 54.86 11.01
CA ASP A 3026 14.73 54.68 10.90
C ASP A 3026 14.41 53.39 10.16
N LEU A 3027 14.97 52.28 10.63
CA LEU A 3027 14.86 51.02 9.92
C LEU A 3027 13.43 50.49 9.86
N ASN A 3028 12.51 51.06 10.64
CA ASN A 3028 11.15 50.52 10.73
C ASN A 3028 10.51 50.39 9.35
N LYS A 3029 10.80 51.33 8.45
CA LYS A 3029 10.28 51.26 7.09
C LYS A 3029 11.35 51.28 6.03
N ILE A 3030 12.40 52.09 6.20
CA ILE A 3030 13.31 52.36 5.11
C ILE A 3030 14.09 51.13 4.67
N TRP A 3031 14.12 50.08 5.48
CA TRP A 3031 14.75 48.85 5.03
C TRP A 3031 13.80 47.94 4.28
N SER A 3032 12.50 48.19 4.34
CA SER A 3032 11.53 47.46 3.56
C SER A 3032 11.19 48.13 2.24
N GLU A 3033 11.66 49.36 2.01
CA GLU A 3033 11.16 50.13 0.87
C GLU A 3033 11.79 49.80 -0.49
N PRO A 3034 13.09 49.55 -0.62
CA PRO A 3034 13.62 49.19 -1.94
C PRO A 3034 13.52 47.70 -2.21
N PHE A 3035 13.62 47.36 -3.50
CA PHE A 3035 13.81 45.95 -3.84
C PHE A 3035 15.19 45.47 -3.44
N TYR A 3036 16.15 46.37 -3.30
CA TYR A 3036 17.44 46.04 -2.72
C TYR A 3036 17.23 46.07 -1.22
N GLN A 3037 18.29 46.05 -0.42
CA GLN A 3037 18.16 45.84 1.03
C GLN A 3037 17.43 44.53 1.32
N GLU A 3038 17.57 43.56 0.42
CA GLU A 3038 17.32 42.16 0.75
C GLU A 3038 18.63 41.39 0.84
N THR A 3039 19.72 42.12 1.01
CA THR A 3039 20.99 41.59 1.48
C THR A 3039 21.31 42.04 2.89
N TYR A 3040 20.58 43.02 3.42
CA TYR A 3040 20.80 43.50 4.79
C TYR A 3040 19.73 43.05 5.76
N LEU A 3041 18.52 42.79 5.28
CA LEU A 3041 17.46 42.36 6.19
C LEU A 3041 17.78 41.05 6.89
N PRO A 3042 18.20 39.99 6.21
CA PRO A 3042 18.53 38.76 6.95
C PRO A 3042 19.58 38.97 8.00
N TYR A 3043 20.60 39.77 7.70
CA TYR A 3043 21.68 39.98 8.67
C TYR A 3043 21.21 40.80 9.85
N MET A 3044 20.41 41.84 9.60
CA MET A 3044 19.88 42.61 10.73
C MET A 3044 19.03 41.74 11.64
N ILE A 3045 18.11 40.97 11.05
CA ILE A 3045 17.25 40.12 11.87
C ILE A 3045 18.11 39.13 12.64
N ARG A 3046 19.04 38.48 11.95
CA ARG A 3046 19.91 37.50 12.58
C ARG A 3046 20.64 38.10 13.77
N SER A 3047 21.25 39.27 13.58
CA SER A 3047 22.10 39.85 14.61
C SER A 3047 21.28 40.29 15.81
N LYS A 3048 20.20 41.03 15.57
CA LYS A 3048 19.40 41.51 16.71
C LYS A 3048 18.77 40.34 17.45
N LEU A 3049 18.27 39.35 16.72
CA LEU A 3049 17.69 38.18 17.36
C LEU A 3049 18.72 37.45 18.20
N LYS A 3050 19.93 37.28 17.66
CA LYS A 3050 20.96 36.58 18.41
C LYS A 3050 21.35 37.35 19.66
N LEU A 3051 21.41 38.68 19.55
CA LEU A 3051 21.73 39.48 20.73
C LEU A 3051 20.66 39.33 21.80
N LEU A 3052 19.39 39.31 21.40
CA LEU A 3052 18.33 39.09 22.38
C LEU A 3052 18.44 37.70 23.00
N LEU A 3053 18.70 36.68 22.18
CA LEU A 3053 18.79 35.31 22.68
C LEU A 3053 19.91 35.20 23.70
N GLN A 3054 21.06 35.81 23.42
CA GLN A 3054 22.15 35.79 24.39
C GLN A 3054 21.83 36.56 25.65
N GLY A 3055 20.75 37.35 25.66
CA GLY A 3055 20.21 37.95 26.87
C GLY A 3055 20.18 39.46 26.84
N GLU A 3056 21.16 40.09 26.19
CA GLU A 3056 21.31 41.54 26.25
C GLU A 3056 20.05 42.23 25.76
N ALA A 3057 19.36 42.91 26.69
CA ALA A 3057 18.03 43.41 26.46
C ALA A 3057 18.00 44.52 25.40
N ASP A 3058 16.87 44.62 24.73
CA ASP A 3058 16.60 45.65 23.73
C ASP A 3058 15.12 45.53 23.37
N GLN A 3059 14.60 46.57 22.72
CA GLN A 3059 13.24 46.55 22.23
C GLN A 3059 13.17 46.92 20.75
N SER A 3060 14.31 47.01 20.08
CA SER A 3060 14.32 47.48 18.70
C SER A 3060 13.69 46.45 17.76
N LEU A 3061 14.10 45.19 17.86
CA LEU A 3061 13.73 44.21 16.85
C LEU A 3061 12.22 43.99 16.81
N LEU A 3062 11.61 43.72 17.95
CA LEU A 3062 10.19 43.35 17.93
C LEU A 3062 9.31 44.49 17.46
N THR A 3063 9.71 45.74 17.73
CA THR A 3063 8.96 46.87 17.20
C THR A 3063 8.95 46.86 15.68
N PHE A 3064 10.13 46.68 15.08
CA PHE A 3064 10.19 46.61 13.62
C PHE A 3064 9.38 45.41 13.12
N ILE A 3065 9.48 44.27 13.81
CA ILE A 3065 8.82 43.06 13.35
C ILE A 3065 7.31 43.24 13.35
N ASP A 3066 6.73 43.72 14.46
CA ASP A 3066 5.28 43.84 14.49
C ASP A 3066 4.80 44.99 13.62
N LYS A 3067 5.58 46.06 13.48
CA LYS A 3067 5.19 47.12 12.57
C LYS A 3067 5.15 46.61 11.13
N ALA A 3068 6.13 45.79 10.73
CA ALA A 3068 6.08 45.18 9.42
C ALA A 3068 5.01 44.10 9.34
N MET A 3069 4.61 43.53 10.47
CA MET A 3069 3.57 42.51 10.48
C MET A 3069 2.19 43.12 10.30
N HIS A 3070 2.01 44.37 10.73
CA HIS A 3070 0.70 45.01 10.59
C HIS A 3070 0.31 45.13 9.13
N GLY A 3071 1.26 45.50 8.27
CA GLY A 3071 0.98 45.75 6.87
C GLY A 3071 1.40 44.59 5.98
N GLU A 3072 0.43 44.02 5.28
CA GLU A 3072 0.74 42.98 4.30
C GLU A 3072 1.55 43.57 3.15
N LEU A 3073 2.11 42.67 2.34
CA LEU A 3073 3.04 42.99 1.27
C LEU A 3073 4.35 43.50 1.87
N GLN A 3074 4.36 43.64 3.20
CA GLN A 3074 5.58 43.83 3.97
C GLN A 3074 5.68 42.86 5.14
N LYS A 3075 4.69 41.99 5.32
CA LYS A 3075 4.77 40.91 6.29
C LYS A 3075 4.76 39.54 5.64
N ALA A 3076 4.34 39.44 4.39
CA ALA A 3076 4.32 38.13 3.73
C ALA A 3076 5.72 37.59 3.55
N ILE A 3077 6.62 38.41 3.01
CA ILE A 3077 8.01 37.96 2.82
C ILE A 3077 8.63 37.61 4.16
N LEU A 3078 8.32 38.40 5.19
CA LEU A 3078 8.83 38.13 6.52
C LEU A 3078 8.37 36.77 7.01
N GLU A 3079 7.08 36.52 6.98
CA GLU A 3079 6.52 35.29 7.54
C GLU A 3079 6.73 34.09 6.65
N LEU A 3080 7.29 34.27 5.44
CA LEU A 3080 7.66 33.10 4.67
C LEU A 3080 9.16 32.86 4.61
N HIS A 3081 9.99 33.85 4.94
CA HIS A 3081 11.42 33.62 4.95
C HIS A 3081 12.02 33.47 6.35
N TYR A 3082 11.61 34.28 7.31
CA TYR A 3082 12.21 34.28 8.63
C TYR A 3082 11.23 33.76 9.66
N SER A 3083 10.50 32.70 9.29
CA SER A 3083 9.52 32.11 10.20
C SER A 3083 10.19 31.55 11.45
N GLN A 3084 11.33 30.89 11.29
CA GLN A 3084 12.04 30.36 12.45
C GLN A 3084 12.48 31.49 13.37
N GLU A 3085 12.98 32.58 12.79
CA GLU A 3085 13.37 33.73 13.59
C GLU A 3085 12.17 34.34 14.30
N LEU A 3086 11.01 34.38 13.63
CA LEU A 3086 9.81 34.90 14.26
C LEU A 3086 9.37 34.02 15.43
N SER A 3087 9.43 32.70 15.26
CA SER A 3087 9.09 31.80 16.35
C SER A 3087 10.01 32.04 17.54
N LEU A 3088 11.32 32.09 17.28
CA LEU A 3088 12.25 32.34 18.36
C LEU A 3088 12.03 33.69 18.99
N LEU A 3089 11.53 34.65 18.22
CA LEU A 3089 11.26 35.97 18.77
C LEU A 3089 10.07 35.93 19.72
N TYR A 3090 8.98 35.30 19.30
CA TYR A 3090 7.77 35.29 20.13
C TYR A 3090 7.96 34.41 21.35
N LEU A 3091 8.86 33.43 21.29
CA LEU A 3091 9.20 32.68 22.50
C LEU A 3091 9.71 33.59 23.59
N LEU A 3092 10.28 34.75 23.22
CA LEU A 3092 10.78 35.67 24.23
C LEU A 3092 9.64 36.30 25.02
N GLN A 3093 8.65 36.85 24.33
CA GLN A 3093 7.47 37.35 25.01
C GLN A 3093 6.65 36.23 25.64
N ASP A 3094 6.90 34.98 25.25
CA ASP A 3094 6.28 33.82 25.87
C ASP A 3094 4.77 33.81 25.61
N ASP A 3095 4.40 33.95 24.35
CA ASP A 3095 3.05 33.67 23.88
C ASP A 3095 3.18 32.50 22.93
N VAL A 3096 3.16 31.29 23.49
CA VAL A 3096 3.57 30.10 22.76
C VAL A 3096 2.71 29.84 21.54
N ASP A 3097 1.50 30.40 21.48
CA ASP A 3097 0.63 30.12 20.34
C ASP A 3097 1.23 30.68 19.05
N ARG A 3098 1.68 31.93 19.07
CA ARG A 3098 2.30 32.51 17.90
C ARG A 3098 3.57 31.76 17.51
N ALA A 3099 4.38 31.41 18.50
CA ALA A 3099 5.62 30.69 18.23
C ALA A 3099 5.32 29.36 17.56
N LYS A 3100 4.33 28.63 18.07
CA LYS A 3100 3.99 27.34 17.48
C LYS A 3100 3.45 27.52 16.08
N TYR A 3101 2.63 28.53 15.86
CA TYR A 3101 2.08 28.75 14.52
C TYR A 3101 3.19 29.03 13.52
N TYR A 3102 4.12 29.91 13.88
CA TYR A 3102 5.22 30.21 12.97
C TYR A 3102 6.18 29.04 12.82
N ILE A 3103 6.34 28.20 13.84
CA ILE A 3103 7.23 27.06 13.63
C ILE A 3103 6.58 26.01 12.73
N GLN A 3104 5.25 25.85 12.81
CA GLN A 3104 4.57 25.02 11.83
C GLN A 3104 4.75 25.60 10.44
N ASN A 3105 4.63 26.91 10.31
CA ASN A 3105 4.90 27.55 9.04
C ASN A 3105 6.33 27.30 8.60
N GLY A 3106 7.27 27.27 9.54
CA GLY A 3106 8.66 27.05 9.20
C GLY A 3106 8.91 25.64 8.68
N ILE A 3107 8.31 24.64 9.33
CA ILE A 3107 8.40 23.28 8.83
C ILE A 3107 7.79 23.18 7.44
N GLN A 3108 6.63 23.80 7.25
CA GLN A 3108 5.99 23.76 5.94
C GLN A 3108 6.86 24.42 4.89
N SER A 3109 7.47 25.55 5.23
CA SER A 3109 8.35 26.23 4.30
C SER A 3109 9.58 25.40 3.99
N PHE A 3110 10.13 24.72 4.99
CA PHE A 3110 11.26 23.85 4.74
C PHE A 3110 10.89 22.77 3.74
N MET A 3111 9.70 22.18 3.88
CA MET A 3111 9.32 21.15 2.91
C MET A 3111 9.11 21.75 1.53
N GLN A 3112 8.39 22.86 1.44
CA GLN A 3112 8.13 23.48 0.14
C GLN A 3112 9.41 23.92 -0.54
N ASN A 3113 10.44 24.17 0.24
CA ASN A 3113 11.69 24.73 -0.28
C ASN A 3113 12.74 23.66 -0.56
N TYR A 3114 12.75 22.59 0.24
CA TYR A 3114 13.51 21.40 -0.08
C TYR A 3114 12.95 20.70 -1.30
N SER A 3115 11.65 20.85 -1.55
CA SER A 3115 11.03 20.18 -2.68
C SER A 3115 11.56 20.72 -4.01
N SER A 3116 11.72 22.03 -4.10
CA SER A 3116 12.02 22.65 -5.38
C SER A 3116 13.48 22.50 -5.80
N ILE A 3117 14.36 22.20 -4.87
CA ILE A 3117 15.78 22.08 -5.18
C ILE A 3117 16.00 20.78 -5.94
N ASP A 3118 16.63 20.87 -7.10
CA ASP A 3118 16.88 19.68 -7.89
C ASP A 3118 17.86 18.76 -7.17
N VAL A 3119 17.66 17.45 -7.35
CA VAL A 3119 18.41 16.47 -6.59
C VAL A 3119 19.90 16.52 -6.86
N LEU A 3120 20.33 17.25 -7.89
CA LEU A 3120 21.74 17.37 -8.21
C LEU A 3120 22.44 18.51 -7.48
N LEU A 3121 21.68 19.47 -6.96
CA LEU A 3121 22.27 20.56 -6.18
C LEU A 3121 22.54 20.08 -4.77
N HIS A 3122 23.52 19.18 -4.67
CA HIS A 3122 23.79 18.53 -3.39
C HIS A 3122 24.21 19.53 -2.34
N GLN A 3123 24.94 20.57 -2.74
CA GLN A 3123 25.40 21.53 -1.76
C GLN A 3123 24.24 22.31 -1.16
N SER A 3124 23.33 22.80 -1.99
CA SER A 3124 22.19 23.53 -1.49
C SER A 3124 21.15 22.63 -0.87
N ARG A 3125 21.24 21.32 -1.05
CA ARG A 3125 20.39 20.43 -0.27
C ARG A 3125 20.99 20.14 1.09
N LEU A 3126 22.32 20.00 1.18
CA LEU A 3126 22.95 19.92 2.50
C LEU A 3126 22.68 21.17 3.30
N THR A 3127 22.75 22.33 2.68
CA THR A 3127 22.55 23.54 3.45
C THR A 3127 21.12 23.64 3.96
N LYS A 3128 20.14 23.19 3.18
CA LYS A 3128 18.77 23.18 3.67
C LYS A 3128 18.58 22.15 4.75
N LEU A 3129 19.15 20.95 4.57
CA LEU A 3129 18.99 19.90 5.56
C LEU A 3129 19.62 20.28 6.88
N GLN A 3130 20.76 20.97 6.85
CA GLN A 3130 21.45 21.31 8.07
C GLN A 3130 20.59 22.17 9.00
N SER A 3131 19.60 22.86 8.46
CA SER A 3131 18.75 23.74 9.23
C SER A 3131 17.42 23.10 9.59
N VAL A 3132 17.40 21.78 9.80
CA VAL A 3132 16.20 21.11 10.25
C VAL A 3132 16.27 20.71 11.71
N GLN A 3133 17.46 20.41 12.24
CA GLN A 3133 17.56 20.15 13.67
C GLN A 3133 17.27 21.40 14.47
N ALA A 3134 17.82 22.53 14.03
CA ALA A 3134 17.57 23.78 14.71
C ALA A 3134 16.09 24.15 14.68
N LEU A 3135 15.35 23.57 13.75
CA LEU A 3135 13.93 23.84 13.57
C LEU A 3135 13.05 22.91 14.39
N THR A 3136 13.42 21.64 14.49
CA THR A 3136 12.67 20.71 15.32
C THR A 3136 13.00 20.85 16.80
N GLU A 3137 14.15 21.42 17.15
CA GLU A 3137 14.41 21.61 18.57
C GLU A 3137 13.50 22.66 19.17
N ILE A 3138 13.13 23.69 18.40
CA ILE A 3138 12.16 24.66 18.90
C ILE A 3138 10.82 23.98 19.14
N GLN A 3139 10.41 23.09 18.25
CA GLN A 3139 9.16 22.36 18.46
C GLN A 3139 9.23 21.49 19.70
N GLU A 3140 10.35 20.79 19.87
CA GLU A 3140 10.51 19.95 21.06
C GLU A 3140 10.44 20.79 22.32
N PHE A 3141 11.06 21.98 22.31
CA PHE A 3141 11.02 22.83 23.50
C PHE A 3141 9.62 23.36 23.75
N ILE A 3142 8.90 23.74 22.70
CA ILE A 3142 7.55 24.24 22.89
C ILE A 3142 6.68 23.17 23.52
N SER A 3143 6.77 21.94 23.00
CA SER A 3143 6.06 20.83 23.60
C SER A 3143 6.44 20.67 25.07
N PHE A 3144 7.75 20.66 25.35
CA PHE A 3144 8.21 20.46 26.72
C PHE A 3144 7.75 21.55 27.65
N ILE A 3145 7.54 22.76 27.14
CA ILE A 3145 7.24 23.88 28.01
C ILE A 3145 5.75 24.15 28.14
N SER A 3146 4.93 23.59 27.25
CA SER A 3146 3.50 23.80 27.33
C SER A 3146 2.79 22.74 28.17
N LYS A 3147 3.50 22.14 29.13
CA LYS A 3147 2.90 21.19 30.06
C LYS A 3147 3.43 21.45 31.46
N GLN A 3148 2.68 20.99 32.46
CA GLN A 3148 3.05 21.17 33.85
C GLN A 3148 3.53 19.89 34.51
N GLY A 3149 3.12 18.73 34.01
CA GLY A 3149 3.62 17.48 34.54
C GLY A 3149 5.10 17.28 34.28
N ASN A 3150 5.53 17.57 33.04
CA ASN A 3150 6.94 17.46 32.66
C ASN A 3150 7.75 18.66 33.10
N LEU A 3151 7.19 19.51 33.97
CA LEU A 3151 7.96 20.49 34.74
C LEU A 3151 7.53 20.29 36.19
N SER A 3152 8.12 19.27 36.83
CA SER A 3152 7.84 19.02 38.23
C SER A 3152 9.03 18.58 39.05
N SER A 3153 10.11 18.10 38.44
CA SER A 3153 11.24 17.52 39.15
C SER A 3153 12.33 17.24 38.13
N GLN A 3154 13.40 16.59 38.56
CA GLN A 3154 14.47 16.21 37.65
C GLN A 3154 14.07 15.14 36.66
N VAL A 3155 12.96 14.43 36.88
CA VAL A 3155 12.65 13.26 36.06
C VAL A 3155 12.53 13.59 34.59
N PRO A 3156 11.76 14.61 34.16
CA PRO A 3156 11.70 14.90 32.72
C PRO A 3156 12.82 15.82 32.28
N LEU A 3157 13.29 16.67 33.18
CA LEU A 3157 14.33 17.62 32.82
C LEU A 3157 15.63 16.91 32.46
N LYS A 3158 16.03 15.91 33.24
CA LYS A 3158 17.26 15.20 32.95
C LYS A 3158 17.14 14.39 31.67
N ARG A 3159 15.97 13.84 31.38
CA ARG A 3159 15.82 13.13 30.12
C ARG A 3159 15.90 14.11 28.95
N LEU A 3160 15.38 15.32 29.11
CA LEU A 3160 15.51 16.33 28.06
C LEU A 3160 16.95 16.71 27.84
N LEU A 3161 17.68 17.00 28.92
CA LEU A 3161 19.09 17.33 28.78
C LEU A 3161 19.87 16.17 28.19
N ASN A 3162 19.50 14.93 28.52
CA ASN A 3162 20.19 13.80 27.94
C ASN A 3162 19.94 13.70 26.44
N THR A 3163 18.67 13.82 26.04
CA THR A 3163 18.32 13.78 24.63
C THR A 3163 19.11 14.82 23.86
N TRP A 3164 19.14 16.06 24.38
CA TRP A 3164 19.92 17.10 23.71
C TRP A 3164 21.40 16.74 23.66
N THR A 3165 22.02 16.56 24.82
CA THR A 3165 23.46 16.36 24.90
C THR A 3165 23.95 15.13 24.15
N ASN A 3166 23.07 14.21 23.75
CA ASN A 3166 23.52 13.13 22.89
C ASN A 3166 23.19 13.33 21.42
N ARG A 3167 22.73 14.51 21.00
CA ARG A 3167 22.63 14.77 19.56
C ARG A 3167 23.15 16.18 19.26
N TYR A 3168 24.44 16.27 19.07
CA TYR A 3168 25.07 17.45 18.50
C TYR A 3168 25.12 17.32 17.00
N PRO A 3169 25.38 18.41 16.29
CA PRO A 3169 25.66 18.29 14.86
C PRO A 3169 27.05 17.72 14.66
N ASP A 3170 27.44 17.49 13.41
CA ASP A 3170 28.74 16.89 13.16
C ASP A 3170 29.84 17.79 13.71
N ALA A 3171 30.85 17.17 14.30
CA ALA A 3171 31.92 17.94 14.91
C ALA A 3171 32.68 18.73 13.87
N LYS A 3172 32.96 18.12 12.72
CA LYS A 3172 33.83 18.72 11.72
C LYS A 3172 33.23 18.72 10.33
N MET A 3173 31.92 18.54 10.19
CA MET A 3173 31.27 18.54 8.89
C MET A 3173 30.37 19.73 8.65
N ASP A 3174 29.57 20.13 9.62
CA ASP A 3174 28.65 21.20 9.31
C ASP A 3174 29.03 22.50 10.03
N PRO A 3175 28.98 23.63 9.34
CA PRO A 3175 29.78 24.79 9.72
C PRO A 3175 29.19 25.50 10.92
N MET A 3176 29.95 26.50 11.38
CA MET A 3176 29.67 27.12 12.66
C MET A 3176 28.40 27.96 12.66
N ASN A 3177 27.82 28.25 11.51
CA ASN A 3177 26.49 28.83 11.51
C ASN A 3177 25.53 27.94 12.27
N ILE A 3178 25.56 26.64 11.97
CA ILE A 3178 24.64 25.70 12.57
C ILE A 3178 24.94 25.51 14.06
N TRP A 3179 26.22 25.36 14.41
CA TRP A 3179 26.58 25.23 15.80
C TRP A 3179 26.10 26.41 16.61
N ASP A 3180 26.41 27.62 16.16
CA ASP A 3180 26.05 28.79 16.95
C ASP A 3180 24.56 29.06 16.86
N ASP A 3181 23.87 28.40 15.92
CA ASP A 3181 22.41 28.43 15.92
C ASP A 3181 21.86 27.59 17.04
N ILE A 3182 22.15 26.28 17.01
CA ILE A 3182 21.48 25.37 17.94
C ILE A 3182 21.95 25.59 19.36
N ILE A 3183 23.23 25.90 19.56
CA ILE A 3183 23.73 26.01 20.93
C ILE A 3183 23.13 27.23 21.63
N THR A 3184 23.00 28.34 20.93
CA THR A 3184 22.36 29.48 21.58
C THR A 3184 20.86 29.27 21.71
N ASN A 3185 20.23 28.58 20.77
CA ASN A 3185 18.83 28.22 20.98
C ASN A 3185 18.67 27.43 22.26
N ARG A 3186 19.54 26.46 22.50
CA ARG A 3186 19.40 25.62 23.67
C ARG A 3186 19.79 26.35 24.95
N CYS A 3187 20.77 27.25 24.90
CA CYS A 3187 21.07 28.06 26.07
C CYS A 3187 19.88 28.94 26.45
N PHE A 3188 19.26 29.57 25.45
CA PHE A 3188 18.08 30.38 25.73
C PHE A 3188 16.92 29.53 26.21
N PHE A 3189 16.80 28.31 25.68
CA PHE A 3189 15.78 27.38 26.17
C PHE A 3189 16.02 27.05 27.64
N LEU A 3190 17.26 26.79 28.02
CA LEU A 3190 17.57 26.50 29.41
C LEU A 3190 17.25 27.69 30.30
N SER A 3191 17.59 28.89 29.85
CA SER A 3191 17.25 30.06 30.64
C SER A 3191 15.74 30.20 30.80
N LYS A 3192 14.99 29.99 29.71
CA LYS A 3192 13.55 30.12 29.77
C LYS A 3192 12.93 29.07 30.68
N ILE A 3193 13.45 27.84 30.64
CA ILE A 3193 12.95 26.81 31.54
C ILE A 3193 13.20 27.20 32.98
N GLU A 3194 14.42 27.64 33.28
CA GLU A 3194 14.73 28.02 34.66
C GLU A 3194 13.87 29.18 35.12
N GLU A 3195 13.47 30.08 34.22
CA GLU A 3195 12.64 31.20 34.64
C GLU A 3195 11.30 30.74 35.20
N LYS A 3196 10.56 29.92 34.45
CA LYS A 3196 9.32 29.34 34.96
C LYS A 3196 9.57 27.93 35.49
N LEU A 3197 10.48 27.83 36.45
CA LEU A 3197 10.79 26.56 37.08
C LEU A 3197 9.87 26.29 38.26
N ASP A 3226 18.70 19.10 42.18
CA ASP A 3226 19.40 20.39 42.25
C ASP A 3226 19.34 21.13 40.93
N ILE A 3227 18.13 21.40 40.46
CA ILE A 3227 17.93 22.17 39.23
C ILE A 3227 18.44 23.57 39.52
N SER A 3228 18.75 24.34 38.47
CA SER A 3228 19.45 25.62 38.52
C SER A 3228 20.92 25.45 38.87
N SER A 3229 21.36 24.23 39.15
CA SER A 3229 22.78 23.91 39.16
C SER A 3229 23.07 22.70 38.30
N LEU A 3230 22.06 22.10 37.69
CA LEU A 3230 22.24 21.05 36.69
C LEU A 3230 22.18 21.60 35.28
N ILE A 3231 21.24 22.50 35.01
CA ILE A 3231 21.23 23.18 33.72
C ILE A 3231 22.45 24.07 33.58
N ARG A 3232 22.96 24.61 34.68
CA ARG A 3232 24.23 25.35 34.59
C ARG A 3232 25.40 24.43 34.29
N SER A 3233 25.24 23.12 34.44
CA SER A 3233 26.29 22.22 33.99
C SER A 3233 26.06 21.79 32.56
N CYS A 3234 24.79 21.62 32.15
CA CYS A 3234 24.53 21.32 30.75
C CYS A 3234 24.97 22.47 29.85
N LYS A 3235 24.71 23.71 30.26
CA LYS A 3235 25.11 24.85 29.45
C LYS A 3235 26.62 24.84 29.23
N PHE A 3236 27.38 24.65 30.30
CA PHE A 3236 28.83 24.65 30.17
C PHE A 3236 29.31 23.50 29.32
N SER A 3237 28.74 22.30 29.49
CA SER A 3237 29.19 21.17 28.68
C SER A 3237 28.91 21.43 27.21
N MET A 3238 27.76 22.01 26.91
CA MET A 3238 27.42 22.32 25.53
C MET A 3238 28.37 23.34 24.93
N LYS A 3239 28.62 24.43 25.64
CA LYS A 3239 29.56 25.42 25.12
C LYS A 3239 30.96 24.85 24.96
N MET A 3240 31.37 23.96 25.85
CA MET A 3240 32.67 23.34 25.69
C MET A 3240 32.75 22.45 24.47
N LYS A 3241 31.70 21.67 24.19
CA LYS A 3241 31.70 20.88 22.97
C LYS A 3241 31.73 21.78 21.75
N MET A 3242 31.00 22.89 21.79
CA MET A 3242 31.02 23.84 20.69
C MET A 3242 32.41 24.40 20.45
N ILE A 3243 33.14 24.70 21.53
CA ILE A 3243 34.48 25.24 21.37
C ILE A 3243 35.43 24.18 20.83
N ASP A 3244 35.25 22.92 21.21
CA ASP A 3244 36.01 21.86 20.55
C ASP A 3244 35.75 21.85 19.06
N SER A 3245 34.49 21.98 18.66
CA SER A 3245 34.17 21.95 17.24
C SER A 3245 34.81 23.12 16.52
N ALA A 3246 34.66 24.33 17.05
CA ALA A 3246 35.24 25.51 16.42
C ALA A 3246 36.74 25.52 16.50
N ARG A 3247 37.34 24.67 17.30
CA ARG A 3247 38.78 24.47 17.22
C ARG A 3247 39.14 23.51 16.10
N LYS A 3248 38.30 22.50 15.88
CA LYS A 3248 38.57 21.54 14.82
C LYS A 3248 38.35 22.12 13.43
N GLN A 3249 37.45 23.09 13.28
CA GLN A 3249 37.14 23.64 11.97
C GLN A 3249 37.91 24.90 11.66
N ASN A 3250 39.10 25.08 12.24
CA ASN A 3250 39.98 26.20 11.93
C ASN A 3250 39.28 27.55 12.11
N ASN A 3251 38.36 27.63 13.06
CA ASN A 3251 37.81 28.90 13.51
C ASN A 3251 38.50 29.36 14.78
N PHE A 3252 39.79 29.60 14.69
CA PHE A 3252 40.49 29.97 15.91
C PHE A 3252 40.21 31.33 16.36
N SER A 3253 39.23 32.05 15.81
CA SER A 3253 38.79 33.29 16.42
C SER A 3253 37.45 33.14 17.13
N LEU A 3254 36.49 32.48 16.50
CA LEU A 3254 35.24 32.18 17.20
C LEU A 3254 35.49 31.31 18.41
N ALA A 3255 36.36 30.29 18.27
CA ALA A 3255 36.66 29.44 19.40
C ALA A 3255 37.32 30.23 20.51
N MET A 3256 38.28 31.09 20.15
CA MET A 3256 38.99 31.85 21.17
C MET A 3256 38.04 32.80 21.89
N LYS A 3257 37.13 33.43 21.15
CA LYS A 3257 36.20 34.36 21.78
C LYS A 3257 35.21 33.63 22.69
N LEU A 3258 34.69 32.49 22.24
CA LEU A 3258 33.81 31.71 23.11
C LEU A 3258 34.54 31.29 24.37
N LEU A 3259 35.78 30.86 24.24
CA LEU A 3259 36.56 30.44 25.39
C LEU A 3259 36.76 31.61 26.36
N LYS A 3260 37.18 32.76 25.86
CA LYS A 3260 37.36 33.92 26.73
C LYS A 3260 36.04 34.39 27.32
N GLU A 3261 34.92 34.05 26.70
CA GLU A 3261 33.64 34.31 27.33
C GLU A 3261 33.26 33.23 28.34
N LEU A 3262 33.94 32.09 28.30
CA LEU A 3262 33.64 30.96 29.18
C LEU A 3262 34.65 30.81 30.30
N HIS A 3263 35.33 31.89 30.68
CA HIS A 3263 36.31 31.79 31.75
C HIS A 3263 35.66 32.00 33.12
N LYS A 3264 35.00 33.14 33.31
CA LYS A 3264 34.40 33.46 34.59
C LYS A 3264 33.35 32.45 35.01
N GLU A 3265 32.70 31.79 34.05
CA GLU A 3265 31.77 30.73 34.40
C GLU A 3265 32.48 29.58 35.08
N SER A 3266 33.72 29.31 34.69
CA SER A 3266 34.55 28.36 35.42
C SER A 3266 35.09 29.06 36.66
N LYS A 3267 36.09 28.46 37.29
CA LYS A 3267 36.65 28.89 38.58
C LYS A 3267 35.71 28.53 39.73
N THR A 3268 34.52 28.03 39.42
CA THR A 3268 33.52 27.77 40.45
C THR A 3268 33.18 26.30 40.55
N ARG A 3269 33.97 25.43 39.94
CA ARG A 3269 33.80 24.00 40.20
C ARG A 3269 35.12 23.27 40.38
N ASP A 3270 36.25 23.87 40.00
CA ASP A 3270 37.58 23.27 40.12
C ASP A 3270 37.69 22.07 39.18
N ASP A 3271 36.61 21.76 38.48
CA ASP A 3271 36.61 20.84 37.36
C ASP A 3271 36.49 21.60 36.05
N TRP A 3272 35.54 22.53 35.99
CA TRP A 3272 35.50 23.48 34.90
C TRP A 3272 36.82 24.19 34.73
N LEU A 3273 37.52 24.49 35.81
CA LEU A 3273 38.78 25.20 35.69
C LEU A 3273 39.79 24.41 34.88
N VAL A 3274 40.01 23.16 35.24
CA VAL A 3274 41.01 22.37 34.53
C VAL A 3274 40.53 22.05 33.12
N SER A 3275 39.23 21.84 32.95
CA SER A 3275 38.70 21.58 31.62
C SER A 3275 38.94 22.76 30.70
N TRP A 3276 38.59 23.96 31.17
CA TRP A 3276 38.82 25.17 30.41
C TRP A 3276 40.29 25.39 30.12
N VAL A 3277 41.15 25.17 31.12
CA VAL A 3277 42.57 25.42 30.95
C VAL A 3277 43.15 24.48 29.89
N GLN A 3278 42.84 23.21 29.98
CA GLN A 3278 43.39 22.27 29.03
C GLN A 3278 42.60 22.24 27.72
N SER A 3279 41.55 23.04 27.60
CA SER A 3279 40.99 23.30 26.28
C SER A 3279 41.63 24.52 25.64
N TYR A 3280 41.91 25.54 26.45
CA TYR A 3280 42.61 26.71 25.95
C TYR A 3280 43.99 26.33 25.46
N CYS A 3281 44.65 25.41 26.17
CA CYS A 3281 45.95 24.95 25.71
C CYS A 3281 45.84 24.25 24.37
N ARG A 3282 44.82 23.41 24.19
CA ARG A 3282 44.65 22.73 22.91
C ARG A 3282 44.40 23.72 21.80
N LEU A 3283 43.56 24.73 22.04
CA LEU A 3283 43.29 25.72 21.01
C LEU A 3283 44.55 26.51 20.68
N SER A 3284 45.32 26.90 21.67
CA SER A 3284 46.57 27.58 21.39
C SER A 3284 47.56 26.69 20.66
N HIS A 3285 47.49 25.38 20.88
CA HIS A 3285 48.32 24.46 20.10
C HIS A 3285 47.90 24.47 18.64
N CYS A 3286 46.61 24.29 18.38
CA CYS A 3286 46.13 24.21 17.02
C CYS A 3286 46.40 25.49 16.25
N ARG A 3287 46.22 26.65 16.90
CA ARG A 3287 46.42 27.93 16.24
C ARG A 3287 47.86 28.13 15.82
N SER A 3288 48.79 27.36 16.36
CA SER A 3288 50.21 27.59 16.12
C SER A 3288 50.62 27.22 14.71
N ARG A 3289 50.53 28.16 13.77
CA ARG A 3289 50.94 27.95 12.38
C ARG A 3289 51.72 29.15 11.85
N SER A 3290 52.69 29.62 12.62
CA SER A 3290 53.57 30.70 12.18
C SER A 3290 54.89 30.61 12.95
N GLN A 3291 56.01 30.68 12.24
CA GLN A 3291 57.29 30.31 12.83
C GLN A 3291 57.73 31.30 13.90
N GLY A 3292 57.75 32.59 13.58
CA GLY A 3292 58.27 33.57 14.51
C GLY A 3292 57.33 34.02 15.59
N CYS A 3293 56.10 33.49 15.59
CA CYS A 3293 55.09 33.86 16.58
C CYS A 3293 54.57 32.66 17.36
N SER A 3294 54.83 31.43 16.90
CA SER A 3294 54.37 30.27 17.64
C SER A 3294 55.04 30.20 19.01
N GLU A 3295 56.30 30.60 19.10
CA GLU A 3295 56.96 30.65 20.40
C GLU A 3295 56.23 31.61 21.33
N GLN A 3296 55.81 32.76 20.82
CA GLN A 3296 55.07 33.70 21.66
C GLN A 3296 53.73 33.13 22.09
N VAL A 3297 53.00 32.53 21.16
CA VAL A 3297 51.69 31.99 21.53
C VAL A 3297 51.83 30.89 22.57
N LEU A 3298 52.83 30.02 22.40
CA LEU A 3298 53.00 28.95 23.36
C LEU A 3298 53.54 29.46 24.69
N THR A 3299 54.33 30.52 24.69
CA THR A 3299 54.74 31.10 25.97
C THR A 3299 53.54 31.65 26.70
N VAL A 3300 52.60 32.28 25.98
CA VAL A 3300 51.35 32.69 26.60
C VAL A 3300 50.64 31.48 27.18
N LEU A 3301 50.65 30.37 26.45
CA LEU A 3301 50.04 29.15 26.95
C LEU A 3301 50.68 28.71 28.26
N LYS A 3302 52.01 28.74 28.31
CA LYS A 3302 52.69 28.26 29.51
C LYS A 3302 52.38 29.16 30.69
N THR A 3303 52.27 30.47 30.46
CA THR A 3303 51.84 31.35 31.54
C THR A 3303 50.45 30.99 32.04
N VAL A 3304 49.52 30.74 31.12
CA VAL A 3304 48.16 30.37 31.51
C VAL A 3304 48.19 29.09 32.35
N SER A 3305 48.94 28.09 31.90
CA SER A 3305 49.08 26.86 32.66
C SER A 3305 49.86 27.07 33.94
N LEU A 3306 50.61 28.17 34.03
CA LEU A 3306 51.34 28.52 35.24
C LEU A 3306 50.41 29.12 36.29
N LEU A 3307 49.35 29.78 35.86
CA LEU A 3307 48.38 30.35 36.80
C LEU A 3307 47.67 29.17 37.48
N ASP A 3308 48.12 28.83 38.70
CA ASP A 3308 47.70 27.60 39.34
C ASP A 3308 47.40 27.79 40.83
N GLU A 3309 46.91 28.96 41.22
CA GLU A 3309 46.57 29.16 42.63
C GLU A 3309 45.51 28.17 43.09
N ASN A 3310 44.39 28.08 42.36
CA ASN A 3310 43.38 27.10 42.70
C ASN A 3310 43.81 25.69 42.34
N ASN A 3311 44.37 25.52 41.14
CA ASN A 3311 44.83 24.21 40.69
C ASN A 3311 46.35 24.07 40.83
N VAL A 3312 46.80 24.00 42.08
CA VAL A 3312 48.19 23.62 42.34
C VAL A 3312 48.33 22.15 41.97
N SER A 3313 47.58 21.31 42.68
CA SER A 3313 47.33 19.94 42.28
C SER A 3313 45.89 19.57 42.57
N SER A 3314 45.06 20.54 42.96
CA SER A 3314 43.66 20.28 43.24
C SER A 3314 42.99 19.69 42.01
N TYR A 3315 42.36 18.53 42.21
CA TYR A 3315 41.69 17.75 41.18
C TYR A 3315 42.67 17.22 40.13
N LEU A 3316 43.93 17.64 40.19
CA LEU A 3316 45.01 16.94 39.51
C LEU A 3316 45.55 15.80 40.36
N SER A 3317 45.03 15.62 41.56
CA SER A 3317 45.20 14.38 42.31
C SER A 3317 44.36 13.25 41.73
N LYS A 3318 43.68 13.50 40.61
CA LYS A 3318 42.92 12.50 39.89
C LYS A 3318 43.69 12.17 38.61
N ASN A 3319 44.11 10.91 38.48
CA ASN A 3319 44.94 10.53 37.35
C ASN A 3319 44.22 10.76 36.02
N ILE A 3320 42.98 10.35 35.95
CA ILE A 3320 42.23 10.41 34.70
C ILE A 3320 41.45 11.72 34.64
N LEU A 3321 41.24 12.19 33.41
CA LEU A 3321 40.47 13.37 33.06
C LEU A 3321 41.17 14.67 33.43
N ALA A 3322 42.25 14.62 34.20
CA ALA A 3322 42.99 15.85 34.45
C ALA A 3322 44.49 15.71 34.31
N PHE A 3323 45.04 14.61 34.82
CA PHE A 3323 46.46 14.58 35.10
C PHE A 3323 47.26 14.17 33.86
N ARG A 3324 46.93 13.02 33.29
CA ARG A 3324 47.55 12.59 32.06
C ARG A 3324 47.41 13.66 30.98
N ASP A 3325 46.20 14.23 30.88
CA ASP A 3325 45.95 15.24 29.86
C ASP A 3325 46.78 16.50 30.10
N GLN A 3326 46.83 16.97 31.35
CA GLN A 3326 47.63 18.16 31.61
C GLN A 3326 49.10 17.91 31.27
N ASN A 3327 49.60 16.73 31.59
CA ASN A 3327 51.01 16.45 31.32
C ASN A 3327 51.28 16.38 29.82
N ILE A 3328 50.41 15.70 29.05
CA ILE A 3328 50.64 15.65 27.60
C ILE A 3328 50.55 17.04 27.00
N LEU A 3329 49.65 17.88 27.52
CA LEU A 3329 49.51 19.22 26.96
C LEU A 3329 50.75 20.06 27.23
N LEU A 3330 51.23 20.05 28.47
CA LEU A 3330 52.44 20.82 28.76
C LEU A 3330 53.62 20.32 27.95
N GLY A 3331 53.74 19.00 27.82
CA GLY A 3331 54.84 18.45 27.04
C GLY A 3331 54.73 18.81 25.58
N THR A 3332 53.52 18.81 25.03
CA THR A 3332 53.34 19.19 23.64
C THR A 3332 53.69 20.65 23.43
N THR A 3333 53.34 21.50 24.40
CA THR A 3333 53.73 22.90 24.32
C THR A 3333 55.24 23.04 24.29
N TYR A 3334 55.93 22.31 25.17
CA TYR A 3334 57.38 22.39 25.19
C TYR A 3334 57.97 21.89 23.87
N ARG A 3335 57.40 20.82 23.32
CA ARG A 3335 57.86 20.34 22.03
C ARG A 3335 57.65 21.37 20.95
N ILE A 3336 56.50 22.06 20.97
CA ILE A 3336 56.24 23.09 19.97
C ILE A 3336 57.29 24.17 20.05
N ILE A 3337 57.60 24.63 21.26
CA ILE A 3337 58.57 25.70 21.40
C ILE A 3337 59.96 25.24 20.95
N ALA A 3338 60.35 24.04 21.36
CA ALA A 3338 61.66 23.52 20.97
C ALA A 3338 61.77 23.37 19.46
N ASN A 3339 60.73 22.84 18.82
CA ASN A 3339 60.74 22.68 17.38
C ASN A 3339 60.76 24.03 16.68
N ALA A 3340 60.05 25.01 17.24
CA ALA A 3340 60.09 26.35 16.66
C ALA A 3340 61.48 26.93 16.73
N LEU A 3341 62.22 26.61 17.80
CA LEU A 3341 63.59 27.08 17.90
C LEU A 3341 64.52 26.32 16.97
N SER A 3342 64.28 25.03 16.76
CA SER A 3342 65.18 24.23 15.94
C SER A 3342 64.96 24.43 14.44
N SER A 3343 63.72 24.58 14.01
CA SER A 3343 63.41 24.68 12.58
C SER A 3343 64.10 25.89 11.98
N GLU A 3344 63.70 27.07 12.42
CA GLU A 3344 64.60 28.15 12.05
C GLU A 3344 65.43 28.52 13.26
N PRO A 3345 66.68 28.95 13.05
CA PRO A 3345 67.58 29.19 14.18
C PRO A 3345 67.03 30.20 15.17
N ALA A 3346 67.66 30.24 16.32
CA ALA A 3346 67.23 31.04 17.46
C ALA A 3346 67.53 32.51 17.30
N CYS A 3347 67.82 32.96 16.07
CA CYS A 3347 68.15 34.35 15.78
C CYS A 3347 67.11 35.33 16.31
N LEU A 3348 65.92 34.83 16.67
CA LEU A 3348 64.87 35.63 17.27
C LEU A 3348 65.22 36.11 18.66
N ALA A 3349 66.37 35.69 19.21
CA ALA A 3349 66.77 36.12 20.54
C ALA A 3349 66.83 37.64 20.64
N GLU A 3350 67.49 38.27 19.68
CA GLU A 3350 67.69 39.72 19.74
C GLU A 3350 66.49 40.51 19.26
N ILE A 3351 65.44 39.85 18.75
CA ILE A 3351 64.29 40.58 18.21
C ILE A 3351 63.00 40.12 18.87
N GLU A 3352 63.09 39.39 19.98
CA GLU A 3352 61.90 38.91 20.66
C GLU A 3352 61.85 39.40 22.11
N GLU A 3353 62.02 40.71 22.30
CA GLU A 3353 61.65 41.41 23.54
C GLU A 3353 62.18 40.69 24.78
N ASP A 3354 63.51 40.82 24.95
CA ASP A 3354 64.34 39.94 25.77
C ASP A 3354 63.72 39.50 27.09
N LYS A 3355 62.73 40.22 27.61
CA LYS A 3355 61.97 39.67 28.74
C LYS A 3355 61.35 38.33 28.35
N ALA A 3356 60.88 38.23 27.10
CA ALA A 3356 60.34 36.97 26.60
C ALA A 3356 61.41 35.90 26.58
N ARG A 3357 62.62 36.24 26.14
CA ARG A 3357 63.69 35.26 26.18
C ARG A 3357 64.08 34.91 27.62
N ARG A 3358 63.89 35.82 28.56
CA ARG A 3358 64.23 35.53 29.95
C ARG A 3358 63.25 34.52 30.53
N ILE A 3359 61.95 34.74 30.32
CA ILE A 3359 60.98 33.73 30.77
C ILE A 3359 61.18 32.43 30.01
N LEU A 3360 61.59 32.49 28.73
CA LEU A 3360 61.90 31.29 27.98
C LEU A 3360 63.07 30.54 28.61
N GLU A 3361 64.12 31.26 29.01
CA GLU A 3361 65.28 30.61 29.61
C GLU A 3361 64.92 29.97 30.94
N LEU A 3362 64.12 30.68 31.75
CA LEU A 3362 63.64 30.07 32.98
C LEU A 3362 62.75 28.86 32.71
N SER A 3363 62.09 28.83 31.54
CA SER A 3363 61.41 27.62 31.10
C SER A 3363 62.40 26.54 30.71
N GLY A 3364 63.56 26.92 30.23
CA GLY A 3364 64.58 25.96 29.87
C GLY A 3364 65.18 25.30 31.09
N SER A 3365 66.38 24.75 30.96
CA SER A 3365 67.03 24.07 32.06
C SER A 3365 68.36 24.69 32.46
N SER A 3366 69.24 24.95 31.49
CA SER A 3366 70.58 25.42 31.80
C SER A 3366 70.86 26.85 31.37
N SER A 3367 70.22 27.32 30.29
CA SER A 3367 70.23 28.73 29.91
C SER A 3367 71.62 29.28 29.62
N GLU A 3368 72.31 28.72 28.63
CA GLU A 3368 73.57 29.30 28.15
C GLU A 3368 73.47 29.72 26.70
N ASP A 3369 73.09 28.82 25.79
CA ASP A 3369 73.00 29.16 24.38
C ASP A 3369 71.77 28.49 23.78
N SER A 3370 71.60 28.69 22.48
CA SER A 3370 70.42 28.18 21.79
C SER A 3370 70.36 26.66 21.87
N GLU A 3371 71.47 25.99 21.57
CA GLU A 3371 71.47 24.53 21.55
C GLU A 3371 71.18 23.97 22.94
N LYS A 3372 71.80 24.53 23.97
CA LYS A 3372 71.61 24.01 25.31
C LYS A 3372 70.19 24.27 25.83
N VAL A 3373 69.65 25.46 25.57
CA VAL A 3373 68.28 25.73 26.00
C VAL A 3373 67.31 24.87 25.23
N ILE A 3374 67.58 24.59 23.95
CA ILE A 3374 66.74 23.69 23.18
C ILE A 3374 66.77 22.29 23.78
N ALA A 3375 67.96 21.82 24.14
CA ALA A 3375 68.06 20.50 24.76
C ALA A 3375 67.30 20.45 26.08
N GLY A 3376 67.39 21.51 26.87
CA GLY A 3376 66.63 21.55 28.11
C GLY A 3376 65.13 21.53 27.88
N LEU A 3377 64.67 22.28 26.88
CA LEU A 3377 63.26 22.27 26.53
C LEU A 3377 62.82 20.86 26.13
N TYR A 3378 63.64 20.20 25.31
CA TYR A 3378 63.31 18.84 24.90
C TYR A 3378 63.24 17.91 26.09
N GLN A 3379 64.16 18.06 27.03
CA GLN A 3379 64.14 17.22 28.22
C GLN A 3379 62.89 17.46 29.05
N ARG A 3380 62.48 18.72 29.18
CA ARG A 3380 61.24 19.01 29.90
C ARG A 3380 60.06 18.34 29.22
N ALA A 3381 59.99 18.43 27.90
CA ALA A 3381 58.90 17.81 27.17
C ALA A 3381 58.90 16.30 27.38
N PHE A 3382 60.07 15.68 27.30
CA PHE A 3382 60.17 14.24 27.50
C PHE A 3382 59.73 13.87 28.89
N GLN A 3383 60.10 14.66 29.90
CA GLN A 3383 59.69 14.38 31.26
C GLN A 3383 58.18 14.43 31.40
N HIS A 3384 57.55 15.46 30.83
CA HIS A 3384 56.12 15.60 31.00
C HIS A 3384 55.37 14.49 30.26
N LEU A 3385 55.81 14.14 29.05
CA LEU A 3385 55.20 13.01 28.36
C LEU A 3385 55.36 11.71 29.15
N SER A 3386 56.55 11.51 29.72
CA SER A 3386 56.78 10.29 30.48
C SER A 3386 55.86 10.22 31.70
N GLU A 3387 55.70 11.34 32.41
CA GLU A 3387 54.78 11.36 33.53
C GLU A 3387 53.36 11.09 33.07
N ALA A 3388 52.99 11.61 31.90
CA ALA A 3388 51.64 11.42 31.40
C ALA A 3388 51.37 9.96 31.09
N VAL A 3389 52.28 9.30 30.36
CA VAL A 3389 52.05 7.90 30.05
C VAL A 3389 52.12 7.04 31.31
N GLN A 3390 52.99 7.41 32.25
CA GLN A 3390 53.03 6.70 33.52
C GLN A 3390 51.68 6.76 34.21
N ALA A 3391 51.08 7.95 34.27
CA ALA A 3391 49.74 8.08 34.81
C ALA A 3391 48.68 7.43 33.95
N ALA A 3392 48.99 7.14 32.69
CA ALA A 3392 48.06 6.41 31.83
C ALA A 3392 48.02 4.92 32.14
N GLU A 3393 48.98 4.43 32.92
CA GLU A 3393 49.01 3.00 33.21
C GLU A 3393 47.89 2.58 34.16
N GLU A 3394 47.50 3.45 35.08
CA GLU A 3394 46.44 3.12 36.04
C GLU A 3394 45.10 3.13 35.33
N GLU A 3395 44.56 1.94 35.08
CA GLU A 3395 43.28 1.77 34.41
C GLU A 3395 42.42 0.78 35.19
N ALA A 3396 41.13 0.76 34.86
CA ALA A 3396 40.19 -0.13 35.52
C ALA A 3396 40.55 -1.59 35.29
N PRO A 3405 38.45 7.90 29.75
CA PRO A 3405 39.58 7.03 29.42
C PRO A 3405 39.58 6.65 27.93
N ALA A 3406 39.81 5.37 27.65
CA ALA A 3406 39.81 4.86 26.27
C ALA A 3406 40.68 5.70 25.35
N ALA A 3407 40.09 6.74 24.75
CA ALA A 3407 40.82 7.62 23.84
C ALA A 3407 42.08 8.16 24.47
N GLY A 3408 42.03 8.50 25.76
CA GLY A 3408 43.13 9.21 26.39
C GLY A 3408 44.41 8.40 26.48
N VAL A 3409 44.29 7.12 26.84
CA VAL A 3409 45.49 6.30 26.96
C VAL A 3409 46.16 6.11 25.61
N ILE A 3410 45.37 5.91 24.57
CA ILE A 3410 45.93 5.83 23.22
C ILE A 3410 46.58 7.15 22.85
N ASP A 3411 45.96 8.26 23.21
CA ASP A 3411 46.52 9.57 22.92
C ASP A 3411 47.87 9.74 23.60
N ALA A 3412 47.97 9.33 24.86
CA ALA A 3412 49.23 9.51 25.60
C ALA A 3412 50.33 8.62 25.03
N TYR A 3413 50.04 7.34 24.83
CA TYR A 3413 51.00 6.45 24.17
C TYR A 3413 51.45 7.03 22.84
N MET A 3414 50.50 7.40 21.99
CA MET A 3414 50.87 7.78 20.64
C MET A 3414 51.60 9.11 20.63
N THR A 3415 51.27 10.02 21.55
CA THR A 3415 51.97 11.28 21.62
C THR A 3415 53.42 11.08 22.04
N LEU A 3416 53.65 10.25 23.06
CA LEU A 3416 55.02 9.99 23.46
C LEU A 3416 55.79 9.29 22.34
N ALA A 3417 55.14 8.31 21.70
CA ALA A 3417 55.79 7.61 20.60
C ALA A 3417 56.13 8.56 19.47
N ASP A 3418 55.21 9.47 19.13
CA ASP A 3418 55.49 10.45 18.09
C ASP A 3418 56.65 11.35 18.47
N PHE A 3419 56.66 11.84 19.71
CA PHE A 3419 57.75 12.71 20.12
C PHE A 3419 59.10 12.02 19.95
N CYS A 3420 59.21 10.81 20.50
CA CYS A 3420 60.47 10.10 20.38
C CYS A 3420 60.77 9.74 18.93
N ASP A 3421 59.75 9.51 18.11
CA ASP A 3421 59.98 9.19 16.71
C ASP A 3421 60.56 10.38 15.96
N GLN A 3422 60.01 11.56 16.18
CA GLN A 3422 60.59 12.75 15.57
C GLN A 3422 62.02 12.94 16.04
N GLN A 3423 62.27 12.74 17.34
CA GLN A 3423 63.64 12.90 17.83
C GLN A 3423 64.59 11.92 17.16
N LEU A 3424 64.17 10.65 17.08
CA LEU A 3424 65.04 9.64 16.47
C LEU A 3424 65.29 9.94 15.00
N ARG A 3425 64.26 10.39 14.28
CA ARG A 3425 64.44 10.72 12.88
C ARG A 3425 65.37 11.91 12.70
N LYS A 3426 65.23 12.94 13.55
CA LYS A 3426 66.13 14.08 13.48
C LYS A 3426 67.57 13.65 13.72
N GLU A 3427 67.78 12.78 14.71
CA GLU A 3427 69.13 12.32 14.98
C GLU A 3427 69.68 11.50 13.81
N GLU A 3428 68.85 10.62 13.24
CA GLU A 3428 69.29 9.84 12.09
C GLU A 3428 69.61 10.72 10.89
N GLU A 3429 68.95 11.86 10.76
CA GLU A 3429 69.34 12.83 9.74
C GLU A 3429 70.63 13.54 10.11
N ASN A 3430 70.85 13.83 11.39
CA ASN A 3430 72.06 14.52 11.82
C ASN A 3430 73.11 13.51 12.29
N LEU A 3439 70.05 10.09 24.89
CA LEU A 3439 68.90 9.49 24.23
C LEU A 3439 69.16 8.01 23.95
N GLN A 3440 68.67 7.15 24.84
CA GLN A 3440 68.88 5.72 24.68
C GLN A 3440 67.56 4.98 24.77
N ALA A 3441 66.67 5.46 25.64
CA ALA A 3441 65.40 4.81 25.89
C ALA A 3441 64.37 5.12 24.80
N TYR A 3442 64.71 5.99 23.87
CA TYR A 3442 63.78 6.39 22.83
C TYR A 3442 63.37 5.22 21.93
N PRO A 3443 64.30 4.42 21.37
CA PRO A 3443 63.83 3.34 20.48
C PRO A 3443 63.01 2.28 21.19
N ALA A 3444 63.51 1.76 22.31
CA ALA A 3444 62.75 0.75 23.04
C ALA A 3444 61.40 1.31 23.48
N LEU A 3445 61.38 2.58 23.86
CA LEU A 3445 60.14 3.18 24.31
C LEU A 3445 59.17 3.37 23.16
N VAL A 3446 59.66 3.76 21.98
CA VAL A 3446 58.80 3.85 20.80
C VAL A 3446 58.17 2.49 20.52
N VAL A 3447 59.00 1.45 20.46
CA VAL A 3447 58.48 0.13 20.12
C VAL A 3447 57.43 -0.29 21.14
N GLU A 3448 57.76 -0.20 22.43
CA GLU A 3448 56.84 -0.66 23.45
C GLU A 3448 55.56 0.16 23.45
N LYS A 3449 55.67 1.47 23.30
CA LYS A 3449 54.50 2.33 23.39
C LYS A 3449 53.56 2.12 22.21
N MET A 3450 54.09 2.11 20.99
CA MET A 3450 53.14 1.96 19.91
C MET A 3450 52.68 0.52 19.73
N LEU A 3451 53.41 -0.47 20.27
CA LEU A 3451 52.81 -1.79 20.32
C LEU A 3451 51.70 -1.86 21.37
N LYS A 3452 51.86 -1.15 22.49
CA LYS A 3452 50.76 -1.04 23.42
C LYS A 3452 49.59 -0.31 22.81
N ALA A 3453 49.86 0.56 21.84
CA ALA A 3453 48.79 1.19 21.09
C ALA A 3453 48.10 0.21 20.15
N LEU A 3454 48.88 -0.60 19.42
CA LEU A 3454 48.29 -1.63 18.57
C LEU A 3454 47.47 -2.64 19.37
N LYS A 3455 47.85 -2.90 20.61
CA LYS A 3455 47.00 -3.75 21.45
C LYS A 3455 45.61 -3.15 21.57
N LEU A 3456 45.52 -1.82 21.55
CA LEU A 3456 44.27 -1.12 21.37
C LEU A 3456 43.99 -0.93 19.89
N ASN A 3457 42.76 -0.53 19.56
CA ASN A 3457 42.46 -0.21 18.17
C ASN A 3457 42.85 1.24 17.94
N SER A 3458 44.12 1.46 17.58
CA SER A 3458 44.64 2.79 17.32
C SER A 3458 45.06 2.86 15.86
N ASN A 3459 44.20 3.44 15.03
CA ASN A 3459 44.46 3.48 13.59
C ASN A 3459 45.72 4.28 13.28
N GLU A 3460 46.00 5.33 14.07
CA GLU A 3460 47.24 6.06 13.86
C GLU A 3460 48.44 5.16 14.09
N ALA A 3461 48.42 4.36 15.15
CA ALA A 3461 49.52 3.45 15.40
C ALA A 3461 49.61 2.38 14.32
N ARG A 3462 48.45 1.89 13.86
CA ARG A 3462 48.45 0.90 12.79
C ARG A 3462 49.09 1.46 11.53
N LEU A 3463 48.81 2.73 11.23
CA LEU A 3463 49.40 3.36 10.05
C LEU A 3463 50.89 3.56 10.22
N LYS A 3464 51.32 4.00 11.40
CA LYS A 3464 52.74 4.26 11.61
C LYS A 3464 53.54 3.00 11.85
N PHE A 3465 52.88 1.85 11.98
CA PHE A 3465 53.55 0.58 12.30
C PHE A 3465 54.93 0.38 11.65
N PRO A 3466 55.10 0.46 10.33
CA PRO A 3466 56.39 0.07 9.75
C PRO A 3466 57.56 0.93 10.19
N ARG A 3467 57.29 2.05 10.86
CA ARG A 3467 58.38 2.72 11.56
C ARG A 3467 59.03 1.77 12.53
N LEU A 3468 58.27 0.83 13.10
CA LEU A 3468 58.88 -0.22 13.91
C LEU A 3468 59.87 -1.03 13.10
N LEU A 3469 59.43 -1.56 11.96
CA LEU A 3469 60.30 -2.40 11.15
C LEU A 3469 61.55 -1.65 10.71
N GLN A 3470 61.49 -0.33 10.61
CA GLN A 3470 62.70 0.45 10.44
C GLN A 3470 63.51 0.58 11.73
N ILE A 3471 62.84 0.73 12.87
CA ILE A 3471 63.47 0.73 14.18
C ILE A 3471 64.16 -0.61 14.46
N ILE A 3472 63.93 -1.61 13.64
CA ILE A 3472 64.53 -2.91 13.89
C ILE A 3472 65.85 -3.13 13.16
N GLU A 3473 65.97 -2.76 11.89
CA GLU A 3473 67.25 -3.00 11.23
C GLU A 3473 68.35 -2.17 11.89
N ARG A 3474 68.06 -0.92 12.23
CA ARG A 3474 68.92 -0.19 13.15
C ARG A 3474 68.45 -0.47 14.57
N TYR A 3475 69.26 -0.06 15.53
CA TYR A 3475 69.03 -0.37 16.94
C TYR A 3475 68.66 -1.85 17.12
N PRO A 3476 69.38 -2.77 16.48
CA PRO A 3476 68.96 -4.18 16.53
C PRO A 3476 69.12 -4.80 17.90
N GLU A 3477 69.82 -4.14 18.82
CA GLU A 3477 69.86 -4.60 20.19
C GLU A 3477 68.48 -4.54 20.84
N GLU A 3478 67.61 -3.66 20.35
CA GLU A 3478 66.22 -3.60 20.77
C GLU A 3478 65.30 -4.40 19.87
N THR A 3479 65.85 -5.17 18.94
CA THR A 3479 65.10 -6.20 18.25
C THR A 3479 64.93 -7.46 19.09
N LEU A 3480 65.19 -7.35 20.38
CA LEU A 3480 65.19 -8.49 21.29
C LEU A 3480 63.75 -8.84 21.68
N SER A 3481 63.60 -9.63 22.74
CA SER A 3481 62.32 -10.21 23.13
C SER A 3481 61.25 -9.13 23.33
N LEU A 3482 61.67 -7.95 23.77
CA LEU A 3482 60.77 -6.80 23.87
C LEU A 3482 59.86 -6.70 22.65
N MET A 3483 60.47 -6.60 21.47
CA MET A 3483 59.71 -6.58 20.24
C MET A 3483 58.85 -7.83 20.11
N THR A 3484 59.47 -9.00 20.27
CA THR A 3484 58.74 -10.24 20.04
C THR A 3484 57.67 -10.48 21.09
N LYS A 3485 58.02 -10.24 22.36
CA LYS A 3485 57.04 -10.46 23.42
C LYS A 3485 55.87 -9.51 23.31
N GLU A 3486 56.13 -8.25 22.93
CA GLU A 3486 55.04 -7.31 22.73
C GLU A 3486 54.18 -7.71 21.55
N ILE A 3487 54.80 -8.14 20.44
CA ILE A 3487 54.03 -8.53 19.27
C ILE A 3487 53.20 -9.79 19.52
N SER A 3488 53.69 -10.72 20.34
CA SER A 3488 52.88 -11.88 20.69
C SER A 3488 51.58 -11.45 21.36
N SER A 3489 51.57 -10.30 22.02
CA SER A 3489 50.35 -9.79 22.64
C SER A 3489 49.39 -9.21 21.63
N VAL A 3490 49.88 -8.71 20.51
CA VAL A 3490 49.04 -7.95 19.56
C VAL A 3490 47.98 -8.86 18.97
N PRO A 3491 46.74 -8.40 18.83
CA PRO A 3491 45.76 -9.15 18.04
C PRO A 3491 46.26 -9.35 16.62
N CYS A 3492 45.94 -10.51 16.06
CA CYS A 3492 46.45 -10.84 14.74
C CYS A 3492 45.84 -9.99 13.62
N TRP A 3493 44.58 -9.62 13.74
CA TRP A 3493 43.89 -8.99 12.62
C TRP A 3493 44.33 -7.56 12.37
N GLN A 3494 45.37 -7.08 13.02
CA GLN A 3494 46.14 -5.98 12.48
C GLN A 3494 47.08 -6.59 11.45
N PHE A 3495 48.06 -5.82 10.98
CA PHE A 3495 49.13 -6.38 10.17
C PHE A 3495 48.66 -6.90 8.82
N ILE A 3496 47.36 -6.95 8.58
CA ILE A 3496 46.87 -7.48 7.32
C ILE A 3496 47.39 -6.63 6.17
N SER A 3497 47.34 -5.32 6.34
CA SER A 3497 47.80 -4.39 5.33
C SER A 3497 49.32 -4.27 5.29
N TRP A 3498 50.03 -4.88 6.23
CA TRP A 3498 51.49 -4.85 6.24
C TRP A 3498 52.11 -6.22 6.04
N ILE A 3499 51.30 -7.21 5.66
CA ILE A 3499 51.84 -8.51 5.30
C ILE A 3499 52.87 -8.38 4.20
N SER A 3500 52.65 -7.47 3.26
CA SER A 3500 53.56 -7.32 2.14
C SER A 3500 54.93 -6.84 2.57
N HIS A 3501 55.09 -6.36 3.81
CA HIS A 3501 56.39 -6.07 4.40
C HIS A 3501 56.89 -7.22 5.26
N MET A 3502 56.02 -7.79 6.07
CA MET A 3502 56.45 -8.88 6.94
C MET A 3502 56.96 -10.07 6.15
N VAL A 3503 56.19 -10.55 5.19
CA VAL A 3503 56.64 -11.71 4.43
C VAL A 3503 57.87 -11.35 3.63
N ALA A 3504 58.01 -10.08 3.23
CA ALA A 3504 59.20 -9.65 2.53
C ALA A 3504 60.44 -9.79 3.41
N LEU A 3505 60.32 -9.45 4.69
CA LEU A 3505 61.47 -9.51 5.58
C LEU A 3505 61.56 -10.82 6.37
N LEU A 3506 60.70 -11.80 6.07
CA LEU A 3506 60.83 -13.10 6.72
C LEU A 3506 62.18 -13.78 6.46
N ASP A 3507 62.89 -13.40 5.39
CA ASP A 3507 64.08 -14.13 5.01
C ASP A 3507 65.32 -13.67 5.77
N LYS A 3508 65.56 -12.36 5.81
CA LYS A 3508 66.81 -11.84 6.33
C LYS A 3508 66.81 -11.83 7.85
N ASP A 3509 67.75 -11.11 8.45
CA ASP A 3509 67.81 -10.98 9.89
C ASP A 3509 66.50 -10.41 10.42
N GLN A 3510 66.37 -10.43 11.75
CA GLN A 3510 65.14 -10.04 12.45
C GLN A 3510 63.91 -10.71 11.84
N ALA A 3511 64.10 -11.92 11.30
CA ALA A 3511 62.96 -12.73 10.89
C ALA A 3511 62.07 -13.05 12.08
N VAL A 3512 62.61 -13.01 13.29
CA VAL A 3512 61.81 -13.17 14.50
C VAL A 3512 61.00 -11.89 14.63
N ALA A 3513 60.00 -11.89 15.51
CA ALA A 3513 59.13 -10.76 15.78
C ALA A 3513 58.15 -10.54 14.64
N VAL A 3514 58.35 -11.27 13.54
CA VAL A 3514 57.30 -11.46 12.56
C VAL A 3514 56.99 -12.94 12.35
N GLN A 3515 57.84 -13.83 12.82
CA GLN A 3515 57.56 -15.26 12.69
C GLN A 3515 56.25 -15.60 13.38
N HIS A 3516 56.04 -15.12 14.61
CA HIS A 3516 54.83 -15.48 15.34
C HIS A 3516 53.59 -14.97 14.64
N SER A 3517 53.57 -13.69 14.30
CA SER A 3517 52.39 -13.10 13.68
C SER A 3517 52.11 -13.72 12.33
N VAL A 3518 53.16 -13.95 11.52
CA VAL A 3518 52.97 -14.56 10.20
C VAL A 3518 52.47 -15.99 10.34
N GLU A 3519 53.10 -16.78 11.21
CA GLU A 3519 52.68 -18.16 11.37
C GLU A 3519 51.30 -18.27 12.00
N GLU A 3520 50.82 -17.23 12.65
CA GLU A 3520 49.48 -17.37 13.22
C GLU A 3520 48.43 -16.83 12.26
N ILE A 3521 48.76 -15.79 11.47
CA ILE A 3521 47.86 -15.34 10.41
C ILE A 3521 47.70 -16.42 9.35
N THR A 3522 48.77 -17.16 9.05
CA THR A 3522 48.66 -18.26 8.10
C THR A 3522 47.66 -19.29 8.61
N ASP A 3523 47.65 -19.54 9.92
CA ASP A 3523 46.69 -20.49 10.48
C ASP A 3523 45.28 -19.94 10.46
N ASN A 3524 45.12 -18.68 10.89
CA ASN A 3524 43.79 -18.16 11.21
C ASN A 3524 43.10 -17.56 9.99
N TYR A 3525 43.77 -16.68 9.26
CA TYR A 3525 43.21 -16.03 8.07
C TYR A 3525 44.13 -16.27 6.89
N PRO A 3526 44.09 -17.46 6.30
CA PRO A 3526 44.71 -17.64 5.00
C PRO A 3526 43.85 -16.96 3.95
N GLN A 3527 44.34 -16.95 2.71
CA GLN A 3527 43.77 -16.20 1.61
C GLN A 3527 44.04 -14.71 1.80
N ALA A 3528 44.60 -14.35 2.95
CA ALA A 3528 45.09 -13.00 3.20
C ALA A 3528 46.59 -12.90 3.12
N ILE A 3529 47.28 -14.03 3.23
CA ILE A 3529 48.73 -14.05 3.12
C ILE A 3529 49.20 -14.84 1.91
N VAL A 3530 48.31 -15.54 1.20
CA VAL A 3530 48.74 -16.44 0.15
C VAL A 3530 49.32 -15.68 -1.03
N TYR A 3531 48.65 -14.62 -1.47
CA TYR A 3531 49.20 -13.85 -2.59
C TYR A 3531 50.50 -13.16 -2.22
N PRO A 3532 50.61 -12.42 -1.11
CA PRO A 3532 51.90 -11.82 -0.79
C PRO A 3532 52.98 -12.86 -0.57
N PHE A 3533 52.63 -14.01 -0.01
CA PHE A 3533 53.63 -15.05 0.18
C PHE A 3533 54.12 -15.60 -1.15
N ILE A 3534 53.21 -15.81 -2.10
CA ILE A 3534 53.64 -16.28 -3.42
C ILE A 3534 54.55 -15.25 -4.07
N ILE A 3535 54.20 -13.97 -3.96
CA ILE A 3535 55.02 -12.93 -4.58
C ILE A 3535 56.40 -12.92 -3.95
N SER A 3536 56.47 -13.00 -2.62
CA SER A 3536 57.75 -12.86 -1.95
C SER A 3536 58.60 -14.11 -2.09
N SER A 3537 58.00 -15.29 -1.98
CA SER A 3537 58.77 -16.52 -1.91
C SER A 3537 59.57 -16.80 -3.17
N GLU A 3538 59.15 -16.27 -4.31
CA GLU A 3538 59.94 -16.43 -5.52
C GLU A 3538 61.12 -15.49 -5.57
N SER A 3539 61.44 -14.80 -4.48
CA SER A 3539 62.45 -13.75 -4.54
C SER A 3539 63.48 -13.76 -3.43
N TYR A 3540 63.22 -14.39 -2.28
CA TYR A 3540 64.16 -14.30 -1.17
C TYR A 3540 64.84 -15.62 -0.89
N SER A 3541 66.12 -15.54 -0.51
CA SER A 3541 66.98 -16.68 -0.28
C SER A 3541 67.67 -16.54 1.06
N PHE A 3542 67.96 -17.69 1.68
CA PHE A 3542 68.48 -17.72 3.05
C PHE A 3542 70.00 -17.86 3.04
N LYS A 3543 70.67 -16.79 2.60
CA LYS A 3543 72.12 -16.70 2.70
C LYS A 3543 72.53 -16.24 4.10
N ASP A 3544 72.08 -17.01 5.09
CA ASP A 3544 72.46 -16.81 6.48
C ASP A 3544 73.25 -17.99 7.03
N THR A 3545 72.78 -19.22 6.78
CA THR A 3545 73.49 -20.46 7.06
C THR A 3545 73.79 -20.65 8.54
N SER A 3546 73.35 -19.72 9.39
CA SER A 3546 73.44 -19.88 10.83
C SER A 3546 72.06 -19.97 11.46
N THR A 3547 71.23 -18.97 11.25
CA THR A 3547 69.79 -19.06 11.48
C THR A 3547 69.03 -19.14 10.17
N GLY A 3548 69.73 -19.13 9.04
CA GLY A 3548 69.06 -19.35 7.76
C GLY A 3548 68.43 -20.73 7.69
N HIS A 3549 69.08 -21.72 8.29
CA HIS A 3549 68.45 -23.03 8.44
C HIS A 3549 67.40 -23.02 9.54
N LYS A 3550 67.32 -21.95 10.32
CA LYS A 3550 66.27 -21.74 11.30
C LYS A 3550 65.12 -20.94 10.72
N ASN A 3551 65.19 -20.58 9.45
CA ASN A 3551 64.13 -19.79 8.81
C ASN A 3551 63.64 -20.45 7.54
N LYS A 3552 64.52 -21.20 6.86
CA LYS A 3552 64.13 -21.89 5.66
C LYS A 3552 63.08 -22.96 5.97
N GLU A 3553 63.31 -23.75 7.01
CA GLU A 3553 62.30 -24.71 7.42
C GLU A 3553 61.03 -24.02 7.85
N PHE A 3554 61.14 -22.81 8.42
CA PHE A 3554 59.94 -22.09 8.84
C PHE A 3554 59.10 -21.67 7.64
N VAL A 3555 59.75 -21.10 6.62
CA VAL A 3555 58.99 -20.70 5.44
C VAL A 3555 58.44 -21.93 4.73
N ALA A 3556 59.17 -23.05 4.77
CA ALA A 3556 58.62 -24.29 4.23
C ALA A 3556 57.37 -24.70 4.99
N ARG A 3557 57.39 -24.57 6.32
CA ARG A 3557 56.23 -24.90 7.12
C ARG A 3557 55.04 -24.02 6.74
N ILE A 3558 55.29 -22.72 6.57
CA ILE A 3558 54.22 -21.81 6.17
C ILE A 3558 53.67 -22.19 4.80
N LYS A 3559 54.56 -22.49 3.86
CA LYS A 3559 54.13 -22.83 2.51
C LYS A 3559 53.26 -24.08 2.52
N SER A 3560 53.69 -25.10 3.27
CA SER A 3560 52.88 -26.32 3.40
C SER A 3560 51.54 -26.00 4.04
N LYS A 3561 51.54 -25.11 5.03
CA LYS A 3561 50.28 -24.73 5.66
C LYS A 3561 49.37 -23.96 4.70
N LEU A 3562 49.94 -23.30 3.70
CA LEU A 3562 49.16 -22.50 2.75
C LEU A 3562 48.57 -23.34 1.63
N ASP A 3563 49.42 -24.04 0.87
CA ASP A 3563 48.98 -24.68 -0.36
C ASP A 3563 48.13 -25.92 -0.04
N GLN A 3564 46.87 -25.66 0.34
CA GLN A 3564 46.01 -26.73 0.84
C GLN A 3564 45.85 -27.85 -0.18
N GLY A 3565 45.54 -27.50 -1.44
CA GLY A 3565 45.35 -28.49 -2.47
C GLY A 3565 45.79 -27.97 -3.82
N GLY A 3566 46.57 -26.90 -3.80
CA GLY A 3566 46.98 -26.28 -5.03
C GLY A 3566 45.88 -25.55 -5.77
N VAL A 3567 44.78 -25.23 -5.10
CA VAL A 3567 43.70 -24.52 -5.77
C VAL A 3567 44.16 -23.12 -6.18
N ILE A 3568 44.89 -22.43 -5.30
CA ILE A 3568 45.39 -21.10 -5.64
C ILE A 3568 46.38 -21.19 -6.79
N GLN A 3569 47.27 -22.18 -6.75
CA GLN A 3569 48.22 -22.30 -7.82
C GLN A 3569 47.53 -22.62 -9.14
N ASP A 3570 46.46 -23.41 -9.10
CA ASP A 3570 45.72 -23.68 -10.33
C ASP A 3570 45.00 -22.42 -10.81
N PHE A 3571 44.51 -21.61 -9.88
CA PHE A 3571 43.86 -20.36 -10.28
C PHE A 3571 44.85 -19.43 -10.98
N ILE A 3572 46.05 -19.29 -10.43
CA ILE A 3572 47.04 -18.43 -11.07
C ILE A 3572 47.49 -19.02 -12.40
N ASN A 3573 47.66 -20.34 -12.46
CA ASN A 3573 48.02 -20.98 -13.72
C ASN A 3573 46.92 -20.84 -14.75
N ALA A 3574 45.67 -20.74 -14.32
CA ALA A 3574 44.58 -20.50 -15.25
C ALA A 3574 44.58 -19.07 -15.73
N LEU A 3575 44.83 -18.12 -14.83
CA LEU A 3575 44.87 -16.72 -15.22
C LEU A 3575 45.97 -16.46 -16.21
N ASP A 3576 47.16 -17.01 -15.99
CA ASP A 3576 48.27 -16.61 -16.85
C ASP A 3576 48.20 -17.26 -18.23
N GLN A 3577 47.18 -18.08 -18.49
CA GLN A 3577 46.90 -18.46 -19.87
C GLN A 3577 46.55 -17.24 -20.70
N LEU A 3578 45.77 -16.33 -20.12
CA LEU A 3578 45.26 -15.17 -20.83
C LEU A 3578 46.34 -14.17 -21.19
N SER A 3579 47.55 -14.30 -20.63
CA SER A 3579 48.64 -13.48 -21.10
C SER A 3579 49.05 -13.92 -22.51
N ASN A 3580 49.39 -12.94 -23.33
CA ASN A 3580 49.73 -13.25 -24.73
C ASN A 3580 51.11 -13.87 -24.81
N PRO A 3581 51.23 -15.03 -25.47
CA PRO A 3581 52.55 -15.67 -25.57
C PRO A 3581 53.58 -14.80 -26.25
N GLU A 3582 53.19 -14.00 -27.24
CA GLU A 3582 54.14 -13.13 -27.91
C GLU A 3582 54.71 -12.08 -26.94
N LEU A 3583 53.84 -11.47 -26.14
CA LEU A 3583 54.31 -10.50 -25.17
C LEU A 3583 55.20 -11.15 -24.13
N LEU A 3584 54.82 -12.34 -23.65
CA LEU A 3584 55.63 -13.03 -22.67
C LEU A 3584 57.00 -13.38 -23.25
N PHE A 3585 57.02 -13.82 -24.50
CA PHE A 3585 58.29 -14.12 -25.16
C PHE A 3585 59.15 -12.88 -25.29
N LYS A 3586 58.55 -11.76 -25.66
CA LYS A 3586 59.33 -10.53 -25.80
C LYS A 3586 59.93 -10.13 -24.47
N ASP A 3587 59.14 -10.23 -23.40
CA ASP A 3587 59.68 -9.92 -22.08
C ASP A 3587 60.81 -10.86 -21.71
N TRP A 3588 60.65 -12.15 -22.01
CA TRP A 3588 61.72 -13.10 -21.72
C TRP A 3588 62.98 -12.77 -22.51
N SER A 3589 62.82 -12.43 -23.79
CA SER A 3589 63.98 -12.09 -24.62
C SER A 3589 64.69 -10.86 -24.09
N ASN A 3590 63.93 -9.84 -23.70
CA ASN A 3590 64.56 -8.66 -23.10
C ASN A 3590 65.26 -9.02 -21.80
N ASP A 3591 64.69 -9.93 -21.01
CA ASP A 3591 65.35 -10.36 -19.78
C ASP A 3591 66.68 -11.05 -20.10
N VAL A 3592 66.70 -11.90 -21.12
CA VAL A 3592 67.91 -12.65 -21.43
C VAL A 3592 68.98 -11.69 -22.00
N ARG A 3593 68.57 -10.77 -22.88
CA ARG A 3593 69.51 -9.80 -23.42
C ARG A 3593 70.06 -8.90 -22.33
N ALA A 3594 69.23 -8.48 -21.39
CA ALA A 3594 69.66 -7.63 -20.29
C ALA A 3594 70.58 -8.35 -19.31
N GLU A 3595 70.80 -9.65 -19.50
CA GLU A 3595 71.75 -10.38 -18.67
C GLU A 3595 73.15 -9.93 -19.06
N LEU A 3596 73.65 -8.93 -18.33
CA LEU A 3596 74.97 -8.35 -18.54
C LEU A 3596 75.13 -7.96 -20.01
N ALA A 3597 74.30 -6.99 -20.41
CA ALA A 3597 74.18 -6.63 -21.81
C ALA A 3597 75.49 -6.09 -22.38
N LYS A 3598 76.18 -5.24 -21.61
CA LYS A 3598 77.38 -4.58 -22.11
C LYS A 3598 78.68 -5.23 -21.64
N THR A 3599 78.66 -5.91 -20.50
CA THR A 3599 79.82 -6.59 -19.94
C THR A 3599 79.69 -8.09 -20.16
N PRO A 3600 80.80 -8.82 -20.23
CA PRO A 3600 80.71 -10.28 -20.38
C PRO A 3600 79.89 -10.91 -19.27
N VAL A 3601 79.04 -11.86 -19.64
CA VAL A 3601 78.16 -12.53 -18.70
C VAL A 3601 79.02 -13.47 -17.87
N ASN A 3602 79.28 -13.10 -16.62
CA ASN A 3602 80.14 -13.85 -15.73
C ASN A 3602 79.39 -14.92 -14.95
N LYS A 3603 78.06 -14.97 -15.05
CA LYS A 3603 77.27 -15.92 -14.30
C LYS A 3603 76.24 -16.58 -15.21
N LYS A 3604 76.27 -17.91 -15.27
CA LYS A 3604 75.44 -18.68 -16.18
C LYS A 3604 74.32 -19.44 -15.50
N ASN A 3605 74.36 -19.62 -14.18
CA ASN A 3605 73.25 -20.25 -13.49
C ASN A 3605 71.97 -19.43 -13.63
N ILE A 3606 72.10 -18.16 -14.01
CA ILE A 3606 70.95 -17.32 -14.29
C ILE A 3606 70.14 -17.87 -15.45
N GLU A 3607 70.72 -18.72 -16.29
CA GLU A 3607 70.10 -19.09 -17.55
C GLU A 3607 68.88 -19.98 -17.34
N LYS A 3608 68.40 -20.05 -16.11
CA LYS A 3608 67.15 -20.74 -15.81
C LYS A 3608 65.95 -20.08 -16.46
N MET A 3609 66.06 -18.82 -16.90
CA MET A 3609 64.90 -18.22 -17.53
C MET A 3609 64.54 -18.92 -18.82
N TYR A 3610 65.49 -19.61 -19.46
CA TYR A 3610 65.14 -20.34 -20.68
C TYR A 3610 64.10 -21.40 -20.38
N GLU A 3611 64.33 -22.22 -19.35
CA GLU A 3611 63.35 -23.23 -19.00
C GLU A 3611 62.12 -22.62 -18.35
N ARG A 3612 62.27 -21.50 -17.63
CA ARG A 3612 61.10 -20.82 -17.09
C ARG A 3612 60.15 -20.38 -18.19
N MET A 3613 60.71 -19.85 -19.28
CA MET A 3613 59.91 -19.51 -20.45
C MET A 3613 59.39 -20.77 -21.15
N TYR A 3614 60.24 -21.79 -21.27
CA TYR A 3614 59.92 -22.94 -22.09
C TYR A 3614 58.81 -23.77 -21.48
N ALA A 3615 58.81 -23.93 -20.15
CA ALA A 3615 57.79 -24.74 -19.50
C ALA A 3615 56.39 -24.20 -19.75
N ALA A 3616 56.27 -22.91 -20.01
CA ALA A 3616 54.98 -22.32 -20.36
C ALA A 3616 54.82 -22.10 -21.85
N LEU A 3617 55.90 -22.12 -22.62
CA LEU A 3617 55.86 -21.96 -24.06
C LEU A 3617 56.79 -22.98 -24.66
N GLY A 3618 56.23 -23.98 -25.33
CA GLY A 3618 56.92 -25.24 -25.56
C GLY A 3618 56.50 -26.28 -24.54
N ASP A 3619 56.79 -27.55 -24.87
CA ASP A 3619 56.27 -28.66 -24.09
C ASP A 3619 54.75 -28.57 -24.04
N PRO A 3620 54.06 -28.92 -25.13
CA PRO A 3620 52.60 -28.72 -25.18
C PRO A 3620 51.83 -29.40 -24.06
N LYS A 3621 52.52 -30.17 -23.22
CA LYS A 3621 51.96 -30.68 -21.98
C LYS A 3621 52.23 -29.66 -20.88
N ALA A 3622 51.17 -29.02 -20.41
CA ALA A 3622 51.28 -27.95 -19.43
C ALA A 3622 50.17 -28.12 -18.41
N PRO A 3623 50.34 -27.56 -17.20
CA PRO A 3623 49.35 -27.84 -16.13
C PRO A 3623 47.94 -27.42 -16.47
N GLY A 3624 47.74 -26.33 -17.19
CA GLY A 3624 46.39 -25.89 -17.51
C GLY A 3624 46.25 -25.35 -18.91
N LEU A 3625 47.10 -25.80 -19.83
CA LEU A 3625 47.15 -25.22 -21.17
C LEU A 3625 45.86 -25.49 -21.93
N GLY A 3626 45.48 -24.53 -22.77
CA GLY A 3626 44.26 -24.63 -23.54
C GLY A 3626 44.47 -24.37 -25.02
N ALA A 3627 43.38 -24.18 -25.77
CA ALA A 3627 43.48 -24.12 -27.22
C ALA A 3627 44.26 -22.88 -27.69
N PHE A 3628 44.05 -21.74 -27.03
CA PHE A 3628 44.64 -20.49 -27.51
C PHE A 3628 46.16 -20.57 -27.53
N ARG A 3629 46.76 -20.96 -26.40
CA ARG A 3629 48.21 -21.12 -26.39
C ARG A 3629 48.64 -22.43 -27.00
N ARG A 3630 47.73 -23.40 -27.13
CA ARG A 3630 48.07 -24.64 -27.82
C ARG A 3630 48.38 -24.37 -29.29
N LYS A 3631 47.63 -23.46 -29.90
CA LYS A 3631 47.95 -23.01 -31.25
C LYS A 3631 49.39 -22.52 -31.34
N PHE A 3632 49.77 -21.64 -30.41
CA PHE A 3632 51.11 -21.06 -30.46
C PHE A 3632 52.17 -22.12 -30.19
N ILE A 3633 51.88 -23.07 -29.29
CA ILE A 3633 52.87 -24.09 -28.99
C ILE A 3633 53.08 -25.00 -30.20
N GLN A 3634 51.98 -25.44 -30.81
CA GLN A 3634 52.12 -26.28 -32.00
C GLN A 3634 52.71 -25.50 -33.17
N THR A 3635 52.69 -24.17 -33.12
CA THR A 3635 53.30 -23.41 -34.22
C THR A 3635 54.79 -23.15 -33.98
N PHE A 3636 55.13 -22.44 -32.90
CA PHE A 3636 56.53 -22.11 -32.59
C PHE A 3636 57.15 -23.04 -31.57
N GLY A 3637 56.43 -23.39 -30.52
CA GLY A 3637 56.94 -24.38 -29.59
C GLY A 3637 57.13 -25.74 -30.20
N LYS A 3638 56.61 -25.94 -31.42
CA LYS A 3638 56.92 -27.15 -32.20
C LYS A 3638 58.42 -27.38 -32.23
N GLU A 3639 59.17 -26.48 -32.83
CA GLU A 3639 60.62 -26.52 -32.65
C GLU A 3639 61.28 -25.17 -32.38
N PHE A 3640 60.77 -24.06 -32.92
CA PHE A 3640 61.60 -22.87 -33.13
C PHE A 3640 62.35 -22.42 -31.88
N ASP A 3641 61.66 -22.39 -30.74
CA ASP A 3641 62.28 -21.89 -29.52
C ASP A 3641 63.48 -22.75 -29.12
N LYS A 3642 63.34 -24.07 -29.23
CA LYS A 3642 64.47 -24.96 -28.97
C LYS A 3642 65.46 -24.93 -30.12
N HIS A 3643 64.98 -24.66 -31.34
CA HIS A 3643 65.83 -24.64 -32.52
C HIS A 3643 66.88 -23.55 -32.41
N PHE A 3644 66.45 -22.30 -32.38
CA PHE A 3644 67.39 -21.17 -32.32
C PHE A 3644 67.75 -20.97 -30.85
N GLY A 3645 68.86 -21.58 -30.44
CA GLY A 3645 69.21 -21.58 -29.04
C GLY A 3645 68.75 -22.83 -28.30
N LYS A 3646 69.21 -23.99 -28.77
CA LYS A 3646 69.06 -25.25 -28.05
C LYS A 3646 69.17 -25.05 -26.54
N GLY A 3647 68.17 -25.54 -25.81
CA GLY A 3647 68.08 -25.30 -24.39
C GLY A 3647 69.07 -26.07 -23.53
N GLY A 3648 69.89 -26.92 -24.14
CA GLY A 3648 70.89 -27.66 -23.39
C GLY A 3648 72.23 -26.96 -23.33
N SER A 3649 72.79 -26.59 -24.49
CA SER A 3649 74.10 -25.98 -24.53
C SER A 3649 74.11 -24.69 -25.37
N LYS A 3650 73.24 -24.61 -26.38
CA LYS A 3650 73.22 -23.43 -27.23
C LYS A 3650 72.69 -22.19 -26.52
N LEU A 3651 72.12 -22.34 -25.32
CA LEU A 3651 71.80 -21.18 -24.51
C LEU A 3651 73.03 -20.58 -23.85
N LEU A 3652 74.17 -21.26 -23.92
CA LEU A 3652 75.43 -20.76 -23.39
C LEU A 3652 76.15 -19.87 -24.40
N ARG A 3653 75.53 -19.62 -25.54
CA ARG A 3653 76.11 -18.80 -26.59
C ARG A 3653 76.31 -17.38 -26.11
N MET A 3654 77.32 -16.72 -26.64
CA MET A 3654 77.68 -15.36 -26.26
C MET A 3654 77.64 -14.46 -27.50
N LYS A 3655 76.45 -13.95 -27.83
CA LYS A 3655 76.32 -13.06 -28.97
C LYS A 3655 75.85 -11.67 -28.56
N LEU A 3656 74.67 -11.56 -27.96
CA LEU A 3656 74.02 -10.30 -27.63
C LEU A 3656 73.63 -9.53 -28.89
N SER A 3657 74.03 -10.04 -30.05
CA SER A 3657 73.79 -9.40 -31.34
C SER A 3657 73.12 -10.33 -32.34
N ASP A 3658 73.55 -11.60 -32.39
CA ASP A 3658 72.74 -12.60 -33.09
C ASP A 3658 71.44 -12.84 -32.36
N PHE A 3659 71.48 -12.75 -31.03
CA PHE A 3659 70.29 -12.89 -30.19
C PHE A 3659 69.20 -11.94 -30.65
N ASN A 3660 69.54 -10.65 -30.81
CA ASN A 3660 68.54 -9.65 -31.12
C ASN A 3660 67.85 -9.94 -32.46
N ASP A 3661 68.64 -10.20 -33.50
CA ASP A 3661 68.06 -10.41 -34.81
C ASP A 3661 67.26 -11.71 -34.87
N ILE A 3662 67.77 -12.77 -34.21
CA ILE A 3662 67.04 -14.03 -34.25
C ILE A 3662 65.70 -13.88 -33.51
N THR A 3663 65.70 -13.13 -32.40
CA THR A 3663 64.43 -12.84 -31.75
C THR A 3663 63.54 -12.00 -32.64
N ASN A 3664 64.12 -11.05 -33.37
CA ASN A 3664 63.32 -10.16 -34.21
C ASN A 3664 62.60 -10.94 -35.30
N MET A 3665 63.25 -11.92 -35.92
CA MET A 3665 62.57 -12.65 -36.98
C MET A 3665 61.40 -13.46 -36.42
N LEU A 3666 61.61 -14.14 -35.30
CA LEU A 3666 60.49 -14.79 -34.62
C LEU A 3666 59.37 -13.78 -34.34
N LEU A 3667 59.71 -12.66 -33.71
CA LEU A 3667 58.69 -11.71 -33.27
C LEU A 3667 57.90 -11.16 -34.44
N LEU A 3668 58.58 -10.82 -35.54
CA LEU A 3668 57.89 -10.39 -36.75
C LEU A 3668 57.02 -11.49 -37.34
N LYS A 3669 57.35 -12.76 -37.11
CA LYS A 3669 56.37 -13.79 -37.50
C LYS A 3669 55.18 -13.82 -36.54
N MET A 3670 55.47 -13.78 -35.24
CA MET A 3670 54.46 -14.05 -34.21
C MET A 3670 53.41 -12.96 -34.18
N ASN A 3671 53.83 -11.70 -34.13
CA ASN A 3671 52.87 -10.61 -34.04
C ASN A 3671 51.99 -10.57 -35.28
N LYS A 3672 52.55 -10.90 -36.44
CA LYS A 3672 51.77 -10.86 -37.67
C LYS A 3672 50.75 -12.01 -37.72
N ASP A 3673 51.12 -13.19 -37.25
CA ASP A 3673 50.19 -14.33 -37.30
C ASP A 3673 49.57 -14.64 -35.95
N SER A 3674 49.52 -13.67 -35.04
CA SER A 3674 49.16 -13.92 -33.65
C SER A 3674 47.67 -13.62 -33.39
N LYS A 3675 46.86 -14.67 -33.55
CA LYS A 3675 45.47 -14.67 -33.14
C LYS A 3675 44.71 -13.46 -33.70
N PRO A 3676 44.39 -13.44 -34.99
CA PRO A 3676 43.62 -12.32 -35.54
C PRO A 3676 42.32 -12.10 -34.79
N PRO A 3677 41.63 -13.17 -34.34
CA PRO A 3677 40.62 -12.96 -33.30
C PRO A 3677 41.25 -12.93 -31.93
N GLY A 3678 40.65 -12.19 -31.01
CA GLY A 3678 41.23 -12.10 -29.70
C GLY A 3678 41.21 -13.43 -28.96
N ASN A 3679 40.03 -13.82 -28.46
CA ASN A 3679 39.82 -15.07 -27.74
C ASN A 3679 38.37 -15.17 -27.31
N LEU A 3680 38.00 -16.36 -26.83
CA LEU A 3680 36.82 -16.57 -26.00
C LEU A 3680 37.19 -17.56 -24.92
N LYS A 3681 36.45 -17.53 -23.81
CA LYS A 3681 36.88 -18.26 -22.61
C LYS A 3681 36.91 -19.76 -22.84
N GLU A 3682 35.92 -20.30 -23.56
CA GLU A 3682 35.80 -21.75 -23.68
C GLU A 3682 37.06 -22.41 -24.22
N CYS A 3683 37.96 -21.65 -24.84
CA CYS A 3683 39.14 -22.21 -25.46
C CYS A 3683 40.42 -22.06 -24.65
N SER A 3684 40.65 -20.91 -24.02
CA SER A 3684 41.97 -20.68 -23.42
C SER A 3684 42.17 -21.46 -22.11
N PRO A 3685 41.42 -21.17 -21.03
CA PRO A 3685 41.68 -21.89 -19.77
C PRO A 3685 40.76 -23.07 -19.49
N TRP A 3686 40.89 -23.64 -18.29
CA TRP A 3686 39.87 -24.48 -17.66
C TRP A 3686 38.88 -23.67 -16.83
N MET A 3687 39.07 -22.36 -16.72
CA MET A 3687 38.12 -21.53 -15.99
C MET A 3687 36.72 -21.69 -16.55
N SER A 3688 36.59 -21.96 -17.84
CA SER A 3688 35.31 -22.34 -18.41
C SER A 3688 34.77 -23.62 -17.78
N ASP A 3689 35.65 -24.50 -17.32
CA ASP A 3689 35.27 -25.74 -16.67
C ASP A 3689 35.25 -25.62 -15.16
N PHE A 3690 35.50 -24.43 -14.62
CA PHE A 3690 35.47 -24.25 -13.18
C PHE A 3690 34.07 -24.47 -12.65
N LYS A 3691 33.85 -25.62 -12.02
CA LYS A 3691 32.66 -25.87 -11.22
C LYS A 3691 33.06 -25.84 -9.75
N VAL A 3692 32.18 -25.31 -8.91
CA VAL A 3692 32.50 -25.23 -7.50
C VAL A 3692 32.21 -26.58 -6.85
N GLU A 3693 33.22 -27.45 -6.87
CA GLU A 3693 33.03 -28.78 -6.33
C GLU A 3693 33.02 -28.72 -4.81
N PHE A 3694 32.65 -29.83 -4.20
CA PHE A 3694 32.09 -29.80 -2.86
C PHE A 3694 33.15 -30.10 -1.81
N LEU A 3695 32.98 -29.50 -0.63
CA LEU A 3695 33.75 -29.78 0.58
C LEU A 3695 35.18 -29.24 0.51
N ARG A 3696 35.57 -28.76 -0.66
CA ARG A 3696 36.85 -28.10 -0.83
C ARG A 3696 36.75 -27.24 -2.08
N ASN A 3697 37.90 -26.74 -2.56
CA ASN A 3697 37.92 -25.83 -3.71
C ASN A 3697 37.18 -24.54 -3.36
N GLU A 3698 37.44 -24.03 -2.15
CA GLU A 3698 36.85 -22.77 -1.68
C GLU A 3698 37.88 -21.68 -1.90
N LEU A 3699 37.66 -20.87 -2.92
CA LEU A 3699 38.52 -19.77 -3.31
C LEU A 3699 37.69 -18.50 -3.34
N GLU A 3700 38.28 -17.41 -2.85
CA GLU A 3700 37.55 -16.16 -2.69
C GLU A 3700 38.15 -15.07 -3.55
N ILE A 3701 37.28 -14.21 -4.08
CA ILE A 3701 37.64 -13.17 -5.04
C ILE A 3701 38.84 -12.41 -4.51
N PRO A 3702 39.94 -12.37 -5.25
CA PRO A 3702 41.19 -11.87 -4.69
C PRO A 3702 41.10 -10.43 -4.26
N GLY A 3703 41.72 -10.13 -3.13
CA GLY A 3703 41.85 -8.76 -2.65
C GLY A 3703 40.68 -8.25 -1.85
N GLN A 3704 40.33 -8.95 -0.78
CA GLN A 3704 39.22 -8.54 0.07
C GLN A 3704 39.65 -8.17 1.47
N TYR A 3705 40.86 -8.54 1.89
CA TYR A 3705 41.34 -8.29 3.24
C TYR A 3705 41.96 -6.92 3.30
N ASP A 3706 41.21 -5.95 3.82
CA ASP A 3706 41.74 -4.63 4.10
C ASP A 3706 42.07 -4.57 5.58
N GLY A 3707 43.33 -4.27 5.90
CA GLY A 3707 43.77 -4.33 7.27
C GLY A 3707 42.95 -3.43 8.19
N ARG A 3708 42.41 -2.36 7.65
CA ARG A 3708 41.64 -1.43 8.46
C ARG A 3708 40.44 -2.13 9.07
N GLY A 3709 40.12 -1.77 10.30
CA GLY A 3709 38.91 -2.25 10.92
C GLY A 3709 39.09 -3.53 11.72
N LYS A 3710 37.94 -4.12 12.01
CA LYS A 3710 37.76 -5.26 12.90
C LYS A 3710 38.50 -6.47 12.38
N PRO A 3711 38.49 -7.61 13.10
CA PRO A 3711 38.99 -8.85 12.50
C PRO A 3711 38.26 -9.15 11.20
N LEU A 3712 38.74 -10.14 10.46
CA LEU A 3712 38.27 -10.29 9.10
C LEU A 3712 37.28 -11.44 9.04
N PRO A 3713 35.97 -11.18 9.12
CA PRO A 3713 35.00 -12.28 9.16
C PRO A 3713 34.65 -12.78 7.79
N GLU A 3714 34.81 -14.10 7.61
CA GLU A 3714 34.60 -14.83 6.37
C GLU A 3714 33.23 -14.70 5.72
N TYR A 3715 32.88 -13.48 5.35
CA TYR A 3715 31.65 -13.19 4.66
C TYR A 3715 32.17 -12.73 3.31
N HIS A 3716 33.45 -13.00 3.10
CA HIS A 3716 34.13 -12.60 1.87
C HIS A 3716 33.52 -13.34 0.69
N VAL A 3717 33.41 -12.63 -0.42
CA VAL A 3717 32.78 -13.18 -1.62
C VAL A 3717 33.71 -14.20 -2.26
N ARG A 3718 33.24 -15.41 -2.41
CA ARG A 3718 34.03 -16.50 -2.95
C ARG A 3718 33.65 -16.75 -4.40
N ILE A 3719 34.67 -17.03 -5.21
CA ILE A 3719 34.44 -17.33 -6.62
C ILE A 3719 33.48 -18.50 -6.76
N ALA A 3720 32.60 -18.40 -7.77
CA ALA A 3720 31.71 -19.50 -8.11
C ALA A 3720 31.61 -19.74 -9.61
N GLY A 3721 32.56 -19.26 -10.39
CA GLY A 3721 32.56 -19.48 -11.83
C GLY A 3721 32.82 -18.20 -12.59
N PHE A 3722 33.39 -18.34 -13.79
CA PHE A 3722 33.82 -17.21 -14.60
C PHE A 3722 32.98 -17.13 -15.86
N ASP A 3723 32.70 -15.91 -16.31
CA ASP A 3723 31.90 -15.72 -17.51
C ASP A 3723 32.69 -16.13 -18.75
N GLU A 3724 31.95 -16.46 -19.81
CA GLU A 3724 32.55 -16.91 -21.06
C GLU A 3724 32.79 -15.74 -22.01
N ARG A 3725 33.44 -14.67 -21.55
CA ARG A 3725 33.57 -13.47 -22.36
C ARG A 3725 34.87 -12.77 -21.98
N VAL A 3726 35.93 -13.05 -22.74
CA VAL A 3726 37.20 -12.39 -22.54
C VAL A 3726 37.26 -11.22 -23.52
N THR A 3727 36.81 -10.06 -23.08
CA THR A 3727 37.02 -8.85 -23.86
C THR A 3727 38.50 -8.49 -23.82
N VAL A 3728 39.01 -7.96 -24.93
CA VAL A 3728 40.41 -7.55 -25.00
C VAL A 3728 40.47 -6.06 -25.22
N MET A 3729 41.05 -5.34 -24.26
CA MET A 3729 41.25 -3.91 -24.44
C MET A 3729 42.35 -3.66 -25.45
N ALA A 3730 42.13 -2.64 -26.28
CA ALA A 3730 43.07 -2.30 -27.34
C ALA A 3730 44.15 -1.41 -26.75
N SER A 3731 45.14 -2.03 -26.11
CA SER A 3731 46.27 -1.29 -25.58
C SER A 3731 47.54 -2.02 -25.95
N LEU A 3732 48.66 -1.54 -25.39
CA LEU A 3732 49.95 -2.11 -25.72
C LEU A 3732 50.05 -3.56 -25.27
N ARG A 3733 49.58 -3.85 -24.06
CA ARG A 3733 49.69 -5.20 -23.55
C ARG A 3733 48.47 -6.10 -23.76
N ARG A 3734 47.47 -5.61 -24.49
CA ARG A 3734 46.23 -6.34 -24.73
C ARG A 3734 45.70 -6.93 -23.43
N PRO A 3735 45.41 -6.13 -22.40
CA PRO A 3735 45.01 -6.70 -21.11
C PRO A 3735 43.55 -7.12 -21.15
N LYS A 3736 43.30 -8.41 -20.98
CA LYS A 3736 41.98 -8.98 -21.14
C LYS A 3736 41.04 -8.47 -20.05
N ARG A 3737 39.80 -8.88 -20.12
CA ARG A 3737 38.81 -8.55 -19.09
C ARG A 3737 37.93 -9.76 -18.85
N ILE A 3738 38.19 -10.48 -17.79
CA ILE A 3738 37.31 -11.56 -17.37
C ILE A 3738 36.26 -11.02 -16.43
N ILE A 3739 35.10 -11.67 -16.41
CA ILE A 3739 34.05 -11.35 -15.46
C ILE A 3739 33.96 -12.52 -14.49
N ILE A 3740 34.24 -12.26 -13.22
CA ILE A 3740 34.29 -13.28 -12.19
C ILE A 3740 32.96 -13.26 -11.45
N ARG A 3741 32.31 -14.41 -11.37
CA ARG A 3741 30.97 -14.49 -10.80
C ARG A 3741 31.09 -15.04 -9.38
N GLY A 3742 30.99 -14.17 -8.40
CA GLY A 3742 31.10 -14.60 -7.03
C GLY A 3742 29.85 -15.29 -6.55
N HIS A 3743 29.94 -15.83 -5.34
CA HIS A 3743 28.81 -16.54 -4.76
C HIS A 3743 27.80 -15.61 -4.09
N ASP A 3744 28.05 -14.32 -4.06
CA ASP A 3744 27.06 -13.37 -3.57
C ASP A 3744 26.05 -13.00 -4.63
N GLU A 3745 25.99 -13.79 -5.71
CA GLU A 3745 25.04 -13.58 -6.80
C GLU A 3745 25.26 -12.21 -7.44
N ARG A 3746 26.49 -11.95 -7.85
CA ARG A 3746 26.83 -10.73 -8.55
C ARG A 3746 28.02 -11.00 -9.46
N GLU A 3747 28.21 -10.14 -10.44
CA GLU A 3747 29.32 -10.27 -11.39
C GLU A 3747 30.36 -9.21 -11.07
N HIS A 3748 31.60 -9.65 -10.87
CA HIS A 3748 32.69 -8.80 -10.44
C HIS A 3748 33.71 -8.70 -11.57
N PRO A 3749 33.57 -7.75 -12.49
CA PRO A 3749 34.52 -7.66 -13.59
C PRO A 3749 35.90 -7.36 -13.07
N PHE A 3750 36.91 -7.88 -13.75
CA PHE A 3750 38.30 -7.66 -13.38
C PHE A 3750 39.09 -7.44 -14.65
N LEU A 3751 40.37 -7.18 -14.52
CA LEU A 3751 41.20 -6.83 -15.67
C LEU A 3751 42.55 -7.50 -15.48
N VAL A 3752 42.77 -8.61 -16.17
CA VAL A 3752 43.93 -9.45 -15.92
C VAL A 3752 45.16 -8.87 -16.60
N LYS A 3753 45.92 -8.07 -15.86
CA LYS A 3753 47.16 -7.48 -16.36
C LYS A 3753 48.08 -8.62 -16.77
N GLY A 3754 48.75 -8.50 -17.91
CA GLY A 3754 49.54 -9.61 -18.39
C GLY A 3754 50.80 -9.88 -17.59
N GLY A 3755 51.78 -8.99 -17.66
CA GLY A 3755 53.05 -9.24 -17.03
C GLY A 3755 53.64 -8.03 -16.33
N GLU A 3756 52.83 -7.01 -16.12
CA GLU A 3756 53.30 -5.83 -15.40
C GLU A 3756 53.31 -6.10 -13.90
N ASP A 3757 54.48 -5.97 -13.29
CA ASP A 3757 54.61 -6.10 -11.84
C ASP A 3757 53.77 -5.01 -11.18
N LEU A 3758 52.71 -5.40 -10.49
CA LEU A 3758 51.75 -4.44 -9.96
C LEU A 3758 51.99 -4.11 -8.50
N ARG A 3759 53.14 -4.46 -7.94
CA ARG A 3759 53.40 -4.15 -6.54
C ARG A 3759 53.46 -2.65 -6.32
N GLN A 3760 54.16 -1.94 -7.20
CA GLN A 3760 54.24 -0.49 -7.06
C GLN A 3760 52.87 0.14 -7.21
N ASP A 3761 52.06 -0.37 -8.12
CA ASP A 3761 50.72 0.17 -8.29
C ASP A 3761 49.89 -0.08 -7.04
N GLN A 3762 50.04 -1.24 -6.40
CA GLN A 3762 49.30 -1.50 -5.18
C GLN A 3762 49.75 -0.58 -4.05
N ARG A 3763 51.06 -0.35 -3.95
CA ARG A 3763 51.55 0.56 -2.91
C ARG A 3763 51.05 1.97 -3.13
N VAL A 3764 51.02 2.42 -4.39
CA VAL A 3764 50.48 3.74 -4.68
C VAL A 3764 49.00 3.81 -4.31
N GLU A 3765 48.26 2.72 -4.53
CA GLU A 3765 46.88 2.69 -4.08
C GLU A 3765 46.78 2.77 -2.57
N GLN A 3766 47.73 2.15 -1.86
CA GLN A 3766 47.72 2.27 -0.40
C GLN A 3766 47.96 3.71 0.04
N LEU A 3767 48.89 4.39 -0.62
CA LEU A 3767 49.11 5.81 -0.34
C LEU A 3767 47.85 6.61 -0.62
N PHE A 3768 47.15 6.29 -1.70
CA PHE A 3768 45.89 6.96 -1.99
C PHE A 3768 44.86 6.70 -0.91
N GLN A 3769 44.88 5.50 -0.34
CA GLN A 3769 43.97 5.20 0.76
C GLN A 3769 44.30 6.03 2.00
N VAL A 3770 45.59 6.19 2.28
CA VAL A 3770 45.99 7.06 3.40
C VAL A 3770 45.58 8.50 3.14
N MET A 3771 45.76 8.97 1.92
CA MET A 3771 45.35 10.33 1.58
C MET A 3771 43.86 10.51 1.74
N ASN A 3772 43.07 9.52 1.31
CA ASN A 3772 41.65 9.58 1.58
C ASN A 3772 41.38 9.68 3.07
N GLY A 3773 42.18 8.98 3.87
CA GLY A 3773 42.01 9.07 5.31
C GLY A 3773 42.23 10.49 5.82
N ILE A 3774 43.31 11.12 5.36
CA ILE A 3774 43.62 12.47 5.82
C ILE A 3774 42.53 13.44 5.38
N LEU A 3775 42.19 13.40 4.09
CA LEU A 3775 41.12 14.25 3.58
C LEU A 3775 39.82 14.02 4.33
N ALA A 3776 39.60 12.82 4.84
CA ALA A 3776 38.42 12.59 5.64
C ALA A 3776 38.54 13.23 7.02
N GLN A 3777 39.72 13.22 7.62
CA GLN A 3777 39.86 13.85 8.93
C GLN A 3777 39.84 15.37 8.87
N ASP A 3778 40.09 15.96 7.71
CA ASP A 3778 40.06 17.42 7.59
C ASP A 3778 38.63 17.92 7.70
N SER A 3779 38.45 19.23 7.63
CA SER A 3779 37.13 19.83 7.65
C SER A 3779 36.86 20.63 6.39
N ALA A 3780 37.83 21.43 5.94
CA ALA A 3780 37.69 22.10 4.65
C ALA A 3780 37.62 21.08 3.53
N CYS A 3781 38.41 20.01 3.62
CA CYS A 3781 38.36 18.96 2.62
C CYS A 3781 37.32 17.91 2.91
N SER A 3782 36.47 18.14 3.90
CA SER A 3782 35.39 17.21 4.18
C SER A 3782 34.01 17.82 3.99
N GLN A 3783 33.90 19.15 4.03
CA GLN A 3783 32.66 19.76 3.59
C GLN A 3783 32.56 19.84 2.07
N ARG A 3784 33.67 19.64 1.37
CA ARG A 3784 33.64 19.46 -0.07
C ARG A 3784 33.50 18.00 -0.47
N ALA A 3785 33.56 17.08 0.48
CA ALA A 3785 33.47 15.65 0.23
C ALA A 3785 34.52 15.22 -0.78
N LEU A 3786 35.75 15.70 -0.59
CA LEU A 3786 36.84 15.32 -1.47
C LEU A 3786 37.30 13.92 -1.15
N GLN A 3787 37.50 13.11 -2.18
CA GLN A 3787 38.04 11.76 -2.03
C GLN A 3787 38.76 11.39 -3.30
N LEU A 3788 39.95 10.83 -3.15
CA LEU A 3788 40.61 10.19 -4.28
C LEU A 3788 39.93 8.85 -4.55
N ARG A 3789 39.57 8.61 -5.80
CA ARG A 3789 38.82 7.42 -6.15
C ARG A 3789 39.80 6.28 -6.43
N THR A 3790 39.72 5.23 -5.63
CA THR A 3790 40.69 4.14 -5.66
C THR A 3790 40.01 2.84 -6.04
N TYR A 3791 40.78 1.95 -6.66
CA TYR A 3791 40.29 0.68 -7.12
C TYR A 3791 41.26 -0.41 -6.70
N SER A 3792 40.74 -1.60 -6.43
CA SER A 3792 41.56 -2.70 -5.94
C SER A 3792 42.65 -3.03 -6.94
N VAL A 3793 43.84 -3.35 -6.44
CA VAL A 3793 44.88 -3.96 -7.23
C VAL A 3793 45.42 -5.13 -6.44
N VAL A 3794 45.44 -6.31 -7.05
CA VAL A 3794 45.68 -7.53 -6.30
C VAL A 3794 46.80 -8.32 -6.97
N PRO A 3795 48.05 -7.99 -6.75
CA PRO A 3795 49.12 -8.73 -7.42
C PRO A 3795 49.19 -10.15 -6.90
N MET A 3796 49.26 -11.12 -7.80
CA MET A 3796 49.46 -12.51 -7.41
C MET A 3796 50.79 -13.08 -7.86
N THR A 3797 51.57 -12.36 -8.63
CA THR A 3797 52.89 -12.85 -9.02
C THR A 3797 53.64 -11.64 -9.55
N SER A 3798 54.96 -11.79 -9.66
CA SER A 3798 55.75 -10.72 -10.25
C SER A 3798 55.31 -10.41 -11.68
N ARG A 3799 54.62 -11.35 -12.33
CA ARG A 3799 54.24 -11.20 -13.73
C ARG A 3799 52.77 -11.52 -13.93
N LEU A 3800 51.91 -11.06 -13.03
CA LEU A 3800 50.48 -11.26 -13.15
C LEU A 3800 49.78 -10.45 -12.08
N GLY A 3801 48.51 -10.14 -12.31
CA GLY A 3801 47.72 -9.47 -11.31
C GLY A 3801 46.38 -9.07 -11.88
N LEU A 3802 45.45 -8.82 -10.98
CA LEU A 3802 44.16 -8.26 -11.34
C LEU A 3802 44.10 -6.83 -10.85
N ILE A 3803 43.39 -5.99 -11.59
CA ILE A 3803 43.08 -4.64 -11.16
C ILE A 3803 41.59 -4.45 -11.38
N GLU A 3804 40.86 -4.15 -10.32
CA GLU A 3804 39.41 -4.05 -10.41
C GLU A 3804 39.02 -3.18 -11.57
N TRP A 3805 37.90 -3.52 -12.19
CA TRP A 3805 37.45 -2.87 -13.41
C TRP A 3805 36.39 -1.79 -13.23
N LEU A 3806 36.83 -0.56 -12.96
CA LEU A 3806 35.89 0.55 -12.92
C LEU A 3806 34.80 0.43 -13.96
N GLU A 3807 33.55 0.49 -13.51
CA GLU A 3807 32.43 0.31 -14.39
C GLU A 3807 32.03 1.63 -15.02
N ASN A 3808 31.70 1.60 -16.30
CA ASN A 3808 31.00 2.68 -16.96
C ASN A 3808 31.87 3.92 -17.16
N THR A 3809 33.18 3.71 -17.30
CA THR A 3809 34.12 4.81 -17.48
C THR A 3809 34.81 4.69 -18.82
N VAL A 3810 35.14 5.82 -19.41
CA VAL A 3810 35.92 5.85 -20.64
C VAL A 3810 37.09 6.78 -20.42
N THR A 3811 38.20 6.51 -21.11
CA THR A 3811 39.41 7.30 -20.92
C THR A 3811 39.17 8.75 -21.34
N LEU A 3812 40.17 9.60 -21.18
CA LEU A 3812 39.98 10.99 -21.58
C LEU A 3812 40.19 11.17 -23.07
N LYS A 3813 41.25 10.56 -23.61
CA LYS A 3813 41.49 10.65 -25.04
C LYS A 3813 40.25 10.25 -25.80
N ASP A 3814 39.56 9.22 -25.35
CA ASP A 3814 38.36 8.78 -26.04
C ASP A 3814 37.17 9.69 -25.76
N LEU A 3815 37.08 10.26 -24.56
CA LEU A 3815 35.98 11.18 -24.30
C LEU A 3815 36.08 12.40 -25.21
N LEU A 3816 37.28 12.79 -25.60
CA LEU A 3816 37.43 13.87 -26.56
C LEU A 3816 37.19 13.36 -27.99
N LEU A 3817 37.92 12.33 -28.40
CA LEU A 3817 37.83 11.85 -29.77
C LEU A 3817 36.42 11.37 -30.14
N ASN A 3818 35.58 11.08 -29.15
CA ASN A 3818 34.20 10.75 -29.44
C ASN A 3818 33.42 11.99 -29.85
N THR A 3819 33.67 13.12 -29.18
CA THR A 3819 32.89 14.32 -29.41
C THR A 3819 33.45 15.21 -30.51
N MET A 3820 34.65 14.93 -31.00
CA MET A 3820 35.07 15.56 -32.24
C MET A 3820 34.08 15.19 -33.34
N SER A 3821 33.68 16.17 -34.14
CA SER A 3821 32.90 15.86 -35.32
C SER A 3821 33.71 14.95 -36.23
N GLN A 3822 33.03 14.33 -37.19
CA GLN A 3822 33.70 13.30 -38.00
C GLN A 3822 34.89 13.86 -38.75
N GLU A 3823 34.65 14.86 -39.61
CA GLU A 3823 35.73 15.48 -40.35
C GLU A 3823 36.72 16.18 -39.43
N GLU A 3824 36.24 16.67 -38.28
CA GLU A 3824 37.12 17.32 -37.33
C GLU A 3824 38.17 16.34 -36.81
N LYS A 3825 37.73 15.16 -36.38
CA LYS A 3825 38.63 14.13 -35.90
C LYS A 3825 39.53 13.63 -37.02
N ALA A 3826 38.96 13.47 -38.22
CA ALA A 3826 39.77 13.01 -39.35
C ALA A 3826 40.92 13.97 -39.61
N ALA A 3827 40.61 15.26 -39.70
CA ALA A 3827 41.64 16.26 -39.96
C ALA A 3827 42.64 16.34 -38.82
N TYR A 3828 42.17 16.24 -37.57
CA TYR A 3828 43.10 16.33 -36.46
C TYR A 3828 44.06 15.16 -36.43
N LEU A 3829 43.57 13.95 -36.69
CA LEU A 3829 44.45 12.79 -36.65
C LEU A 3829 45.40 12.76 -37.84
N SER A 3830 44.87 13.00 -39.05
CA SER A 3830 45.63 12.77 -40.27
C SER A 3830 45.68 14.05 -41.11
N ASP A 3831 46.65 14.91 -40.82
CA ASP A 3831 46.91 16.11 -41.60
C ASP A 3831 48.25 16.70 -41.15
N PRO A 3832 49.13 17.07 -42.09
CA PRO A 3832 50.35 17.79 -41.68
C PRO A 3832 50.08 19.09 -40.98
N ARG A 3833 48.98 19.78 -41.30
CA ARG A 3833 48.65 21.00 -40.57
C ARG A 3833 48.26 20.70 -39.13
N ALA A 3834 47.72 19.51 -38.88
CA ALA A 3834 47.25 19.17 -37.55
C ALA A 3834 48.42 19.08 -36.57
N PRO A 3835 48.18 19.36 -35.29
CA PRO A 3835 49.25 19.43 -34.31
C PRO A 3835 50.06 18.13 -34.21
N PRO A 3836 49.43 16.94 -34.25
CA PRO A 3836 50.23 15.73 -34.01
C PRO A 3836 51.35 15.53 -34.99
N CYS A 3837 51.26 16.08 -36.20
CA CYS A 3837 52.37 16.04 -37.14
C CYS A 3837 53.11 17.36 -37.26
N GLU A 3838 52.42 18.47 -37.00
CA GLU A 3838 53.08 19.77 -37.03
C GLU A 3838 54.12 19.87 -35.93
N TYR A 3839 53.89 19.23 -34.79
CA TYR A 3839 54.91 19.23 -33.75
C TYR A 3839 56.16 18.52 -34.20
N LYS A 3840 56.00 17.37 -34.86
CA LYS A 3840 57.16 16.66 -35.40
C LYS A 3840 57.88 17.53 -36.43
N ASP A 3841 57.12 18.19 -37.30
CA ASP A 3841 57.73 19.03 -38.33
C ASP A 3841 58.49 20.19 -37.70
N TRP A 3842 57.90 20.84 -36.70
CA TRP A 3842 58.56 21.96 -36.05
C TRP A 3842 59.78 21.51 -35.27
N LEU A 3843 59.73 20.31 -34.71
CA LEU A 3843 60.90 19.80 -34.00
C LEU A 3843 62.03 19.52 -34.97
N THR A 3844 61.73 18.83 -36.08
CA THR A 3844 62.78 18.53 -37.04
C THR A 3844 63.26 19.78 -37.76
N LYS A 3845 62.46 20.85 -37.77
CA LYS A 3845 62.92 22.11 -38.35
C LYS A 3845 63.78 22.88 -37.38
N MET A 3846 63.40 22.94 -36.11
CA MET A 3846 64.21 23.65 -35.12
C MET A 3846 65.53 22.93 -34.85
N SER A 3847 65.54 21.61 -34.94
CA SER A 3847 66.77 20.85 -34.83
C SER A 3847 66.66 19.67 -35.78
N GLY A 3848 67.78 19.32 -36.41
CA GLY A 3848 67.78 18.19 -37.32
C GLY A 3848 67.50 16.89 -36.60
N LYS A 3849 67.81 15.80 -37.29
CA LYS A 3849 67.69 14.43 -36.77
C LYS A 3849 66.39 14.22 -36.01
N HIS A 3850 65.26 14.28 -36.72
CA HIS A 3850 63.96 14.03 -36.12
C HIS A 3850 63.93 12.68 -35.42
N ASP A 3851 63.86 12.70 -34.10
CA ASP A 3851 63.93 11.50 -33.26
C ASP A 3851 63.80 11.95 -31.81
N VAL A 3852 63.76 10.98 -30.88
CA VAL A 3852 63.76 11.33 -29.46
C VAL A 3852 64.97 12.19 -29.11
N GLY A 3853 66.04 12.14 -29.91
CA GLY A 3853 67.18 13.00 -29.70
C GLY A 3853 67.01 14.42 -30.17
N ALA A 3854 65.88 14.75 -30.82
CA ALA A 3854 65.67 16.11 -31.30
C ALA A 3854 65.47 17.09 -30.16
N TYR A 3855 64.79 16.64 -29.09
CA TYR A 3855 64.56 17.53 -27.96
C TYR A 3855 65.87 17.97 -27.33
N MET A 3856 66.82 17.04 -27.25
CA MET A 3856 68.11 17.30 -26.63
C MET A 3856 68.78 18.51 -27.26
N LEU A 3857 68.49 18.77 -28.54
CA LEU A 3857 69.02 19.92 -29.24
C LEU A 3857 68.06 21.11 -29.22
N MET A 3858 66.75 20.87 -29.34
CA MET A 3858 65.86 22.01 -29.47
C MET A 3858 65.76 22.79 -28.16
N TYR A 3859 65.94 22.12 -27.02
CA TYR A 3859 66.01 22.85 -25.76
C TYR A 3859 67.09 23.92 -25.78
N LYS A 3860 68.21 23.66 -26.43
CA LYS A 3860 69.26 24.67 -26.56
C LYS A 3860 69.16 25.46 -27.86
N GLY A 3861 68.26 25.08 -28.75
CA GLY A 3861 68.12 25.77 -30.02
C GLY A 3861 66.99 26.77 -30.10
N ALA A 3862 66.02 26.68 -29.19
CA ALA A 3862 64.88 27.59 -29.19
C ALA A 3862 64.91 28.49 -27.95
N ASN A 3863 64.10 29.54 -28.00
CA ASN A 3863 64.03 30.53 -26.93
C ASN A 3863 62.58 30.76 -26.53
N ARG A 3864 62.41 31.47 -25.42
CA ARG A 3864 61.12 31.55 -24.74
C ARG A 3864 60.05 32.24 -25.58
N THR A 3865 60.41 32.94 -26.65
CA THR A 3865 59.40 33.67 -27.40
C THR A 3865 58.91 32.90 -28.62
N GLU A 3866 59.82 32.40 -29.45
CA GLU A 3866 59.42 31.68 -30.65
C GLU A 3866 58.79 30.33 -30.32
N THR A 3867 59.23 29.69 -29.25
CA THR A 3867 58.57 28.45 -28.82
C THR A 3867 57.14 28.71 -28.42
N VAL A 3868 56.90 29.77 -27.66
CA VAL A 3868 55.52 30.11 -27.28
C VAL A 3868 54.71 30.48 -28.49
N THR A 3869 55.31 31.16 -29.46
CA THR A 3869 54.58 31.48 -30.68
C THR A 3869 54.16 30.22 -31.42
N SER A 3870 55.10 29.30 -31.60
CA SER A 3870 54.80 28.03 -32.25
C SER A 3870 53.73 27.27 -31.49
N PHE A 3871 53.78 27.31 -30.15
CA PHE A 3871 52.82 26.57 -29.35
C PHE A 3871 51.42 27.19 -29.47
N ARG A 3872 51.33 28.50 -29.32
CA ARG A 3872 50.03 29.15 -29.47
C ARG A 3872 49.48 28.94 -30.86
N LYS A 3873 50.36 28.71 -31.86
CA LYS A 3873 49.86 28.42 -33.19
C LYS A 3873 49.34 27.00 -33.30
N ARG A 3874 50.12 26.01 -32.87
CA ARG A 3874 49.68 24.62 -32.97
C ARG A 3874 48.52 24.32 -32.05
N GLU A 3875 48.29 25.16 -31.06
CA GLU A 3875 47.20 24.96 -30.13
C GLU A 3875 45.88 25.44 -30.71
N SER A 3876 45.95 26.32 -31.72
CA SER A 3876 44.75 26.88 -32.33
C SER A 3876 44.00 25.85 -33.16
N LYS A 3877 44.71 24.91 -33.77
CA LYS A 3877 44.07 23.96 -34.68
C LYS A 3877 43.01 23.13 -33.97
N VAL A 3878 43.31 22.65 -32.77
CA VAL A 3878 42.43 21.76 -32.03
C VAL A 3878 41.18 22.53 -31.62
N PRO A 3879 40.02 21.89 -31.53
CA PRO A 3879 38.80 22.62 -31.17
C PRO A 3879 38.91 23.32 -29.83
N ALA A 3880 38.21 24.45 -29.71
CA ALA A 3880 38.35 25.30 -28.53
C ALA A 3880 37.69 24.68 -27.31
N ASP A 3881 36.50 24.13 -27.46
CA ASP A 3881 35.78 23.52 -26.34
C ASP A 3881 35.40 22.10 -26.76
N LEU A 3882 36.32 21.17 -26.56
CA LEU A 3882 35.97 19.78 -26.78
C LEU A 3882 35.35 19.18 -25.53
N LEU A 3883 35.93 19.50 -24.38
CA LEU A 3883 35.45 18.92 -23.13
C LEU A 3883 34.08 19.49 -22.77
N LYS A 3884 33.88 20.79 -22.98
CA LYS A 3884 32.57 21.36 -22.72
C LYS A 3884 31.53 20.79 -23.68
N ARG A 3885 31.92 20.54 -24.93
CA ARG A 3885 30.99 19.90 -25.85
C ARG A 3885 30.60 18.52 -25.33
N ALA A 3886 31.59 17.75 -24.86
CA ALA A 3886 31.29 16.43 -24.33
C ALA A 3886 30.30 16.52 -23.17
N PHE A 3887 30.53 17.45 -22.25
CA PHE A 3887 29.68 17.52 -21.07
C PHE A 3887 28.29 18.05 -21.40
N VAL A 3888 28.18 19.03 -22.30
CA VAL A 3888 26.86 19.51 -22.66
C VAL A 3888 26.11 18.45 -23.44
N ARG A 3889 26.83 17.60 -24.17
CA ARG A 3889 26.16 16.65 -25.04
C ARG A 3889 25.68 15.42 -24.26
N MET A 3890 26.47 14.93 -23.31
CA MET A 3890 26.07 13.78 -22.52
C MET A 3890 25.25 14.16 -21.29
N SER A 3891 24.65 15.34 -21.30
CA SER A 3891 23.86 15.82 -20.17
C SER A 3891 22.56 16.39 -20.69
N THR A 3892 21.44 16.01 -20.06
CA THR A 3892 20.14 16.47 -20.52
C THR A 3892 19.95 17.96 -20.26
N SER A 3893 19.99 18.34 -19.03
CA SER A 3893 19.61 19.68 -18.62
C SER A 3893 20.83 20.50 -18.24
N PRO A 3894 20.71 21.83 -18.26
CA PRO A 3894 21.78 22.65 -17.67
C PRO A 3894 21.98 22.35 -16.22
N GLU A 3895 20.91 22.01 -15.51
CA GLU A 3895 20.99 21.70 -14.09
C GLU A 3895 21.78 20.44 -13.82
N ALA A 3896 22.08 19.66 -14.86
CA ALA A 3896 22.96 18.51 -14.78
C ALA A 3896 24.32 18.75 -15.40
N PHE A 3897 24.39 19.58 -16.44
CA PHE A 3897 25.70 19.93 -16.97
C PHE A 3897 26.52 20.68 -15.95
N LEU A 3898 25.87 21.53 -15.17
CA LEU A 3898 26.56 22.24 -14.10
C LEU A 3898 27.17 21.27 -13.10
N ALA A 3899 26.40 20.27 -12.68
CA ALA A 3899 26.91 19.31 -11.71
C ALA A 3899 28.01 18.46 -12.30
N LEU A 3900 27.86 18.02 -13.54
CA LEU A 3900 28.91 17.23 -14.19
C LEU A 3900 30.20 18.02 -14.26
N ARG A 3901 30.13 19.28 -14.69
CA ARG A 3901 31.35 20.08 -14.83
C ARG A 3901 31.98 20.37 -13.47
N SER A 3902 31.17 20.71 -12.48
CA SER A 3902 31.73 21.00 -11.16
C SER A 3902 32.43 19.78 -10.60
N HIS A 3903 31.81 18.60 -10.72
CA HIS A 3903 32.44 17.39 -10.23
C HIS A 3903 33.73 17.10 -10.96
N PHE A 3904 33.72 17.26 -12.29
CA PHE A 3904 34.92 16.96 -13.06
C PHE A 3904 36.07 17.87 -12.64
N ALA A 3905 35.82 19.18 -12.58
CA ALA A 3905 36.91 20.09 -12.23
C ALA A 3905 37.39 19.86 -10.81
N SER A 3906 36.47 19.67 -9.86
CA SER A 3906 36.87 19.41 -8.48
C SER A 3906 37.77 18.19 -8.38
N SER A 3907 37.34 17.07 -8.95
CA SER A 3907 38.10 15.84 -8.80
C SER A 3907 39.41 15.89 -9.57
N HIS A 3908 39.44 16.60 -10.70
CA HIS A 3908 40.71 16.71 -11.40
C HIS A 3908 41.70 17.56 -10.63
N ALA A 3909 41.25 18.66 -10.04
CA ALA A 3909 42.13 19.44 -9.20
C ALA A 3909 42.71 18.60 -8.08
N LEU A 3910 41.85 17.82 -7.42
CA LEU A 3910 42.32 16.98 -6.32
C LEU A 3910 43.37 16.00 -6.79
N ILE A 3911 43.12 15.30 -7.90
CA ILE A 3911 44.12 14.32 -8.29
C ILE A 3911 45.38 14.99 -8.77
N CYS A 3912 45.32 16.22 -9.25
CA CYS A 3912 46.54 16.92 -9.64
C CYS A 3912 47.40 17.21 -8.43
N ILE A 3913 46.80 17.80 -7.39
CA ILE A 3913 47.59 18.11 -6.20
C ILE A 3913 48.02 16.87 -5.46
N SER A 3914 47.39 15.72 -5.71
CA SER A 3914 47.89 14.49 -5.09
C SER A 3914 49.05 13.91 -5.87
N HIS A 3915 48.85 13.67 -7.17
CA HIS A 3915 49.91 13.14 -7.99
C HIS A 3915 51.14 14.03 -7.98
N TRP A 3916 50.98 15.32 -7.68
CA TRP A 3916 52.18 16.14 -7.54
C TRP A 3916 53.00 15.69 -6.34
N ILE A 3917 52.37 15.55 -5.19
CA ILE A 3917 53.10 15.19 -3.98
C ILE A 3917 53.74 13.82 -4.13
N LEU A 3918 52.99 12.86 -4.67
CA LEU A 3918 53.69 11.61 -4.95
C LEU A 3918 54.65 11.71 -6.11
N GLY A 3919 54.77 12.86 -6.74
CA GLY A 3919 55.68 12.98 -7.84
C GLY A 3919 55.34 12.15 -9.05
N ILE A 3920 54.10 11.68 -9.17
CA ILE A 3920 53.72 10.89 -10.33
C ILE A 3920 53.83 11.75 -11.58
N GLY A 3921 54.65 11.31 -12.52
CA GLY A 3921 55.02 12.19 -13.61
C GLY A 3921 54.30 11.93 -14.91
N ASP A 3922 54.15 10.67 -15.28
CA ASP A 3922 53.57 10.32 -16.58
C ASP A 3922 52.06 10.49 -16.49
N ARG A 3923 51.57 11.67 -16.87
CA ARG A 3923 50.14 11.94 -16.89
C ARG A 3923 49.78 12.40 -18.29
N HIS A 3924 49.56 11.46 -19.19
CA HIS A 3924 49.11 11.82 -20.51
C HIS A 3924 47.61 11.52 -20.62
N LEU A 3925 47.09 11.61 -21.84
CA LEU A 3925 45.64 11.73 -22.00
C LEU A 3925 44.92 10.48 -21.53
N ASN A 3926 45.35 9.30 -21.99
CA ASN A 3926 44.62 8.08 -21.69
C ASN A 3926 45.20 7.35 -20.48
N ASN A 3927 45.74 8.11 -19.53
CA ASN A 3927 45.98 7.63 -18.17
C ASN A 3927 44.99 8.22 -17.19
N PHE A 3928 43.95 8.87 -17.69
CA PHE A 3928 42.84 9.33 -16.89
C PHE A 3928 41.61 8.53 -17.27
N MET A 3929 40.60 8.57 -16.41
CA MET A 3929 39.30 8.03 -16.73
C MET A 3929 38.25 9.06 -16.35
N VAL A 3930 37.04 8.88 -16.86
CA VAL A 3930 35.95 9.78 -16.55
C VAL A 3930 34.69 8.95 -16.35
N ALA A 3931 34.15 8.96 -15.14
CA ALA A 3931 32.93 8.21 -14.84
C ALA A 3931 31.77 8.90 -15.53
N MET A 3932 31.42 8.41 -16.73
CA MET A 3932 30.40 9.04 -17.55
C MET A 3932 29.05 9.20 -16.86
N GLU A 3933 28.86 8.62 -15.69
CA GLU A 3933 27.63 8.83 -14.96
C GLU A 3933 27.72 10.00 -13.98
N THR A 3934 28.92 10.39 -13.56
CA THR A 3934 29.09 11.53 -12.67
C THR A 3934 30.17 12.49 -13.10
N GLY A 3935 30.99 12.14 -14.08
CA GLY A 3935 32.02 13.04 -14.54
C GLY A 3935 33.30 13.07 -13.72
N GLY A 3936 33.38 12.30 -12.64
CA GLY A 3936 34.58 12.33 -11.84
C GLY A 3936 35.76 11.72 -12.56
N VAL A 3937 36.94 12.28 -12.34
CA VAL A 3937 38.17 11.81 -12.97
C VAL A 3937 38.82 10.79 -12.05
N ILE A 3938 39.45 9.77 -12.65
CA ILE A 3938 40.08 8.67 -11.92
C ILE A 3938 41.40 8.37 -12.60
N GLY A 3939 42.51 8.67 -11.94
CA GLY A 3939 43.81 8.40 -12.54
C GLY A 3939 44.19 6.94 -12.40
N ILE A 3940 44.89 6.42 -13.40
CA ILE A 3940 45.32 5.03 -13.38
C ILE A 3940 46.76 4.88 -13.89
N ASP A 3941 47.27 3.65 -13.81
CA ASP A 3941 48.63 3.33 -14.26
C ASP A 3941 49.70 4.25 -13.68
N PHE A 3942 49.93 4.14 -12.38
CA PHE A 3942 50.94 4.95 -11.71
C PHE A 3942 52.31 4.28 -11.83
N GLY A 3943 52.80 4.18 -13.05
CA GLY A 3943 54.08 3.55 -13.33
C GLY A 3943 55.25 4.27 -12.66
N HIS A 3944 55.27 5.60 -12.74
CA HIS A 3944 56.33 6.42 -12.18
C HIS A 3944 55.96 6.82 -10.76
N ALA A 3945 56.96 7.22 -9.98
CA ALA A 3945 56.73 7.64 -8.61
C ALA A 3945 57.95 8.37 -8.09
N PHE A 3946 57.70 9.48 -7.40
CA PHE A 3946 58.75 10.25 -6.72
C PHE A 3946 59.76 10.82 -7.71
N GLY A 3947 59.25 11.50 -8.72
CA GLY A 3947 60.10 12.13 -9.70
C GLY A 3947 60.75 11.19 -10.70
N SER A 3948 60.19 10.00 -10.88
CA SER A 3948 60.77 9.06 -11.84
C SER A 3948 60.77 9.66 -13.24
N ALA A 3949 59.66 10.26 -13.65
CA ALA A 3949 59.58 10.85 -14.97
C ALA A 3949 60.53 12.03 -15.11
N THR A 3950 60.55 12.91 -14.11
CA THR A 3950 61.39 14.10 -14.18
C THR A 3950 62.86 13.76 -14.11
N GLN A 3951 63.22 12.58 -13.64
CA GLN A 3951 64.63 12.26 -13.40
C GLN A 3951 65.20 11.24 -14.38
N PHE A 3952 64.62 10.06 -14.48
CA PHE A 3952 65.21 8.98 -15.29
C PHE A 3952 64.51 8.87 -16.65
N LEU A 3953 64.56 9.93 -17.44
CA LEU A 3953 63.98 9.87 -18.77
C LEU A 3953 64.72 10.86 -19.66
N PRO A 3954 64.87 10.56 -20.95
CA PRO A 3954 65.10 11.62 -21.92
C PRO A 3954 63.83 12.44 -22.02
N VAL A 3955 63.99 13.71 -22.34
CA VAL A 3955 62.86 14.63 -22.47
C VAL A 3955 62.14 14.65 -21.12
N PRO A 3956 62.73 15.26 -20.10
CA PRO A 3956 62.07 15.26 -18.79
C PRO A 3956 60.71 15.93 -18.89
N GLU A 3957 59.76 15.41 -18.12
CA GLU A 3957 58.44 16.01 -18.04
C GLU A 3957 58.49 17.08 -16.95
N LEU A 3958 58.48 18.33 -17.37
CA LEU A 3958 58.71 19.45 -16.47
C LEU A 3958 57.44 20.01 -15.84
N MET A 3959 56.30 19.51 -16.21
CA MET A 3959 55.09 19.96 -15.55
C MET A 3959 54.87 19.15 -14.27
N PRO A 3960 54.24 19.73 -13.26
CA PRO A 3960 53.95 18.97 -12.05
C PRO A 3960 52.70 18.13 -12.19
N PHE A 3961 51.78 18.52 -13.06
CA PHE A 3961 50.59 17.73 -13.33
C PHE A 3961 50.05 18.13 -14.71
N ARG A 3962 48.82 17.74 -14.98
CA ARG A 3962 48.21 17.90 -16.30
C ARG A 3962 47.19 19.02 -16.26
N LEU A 3963 47.59 20.22 -16.67
CA LEU A 3963 46.66 21.28 -17.04
C LEU A 3963 46.93 21.70 -18.47
N THR A 3964 45.91 21.70 -19.29
CA THR A 3964 46.05 22.11 -20.68
C THR A 3964 44.86 22.94 -21.14
N ARG A 3965 44.77 23.18 -22.44
CA ARG A 3965 43.72 24.04 -22.96
C ARG A 3965 42.33 23.47 -22.71
N GLN A 3966 42.14 22.17 -22.93
CA GLN A 3966 40.82 21.61 -22.71
C GLN A 3966 40.41 21.75 -21.25
N PHE A 3967 41.35 21.59 -20.33
CA PHE A 3967 41.02 21.68 -18.92
C PHE A 3967 40.71 23.11 -18.50
N ILE A 3968 41.47 24.08 -19.03
CA ILE A 3968 41.21 25.45 -18.59
C ILE A 3968 39.99 26.02 -19.30
N ASN A 3969 39.72 25.58 -20.53
CA ASN A 3969 38.62 26.09 -21.33
C ASN A 3969 37.28 25.51 -20.93
N LEU A 3970 37.26 24.51 -20.06
CA LEU A 3970 35.99 23.92 -19.66
C LEU A 3970 35.19 24.90 -18.81
N MET A 3971 35.84 25.54 -17.84
CA MET A 3971 35.21 26.58 -17.04
C MET A 3971 35.57 27.96 -17.58
N LEU A 3972 35.24 28.20 -18.84
CA LEU A 3972 35.89 29.30 -19.55
C LEU A 3972 35.41 30.69 -19.15
N PRO A 3973 34.12 30.92 -18.90
CA PRO A 3973 33.74 32.25 -18.43
C PRO A 3973 34.51 32.67 -17.20
N MET A 3974 34.73 31.75 -16.27
CA MET A 3974 35.59 31.97 -15.12
C MET A 3974 37.04 31.69 -15.49
N LYS A 3975 37.95 32.16 -14.66
CA LYS A 3975 39.36 31.84 -14.86
C LYS A 3975 39.61 30.45 -14.28
N GLU A 3976 40.88 30.06 -14.19
CA GLU A 3976 41.27 28.83 -13.54
C GLU A 3976 41.69 29.06 -12.09
N THR A 3977 41.55 30.28 -11.60
CA THR A 3977 41.81 30.63 -10.20
C THR A 3977 40.55 30.57 -9.35
N GLY A 3978 39.57 29.74 -9.72
CA GLY A 3978 38.37 29.61 -8.95
C GLY A 3978 38.28 28.28 -8.26
N LEU A 3979 37.52 27.35 -8.84
CA LEU A 3979 37.33 26.05 -8.21
C LEU A 3979 38.60 25.23 -8.21
N MET A 3980 39.27 25.12 -9.36
CA MET A 3980 40.42 24.23 -9.44
C MET A 3980 41.60 24.72 -8.63
N TYR A 3981 41.61 25.98 -8.19
CA TYR A 3981 42.65 26.45 -7.31
C TYR A 3981 42.23 26.42 -5.86
N SER A 3982 40.98 26.78 -5.58
CA SER A 3982 40.52 26.77 -4.20
C SER A 3982 40.28 25.36 -3.68
N ILE A 3983 40.29 24.35 -4.53
CA ILE A 3983 40.28 22.98 -4.03
C ILE A 3983 41.69 22.47 -3.82
N MET A 3984 42.62 22.84 -4.70
CA MET A 3984 44.00 22.43 -4.51
C MET A 3984 44.57 23.02 -3.23
N VAL A 3985 44.24 24.28 -2.92
CA VAL A 3985 44.82 24.84 -1.71
C VAL A 3985 44.28 24.12 -0.47
N HIS A 3986 43.01 23.72 -0.49
CA HIS A 3986 42.47 22.96 0.63
C HIS A 3986 43.13 21.61 0.76
N ALA A 3987 43.29 20.89 -0.36
CA ALA A 3987 43.90 19.58 -0.29
C ALA A 3987 45.34 19.68 0.20
N LEU A 3988 46.08 20.64 -0.32
CA LEU A 3988 47.46 20.81 0.12
C LEU A 3988 47.53 21.20 1.58
N ARG A 3989 46.55 21.97 2.05
CA ARG A 3989 46.52 22.31 3.46
C ARG A 3989 46.32 21.07 4.31
N ALA A 3990 45.38 20.21 3.90
CA ALA A 3990 45.13 19.00 4.67
C ALA A 3990 46.36 18.11 4.69
N PHE A 3991 47.08 18.06 3.57
CA PHE A 3991 48.28 17.23 3.52
C PHE A 3991 49.40 17.80 4.38
N ARG A 3992 49.61 19.12 4.32
CA ARG A 3992 50.73 19.69 5.05
C ARG A 3992 50.48 19.80 6.53
N SER A 3993 49.21 19.83 6.98
CA SER A 3993 48.96 20.00 8.40
C SER A 3993 49.49 18.82 9.21
N ASP A 3994 49.37 17.61 8.70
CA ASP A 3994 49.99 16.45 9.32
C ASP A 3994 50.83 15.70 8.30
N PRO A 3995 52.09 16.13 8.08
CA PRO A 3995 52.96 15.38 7.18
C PRO A 3995 53.57 14.15 7.81
N GLY A 3996 53.50 13.98 9.13
CA GLY A 3996 54.20 12.87 9.76
C GLY A 3996 53.70 11.52 9.30
N LEU A 3997 52.37 11.36 9.27
CA LEU A 3997 51.78 10.09 8.85
C LEU A 3997 52.06 9.83 7.37
N LEU A 3998 51.80 10.82 6.52
CA LEU A 3998 52.00 10.66 5.09
C LEU A 3998 53.45 10.35 4.78
N THR A 3999 54.38 11.02 5.47
CA THR A 3999 55.79 10.78 5.21
C THR A 3999 56.30 9.47 5.81
N ASN A 4000 55.73 8.99 6.91
CA ASN A 4000 56.07 7.64 7.36
C ASN A 4000 55.68 6.63 6.30
N THR A 4001 54.47 6.76 5.76
CA THR A 4001 54.03 5.84 4.72
C THR A 4001 54.91 5.95 3.47
N MET A 4002 55.21 7.17 3.03
CA MET A 4002 56.06 7.31 1.86
C MET A 4002 57.46 6.80 2.12
N ASP A 4003 57.97 6.95 3.35
CA ASP A 4003 59.30 6.48 3.66
C ASP A 4003 59.37 4.96 3.57
N VAL A 4004 58.38 4.28 4.13
CA VAL A 4004 58.41 2.82 4.05
C VAL A 4004 58.15 2.36 2.63
N PHE A 4005 57.40 3.13 1.85
CA PHE A 4005 57.28 2.85 0.42
C PHE A 4005 58.65 2.87 -0.24
N VAL A 4006 59.29 4.04 -0.22
CA VAL A 4006 60.50 4.24 -1.03
C VAL A 4006 61.64 3.40 -0.53
N LYS A 4007 61.69 3.09 0.77
CA LYS A 4007 62.79 2.31 1.28
C LYS A 4007 62.58 0.81 1.12
N GLU A 4008 61.46 0.39 0.55
CA GLU A 4008 61.25 -1.03 0.32
C GLU A 4008 62.32 -1.56 -0.62
N PRO A 4009 62.80 -2.79 -0.40
CA PRO A 4009 63.79 -3.38 -1.32
C PRO A 4009 63.16 -3.88 -2.59
N SER A 4010 61.91 -3.52 -2.84
CA SER A 4010 61.19 -3.99 -4.01
C SER A 4010 61.41 -3.06 -5.21
N PHE A 4011 61.31 -1.76 -4.99
CA PHE A 4011 61.33 -0.79 -6.08
C PHE A 4011 62.74 -0.23 -6.28
N ASP A 4012 63.68 -1.12 -6.56
CA ASP A 4012 65.05 -0.71 -6.79
C ASP A 4012 65.22 -0.26 -8.25
N TRP A 4013 66.45 0.11 -8.59
CA TRP A 4013 66.73 0.63 -9.93
C TRP A 4013 66.54 -0.45 -10.98
N LYS A 4014 66.95 -1.67 -10.69
CA LYS A 4014 66.71 -2.78 -11.60
C LYS A 4014 65.22 -2.94 -11.89
N ASN A 4015 64.41 -2.96 -10.83
CA ASN A 4015 62.98 -3.15 -11.02
C ASN A 4015 62.37 -1.99 -11.81
N PHE A 4016 62.80 -0.77 -11.52
CA PHE A 4016 62.27 0.37 -12.27
C PHE A 4016 62.63 0.29 -13.74
N GLU A 4017 63.88 -0.09 -14.05
CA GLU A 4017 64.27 -0.14 -15.46
C GLU A 4017 63.54 -1.27 -16.18
N GLN A 4018 63.34 -2.40 -15.52
CA GLN A 4018 62.59 -3.48 -16.17
C GLN A 4018 61.13 -3.11 -16.37
N LYS A 4019 60.54 -2.38 -15.42
CA LYS A 4019 59.19 -1.87 -15.62
C LYS A 4019 59.13 -0.90 -16.79
N MET A 4020 60.11 -0.01 -16.89
CA MET A 4020 60.13 0.98 -17.95
C MET A 4020 60.29 0.33 -19.32
N LEU A 4021 61.12 -0.70 -19.40
CA LEU A 4021 61.41 -1.33 -20.69
C LEU A 4021 60.13 -1.79 -21.38
N LYS A 4022 59.28 -2.52 -20.65
CA LYS A 4022 58.07 -3.06 -21.25
C LYS A 4022 56.94 -2.05 -21.20
N LYS A 4023 57.21 -0.84 -21.68
CA LYS A 4023 56.21 0.21 -21.69
C LYS A 4023 56.58 1.29 -22.69
N GLY A 4024 56.06 1.16 -23.91
CA GLY A 4024 56.33 2.14 -24.95
C GLY A 4024 55.97 3.54 -24.49
N GLY A 4025 56.96 4.26 -23.96
CA GLY A 4025 56.69 5.31 -23.01
C GLY A 4025 57.43 6.60 -23.32
N SER A 4026 58.75 6.60 -23.17
CA SER A 4026 59.53 7.80 -23.43
C SER A 4026 60.98 7.47 -23.75
N TRP A 4027 61.43 6.28 -23.39
CA TRP A 4027 62.68 5.74 -23.94
C TRP A 4027 62.55 4.24 -24.06
N ILE A 4028 63.20 3.69 -25.08
CA ILE A 4028 63.28 2.25 -25.26
C ILE A 4028 64.71 1.78 -25.45
N GLN A 4029 65.65 2.66 -25.78
CA GLN A 4029 67.04 2.32 -26.03
C GLN A 4029 67.92 2.38 -24.79
N GLU A 4030 67.44 2.97 -23.69
CA GLU A 4030 68.30 3.25 -22.54
C GLU A 4030 68.44 2.01 -21.67
N ILE A 4031 69.27 1.08 -22.15
CA ILE A 4031 69.59 -0.12 -21.38
C ILE A 4031 71.06 0.02 -21.00
N ASN A 4032 71.49 1.26 -20.81
CA ASN A 4032 72.89 1.58 -20.61
C ASN A 4032 73.30 1.27 -19.16
N VAL A 4033 74.46 1.79 -18.76
CA VAL A 4033 75.06 1.43 -17.47
C VAL A 4033 74.09 1.70 -16.32
N ALA A 4034 74.19 0.87 -15.27
CA ALA A 4034 73.25 0.86 -14.17
C ALA A 4034 73.74 1.63 -12.95
N GLU A 4035 74.82 2.39 -13.09
CA GLU A 4035 75.37 3.16 -11.97
C GLU A 4035 74.51 4.36 -11.59
N LYS A 4036 73.30 4.48 -12.13
CA LYS A 4036 72.52 5.69 -11.98
C LYS A 4036 72.19 5.97 -10.51
N ASN A 4037 72.13 7.25 -10.16
CA ASN A 4037 71.95 7.69 -8.79
C ASN A 4037 70.49 7.50 -8.38
N TRP A 4038 70.13 6.24 -8.16
CA TRP A 4038 68.81 5.90 -7.62
C TRP A 4038 68.98 5.59 -6.14
N TYR A 4039 68.64 6.56 -5.29
CA TYR A 4039 68.66 6.32 -3.86
C TYR A 4039 67.33 6.74 -3.25
N PRO A 4040 66.81 5.95 -2.29
CA PRO A 4040 65.55 6.33 -1.63
C PRO A 4040 65.69 7.50 -0.67
N ARG A 4041 66.91 7.90 -0.31
CA ARG A 4041 67.08 9.07 0.54
C ARG A 4041 66.64 10.33 -0.19
N GLN A 4042 67.24 10.60 -1.35
CA GLN A 4042 66.90 11.78 -2.13
C GLN A 4042 65.63 11.61 -2.95
N LYS A 4043 64.82 10.59 -2.67
CA LYS A 4043 63.49 10.48 -3.24
C LYS A 4043 62.40 10.76 -2.22
N ILE A 4044 62.72 10.69 -0.93
CA ILE A 4044 61.81 11.14 0.11
C ILE A 4044 62.14 12.53 0.62
N CYS A 4045 63.38 12.99 0.48
CA CYS A 4045 63.70 14.35 0.90
C CYS A 4045 62.90 15.37 0.11
N TYR A 4046 62.75 15.14 -1.19
CA TYR A 4046 61.94 16.05 -2.01
C TYR A 4046 60.47 15.97 -1.62
N ALA A 4047 59.94 14.76 -1.45
CA ALA A 4047 58.55 14.62 -1.07
C ALA A 4047 58.28 15.10 0.34
N LYS A 4048 59.32 15.36 1.12
CA LYS A 4048 59.17 16.03 2.40
C LYS A 4048 59.30 17.54 2.27
N ARG A 4049 60.14 18.00 1.34
CA ARG A 4049 60.25 19.43 1.11
C ARG A 4049 58.95 19.99 0.56
N LYS A 4050 58.31 19.28 -0.36
CA LYS A 4050 57.06 19.76 -0.92
C LYS A 4050 56.02 19.96 0.16
N LEU A 4051 56.06 19.13 1.20
CA LEU A 4051 55.14 19.24 2.33
C LEU A 4051 55.61 20.21 3.39
N ALA A 4052 56.77 20.83 3.22
CA ALA A 4052 57.27 21.78 4.19
C ALA A 4052 57.35 23.20 3.65
N GLY A 4053 57.13 23.41 2.35
CA GLY A 4053 57.08 24.75 1.81
C GLY A 4053 58.05 25.01 0.68
N ALA A 4054 58.49 23.97 -0.02
CA ALA A 4054 59.46 24.16 -1.07
C ALA A 4054 58.82 24.72 -2.33
N ASN A 4055 59.58 25.50 -3.07
CA ASN A 4055 59.13 26.02 -4.35
C ASN A 4055 59.00 24.87 -5.36
N PRO A 4056 57.88 24.76 -6.07
CA PRO A 4056 57.79 23.69 -7.08
C PRO A 4056 58.87 23.75 -8.12
N ALA A 4057 59.24 24.96 -8.55
CA ALA A 4057 60.31 25.09 -9.53
C ALA A 4057 61.63 24.61 -8.95
N VAL A 4058 61.91 24.95 -7.69
CA VAL A 4058 63.15 24.50 -7.08
C VAL A 4058 63.18 23.00 -6.95
N ILE A 4059 62.04 22.38 -6.63
CA ILE A 4059 62.01 20.93 -6.51
C ILE A 4059 62.23 20.26 -7.86
N THR A 4060 61.51 20.72 -8.88
CA THR A 4060 61.64 20.11 -10.19
C THR A 4060 62.93 20.48 -10.88
N CYS A 4061 63.67 21.46 -10.35
CA CYS A 4061 65.03 21.71 -10.82
C CYS A 4061 66.06 20.89 -10.05
N ASP A 4062 65.81 20.61 -8.78
CA ASP A 4062 66.67 19.70 -8.04
C ASP A 4062 66.61 18.31 -8.64
N GLU A 4063 65.41 17.85 -9.00
CA GLU A 4063 65.30 16.53 -9.63
C GLU A 4063 66.04 16.51 -10.95
N LEU A 4064 65.97 17.59 -11.72
CA LEU A 4064 66.73 17.67 -12.96
C LEU A 4064 68.23 17.62 -12.69
N LEU A 4065 68.69 18.35 -11.69
CA LEU A 4065 70.11 18.33 -11.34
C LEU A 4065 70.54 16.93 -10.95
N LEU A 4066 69.67 16.19 -10.27
CA LEU A 4066 70.02 14.86 -9.83
C LEU A 4066 70.03 13.87 -10.99
N GLY A 4067 69.13 14.04 -11.95
CA GLY A 4067 69.02 13.08 -13.03
C GLY A 4067 69.90 13.32 -14.24
N HIS A 4068 69.97 14.57 -14.69
CA HIS A 4068 70.67 14.94 -15.90
C HIS A 4068 71.84 15.86 -15.60
N GLU A 4069 72.63 15.51 -14.58
CA GLU A 4069 73.73 16.38 -14.15
C GLU A 4069 74.75 16.56 -15.26
N LYS A 4070 75.07 15.49 -15.99
CA LYS A 4070 76.05 15.54 -17.06
C LYS A 4070 75.43 15.82 -18.42
N ALA A 4071 74.14 16.10 -18.49
CA ALA A 4071 73.50 16.35 -19.76
C ALA A 4071 74.05 17.62 -20.38
N PRO A 4072 74.41 17.61 -21.67
CA PRO A 4072 74.84 18.85 -22.33
C PRO A 4072 73.80 19.95 -22.29
N ALA A 4073 72.51 19.61 -22.32
CA ALA A 4073 71.44 20.59 -22.27
C ALA A 4073 70.90 20.81 -20.86
N PHE A 4074 71.63 20.32 -19.85
CA PHE A 4074 71.22 20.50 -18.47
C PHE A 4074 70.92 21.96 -18.15
N ARG A 4075 71.78 22.85 -18.62
CA ARG A 4075 71.60 24.27 -18.30
C ARG A 4075 70.27 24.77 -18.81
N ASP A 4076 69.91 24.45 -20.06
CA ASP A 4076 68.66 24.94 -20.59
C ASP A 4076 67.47 24.23 -19.96
N TYR A 4077 67.60 22.95 -19.62
CA TYR A 4077 66.54 22.28 -18.86
C TYR A 4077 66.22 23.07 -17.61
N VAL A 4078 67.25 23.37 -16.81
CA VAL A 4078 67.02 24.11 -15.58
C VAL A 4078 66.46 25.49 -15.88
N ALA A 4079 66.96 26.13 -16.93
CA ALA A 4079 66.50 27.47 -17.27
C ALA A 4079 65.00 27.49 -17.57
N VAL A 4080 64.56 26.59 -18.44
CA VAL A 4080 63.14 26.60 -18.80
C VAL A 4080 62.29 26.16 -17.62
N ALA A 4081 62.77 25.19 -16.84
CA ALA A 4081 62.00 24.72 -15.70
C ALA A 4081 61.79 25.83 -14.68
N ARG A 4082 62.85 26.59 -14.38
CA ARG A 4082 62.74 27.65 -13.39
C ARG A 4082 61.83 28.76 -13.86
N GLY A 4083 61.82 29.03 -15.17
CA GLY A 4083 61.01 30.08 -15.72
C GLY A 4083 61.68 31.43 -15.67
N SER A 4084 61.16 32.35 -16.48
CA SER A 4084 61.74 33.68 -16.58
C SER A 4084 61.40 34.50 -15.34
N LYS A 4085 62.31 35.41 -15.01
CA LYS A 4085 62.13 36.28 -13.86
C LYS A 4085 60.95 37.22 -14.02
N ASP A 4086 60.53 37.48 -15.26
CA ASP A 4086 59.56 38.52 -15.56
C ASP A 4086 58.13 38.01 -15.61
N HIS A 4087 57.82 37.07 -16.49
CA HIS A 4087 56.44 36.66 -16.73
C HIS A 4087 55.95 35.63 -15.71
N ASN A 4088 56.59 34.47 -15.66
CA ASN A 4088 56.12 33.38 -14.83
C ASN A 4088 56.28 33.74 -13.37
N ILE A 4089 55.22 33.55 -12.58
CA ILE A 4089 55.37 33.76 -11.14
C ILE A 4089 55.81 32.47 -10.47
N ARG A 4090 57.07 32.11 -10.68
CA ARG A 4090 57.74 31.14 -9.83
C ARG A 4090 59.19 31.47 -9.58
N ALA A 4091 59.79 32.39 -10.34
CA ALA A 4091 61.10 32.92 -10.01
C ALA A 4091 61.04 34.10 -9.06
N GLN A 4092 59.86 34.66 -8.85
CA GLN A 4092 59.67 35.80 -7.96
C GLN A 4092 59.32 35.39 -6.55
N GLU A 4093 59.29 34.10 -6.26
CA GLU A 4093 59.01 33.59 -4.93
C GLU A 4093 60.26 32.96 -4.35
N PRO A 4094 60.41 32.94 -3.03
CA PRO A 4094 61.64 32.40 -2.43
C PRO A 4094 61.85 30.92 -2.71
N GLU A 4095 62.98 30.39 -2.27
CA GLU A 4095 63.29 28.99 -2.54
C GLU A 4095 62.48 28.04 -1.68
N SER A 4096 62.11 28.46 -0.47
CA SER A 4096 61.38 27.60 0.45
C SER A 4096 60.49 28.47 1.32
N GLY A 4097 59.88 27.84 2.32
CA GLY A 4097 59.03 28.57 3.24
C GLY A 4097 57.83 29.22 2.59
N LEU A 4098 57.45 28.80 1.39
CA LEU A 4098 56.28 29.35 0.74
C LEU A 4098 55.03 29.00 1.52
N SER A 4099 54.07 29.92 1.52
CA SER A 4099 52.80 29.63 2.14
C SER A 4099 52.09 28.55 1.33
N GLU A 4100 50.90 28.17 1.79
CA GLU A 4100 50.23 27.02 1.21
C GLU A 4100 49.45 27.37 -0.04
N GLU A 4101 49.21 28.66 -0.27
CA GLU A 4101 48.63 29.12 -1.53
C GLU A 4101 49.71 29.37 -2.57
N THR A 4102 50.80 30.01 -2.17
CA THR A 4102 51.82 30.42 -3.12
C THR A 4102 52.41 29.22 -3.85
N GLN A 4103 52.57 28.08 -3.18
CA GLN A 4103 52.93 26.89 -3.94
C GLN A 4103 51.90 26.54 -4.97
N VAL A 4104 50.61 26.73 -4.68
CA VAL A 4104 49.61 26.39 -5.68
C VAL A 4104 49.64 27.35 -6.87
N LYS A 4105 49.87 28.64 -6.62
CA LYS A 4105 50.03 29.56 -7.74
C LYS A 4105 51.25 29.21 -8.57
N CYS A 4106 52.38 28.91 -7.91
CA CYS A 4106 53.55 28.50 -8.65
C CYS A 4106 53.30 27.23 -9.42
N LEU A 4107 52.57 26.28 -8.83
CA LEU A 4107 52.25 25.03 -9.49
C LEU A 4107 51.45 25.26 -10.74
N MET A 4108 50.42 26.10 -10.66
CA MET A 4108 49.56 26.30 -11.81
C MET A 4108 50.26 27.12 -12.89
N ASP A 4109 51.10 28.09 -12.50
CA ASP A 4109 51.93 28.76 -13.50
C ASP A 4109 52.86 27.80 -14.19
N GLN A 4110 53.48 26.89 -13.43
CA GLN A 4110 54.38 25.91 -14.03
C GLN A 4110 53.64 24.95 -14.94
N ALA A 4111 52.42 24.58 -14.58
CA ALA A 4111 51.68 23.63 -15.40
C ALA A 4111 51.14 24.26 -16.67
N THR A 4112 50.76 25.54 -16.62
CA THR A 4112 50.23 26.22 -17.79
C THR A 4112 51.28 27.09 -18.49
N ASP A 4113 52.54 26.93 -18.12
CA ASP A 4113 53.63 27.59 -18.83
C ASP A 4113 53.68 27.17 -20.29
N PRO A 4114 53.39 28.07 -21.23
CA PRO A 4114 53.52 27.70 -22.64
C PRO A 4114 54.94 27.35 -23.02
N ASN A 4115 55.93 27.95 -22.38
CA ASN A 4115 57.31 27.58 -22.67
C ASN A 4115 57.56 26.12 -22.35
N ILE A 4116 57.10 25.65 -21.18
CA ILE A 4116 57.27 24.25 -20.81
C ILE A 4116 56.47 23.36 -21.75
N LEU A 4117 55.23 23.73 -22.03
CA LEU A 4117 54.39 22.88 -22.86
C LEU A 4117 54.87 22.82 -24.31
N GLY A 4118 55.61 23.82 -24.76
CA GLY A 4118 56.08 23.82 -26.14
C GLY A 4118 57.17 22.81 -26.40
N ARG A 4119 57.85 22.35 -25.37
CA ARG A 4119 58.96 21.42 -25.49
C ARG A 4119 58.70 20.19 -24.62
N THR A 4120 57.51 19.65 -24.74
CA THR A 4120 57.09 18.43 -24.06
C THR A 4120 57.23 17.24 -25.01
N TRP A 4121 57.31 16.04 -24.44
CA TRP A 4121 57.37 14.84 -25.25
C TRP A 4121 56.16 14.77 -26.17
N GLU A 4122 56.38 14.25 -27.38
CA GLU A 4122 55.38 14.39 -28.43
C GLU A 4122 54.09 13.66 -28.08
N GLY A 4123 54.19 12.49 -27.44
CA GLY A 4123 53.00 11.74 -27.10
C GLY A 4123 52.23 12.28 -25.93
N TRP A 4124 52.83 13.16 -25.13
CA TRP A 4124 52.14 13.74 -24.00
C TRP A 4124 50.94 14.59 -24.40
N GLU A 4125 50.91 15.06 -25.64
CA GLU A 4125 49.81 15.85 -26.18
C GLU A 4125 49.58 17.11 -25.37
N PRO A 4126 50.57 17.99 -25.24
CA PRO A 4126 50.37 19.19 -24.40
C PRO A 4126 49.27 20.11 -24.89
N TRP A 4127 49.03 20.18 -26.19
CA TRP A 4127 48.04 21.14 -26.68
C TRP A 4127 46.62 20.72 -26.31
N MET A 4128 46.39 19.42 -26.20
CA MET A 4128 45.04 18.92 -25.94
C MET A 4128 44.99 18.10 -24.66
N UNK A 4129 -19.11 -26.60 -0.70
CA UNK A 4129 -19.95 -25.55 -0.11
C UNK A 4129 -19.13 -24.61 0.76
N UNK A 4130 -19.40 -24.63 2.05
CA UNK A 4130 -18.67 -23.81 3.00
C UNK A 4130 -18.50 -24.55 4.32
N UNK A 4131 -17.31 -24.44 4.90
CA UNK A 4131 -17.05 -25.07 6.18
C UNK A 4131 -17.94 -24.40 7.22
N UNK A 4132 -18.14 -23.10 7.07
CA UNK A 4132 -18.99 -22.33 7.96
C UNK A 4132 -20.46 -22.59 7.65
N UNK A 4133 -20.73 -23.30 6.57
CA UNK A 4133 -22.10 -23.72 6.25
C UNK A 4133 -22.36 -25.05 6.93
N UNK A 4134 -21.38 -25.94 6.84
CA UNK A 4134 -21.51 -27.24 7.48
C UNK A 4134 -21.57 -27.07 8.99
N UNK A 4135 -20.78 -26.13 9.51
CA UNK A 4135 -20.73 -25.91 10.94
C UNK A 4135 -22.02 -25.30 11.46
N UNK A 4136 -22.82 -24.77 10.54
CA UNK A 4136 -24.12 -24.20 10.89
C UNK A 4136 -25.18 -25.28 10.71
N UNK A 4137 -24.92 -26.20 9.80
CA UNK A 4137 -25.82 -27.32 9.56
C UNK A 4137 -25.72 -28.34 10.68
N UNK A 4138 -24.59 -28.34 11.38
CA UNK A 4138 -24.38 -29.29 12.47
C UNK A 4138 -24.89 -28.74 13.79
N UNK A 4139 -24.91 -27.42 13.94
CA UNK A 4139 -25.38 -26.81 15.17
C UNK A 4139 -26.87 -27.03 15.35
N UNK A 4140 -27.62 -26.90 14.27
CA UNK A 4140 -29.06 -27.07 14.31
C UNK A 4140 -29.42 -28.52 14.61
N UNK A 4141 -28.92 -29.42 13.77
CA UNK A 4141 -29.21 -30.85 13.90
C UNK A 4141 -28.75 -31.40 15.24
N UNK A 4142 -27.72 -30.79 15.81
CA UNK A 4142 -27.28 -31.13 17.15
C UNK A 4142 -28.32 -30.67 18.14
N UNK A 4143 -28.90 -29.51 17.87
CA UNK A 4143 -29.77 -28.83 18.82
C UNK A 4143 -31.23 -29.10 18.53
N UNK A 4144 -31.51 -29.65 17.35
CA UNK A 4144 -32.86 -29.97 16.92
C UNK A 4144 -33.78 -28.75 16.96
N UNK A 4145 -33.36 -27.68 16.29
CA UNK A 4145 -34.15 -26.45 16.20
C UNK A 4145 -33.54 -25.51 15.17
N UNK A 4146 -33.80 -25.77 13.90
CA UNK A 4146 -33.30 -24.91 12.82
C UNK A 4146 -33.81 -23.49 13.02
N UNK A 4147 -33.01 -22.51 12.64
CA UNK A 4147 -33.32 -21.11 12.95
C UNK A 4147 -33.00 -20.17 11.81
N UNK A 4148 -33.82 -19.13 11.66
CA UNK A 4148 -33.61 -18.11 10.64
C UNK A 4148 -34.46 -16.88 10.95
PG AGS B . 49.31 2.00 -21.67
S1G AGS B . 48.41 3.52 -22.86
O2G AGS B . 49.58 2.51 -20.29
O3G AGS B . 50.64 1.54 -22.32
PB AGS B . 48.63 -0.62 -20.72
O1B AGS B . 49.81 -0.34 -19.80
O2B AGS B . 48.97 -1.74 -21.65
O3B AGS B . 48.29 0.73 -21.58
PA AGS B . 46.49 0.06 -18.95
O1A AGS B . 47.12 1.48 -19.18
O2A AGS B . 46.57 -0.31 -17.48
O3A AGS B . 47.31 -1.03 -19.83
O5' AGS B . 44.90 0.06 -19.44
C5' AGS B . 44.56 0.90 -20.51
C4' AGS B . 43.21 0.53 -20.89
O4' AGS B . 42.62 -0.46 -19.74
C3' AGS B . 42.45 1.62 -20.95
O3' AGS B . 41.82 1.69 -22.28
C2' AGS B . 41.37 1.49 -19.89
O2' AGS B . 40.16 1.59 -20.45
C1' AGS B . 41.52 0.04 -19.27
N9 AGS B . 41.64 0.10 -17.80
C8 AGS B . 42.75 0.05 -17.13
N7 AGS B . 42.49 0.11 -15.83
C5 AGS B . 41.16 0.19 -15.69
C6 AGS B . 40.32 0.30 -14.58
N6 AGS B . 40.89 0.31 -13.22
N1 AGS B . 39.03 0.37 -14.77
C2 AGS B . 38.53 0.36 -15.99
N3 AGS B . 39.30 0.27 -17.05
C4 AGS B . 40.62 0.19 -16.95
MG MG C . 49.86 4.04 -19.00
MG MG D . 51.66 0.09 -18.80
#